data_7EMY
#
_entry.id   7EMY
#
_cell.length_a   1.00
_cell.length_b   1.00
_cell.length_c   1.00
_cell.angle_alpha   90.00
_cell.angle_beta   90.00
_cell.angle_gamma   90.00
#
_symmetry.space_group_name_H-M   'P 1'
#
loop_
_entity.id
_entity.type
_entity.pdbx_description
1 polymer 'Dihydroaeruginoic acid synthetase'
2 non-polymer "4'-PHOSPHOPANTETHEINE"
3 non-polymer '2-HYDROXYBENZOIC ACID'
4 non-polymer 'MAGNESIUM ION'
5 non-polymer 'ADENOSINE MONOPHOSPHATE'
6 non-polymer CYSTEINE
#
_entity_poly.entity_id   1
_entity_poly.type   'polypeptide(L)'
_entity_poly.pdbx_seq_one_letter_code
;MDLPPDSRTALRDWLTEQLADLLGEPLADVRALADDDDLLGCGLDSIRLMYLQERLRARGSTLDFAQLAQRPCLGAWLDL
LACADRLSAPATVALPTAQDRDQPFELSSVQQAYWLGRGAGEVLGNVSCHAFLEFRTRDVDPQRLAAAAECVRQRHPMLR
ARFLDGRQQILPTPPLSCFDLQDWRTLQVDEAERDWQALRDWRAHECLAVERGQVFLLGLVRMPGGEDRLWLSLDLLAAD
VESLRLLLAELGVAYLAPERLAEPPALHFADYLAHRAAQRAEAAARARDYWLERLPRLPDAPALPLACAPESIRQPRTRR
LAFQLSAGESRRLERLAAQHGVTLSSVFGCAFALVLARWSESAEFLLNVPLFDRHADDPRIGEVIADFTTLLLLECRMQA
GVSFAEAVKSFQRNLHGAIDHAAFPALEVLREARRQGQPRSAPVVFASNLGEEGFVPAAFRDAFGDLHDMLSQTPQVWLD
HQLYRVGDGILLAWDSVVGLFPEGLPETMFEAYVGLLQRLCDSAWGQPADLPLPWAQQARRALLNGQPACATARTLHRDF
FLRAAEAPDADALLYRDQRVTRGELAERALRIAGGLREAGVRPGDAVEVSLPRGPQQVAAVFGVLAAGACYVPLDIDQPP
ARRRLIEEAAGVCLAITEEDDPQALPPRLDVQRLLRGPALAAPVPLAPQASAYVIYTSGSTGVPKGVEVSHAAAINTIDA
LLDLLRVNASDRLLAVSALDFDLSVFDLFGGLGAGASLVLPAQEQARDAAAWAEAIQRHAVSLWNSAPALLEMALSLPAS
QADYRSLRAVLLSGDWVALDLPGRLRPRCAEGCRLHVLGGATEAGIWSNLQSVDTVPPHWRSIPYGRPLPGQAYRVVDTH
GRDVPDLVVGELWIGGASLARGYRNDPELSARRFVHDAQGRWYRTGDRGRYWGDGTLEFLGRVDQQVKVRGQRIELGEVE
AALCAQAGVESACAAVLGGGVASLGAVLVPRLAPRAEGSMDLPAAQPFAGLAEAEAVLTREILGALLEAPLELDDGLRRR
WLDWLADSAASALPSLDEALRRLGWQAAGLTAMGNALRGLLAGEQAPAALLLDPWLAPQAVAARLPDGREALARLLEALP
TPAAGERLRVAVLDTRAGLWLDQGMASLLRPGLELTLFERSRVLLDAAATRLPERIVVQALDDGLLPAEHLGRYDRVISF
AALHAYEASREGLALAAALLRPQGRLLLVDLLCESPLALLGAALLDDRPLRLAELPSLLADLAAAGLAPRCLWRSERIAL
VEALAPGLGLDAAALQAGLEQRLPQAMRPERLWCLPSLPLNGNGKVDRRRLAESMTRALGECRHEPSAEEPLEAHEQALA
ECWEAVLKRPVRRREASFFSLGGDSLLATRLLAGIRERFGVRLGMADFYRQPTLAGLARHLQVQTVEIEETQLEEGVLHH
HHHHLPSWSHPQFEK
;
_entity_poly.pdbx_strand_id   A,B
#
# COMPACT_ATOMS: atom_id res chain seq x y z
N SER A 7 50.17 -20.53 -7.16
CA SER A 7 50.17 -19.30 -6.56
C SER A 7 48.91 -18.53 -6.83
N ARG A 8 48.44 -17.69 -5.96
CA ARG A 8 47.27 -16.92 -6.07
C ARG A 8 47.31 -15.96 -7.23
N THR A 9 48.39 -15.28 -7.44
CA THR A 9 48.63 -14.34 -8.47
C THR A 9 48.65 -14.97 -9.83
N ALA A 10 49.34 -16.06 -10.00
CA ALA A 10 49.38 -16.87 -11.15
C ALA A 10 48.01 -17.39 -11.51
N LEU A 11 47.26 -17.85 -10.56
CA LEU A 11 45.92 -18.27 -10.66
C LEU A 11 45.02 -17.17 -11.15
N ARG A 12 45.19 -15.98 -10.68
CA ARG A 12 44.54 -14.80 -11.09
C ARG A 12 44.81 -14.49 -12.54
N ASP A 13 46.02 -14.62 -12.99
CA ASP A 13 46.44 -14.51 -14.33
C ASP A 13 45.72 -15.49 -15.22
N TRP A 14 45.62 -16.74 -14.77
CA TRP A 14 44.88 -17.78 -15.49
C TRP A 14 43.40 -17.43 -15.61
N LEU A 15 42.74 -17.05 -14.51
CA LEU A 15 41.35 -16.59 -14.54
C LEU A 15 41.18 -15.39 -15.48
N THR A 16 42.15 -14.49 -15.55
CA THR A 16 42.20 -13.37 -16.41
C THR A 16 42.17 -13.78 -17.85
N GLU A 17 42.98 -14.72 -18.23
CA GLU A 17 43.05 -15.31 -19.50
C GLU A 17 41.73 -15.91 -19.92
N GLN A 18 41.16 -16.74 -19.04
CA GLN A 18 39.88 -17.37 -19.33
C GLN A 18 38.79 -16.33 -19.51
N LEU A 19 38.67 -15.37 -18.59
CA LEU A 19 37.66 -14.33 -18.69
C LEU A 19 37.82 -13.49 -19.95
N ALA A 20 39.03 -13.19 -20.38
CA ALA A 20 39.35 -12.55 -21.59
C ALA A 20 38.80 -13.32 -22.76
N ASP A 21 39.06 -14.58 -22.84
CA ASP A 21 38.61 -15.48 -23.82
C ASP A 21 37.11 -15.51 -23.91
N LEU A 22 36.45 -15.57 -22.74
CA LEU A 22 35.01 -15.75 -22.56
C LEU A 22 34.20 -14.47 -22.82
N LEU A 23 34.61 -13.36 -22.21
CA LEU A 23 33.98 -12.05 -22.33
C LEU A 23 34.33 -11.36 -23.67
N GLY A 24 35.40 -11.78 -24.35
CA GLY A 24 35.95 -11.13 -25.43
C GLY A 24 36.54 -9.80 -25.18
N GLU A 25 37.30 -9.74 -24.11
CA GLU A 25 37.91 -8.52 -23.54
C GLU A 25 39.43 -8.64 -23.61
N PRO A 26 40.19 -7.54 -23.59
CA PRO A 26 41.62 -7.61 -23.45
C PRO A 26 42.07 -8.28 -22.19
N LEU A 27 43.12 -9.04 -22.18
CA LEU A 27 43.71 -9.66 -21.06
C LEU A 27 44.07 -8.67 -19.99
N ALA A 28 44.71 -7.60 -20.36
CA ALA A 28 45.13 -6.53 -19.53
C ALA A 28 43.97 -5.90 -18.81
N ASP A 29 42.94 -5.56 -19.51
CA ASP A 29 41.74 -4.98 -19.03
C ASP A 29 41.06 -5.84 -18.00
N VAL A 30 40.92 -7.10 -18.26
CA VAL A 30 40.41 -8.10 -17.40
C VAL A 30 41.21 -8.18 -16.12
N ARG A 31 42.50 -8.21 -16.22
CA ARG A 31 43.42 -8.22 -15.16
C ARG A 31 43.23 -7.04 -14.25
N ALA A 32 42.90 -5.91 -14.77
CA ALA A 32 42.59 -4.71 -14.11
C ALA A 32 41.40 -4.81 -13.18
N LEU A 33 40.45 -5.70 -13.49
CA LEU A 33 39.26 -5.90 -12.66
C LEU A 33 39.69 -6.34 -11.26
N ALA A 34 39.17 -5.67 -10.25
CA ALA A 34 39.43 -5.82 -8.87
C ALA A 34 39.02 -7.17 -8.37
N ASP A 35 39.55 -7.64 -7.29
CA ASP A 35 39.20 -8.83 -6.61
C ASP A 35 37.74 -8.84 -6.23
N ASP A 36 37.23 -7.77 -5.75
CA ASP A 36 35.90 -7.50 -5.31
C ASP A 36 34.97 -7.05 -6.40
N ASP A 37 35.46 -6.89 -7.64
CA ASP A 37 34.66 -6.43 -8.78
C ASP A 37 33.75 -7.54 -9.30
N ASP A 38 32.44 -7.29 -9.31
CA ASP A 38 31.45 -8.21 -9.82
C ASP A 38 31.60 -8.40 -11.33
N LEU A 39 31.82 -9.64 -11.76
CA LEU A 39 32.04 -10.00 -13.14
C LEU A 39 30.74 -10.04 -13.95
N LEU A 40 29.59 -10.24 -13.31
CA LEU A 40 28.29 -9.98 -13.95
C LEU A 40 28.14 -8.47 -14.14
N GLY A 41 28.68 -7.69 -13.20
CA GLY A 41 29.02 -6.28 -13.34
C GLY A 41 29.96 -5.94 -14.50
N CYS A 42 30.54 -6.94 -15.15
CA CYS A 42 31.40 -6.83 -16.34
C CYS A 42 30.81 -7.54 -17.57
N GLY A 43 29.56 -7.99 -17.50
CA GLY A 43 28.88 -8.67 -18.61
C GLY A 43 29.18 -10.16 -18.74
N LEU A 44 29.79 -10.77 -17.73
CA LEU A 44 29.75 -12.22 -17.59
C LEU A 44 28.31 -12.71 -17.46
N ASP A 45 28.01 -13.86 -18.04
CA ASP A 45 26.71 -14.52 -17.97
C ASP A 45 26.88 -15.99 -17.61
N SER A 46 25.79 -16.71 -17.44
CA SER A 46 25.85 -18.10 -17.01
C SER A 46 26.41 -19.01 -18.08
N ILE A 47 26.28 -18.67 -19.35
CA ILE A 47 26.83 -19.48 -20.44
C ILE A 47 28.35 -19.43 -20.35
N ARG A 48 28.93 -18.23 -20.24
CA ARG A 48 30.36 -18.05 -20.01
C ARG A 48 30.79 -18.67 -18.68
N LEU A 49 30.05 -18.45 -17.60
CA LEU A 49 30.45 -18.96 -16.30
C LEU A 49 30.34 -20.49 -16.19
N MET A 50 29.46 -21.15 -16.94
CA MET A 50 29.48 -22.60 -17.07
C MET A 50 30.64 -23.07 -17.94
N TYR A 51 31.04 -22.32 -18.98
CA TYR A 51 32.28 -22.64 -19.68
C TYR A 51 33.49 -22.52 -18.74
N LEU A 52 33.60 -21.45 -17.95
CA LEU A 52 34.67 -21.33 -16.98
C LEU A 52 34.65 -22.50 -16.00
N GLN A 53 33.47 -22.87 -15.48
CA GLN A 53 33.34 -24.05 -14.64
C GLN A 53 33.89 -25.31 -15.33
N GLU A 54 33.61 -25.51 -16.61
CA GLU A 54 34.20 -26.63 -17.35
C GLU A 54 35.72 -26.55 -17.43
N ARG A 55 36.27 -25.37 -17.71
CA ARG A 55 37.73 -25.20 -17.80
C ARG A 55 38.41 -25.41 -16.45
N LEU A 56 37.83 -24.93 -15.37
CA LEU A 56 38.29 -25.21 -14.02
C LEU A 56 38.21 -26.71 -13.68
N ARG A 57 37.12 -27.37 -14.08
CA ARG A 57 36.94 -28.81 -13.89
C ARG A 57 37.99 -29.60 -14.67
N ALA A 58 38.32 -29.20 -15.89
CA ALA A 58 39.36 -29.70 -16.71
C ALA A 58 40.71 -29.52 -16.06
N ARG A 59 40.98 -28.37 -15.54
CA ARG A 59 42.12 -28.01 -14.80
C ARG A 59 42.30 -28.88 -13.58
N GLY A 60 41.25 -29.40 -13.03
CA GLY A 60 41.16 -30.08 -11.83
C GLY A 60 40.72 -29.37 -10.61
N SER A 61 40.62 -28.08 -10.64
CA SER A 61 40.11 -27.20 -9.66
C SER A 61 38.61 -27.20 -9.65
N THR A 62 37.96 -28.28 -9.44
CA THR A 62 36.55 -28.49 -9.49
C THR A 62 35.83 -27.54 -8.59
N LEU A 63 34.85 -26.82 -9.03
CA LEU A 63 33.98 -25.94 -8.36
C LEU A 63 32.55 -26.03 -8.83
N ASP A 64 31.58 -25.88 -8.00
CA ASP A 64 30.20 -25.78 -8.28
C ASP A 64 29.86 -24.45 -8.89
N PHE A 65 29.07 -24.38 -9.95
CA PHE A 65 28.62 -23.11 -10.52
C PHE A 65 27.93 -22.24 -9.47
N ALA A 66 27.28 -22.82 -8.46
CA ALA A 66 26.73 -22.15 -7.35
C ALA A 66 27.78 -21.35 -6.61
N GLN A 67 28.88 -21.96 -6.29
CA GLN A 67 30.01 -21.41 -5.65
C GLN A 67 30.58 -20.26 -6.43
N LEU A 68 30.78 -20.46 -7.74
CA LEU A 68 31.31 -19.41 -8.60
C LEU A 68 30.34 -18.23 -8.68
N ALA A 69 29.06 -18.50 -8.88
CA ALA A 69 28.09 -17.51 -9.29
C ALA A 69 27.36 -16.82 -8.13
N GLN A 70 27.55 -17.27 -6.88
CA GLN A 70 27.11 -16.67 -5.69
C GLN A 70 27.95 -15.50 -5.25
N ARG A 71 29.22 -15.53 -5.52
CA ARG A 71 30.23 -14.54 -5.34
C ARG A 71 31.03 -14.33 -6.59
N PRO A 72 30.42 -13.81 -7.66
CA PRO A 72 31.02 -13.75 -8.99
C PRO A 72 32.03 -12.61 -9.13
N CYS A 73 33.12 -12.64 -8.36
CA CYS A 73 34.21 -11.76 -8.33
C CYS A 73 35.53 -12.47 -8.26
N LEU A 74 36.58 -11.95 -8.81
CA LEU A 74 37.86 -12.54 -8.93
C LEU A 74 38.40 -13.00 -7.60
N GLY A 75 38.26 -12.22 -6.58
CA GLY A 75 38.69 -12.54 -5.31
C GLY A 75 38.08 -13.73 -4.69
N ALA A 76 36.80 -13.86 -4.74
CA ALA A 76 36.03 -14.97 -4.30
C ALA A 76 36.42 -16.23 -5.01
N TRP A 77 36.53 -16.17 -6.33
CA TRP A 77 36.94 -17.34 -7.11
C TRP A 77 38.34 -17.79 -6.73
N LEU A 78 39.26 -16.85 -6.54
CA LEU A 78 40.60 -17.10 -6.13
C LEU A 78 40.66 -17.81 -4.82
N ASP A 79 39.95 -17.35 -3.84
CA ASP A 79 39.80 -17.93 -2.57
C ASP A 79 39.28 -19.34 -2.64
N LEU A 80 38.21 -19.55 -3.34
CA LEU A 80 37.55 -20.78 -3.57
C LEU A 80 38.47 -21.79 -4.18
N LEU A 81 39.20 -21.42 -5.19
CA LEU A 81 40.13 -22.20 -5.91
C LEU A 81 41.32 -22.60 -5.07
N ALA A 82 41.84 -21.72 -4.29
CA ALA A 82 42.87 -21.92 -3.35
C ALA A 82 42.53 -23.01 -2.38
N CYS A 83 41.35 -22.99 -1.83
CA CYS A 83 40.79 -23.97 -0.99
C CYS A 83 40.57 -25.28 -1.71
N ALA A 84 40.07 -25.24 -2.90
CA ALA A 84 39.69 -26.33 -3.72
C ALA A 84 40.86 -27.19 -4.11
N ASP A 85 41.95 -26.61 -4.49
CA ASP A 85 43.14 -27.22 -4.91
C ASP A 85 43.66 -28.24 -3.92
N ARG A 86 43.29 -28.08 -2.65
CA ARG A 86 43.63 -29.04 -1.62
C ARG A 86 42.41 -29.72 -1.02
N LEU A 87 41.20 -29.23 -1.29
CA LEU A 87 39.98 -29.82 -0.74
C LEU A 87 39.09 -30.45 -1.79
N SER A 88 39.28 -30.26 -3.06
CA SER A 88 38.52 -30.66 -4.17
C SER A 88 39.22 -31.72 -5.00
N ALA A 89 38.54 -32.69 -5.54
CA ALA A 89 39.00 -33.76 -6.33
C ALA A 89 39.05 -33.40 -7.80
N PRO A 90 39.95 -33.99 -8.59
CA PRO A 90 39.96 -33.81 -10.02
C PRO A 90 38.81 -34.48 -10.72
N ALA A 91 38.52 -34.12 -11.92
CA ALA A 91 37.49 -34.56 -12.80
C ALA A 91 37.97 -35.29 -14.03
N THR A 92 38.99 -36.08 -13.99
CA THR A 92 39.60 -36.84 -15.03
C THR A 92 38.93 -38.17 -15.27
N VAL A 93 37.65 -38.23 -15.44
CA VAL A 93 36.85 -39.36 -15.69
C VAL A 93 37.17 -39.94 -17.05
N ALA A 94 37.47 -41.24 -17.13
CA ALA A 94 37.78 -41.87 -18.40
C ALA A 94 36.49 -42.11 -19.18
N LEU A 95 36.27 -41.43 -20.25
CA LEU A 95 35.16 -41.53 -21.12
C LEU A 95 35.12 -42.87 -21.80
N PRO A 96 33.94 -43.39 -22.14
CA PRO A 96 33.89 -44.52 -23.08
C PRO A 96 34.52 -44.12 -24.40
N THR A 97 35.28 -45.04 -25.00
CA THR A 97 36.10 -44.68 -26.15
C THR A 97 35.24 -44.18 -27.30
N ALA A 98 34.13 -44.85 -27.58
CA ALA A 98 33.24 -44.42 -28.65
C ALA A 98 31.96 -45.26 -28.61
N GLN A 99 30.84 -44.59 -28.88
CA GLN A 99 29.58 -45.25 -29.15
C GLN A 99 29.39 -45.35 -30.66
N ASP A 100 29.03 -46.54 -31.13
CA ASP A 100 28.93 -46.77 -32.56
C ASP A 100 28.12 -45.66 -33.22
N ARG A 101 28.77 -44.92 -34.12
CA ARG A 101 28.22 -43.68 -34.67
C ARG A 101 27.07 -43.91 -35.63
N ASP A 102 26.60 -45.15 -35.80
CA ASP A 102 25.45 -45.43 -36.65
C ASP A 102 24.37 -46.23 -35.93
N GLN A 103 24.58 -46.60 -34.67
CA GLN A 103 23.60 -47.38 -33.94
C GLN A 103 22.67 -46.47 -33.15
N PRO A 104 21.46 -46.93 -32.86
CA PRO A 104 20.55 -46.11 -32.03
C PRO A 104 21.09 -45.95 -30.62
N PHE A 105 21.40 -44.71 -30.25
CA PHE A 105 21.95 -44.43 -28.94
C PHE A 105 20.92 -43.68 -28.09
N GLU A 106 21.21 -43.58 -26.79
CA GLU A 106 20.24 -43.10 -25.84
C GLU A 106 19.92 -41.63 -26.06
N LEU A 107 18.77 -41.19 -25.70
CA LEU A 107 18.29 -39.86 -25.68
C LEU A 107 18.82 -39.09 -24.50
N SER A 108 19.08 -37.84 -24.61
CA SER A 108 19.29 -36.91 -23.56
C SER A 108 18.04 -36.74 -22.74
N SER A 109 18.12 -36.40 -21.51
CA SER A 109 17.04 -36.18 -20.61
C SER A 109 16.02 -35.24 -21.21
N VAL A 110 16.48 -34.08 -21.68
CA VAL A 110 15.61 -33.11 -22.34
C VAL A 110 15.07 -33.69 -23.65
N GLN A 111 15.88 -34.46 -24.36
CA GLN A 111 15.50 -35.19 -25.51
C GLN A 111 14.41 -36.18 -25.21
N GLN A 112 14.51 -36.89 -24.13
CA GLN A 112 13.54 -37.77 -23.61
C GLN A 112 12.23 -37.07 -23.36
N ALA A 113 12.26 -35.95 -22.70
CA ALA A 113 11.16 -35.13 -22.39
C ALA A 113 10.41 -34.69 -23.62
N TYR A 114 11.15 -34.20 -24.61
CA TYR A 114 10.59 -33.75 -25.88
C TYR A 114 10.01 -34.90 -26.70
N TRP A 115 10.58 -36.09 -26.62
CA TRP A 115 10.17 -37.29 -27.23
C TRP A 115 8.86 -37.78 -26.66
N LEU A 116 8.77 -37.88 -25.38
CA LEU A 116 7.63 -38.26 -24.64
C LEU A 116 6.45 -37.38 -24.96
N GLY A 117 6.68 -36.13 -25.24
CA GLY A 117 5.72 -35.22 -25.59
C GLY A 117 5.00 -35.39 -26.86
N ARG A 118 5.60 -36.04 -27.81
CA ARG A 118 5.06 -36.41 -29.06
C ARG A 118 3.87 -37.31 -28.93
N GLY A 119 3.77 -38.08 -27.90
CA GLY A 119 2.72 -38.92 -27.65
C GLY A 119 1.40 -38.28 -27.59
N ALA A 120 0.42 -38.81 -28.33
CA ALA A 120 -0.90 -38.19 -28.35
C ALA A 120 -1.57 -38.24 -26.98
N GLY A 121 -1.31 -39.29 -26.21
CA GLY A 121 -1.88 -39.42 -24.88
C GLY A 121 -1.16 -38.65 -23.80
N GLU A 122 -0.04 -38.06 -24.04
CA GLU A 122 0.72 -37.25 -23.18
C GLU A 122 0.00 -35.98 -22.84
N VAL A 123 0.10 -35.46 -21.66
CA VAL A 123 -0.47 -34.26 -21.18
C VAL A 123 -0.02 -33.11 -22.04
N LEU A 124 -0.85 -32.46 -22.78
CA LEU A 124 -0.54 -31.35 -23.60
C LEU A 124 0.59 -31.67 -24.55
N GLY A 125 0.71 -32.86 -25.01
CA GLY A 125 1.64 -33.31 -25.92
C GLY A 125 1.27 -33.29 -27.34
N ASN A 126 1.52 -34.30 -28.11
CA ASN A 126 1.14 -34.43 -29.46
C ASN A 126 1.77 -33.40 -30.36
N VAL A 127 2.87 -32.80 -30.02
CA VAL A 127 3.59 -31.79 -30.67
C VAL A 127 5.06 -32.10 -30.79
N SER A 128 5.76 -31.52 -31.72
CA SER A 128 7.09 -31.78 -32.10
C SER A 128 8.12 -31.32 -31.10
N CYS A 129 7.94 -30.21 -30.38
CA CYS A 129 9.08 -29.48 -29.80
C CYS A 129 9.99 -28.82 -30.83
N HIS A 130 9.47 -28.49 -32.01
CA HIS A 130 10.25 -27.80 -33.02
C HIS A 130 10.18 -26.29 -32.91
N ALA A 131 11.28 -25.64 -33.23
CA ALA A 131 11.32 -24.25 -33.63
C ALA A 131 10.89 -24.14 -35.09
N PHE A 132 9.91 -23.30 -35.38
CA PHE A 132 9.69 -22.76 -36.70
C PHE A 132 10.26 -21.35 -36.71
N LEU A 133 11.23 -21.03 -37.58
CA LEU A 133 11.80 -19.80 -37.92
C LEU A 133 11.26 -19.25 -39.21
N GLU A 134 11.12 -17.97 -39.36
CA GLU A 134 10.69 -17.23 -40.48
C GLU A 134 11.61 -16.10 -40.83
N PHE A 135 12.07 -15.96 -42.02
CA PHE A 135 12.92 -14.98 -42.57
C PHE A 135 12.38 -14.38 -43.82
N ARG A 136 12.66 -13.16 -44.13
CA ARG A 136 12.27 -12.38 -45.24
C ARG A 136 13.43 -11.92 -46.08
N THR A 137 13.43 -12.22 -47.37
CA THR A 137 14.45 -11.74 -48.28
C THR A 137 13.83 -11.55 -49.66
N ARG A 138 14.39 -10.60 -50.41
CA ARG A 138 13.78 -10.21 -51.68
C ARG A 138 13.83 -11.35 -52.69
N ASP A 139 14.98 -12.01 -52.82
CA ASP A 139 15.12 -13.08 -53.80
C ASP A 139 16.35 -13.89 -53.45
N VAL A 140 16.18 -15.21 -53.34
CA VAL A 140 17.28 -16.13 -53.08
C VAL A 140 17.10 -17.37 -53.94
N ASP A 141 18.21 -17.90 -54.44
CA ASP A 141 18.15 -19.03 -55.37
C ASP A 141 17.66 -20.28 -54.64
N PRO A 142 16.55 -20.89 -55.06
CA PRO A 142 16.12 -22.15 -54.42
C PRO A 142 17.14 -23.26 -54.53
N GLN A 143 17.86 -23.34 -55.65
CA GLN A 143 18.87 -24.39 -55.81
C GLN A 143 19.97 -24.25 -54.78
N ARG A 144 20.44 -23.02 -54.54
CA ARG A 144 21.44 -22.80 -53.51
C ARG A 144 20.91 -23.23 -52.15
N LEU A 145 19.66 -22.90 -51.84
CA LEU A 145 19.10 -23.28 -50.55
C LEU A 145 19.00 -24.79 -50.39
N ALA A 146 18.56 -25.49 -51.44
CA ALA A 146 18.49 -26.95 -51.37
C ALA A 146 19.87 -27.56 -51.18
N ALA A 147 20.85 -27.05 -51.93
CA ALA A 147 22.21 -27.55 -51.80
C ALA A 147 22.74 -27.30 -50.38
N ALA A 148 22.48 -26.11 -49.84
CA ALA A 148 22.94 -25.79 -48.50
C ALA A 148 22.27 -26.69 -47.47
N ALA A 149 20.97 -26.94 -47.62
CA ALA A 149 20.26 -27.79 -46.68
C ALA A 149 20.83 -29.20 -46.68
N GLU A 150 21.04 -29.77 -47.87
CA GLU A 150 21.60 -31.12 -47.94
C GLU A 150 23.03 -31.13 -47.41
N CYS A 151 23.81 -30.08 -47.68
CA CYS A 151 25.18 -30.02 -47.20
C CYS A 151 25.23 -29.98 -45.67
N VAL A 152 24.33 -29.20 -45.05
CA VAL A 152 24.32 -29.15 -43.60
C VAL A 152 23.84 -30.47 -43.02
N ARG A 153 22.87 -31.12 -43.67
CA ARG A 153 22.45 -32.43 -43.20
C ARG A 153 23.61 -33.42 -43.23
N GLN A 154 24.37 -33.43 -44.32
CA GLN A 154 25.50 -34.35 -44.42
C GLN A 154 26.63 -33.99 -43.47
N ARG A 155 26.87 -32.70 -43.27
CA ARG A 155 27.97 -32.25 -42.41
C ARG A 155 27.70 -32.60 -40.95
N HIS A 156 26.57 -32.32 -40.42
CA HIS A 156 26.15 -32.43 -39.08
C HIS A 156 25.43 -33.72 -38.82
N PRO A 157 25.97 -34.69 -38.09
CA PRO A 157 25.28 -35.98 -37.97
C PRO A 157 23.87 -35.87 -37.41
N MET A 158 23.60 -35.01 -36.48
CA MET A 158 22.40 -34.88 -35.75
C MET A 158 21.24 -34.38 -36.57
N LEU A 159 21.47 -33.56 -37.55
CA LEU A 159 20.53 -33.04 -38.46
C LEU A 159 19.82 -34.11 -39.26
N ARG A 160 20.43 -35.28 -39.34
CA ARG A 160 19.85 -36.43 -40.03
C ARG A 160 19.61 -37.57 -39.05
N ALA A 161 19.14 -37.25 -37.85
CA ALA A 161 19.01 -38.24 -36.79
C ALA A 161 17.57 -38.76 -36.73
N ARG A 162 17.42 -40.07 -36.75
CA ARG A 162 16.13 -40.71 -36.59
C ARG A 162 15.88 -41.03 -35.11
N PHE A 163 14.68 -40.87 -34.64
CA PHE A 163 14.18 -41.05 -33.33
C PHE A 163 13.19 -42.17 -33.25
N LEU A 164 13.46 -43.20 -32.45
CA LEU A 164 12.55 -44.34 -32.31
C LEU A 164 12.75 -44.98 -30.95
N ASP A 165 11.66 -45.51 -30.40
CA ASP A 165 11.69 -46.31 -29.18
C ASP A 165 12.45 -45.62 -28.05
N GLY A 166 12.31 -44.30 -27.93
CA GLY A 166 13.02 -43.58 -26.89
C GLY A 166 14.51 -43.51 -27.10
N ARG A 167 14.98 -43.76 -28.32
CA ARG A 167 16.40 -43.69 -28.63
C ARG A 167 16.55 -43.09 -30.03
N GLN A 168 17.68 -42.52 -30.33
CA GLN A 168 18.05 -41.77 -31.46
C GLN A 168 19.13 -42.42 -32.28
N GLN A 169 18.97 -42.44 -33.60
CA GLN A 169 19.93 -43.04 -34.52
C GLN A 169 20.21 -42.05 -35.63
N ILE A 170 21.48 -41.94 -36.02
CA ILE A 170 21.89 -41.01 -37.06
C ILE A 170 21.98 -41.76 -38.38
N LEU A 171 21.16 -41.34 -39.35
CA LEU A 171 21.12 -42.02 -40.64
C LEU A 171 22.24 -41.52 -41.54
N PRO A 172 22.65 -42.33 -42.52
CA PRO A 172 23.59 -41.82 -43.53
C PRO A 172 22.99 -40.68 -44.35
N THR A 173 21.72 -40.84 -44.75
CA THR A 173 20.99 -39.82 -45.47
C THR A 173 19.51 -40.10 -45.23
N PRO A 174 18.76 -39.14 -44.66
CA PRO A 174 17.35 -39.42 -44.38
C PRO A 174 16.58 -39.70 -45.65
N PRO A 175 15.56 -40.56 -45.61
CA PRO A 175 14.79 -40.86 -46.82
C PRO A 175 13.79 -39.77 -47.19
N LEU A 176 13.58 -38.77 -46.34
CA LEU A 176 12.54 -37.77 -46.54
C LEU A 176 13.16 -36.45 -46.98
N SER A 177 12.36 -35.65 -47.66
CA SER A 177 12.86 -34.40 -48.25
C SER A 177 13.35 -33.46 -47.16
N CYS A 178 14.40 -32.69 -47.48
CA CYS A 178 14.96 -31.75 -46.54
C CYS A 178 14.49 -30.32 -46.80
N PHE A 179 14.27 -29.97 -48.06
CA PHE A 179 13.95 -28.60 -48.45
C PHE A 179 12.57 -28.58 -49.11
N ASP A 180 11.67 -27.78 -48.64
CA ASP A 180 10.33 -27.56 -49.05
C ASP A 180 10.23 -26.29 -49.86
N LEU A 181 10.32 -26.40 -51.18
CA LEU A 181 10.22 -25.22 -52.04
C LEU A 181 8.78 -25.02 -52.49
N GLN A 182 8.27 -23.79 -52.32
CA GLN A 182 6.93 -23.42 -52.75
C GLN A 182 7.05 -22.14 -53.58
N ASP A 183 7.29 -22.31 -54.87
CA ASP A 183 7.43 -21.17 -55.77
C ASP A 183 6.03 -20.67 -56.14
N TRP A 184 5.58 -19.62 -55.44
CA TRP A 184 4.26 -19.05 -55.66
C TRP A 184 4.34 -17.71 -56.38
N ARG A 185 5.38 -17.49 -57.18
CA ARG A 185 5.48 -16.28 -57.97
C ARG A 185 4.34 -16.17 -58.97
N THR A 186 3.68 -17.28 -59.30
CA THR A 186 2.58 -17.30 -60.26
C THR A 186 1.23 -17.00 -59.62
N LEU A 187 1.16 -16.92 -58.30
CA LEU A 187 -0.11 -16.69 -57.62
C LEU A 187 -0.35 -15.19 -57.42
N GLN A 188 -1.59 -14.86 -57.10
CA GLN A 188 -1.93 -13.49 -56.73
C GLN A 188 -1.38 -13.17 -55.35
N VAL A 189 -1.20 -11.87 -55.09
CA VAL A 189 -0.63 -11.44 -53.81
C VAL A 189 -1.53 -11.88 -52.66
N ASP A 190 -2.83 -11.66 -52.79
CA ASP A 190 -3.76 -12.08 -51.74
C ASP A 190 -3.82 -13.60 -51.62
N GLU A 191 -3.93 -14.29 -52.75
CA GLU A 191 -3.95 -15.75 -52.73
C GLU A 191 -2.64 -16.31 -52.17
N ALA A 192 -1.51 -15.74 -52.59
CA ALA A 192 -0.23 -16.20 -52.09
C ALA A 192 -0.11 -15.97 -50.59
N GLU A 193 -0.57 -14.81 -50.11
CA GLU A 193 -0.49 -14.51 -48.69
C GLU A 193 -1.37 -15.47 -47.88
N ARG A 194 -2.58 -15.75 -48.38
CA ARG A 194 -3.47 -16.68 -47.68
C ARG A 194 -2.87 -18.08 -47.65
N ASP A 195 -2.31 -18.53 -48.77
CA ASP A 195 -1.69 -19.85 -48.81
C ASP A 195 -0.48 -19.90 -47.88
N TRP A 196 0.30 -18.87 -47.76
CA TRP A 196 1.39 -18.73 -46.88
C TRP A 196 0.97 -18.80 -45.44
N GLN A 197 -0.11 -18.17 -45.10
CA GLN A 197 -0.72 -18.19 -43.82
C GLN A 197 -1.09 -19.60 -43.42
N ALA A 198 -1.72 -20.30 -44.37
CA ALA A 198 -2.05 -21.70 -44.12
C ALA A 198 -0.78 -22.54 -43.92
N LEU A 199 0.23 -22.35 -44.68
CA LEU A 199 1.50 -22.97 -44.60
C LEU A 199 2.15 -22.76 -43.26
N ARG A 200 2.11 -21.57 -42.77
CA ARG A 200 2.57 -21.11 -41.51
C ARG A 200 1.86 -21.81 -40.37
N ASP A 201 0.57 -21.87 -40.42
CA ASP A 201 -0.32 -22.45 -39.50
C ASP A 201 -0.35 -23.96 -39.54
N TRP A 202 0.27 -24.55 -40.50
CA TRP A 202 0.52 -25.93 -40.69
C TRP A 202 1.86 -26.38 -40.19
N ARG A 203 2.92 -25.86 -40.71
CA ARG A 203 4.27 -26.23 -40.53
C ARG A 203 4.92 -25.63 -39.31
N ALA A 204 4.40 -24.61 -38.74
CA ALA A 204 4.77 -24.03 -37.50
C ALA A 204 4.38 -24.89 -36.32
N HIS A 205 3.38 -25.70 -36.45
CA HIS A 205 2.87 -26.69 -35.58
C HIS A 205 3.07 -28.11 -36.02
N GLU A 206 3.71 -28.38 -37.10
CA GLU A 206 3.92 -29.63 -37.72
C GLU A 206 4.61 -30.59 -36.79
N CYS A 207 4.19 -31.81 -36.70
CA CYS A 207 4.81 -32.91 -36.08
C CYS A 207 5.90 -33.46 -36.96
N LEU A 208 7.09 -32.96 -36.95
CA LEU A 208 8.18 -33.32 -37.77
C LEU A 208 8.41 -34.81 -37.74
N ALA A 209 8.61 -35.46 -38.83
CA ALA A 209 8.85 -36.84 -39.03
C ALA A 209 10.22 -37.25 -38.51
N VAL A 210 10.49 -37.08 -37.25
CA VAL A 210 11.65 -37.49 -36.56
C VAL A 210 11.84 -38.97 -36.67
N GLU A 211 10.73 -39.69 -36.72
CA GLU A 211 10.78 -41.15 -36.85
C GLU A 211 11.43 -41.57 -38.16
N ARG A 212 11.51 -40.68 -39.14
CA ARG A 212 12.17 -40.94 -40.41
C ARG A 212 13.36 -40.02 -40.63
N GLY A 213 13.92 -39.45 -39.56
CA GLY A 213 15.09 -38.60 -39.69
C GLY A 213 14.81 -37.17 -40.10
N GLN A 214 13.60 -36.73 -40.23
CA GLN A 214 13.15 -35.45 -40.61
C GLN A 214 13.13 -34.46 -39.46
N VAL A 215 14.15 -34.39 -38.68
CA VAL A 215 14.35 -33.49 -37.61
C VAL A 215 14.47 -32.06 -38.06
N PHE A 216 15.08 -31.82 -39.17
CA PHE A 216 15.42 -30.61 -39.80
C PHE A 216 14.77 -30.47 -41.16
N LEU A 217 14.00 -29.48 -41.44
CA LEU A 217 13.31 -29.20 -42.64
C LEU A 217 13.34 -27.75 -43.00
N LEU A 218 14.22 -27.28 -43.80
CA LEU A 218 14.29 -26.01 -44.40
C LEU A 218 13.21 -25.85 -45.43
N GLY A 219 12.75 -24.67 -45.72
CA GLY A 219 11.81 -24.32 -46.66
C GLY A 219 11.72 -22.94 -47.11
N LEU A 220 11.31 -22.67 -48.31
CA LEU A 220 11.21 -21.45 -48.99
C LEU A 220 9.89 -21.27 -49.69
N VAL A 221 9.26 -20.14 -49.66
CA VAL A 221 8.14 -19.68 -50.38
C VAL A 221 8.48 -18.46 -51.19
N ARG A 222 8.23 -18.48 -52.49
CA ARG A 222 8.53 -17.34 -53.36
C ARG A 222 7.24 -16.58 -53.59
N MET A 223 7.04 -15.50 -52.84
CA MET A 223 5.80 -14.75 -52.94
C MET A 223 5.78 -13.94 -54.23
N PRO A 224 4.61 -13.74 -54.84
CA PRO A 224 4.55 -13.00 -56.11
C PRO A 224 5.00 -11.55 -56.01
N GLY A 225 5.03 -10.98 -54.80
CA GLY A 225 5.44 -9.60 -54.62
C GLY A 225 6.95 -9.44 -54.59
N GLY A 226 7.67 -10.33 -55.25
CA GLY A 226 9.12 -10.27 -55.25
C GLY A 226 9.74 -10.47 -53.89
N GLU A 227 9.12 -11.32 -53.06
CA GLU A 227 9.61 -11.58 -51.70
C GLU A 227 9.77 -13.07 -51.51
N ASP A 228 10.93 -13.46 -50.98
CA ASP A 228 11.22 -14.84 -50.62
C ASP A 228 11.24 -14.93 -49.10
N ARG A 229 10.43 -15.75 -48.52
CA ARG A 229 10.18 -15.96 -47.14
C ARG A 229 10.81 -17.24 -46.67
N LEU A 230 12.05 -17.28 -46.35
CA LEU A 230 12.76 -18.37 -45.80
C LEU A 230 12.16 -18.80 -44.49
N TRP A 231 11.88 -20.03 -44.27
CA TRP A 231 11.40 -20.63 -43.08
C TRP A 231 12.13 -21.90 -42.73
N LEU A 232 12.27 -22.23 -41.50
CA LEU A 232 13.04 -23.27 -40.93
C LEU A 232 12.30 -24.01 -39.84
N SER A 233 11.84 -25.20 -40.02
CA SER A 233 11.23 -26.10 -39.11
C SER A 233 12.25 -27.05 -38.54
N LEU A 234 12.80 -26.84 -37.39
CA LEU A 234 13.80 -27.56 -36.70
C LEU A 234 13.27 -28.22 -35.47
N ASP A 235 13.31 -29.51 -35.32
CA ASP A 235 12.97 -30.28 -34.19
C ASP A 235 14.03 -30.18 -33.14
N LEU A 236 13.70 -29.60 -31.98
CA LEU A 236 14.72 -29.42 -30.97
C LEU A 236 15.19 -30.74 -30.35
N LEU A 237 14.52 -31.88 -30.58
CA LEU A 237 14.98 -33.18 -30.34
C LEU A 237 16.39 -33.34 -30.84
N ALA A 238 16.69 -32.79 -31.98
CA ALA A 238 17.91 -32.81 -32.67
C ALA A 238 18.87 -31.73 -32.24
N ALA A 239 18.44 -30.53 -32.10
CA ALA A 239 19.18 -29.33 -31.97
C ALA A 239 18.78 -28.45 -30.83
N ASP A 240 19.74 -28.04 -30.00
CA ASP A 240 19.57 -26.97 -29.03
C ASP A 240 19.25 -25.67 -29.81
N VAL A 241 18.70 -24.61 -29.22
CA VAL A 241 18.58 -23.36 -30.01
C VAL A 241 19.92 -22.68 -30.23
N GLU A 242 20.93 -22.96 -29.42
CA GLU A 242 22.29 -22.54 -29.77
C GLU A 242 22.75 -23.31 -31.03
N SER A 243 22.37 -24.57 -31.12
CA SER A 243 22.53 -25.42 -32.24
C SER A 243 21.73 -24.94 -33.42
N LEU A 244 20.58 -24.39 -33.21
CA LEU A 244 19.74 -23.79 -34.18
C LEU A 244 20.42 -22.65 -34.88
N ARG A 245 21.01 -21.76 -34.16
CA ARG A 245 21.76 -20.66 -34.65
C ARG A 245 23.03 -21.08 -35.34
N LEU A 246 23.68 -22.10 -34.90
CA LEU A 246 24.75 -22.76 -35.55
C LEU A 246 24.34 -23.24 -36.91
N LEU A 247 23.23 -23.89 -37.02
CA LEU A 247 22.59 -24.32 -38.20
C LEU A 247 22.36 -23.17 -39.15
N LEU A 248 21.88 -22.08 -38.65
CA LEU A 248 21.68 -20.86 -39.34
C LEU A 248 22.94 -20.36 -39.98
N ALA A 249 24.01 -20.30 -39.26
CA ALA A 249 25.31 -19.95 -39.68
C ALA A 249 25.79 -20.82 -40.80
N GLU A 250 25.68 -22.10 -40.66
CA GLU A 250 26.03 -23.11 -41.58
C GLU A 250 25.30 -22.95 -42.88
N LEU A 251 23.99 -22.76 -42.77
CA LEU A 251 23.17 -22.53 -43.96
C LEU A 251 23.56 -21.25 -44.68
N GLY A 252 23.82 -20.18 -43.93
CA GLY A 252 24.25 -18.94 -44.54
C GLY A 252 25.53 -19.10 -45.30
N VAL A 253 26.50 -19.81 -44.70
CA VAL A 253 27.77 -20.04 -45.39
C VAL A 253 27.56 -20.89 -46.62
N ALA A 254 26.79 -21.97 -46.49
CA ALA A 254 26.58 -22.89 -47.61
C ALA A 254 25.82 -22.23 -48.75
N TYR A 255 24.96 -21.25 -48.45
CA TYR A 255 24.26 -20.52 -49.50
C TYR A 255 25.18 -19.50 -50.15
N LEU A 256 25.85 -18.68 -49.33
CA LEU A 256 26.75 -17.67 -49.89
C LEU A 256 27.98 -18.31 -50.52
N ALA A 257 28.61 -19.23 -49.81
CA ALA A 257 29.84 -19.85 -50.29
C ALA A 257 30.11 -21.17 -49.56
N PRO A 258 29.59 -22.29 -50.06
CA PRO A 258 29.85 -23.58 -49.38
C PRO A 258 31.32 -23.94 -49.33
N GLU A 259 32.13 -23.35 -50.21
CA GLU A 259 33.57 -23.58 -50.16
C GLU A 259 34.15 -23.17 -48.81
N ARG A 260 33.55 -22.17 -48.16
CA ARG A 260 34.06 -21.66 -46.90
C ARG A 260 33.58 -22.45 -45.69
N LEU A 261 32.75 -23.48 -45.90
CA LEU A 261 32.41 -24.39 -44.82
C LEU A 261 33.68 -25.07 -44.33
N ALA A 262 34.06 -24.79 -43.08
CA ALA A 262 35.38 -25.18 -42.60
C ALA A 262 35.51 -26.70 -42.51
N GLU A 263 34.70 -27.33 -41.65
CA GLU A 263 34.87 -28.75 -41.38
C GLU A 263 33.60 -29.33 -40.77
N PRO A 264 33.24 -30.57 -41.09
CA PRO A 264 32.18 -31.24 -40.35
C PRO A 264 32.68 -31.66 -38.98
N PRO A 265 32.13 -31.11 -37.90
CA PRO A 265 32.61 -31.45 -36.57
C PRO A 265 32.70 -32.92 -36.31
N ALA A 266 33.77 -33.43 -35.80
CA ALA A 266 34.06 -34.80 -35.56
C ALA A 266 33.42 -35.35 -34.31
N LEU A 267 33.03 -34.52 -33.39
CA LEU A 267 32.49 -34.81 -32.11
C LEU A 267 31.08 -35.35 -32.24
N HIS A 268 30.91 -36.57 -32.59
CA HIS A 268 29.69 -37.28 -32.73
C HIS A 268 28.85 -37.17 -31.49
N PHE A 269 27.59 -36.92 -31.57
CA PHE A 269 26.70 -36.65 -30.50
C PHE A 269 26.56 -37.80 -29.54
N ALA A 270 26.57 -39.03 -30.07
CA ALA A 270 26.51 -40.19 -29.19
C ALA A 270 27.72 -40.25 -28.27
N ASP A 271 28.90 -40.01 -28.76
CA ASP A 271 30.11 -39.88 -28.05
C ASP A 271 30.01 -38.83 -26.99
N TYR A 272 29.50 -37.69 -27.31
CA TYR A 272 29.26 -36.60 -26.45
C TYR A 272 28.39 -36.98 -25.28
N LEU A 273 27.29 -37.62 -25.53
CA LEU A 273 26.36 -38.09 -24.58
C LEU A 273 26.98 -39.04 -23.61
N ALA A 274 27.70 -40.02 -24.15
CA ALA A 274 28.38 -40.99 -23.29
C ALA A 274 29.38 -40.31 -22.38
N HIS A 275 30.24 -39.47 -22.89
CA HIS A 275 31.22 -38.73 -22.21
C HIS A 275 30.63 -37.87 -21.12
N ARG A 276 29.60 -37.14 -21.42
CA ARG A 276 28.91 -36.25 -20.59
C ARG A 276 28.27 -36.95 -19.43
N ALA A 277 27.62 -38.05 -19.65
CA ALA A 277 27.03 -38.90 -18.69
C ALA A 277 28.04 -39.38 -17.68
N ALA A 278 29.14 -39.91 -18.13
CA ALA A 278 30.24 -40.35 -17.38
C ALA A 278 30.81 -39.23 -16.54
N GLN A 279 30.88 -38.05 -17.06
CA GLN A 279 31.40 -36.87 -16.48
C GLN A 279 30.54 -36.34 -15.36
N ARG A 280 29.26 -36.31 -15.53
CA ARG A 280 28.25 -35.82 -14.67
C ARG A 280 27.73 -36.82 -13.67
N ALA A 281 28.13 -38.05 -13.71
CA ALA A 281 27.69 -39.10 -12.87
C ALA A 281 27.69 -38.70 -11.42
N GLU A 282 28.76 -38.20 -10.93
CA GLU A 282 28.95 -37.70 -9.61
C GLU A 282 28.00 -36.58 -9.29
N ALA A 283 28.01 -35.54 -10.06
CA ALA A 283 27.14 -34.44 -9.99
C ALA A 283 25.70 -34.86 -10.13
N ALA A 284 25.42 -35.80 -10.97
CA ALA A 284 24.16 -36.40 -11.19
C ALA A 284 23.61 -36.98 -9.92
N ALA A 285 24.43 -37.80 -9.26
CA ALA A 285 24.01 -38.44 -8.02
C ALA A 285 23.79 -37.40 -6.92
N ARG A 286 24.62 -36.43 -6.78
CA ARG A 286 24.52 -35.35 -5.86
C ARG A 286 23.22 -34.61 -6.02
N ALA A 287 22.89 -34.23 -7.21
CA ALA A 287 21.71 -33.58 -7.61
C ALA A 287 20.48 -34.43 -7.34
N ARG A 288 20.62 -35.73 -7.60
CA ARG A 288 19.52 -36.64 -7.31
C ARG A 288 19.21 -36.66 -5.82
N ASP A 289 20.24 -36.70 -4.98
CA ASP A 289 20.02 -36.63 -3.55
C ASP A 289 19.36 -35.31 -3.17
N TYR A 290 19.77 -34.22 -3.72
CA TYR A 290 19.23 -32.92 -3.56
C TYR A 290 17.75 -32.87 -3.82
N TRP A 291 17.34 -33.27 -4.99
CA TRP A 291 16.01 -33.33 -5.47
C TRP A 291 15.14 -34.22 -4.62
N LEU A 292 15.68 -35.40 -4.31
CA LEU A 292 14.95 -36.32 -3.45
C LEU A 292 14.66 -35.70 -2.09
N GLU A 293 15.65 -34.99 -1.54
CA GLU A 293 15.41 -34.25 -0.31
C GLU A 293 14.40 -33.13 -0.49
N ARG A 294 14.16 -32.68 -1.71
CA ARG A 294 13.23 -31.58 -1.96
C ARG A 294 11.99 -31.96 -2.74
N LEU A 295 11.88 -33.21 -3.21
CA LEU A 295 10.72 -33.59 -4.02
C LEU A 295 9.39 -33.36 -3.30
N PRO A 296 9.20 -33.80 -2.05
CA PRO A 296 7.93 -33.53 -1.38
C PRO A 296 7.63 -32.05 -1.22
N ARG A 297 8.66 -31.19 -1.17
CA ARG A 297 8.48 -29.77 -0.95
C ARG A 297 8.57 -28.96 -2.24
N LEU A 298 8.58 -29.61 -3.40
CA LEU A 298 8.57 -28.89 -4.65
C LEU A 298 7.25 -28.13 -4.80
N PRO A 299 7.27 -26.91 -5.35
CA PRO A 299 6.01 -26.26 -5.71
C PRO A 299 5.44 -26.87 -6.99
N ASP A 300 4.14 -26.68 -7.16
CA ASP A 300 3.44 -27.21 -8.32
C ASP A 300 3.71 -26.29 -9.51
N ALA A 301 3.07 -26.59 -10.65
CA ALA A 301 3.21 -25.74 -11.82
C ALA A 301 2.60 -24.37 -11.51
N PRO A 302 3.01 -23.32 -12.20
CA PRO A 302 2.41 -22.02 -11.99
C PRO A 302 0.91 -22.05 -12.06
N ALA A 303 0.20 -21.64 -11.06
CA ALA A 303 -1.21 -21.66 -10.92
C ALA A 303 -1.87 -20.61 -11.77
N LEU A 304 -1.60 -20.56 -13.03
CA LEU A 304 -2.08 -19.67 -14.00
C LEU A 304 -3.53 -19.91 -14.32
N PRO A 305 -4.29 -18.91 -14.73
CA PRO A 305 -5.64 -19.12 -15.22
C PRO A 305 -5.67 -19.94 -16.48
N LEU A 306 -6.37 -21.02 -16.55
CA LEU A 306 -6.53 -21.94 -17.60
C LEU A 306 -7.97 -22.06 -18.04
N ALA A 307 -8.37 -21.53 -19.15
CA ALA A 307 -9.64 -21.67 -19.74
C ALA A 307 -10.00 -23.11 -19.99
N CYS A 308 -9.11 -23.88 -20.48
CA CYS A 308 -9.14 -25.25 -20.82
C CYS A 308 -8.09 -26.06 -20.08
N ALA A 309 -8.40 -27.17 -19.52
CA ALA A 309 -7.51 -28.05 -18.87
C ALA A 309 -6.43 -28.50 -19.82
N PRO A 310 -5.15 -28.47 -19.46
CA PRO A 310 -4.12 -28.91 -20.41
C PRO A 310 -4.31 -30.34 -20.87
N GLU A 311 -4.86 -31.21 -20.02
CA GLU A 311 -5.13 -32.58 -20.43
C GLU A 311 -6.21 -32.66 -21.50
N SER A 312 -7.02 -31.67 -21.69
CA SER A 312 -8.13 -31.54 -22.56
C SER A 312 -7.80 -30.99 -23.92
N ILE A 313 -6.59 -30.65 -24.21
CA ILE A 313 -6.05 -30.12 -25.41
C ILE A 313 -5.39 -31.22 -26.20
N ARG A 314 -6.04 -31.73 -27.25
CA ARG A 314 -5.47 -32.83 -28.02
C ARG A 314 -4.35 -32.38 -28.93
N GLN A 315 -4.43 -31.26 -29.58
CA GLN A 315 -3.56 -30.70 -30.54
C GLN A 315 -3.19 -29.28 -30.23
N PRO A 316 -2.30 -29.05 -29.25
CA PRO A 316 -2.00 -27.69 -28.83
C PRO A 316 -1.38 -26.80 -29.85
N ARG A 317 -2.02 -25.83 -30.38
CA ARG A 317 -1.56 -24.82 -31.25
C ARG A 317 -0.83 -23.73 -30.52
N THR A 318 0.33 -23.33 -30.91
CA THR A 318 1.17 -22.35 -30.33
C THR A 318 0.97 -20.99 -30.91
N ARG A 319 0.84 -19.96 -30.14
CA ARG A 319 0.73 -18.58 -30.43
C ARG A 319 1.87 -17.80 -29.85
N ARG A 320 2.73 -17.18 -30.65
CA ARG A 320 3.83 -16.32 -30.16
C ARG A 320 3.31 -14.93 -29.85
N LEU A 321 3.70 -14.40 -28.71
CA LEU A 321 3.64 -13.06 -28.25
C LEU A 321 5.00 -12.44 -28.25
N ALA A 322 5.35 -11.60 -29.15
CA ALA A 322 6.62 -11.06 -29.47
C ALA A 322 6.77 -9.62 -29.08
N PHE A 323 7.82 -9.21 -28.45
CA PHE A 323 8.21 -7.90 -28.13
C PHE A 323 9.70 -7.69 -28.35
N GLN A 324 10.13 -7.01 -29.34
CA GLN A 324 11.46 -6.68 -29.70
C GLN A 324 11.97 -5.57 -28.81
N LEU A 325 12.58 -5.82 -27.70
CA LEU A 325 13.24 -4.90 -26.88
C LEU A 325 14.24 -4.13 -27.68
N SER A 326 14.20 -2.79 -27.62
CA SER A 326 15.07 -1.99 -28.46
C SER A 326 16.52 -2.15 -28.02
N ALA A 327 17.43 -1.72 -28.90
CA ALA A 327 18.85 -1.75 -28.57
C ALA A 327 19.12 -0.92 -27.33
N GLY A 328 18.51 0.26 -27.23
CA GLY A 328 18.69 1.07 -26.03
C GLY A 328 18.14 0.40 -24.80
N GLU A 329 17.00 -0.22 -24.85
CA GLU A 329 16.39 -0.97 -23.82
C GLU A 329 17.28 -2.09 -23.35
N SER A 330 17.83 -2.83 -24.24
CA SER A 330 18.75 -3.89 -24.04
C SER A 330 19.97 -3.40 -23.31
N ARG A 331 20.56 -2.35 -23.75
CA ARG A 331 21.68 -1.69 -23.19
C ARG A 331 21.44 -1.31 -21.76
N ARG A 332 20.33 -0.71 -21.47
CA ARG A 332 19.91 -0.26 -20.20
C ARG A 332 19.74 -1.41 -19.23
N LEU A 333 19.11 -2.46 -19.64
CA LEU A 333 18.96 -3.68 -18.93
C LEU A 333 20.28 -4.27 -18.54
N GLU A 334 21.18 -4.37 -19.46
CA GLU A 334 22.51 -4.83 -19.30
C GLU A 334 23.24 -4.04 -18.25
N ARG A 335 23.22 -2.75 -18.35
CA ARG A 335 23.83 -1.81 -17.48
C ARG A 335 23.33 -1.95 -16.07
N LEU A 336 22.06 -2.01 -15.87
CA LEU A 336 21.39 -2.13 -14.63
C LEU A 336 21.67 -3.45 -13.96
N ALA A 337 21.66 -4.51 -14.78
CA ALA A 337 22.04 -5.86 -14.39
C ALA A 337 23.48 -5.86 -13.90
N ALA A 338 24.38 -5.20 -14.62
CA ALA A 338 25.74 -5.04 -14.18
C ALA A 338 25.81 -4.28 -12.84
N GLN A 339 25.11 -3.16 -12.69
CA GLN A 339 25.13 -2.37 -11.46
C GLN A 339 24.63 -3.13 -10.23
N HIS A 340 23.60 -3.95 -10.40
CA HIS A 340 22.99 -4.81 -9.47
C HIS A 340 23.63 -6.17 -9.37
N GLY A 341 24.71 -6.42 -10.11
CA GLY A 341 25.50 -7.63 -9.96
C GLY A 341 24.73 -8.90 -10.35
N VAL A 342 23.96 -8.85 -11.43
CA VAL A 342 23.20 -9.99 -11.94
C VAL A 342 23.40 -10.24 -13.42
N THR A 343 23.25 -11.48 -13.83
CA THR A 343 23.17 -11.86 -15.24
C THR A 343 21.90 -11.30 -15.83
N LEU A 344 21.96 -10.91 -17.10
CA LEU A 344 20.79 -10.42 -17.81
C LEU A 344 19.69 -11.48 -17.90
N SER A 345 20.07 -12.74 -18.06
CA SER A 345 19.14 -13.85 -18.08
C SER A 345 18.41 -13.98 -16.74
N SER A 346 19.09 -13.83 -15.60
CA SER A 346 18.40 -13.70 -14.32
C SER A 346 17.45 -12.53 -14.27
N VAL A 347 17.73 -11.40 -14.93
CA VAL A 347 16.85 -10.30 -14.98
C VAL A 347 15.54 -10.71 -15.60
N PHE A 348 15.59 -11.21 -16.79
CA PHE A 348 14.48 -11.64 -17.56
C PHE A 348 13.71 -12.74 -16.89
N GLY A 349 14.37 -13.69 -16.32
CA GLY A 349 13.81 -14.72 -15.59
C GLY A 349 13.10 -14.34 -14.37
N CYS A 350 13.62 -13.43 -13.61
CA CYS A 350 13.04 -12.82 -12.48
C CYS A 350 11.76 -12.12 -12.83
N ALA A 351 11.76 -11.34 -13.86
CA ALA A 351 10.65 -10.65 -14.39
C ALA A 351 9.54 -11.60 -14.77
N PHE A 352 9.85 -12.64 -15.47
CA PHE A 352 9.00 -13.69 -15.89
C PHE A 352 8.34 -14.36 -14.72
N ALA A 353 9.09 -14.71 -13.72
CA ALA A 353 8.69 -15.30 -12.50
C ALA A 353 7.73 -14.43 -11.74
N LEU A 354 8.00 -13.17 -11.65
CA LEU A 354 7.19 -12.17 -11.07
C LEU A 354 5.83 -12.11 -11.72
N VAL A 355 5.85 -12.07 -13.06
CA VAL A 355 4.60 -12.04 -13.80
C VAL A 355 3.79 -13.31 -13.53
N LEU A 356 4.38 -14.46 -13.55
CA LEU A 356 3.80 -15.72 -13.25
C LEU A 356 3.16 -15.72 -11.89
N ALA A 357 3.94 -15.29 -10.89
CA ALA A 357 3.45 -15.28 -9.53
C ALA A 357 2.25 -14.35 -9.38
N ARG A 358 2.31 -13.17 -10.00
CA ARG A 358 1.19 -12.26 -9.92
C ARG A 358 -0.05 -12.86 -10.58
N TRP A 359 0.14 -13.58 -11.69
CA TRP A 359 -0.97 -14.28 -12.33
C TRP A 359 -1.15 -15.70 -11.81
N SER A 360 -0.33 -16.21 -10.97
CA SER A 360 -0.39 -17.46 -10.32
C SER A 360 -1.01 -17.38 -8.96
N GLU A 361 -1.94 -18.22 -8.61
CA GLU A 361 -2.51 -18.35 -7.32
C GLU A 361 -1.49 -18.56 -6.26
N SER A 362 -0.39 -19.18 -6.56
CA SER A 362 0.74 -19.50 -5.78
C SER A 362 1.97 -18.78 -6.27
N ALA A 363 2.64 -17.98 -5.49
CA ALA A 363 3.85 -17.31 -5.78
C ALA A 363 5.02 -18.22 -5.98
N GLU A 364 4.91 -19.46 -5.50
CA GLU A 364 5.97 -20.45 -5.62
C GLU A 364 5.55 -21.47 -6.69
N PHE A 365 6.38 -21.74 -7.64
CA PHE A 365 6.16 -22.51 -8.80
C PHE A 365 7.41 -23.00 -9.47
N LEU A 366 7.33 -23.95 -10.33
CA LEU A 366 8.33 -24.47 -11.17
C LEU A 366 8.30 -23.86 -12.55
N LEU A 367 9.39 -23.66 -13.19
CA LEU A 367 9.59 -23.26 -14.53
C LEU A 367 10.79 -23.92 -15.16
N ASN A 368 10.68 -24.63 -16.22
CA ASN A 368 11.67 -25.32 -16.95
C ASN A 368 12.65 -24.34 -17.53
N VAL A 369 13.85 -24.23 -16.99
CA VAL A 369 14.88 -23.41 -17.59
C VAL A 369 15.74 -24.34 -18.41
N PRO A 370 15.62 -24.41 -19.73
CA PRO A 370 16.60 -25.12 -20.52
C PRO A 370 17.95 -24.46 -20.32
N LEU A 371 18.88 -25.16 -19.69
CA LEU A 371 20.25 -24.73 -19.60
C LEU A 371 20.98 -25.09 -20.88
N PHE A 372 21.84 -24.16 -21.29
CA PHE A 372 23.00 -24.49 -22.06
C PHE A 372 23.82 -25.53 -21.30
N ASP A 373 24.11 -26.66 -21.93
CA ASP A 373 25.04 -27.63 -21.40
C ASP A 373 25.87 -28.23 -22.53
N ARG A 374 26.77 -27.41 -23.11
CA ARG A 374 27.64 -27.79 -24.22
C ARG A 374 28.95 -28.43 -23.79
N HIS A 375 29.14 -28.67 -22.50
CA HIS A 375 30.48 -28.76 -21.91
C HIS A 375 31.18 -30.09 -22.25
N ALA A 376 32.15 -30.02 -23.15
CA ALA A 376 33.09 -31.09 -23.47
C ALA A 376 34.49 -30.51 -23.74
N ASP A 377 35.49 -31.39 -23.76
CA ASP A 377 36.87 -31.13 -23.86
C ASP A 377 37.25 -30.45 -25.14
N ASP A 378 36.75 -30.89 -26.25
CA ASP A 378 36.98 -30.44 -27.57
C ASP A 378 36.30 -29.11 -27.80
N PRO A 379 37.01 -28.02 -28.11
CA PRO A 379 36.34 -26.79 -28.47
C PRO A 379 35.39 -26.87 -29.63
N ARG A 380 35.59 -27.77 -30.54
CA ARG A 380 34.78 -28.07 -31.65
C ARG A 380 33.36 -28.38 -31.28
N ILE A 381 33.05 -28.70 -30.02
CA ILE A 381 31.69 -28.97 -29.56
C ILE A 381 30.75 -27.79 -29.81
N GLY A 382 31.28 -26.57 -29.72
CA GLY A 382 30.59 -25.33 -30.07
C GLY A 382 30.30 -25.15 -31.57
N GLU A 383 30.55 -26.17 -32.40
CA GLU A 383 30.17 -26.32 -33.75
C GLU A 383 29.17 -27.40 -34.06
N VAL A 384 28.86 -28.27 -33.16
CA VAL A 384 27.97 -29.36 -33.26
C VAL A 384 26.53 -28.87 -33.22
N ILE A 385 25.62 -29.48 -33.89
CA ILE A 385 24.25 -29.16 -34.08
C ILE A 385 23.29 -30.00 -33.26
N ALA A 386 23.71 -30.71 -32.27
CA ALA A 386 22.99 -31.60 -31.45
C ALA A 386 22.20 -30.87 -30.39
N ASP A 387 21.29 -31.51 -29.72
CA ASP A 387 20.50 -31.07 -28.64
C ASP A 387 21.28 -31.10 -27.34
N PHE A 388 22.18 -30.20 -27.13
CA PHE A 388 23.03 -30.02 -26.01
C PHE A 388 22.38 -29.39 -24.82
N THR A 389 21.07 -29.22 -24.86
CA THR A 389 20.33 -28.65 -23.76
C THR A 389 20.30 -29.67 -22.61
N THR A 390 20.19 -29.19 -21.38
CA THR A 390 19.83 -29.85 -20.18
C THR A 390 18.81 -29.08 -19.40
N LEU A 391 17.73 -29.65 -19.01
CA LEU A 391 16.54 -29.10 -18.47
C LEU A 391 16.68 -28.87 -16.98
N LEU A 392 16.59 -27.64 -16.50
CA LEU A 392 16.63 -27.31 -15.09
C LEU A 392 15.23 -27.06 -14.57
N LEU A 393 14.85 -27.78 -13.51
CA LEU A 393 13.63 -27.71 -12.79
C LEU A 393 13.74 -26.63 -11.72
N LEU A 394 13.76 -25.40 -12.09
CA LEU A 394 13.98 -24.25 -11.30
C LEU A 394 12.86 -24.04 -10.32
N GLU A 395 13.03 -24.20 -9.05
CA GLU A 395 12.17 -23.80 -8.01
C GLU A 395 12.30 -22.33 -7.74
N CYS A 396 11.33 -21.51 -7.97
CA CYS A 396 11.27 -20.12 -7.76
C CYS A 396 10.16 -19.73 -6.80
N ARG A 397 10.45 -19.03 -5.74
CA ARG A 397 9.64 -18.60 -4.66
C ARG A 397 9.68 -17.10 -4.56
N MET A 398 8.97 -16.37 -5.35
CA MET A 398 8.99 -14.97 -5.52
C MET A 398 8.49 -14.27 -4.30
N GLN A 399 9.37 -13.59 -3.56
CA GLN A 399 8.94 -12.83 -2.39
C GLN A 399 8.23 -11.56 -2.83
N ALA A 400 7.12 -11.26 -2.18
CA ALA A 400 6.34 -10.08 -2.51
C ALA A 400 6.74 -8.90 -1.62
N GLY A 401 6.60 -7.69 -2.17
CA GLY A 401 6.92 -6.47 -1.46
C GLY A 401 8.38 -6.07 -1.51
N VAL A 402 9.24 -6.85 -2.15
CA VAL A 402 10.65 -6.50 -2.23
C VAL A 402 10.92 -5.71 -3.51
N SER A 403 11.98 -4.92 -3.47
CA SER A 403 12.42 -4.23 -4.67
C SER A 403 12.88 -5.25 -5.71
N PHE A 404 12.78 -4.93 -6.96
CA PHE A 404 13.18 -5.73 -8.04
C PHE A 404 14.62 -6.11 -7.97
N ALA A 405 15.45 -5.31 -7.37
CA ALA A 405 16.80 -5.56 -7.07
C ALA A 405 16.95 -6.78 -6.19
N GLU A 406 16.30 -6.80 -5.07
CA GLU A 406 16.20 -7.87 -4.15
C GLU A 406 15.67 -9.11 -4.81
N ALA A 407 14.59 -9.00 -5.52
CA ALA A 407 13.92 -10.03 -6.22
C ALA A 407 14.81 -10.73 -7.21
N VAL A 408 15.48 -9.99 -8.04
CA VAL A 408 16.37 -10.42 -9.05
C VAL A 408 17.58 -11.10 -8.47
N LYS A 409 18.15 -10.57 -7.44
CA LYS A 409 19.23 -11.12 -6.71
C LYS A 409 18.89 -12.48 -6.16
N SER A 410 17.78 -12.60 -5.52
CA SER A 410 17.23 -13.80 -4.98
C SER A 410 17.03 -14.84 -6.05
N PHE A 411 16.42 -14.48 -7.12
CA PHE A 411 16.15 -15.28 -8.27
C PHE A 411 17.41 -15.82 -8.86
N GLN A 412 18.39 -14.95 -9.06
CA GLN A 412 19.69 -15.30 -9.57
C GLN A 412 20.31 -16.37 -8.69
N ARG A 413 20.39 -16.13 -7.38
CA ARG A 413 20.92 -16.99 -6.40
C ARG A 413 20.31 -18.37 -6.49
N ASN A 414 19.02 -18.46 -6.53
CA ASN A 414 18.25 -19.64 -6.67
C ASN A 414 18.61 -20.39 -7.92
N LEU A 415 18.56 -19.70 -9.06
CA LEU A 415 18.85 -20.25 -10.38
C LEU A 415 20.27 -20.81 -10.41
N HIS A 416 21.23 -20.03 -9.95
CA HIS A 416 22.61 -20.43 -9.93
C HIS A 416 22.87 -21.64 -9.06
N GLY A 417 22.23 -21.73 -7.89
CA GLY A 417 22.23 -22.83 -7.06
C GLY A 417 21.69 -24.07 -7.61
N ALA A 418 20.62 -23.99 -8.34
CA ALA A 418 19.95 -25.01 -9.04
C ALA A 418 20.64 -25.50 -10.28
N ILE A 419 21.49 -24.67 -10.91
CA ILE A 419 22.20 -25.02 -12.14
C ILE A 419 23.10 -26.24 -11.93
N ASP A 420 23.80 -26.33 -10.81
CA ASP A 420 24.51 -27.45 -10.37
C ASP A 420 23.62 -28.65 -10.15
N HIS A 421 22.51 -28.45 -9.52
CA HIS A 421 21.49 -29.38 -9.26
C HIS A 421 20.79 -29.86 -10.49
N ALA A 422 20.94 -29.21 -11.60
CA ALA A 422 20.48 -29.56 -12.88
C ALA A 422 21.15 -30.78 -13.45
N ALA A 423 22.26 -31.20 -12.93
CA ALA A 423 22.94 -32.40 -13.25
C ALA A 423 22.01 -33.58 -13.27
N PHE A 424 21.14 -33.67 -12.31
CA PHE A 424 20.01 -34.51 -12.22
C PHE A 424 18.90 -33.90 -13.03
N PRO A 425 18.51 -34.42 -14.18
CA PRO A 425 17.62 -33.71 -15.07
C PRO A 425 16.24 -33.44 -14.55
N ALA A 426 15.58 -32.44 -15.02
CA ALA A 426 14.25 -32.06 -14.72
C ALA A 426 13.29 -33.18 -14.98
N LEU A 427 13.42 -33.84 -16.09
CA LEU A 427 12.64 -34.93 -16.52
C LEU A 427 12.63 -36.03 -15.49
N GLU A 428 13.76 -36.42 -15.00
CA GLU A 428 13.96 -37.40 -14.01
C GLU A 428 13.34 -37.00 -12.69
N VAL A 429 13.44 -35.78 -12.31
CA VAL A 429 12.85 -35.19 -11.16
C VAL A 429 11.36 -35.39 -11.19
N LEU A 430 10.73 -35.04 -12.26
CA LEU A 430 9.34 -35.17 -12.53
C LEU A 430 8.89 -36.60 -12.54
N ARG A 431 9.64 -37.48 -13.12
CA ARG A 431 9.48 -38.88 -13.13
C ARG A 431 9.37 -39.43 -11.73
N GLU A 432 10.34 -39.02 -10.91
CA GLU A 432 10.33 -39.43 -9.50
C GLU A 432 9.12 -38.86 -8.78
N ALA A 433 8.75 -37.62 -9.10
CA ALA A 433 7.57 -37.01 -8.50
C ALA A 433 6.33 -37.87 -8.77
N ARG A 434 6.16 -38.30 -10.02
CA ARG A 434 5.04 -39.18 -10.34
C ARG A 434 5.19 -40.51 -9.63
N ARG A 435 6.42 -41.05 -9.58
CA ARG A 435 6.65 -42.30 -8.86
C ARG A 435 6.37 -42.15 -7.37
N GLN A 436 6.54 -40.96 -6.82
CA GLN A 436 6.26 -40.70 -5.41
C GLN A 436 4.84 -40.19 -5.19
N GLY A 437 4.01 -40.18 -6.23
CA GLY A 437 2.65 -39.69 -6.11
C GLY A 437 2.50 -38.20 -6.24
N GLN A 438 3.58 -37.49 -6.56
CA GLN A 438 3.53 -36.05 -6.76
C GLN A 438 3.24 -35.74 -8.24
N PRO A 439 2.08 -35.15 -8.56
CA PRO A 439 1.78 -34.87 -9.98
C PRO A 439 2.41 -33.59 -10.47
N ARG A 440 3.39 -33.07 -9.74
CA ARG A 440 3.97 -31.78 -10.07
C ARG A 440 4.68 -31.81 -11.42
N SER A 441 4.65 -30.66 -12.10
CA SER A 441 5.26 -30.53 -13.41
C SER A 441 5.77 -29.10 -13.58
N ALA A 442 6.46 -28.83 -14.64
CA ALA A 442 7.05 -27.61 -15.07
C ALA A 442 6.62 -27.21 -16.46
N PRO A 443 5.35 -26.89 -16.67
CA PRO A 443 4.84 -26.54 -17.99
C PRO A 443 5.14 -25.16 -18.49
N VAL A 444 5.89 -24.36 -17.82
CA VAL A 444 6.33 -23.05 -18.10
C VAL A 444 7.81 -23.00 -18.34
N VAL A 445 8.25 -22.64 -19.52
CA VAL A 445 9.65 -22.64 -19.89
C VAL A 445 10.19 -21.23 -19.88
N PHE A 446 11.43 -21.07 -19.43
CA PHE A 446 12.22 -19.86 -19.56
C PHE A 446 13.53 -20.20 -20.27
N ALA A 447 13.51 -20.20 -21.58
CA ALA A 447 14.70 -20.27 -22.42
C ALA A 447 15.32 -18.88 -22.54
N SER A 448 16.64 -18.75 -22.57
CA SER A 448 17.24 -17.43 -22.77
C SER A 448 18.57 -17.51 -23.48
N ASN A 449 18.66 -16.91 -24.66
CA ASN A 449 19.71 -17.22 -25.64
C ASN A 449 20.58 -15.99 -25.89
N LEU A 450 21.03 -15.40 -24.80
CA LEU A 450 21.41 -14.00 -24.72
C LEU A 450 22.87 -13.68 -25.09
N GLY A 451 23.66 -14.63 -25.56
CA GLY A 451 25.02 -14.39 -26.05
C GLY A 451 25.08 -13.39 -27.21
N GLU A 452 25.91 -12.36 -27.08
CA GLU A 452 25.81 -11.08 -27.81
C GLU A 452 26.10 -11.16 -29.32
N GLU A 453 26.47 -12.32 -29.85
CA GLU A 453 26.70 -12.52 -31.29
C GLU A 453 25.42 -12.37 -32.14
N GLY A 454 24.24 -12.35 -31.50
CA GLY A 454 22.99 -12.40 -32.09
C GLY A 454 22.43 -13.73 -32.38
N PHE A 455 21.18 -13.97 -32.16
CA PHE A 455 20.50 -15.19 -32.37
C PHE A 455 20.69 -15.68 -33.79
N VAL A 456 20.41 -14.87 -34.74
CA VAL A 456 20.62 -15.03 -36.13
C VAL A 456 22.05 -14.67 -36.44
N PRO A 457 22.93 -15.60 -36.80
CA PRO A 457 24.32 -15.27 -37.05
C PRO A 457 24.53 -14.35 -38.22
N ALA A 458 25.56 -13.57 -38.23
CA ALA A 458 25.95 -12.70 -39.26
C ALA A 458 25.97 -13.40 -40.59
N ALA A 459 26.49 -14.59 -40.64
CA ALA A 459 26.56 -15.43 -41.76
C ALA A 459 25.21 -15.64 -42.39
N PHE A 460 24.18 -15.75 -41.62
CA PHE A 460 22.82 -15.90 -41.97
C PHE A 460 22.13 -14.60 -42.29
N ARG A 461 22.36 -13.59 -41.52
CA ARG A 461 21.88 -12.27 -41.69
C ARG A 461 22.28 -11.68 -43.01
N ASP A 462 23.52 -11.94 -43.41
CA ASP A 462 24.00 -11.43 -44.69
C ASP A 462 23.22 -12.02 -45.85
N ALA A 463 22.98 -13.33 -45.82
CA ALA A 463 22.26 -14.00 -46.90
C ALA A 463 20.77 -13.72 -46.85
N PHE A 464 20.20 -13.67 -45.64
CA PHE A 464 18.77 -13.50 -45.46
C PHE A 464 18.52 -12.50 -44.34
N GLY A 465 17.31 -11.93 -44.35
CA GLY A 465 16.97 -10.97 -43.33
C GLY A 465 16.91 -11.59 -41.96
N ASP A 466 17.08 -10.82 -40.94
CA ASP A 466 16.99 -11.16 -39.58
C ASP A 466 15.69 -11.87 -39.28
N LEU A 467 15.58 -12.61 -38.23
CA LEU A 467 14.45 -13.31 -37.78
C LEU A 467 13.21 -12.46 -37.88
N HIS A 468 12.29 -12.73 -38.74
CA HIS A 468 11.04 -12.11 -38.94
C HIS A 468 10.01 -12.51 -37.93
N ASP A 469 9.78 -13.78 -37.80
CA ASP A 469 8.88 -14.44 -36.94
C ASP A 469 9.36 -15.81 -36.57
N MET A 470 8.98 -16.37 -35.42
CA MET A 470 9.30 -17.72 -34.98
C MET A 470 8.18 -18.33 -34.15
N LEU A 471 8.17 -19.64 -33.96
CA LEU A 471 7.28 -20.33 -33.07
C LEU A 471 7.93 -21.57 -32.44
N SER A 472 7.82 -21.74 -31.13
CA SER A 472 8.09 -22.97 -30.41
C SER A 472 6.92 -23.93 -30.47
N GLN A 473 7.19 -25.22 -30.40
CA GLN A 473 6.20 -26.23 -30.15
C GLN A 473 6.54 -27.11 -28.96
N THR A 474 7.13 -26.59 -27.88
CA THR A 474 7.50 -27.46 -26.76
C THR A 474 6.29 -28.16 -26.17
N PRO A 475 6.24 -29.51 -26.14
CA PRO A 475 5.16 -30.26 -25.52
C PRO A 475 5.20 -30.13 -24.01
N GLN A 476 4.10 -30.47 -23.34
CA GLN A 476 3.91 -30.42 -21.93
C GLN A 476 4.15 -29.06 -21.35
N VAL A 477 4.21 -28.02 -22.11
CA VAL A 477 4.58 -26.69 -21.84
C VAL A 477 3.46 -25.73 -22.14
N TRP A 478 2.86 -25.08 -21.20
CA TRP A 478 1.87 -24.08 -21.34
C TRP A 478 2.38 -22.88 -22.08
N LEU A 479 3.49 -22.36 -21.68
CA LEU A 479 4.04 -21.08 -21.95
C LEU A 479 5.54 -21.14 -22.10
N ASP A 480 6.00 -21.26 -23.34
CA ASP A 480 7.42 -21.33 -23.66
C ASP A 480 7.99 -19.94 -23.87
N HIS A 481 8.53 -19.34 -22.82
CA HIS A 481 9.16 -18.08 -22.79
C HIS A 481 10.54 -18.14 -23.36
N GLN A 482 10.85 -17.42 -24.41
CA GLN A 482 12.17 -17.40 -24.99
C GLN A 482 12.62 -15.98 -25.17
N LEU A 483 13.92 -15.81 -25.24
CA LEU A 483 14.69 -14.64 -25.45
C LEU A 483 15.72 -14.80 -26.51
N TYR A 484 15.79 -13.87 -27.44
CA TYR A 484 16.72 -13.93 -28.55
C TYR A 484 17.32 -12.56 -28.80
N ARG A 485 18.59 -12.47 -29.08
CA ARG A 485 19.30 -11.34 -29.51
C ARG A 485 18.96 -11.01 -30.93
N VAL A 486 17.99 -10.19 -31.21
CA VAL A 486 17.50 -9.74 -32.45
C VAL A 486 18.08 -8.38 -32.77
N GLY A 487 18.75 -8.19 -33.85
CA GLY A 487 19.58 -7.10 -34.03
C GLY A 487 20.62 -7.02 -33.01
N ASP A 488 20.72 -5.97 -32.25
CA ASP A 488 21.38 -5.79 -31.03
C ASP A 488 20.48 -5.70 -29.82
N GLY A 489 19.20 -5.78 -29.99
CA GLY A 489 18.22 -5.84 -29.04
C GLY A 489 17.89 -7.17 -28.51
N ILE A 490 16.76 -7.37 -27.89
CA ILE A 490 16.24 -8.53 -27.27
C ILE A 490 14.85 -8.83 -27.74
N LEU A 491 14.53 -9.99 -28.22
CA LEU A 491 13.27 -10.49 -28.64
C LEU A 491 12.57 -11.24 -27.55
N LEU A 492 11.66 -10.68 -26.83
CA LEU A 492 10.82 -11.28 -25.86
C LEU A 492 9.76 -12.12 -26.53
N ALA A 493 9.71 -13.40 -26.37
CA ALA A 493 8.86 -14.35 -26.94
C ALA A 493 8.09 -15.16 -25.93
N TRP A 494 6.81 -15.19 -25.94
CA TRP A 494 5.88 -15.96 -25.21
C TRP A 494 5.15 -16.94 -26.11
N ASP A 495 5.67 -18.13 -26.27
CA ASP A 495 5.05 -19.12 -27.13
C ASP A 495 4.05 -19.93 -26.32
N SER A 496 2.92 -19.30 -26.06
CA SER A 496 1.80 -19.78 -25.38
C SER A 496 1.01 -20.75 -26.21
N VAL A 497 0.21 -21.59 -25.64
CA VAL A 497 -0.67 -22.53 -26.21
C VAL A 497 -2.02 -21.91 -26.49
N VAL A 498 -2.52 -21.94 -27.67
CA VAL A 498 -3.77 -21.44 -28.08
C VAL A 498 -4.89 -22.11 -27.32
N GLY A 499 -5.84 -21.33 -26.80
CA GLY A 499 -6.99 -21.88 -26.11
C GLY A 499 -6.74 -22.40 -24.72
N LEU A 500 -5.54 -22.70 -24.32
CA LEU A 500 -5.15 -23.11 -23.03
C LEU A 500 -5.53 -22.09 -21.98
N PHE A 501 -5.05 -20.91 -22.13
CA PHE A 501 -5.32 -19.75 -21.38
C PHE A 501 -6.60 -19.09 -21.80
N PRO A 502 -7.19 -18.23 -20.98
CA PRO A 502 -8.30 -17.40 -21.46
C PRO A 502 -7.86 -16.60 -22.68
N GLU A 503 -8.81 -16.41 -23.61
CA GLU A 503 -8.48 -15.90 -24.93
C GLU A 503 -7.80 -14.55 -24.88
N GLY A 504 -7.97 -13.80 -23.78
CA GLY A 504 -7.31 -12.53 -23.64
C GLY A 504 -6.22 -12.50 -22.59
N LEU A 505 -5.98 -13.63 -21.89
CA LEU A 505 -5.00 -13.61 -20.81
C LEU A 505 -3.58 -13.48 -21.33
N PRO A 506 -3.07 -14.40 -22.16
CA PRO A 506 -1.67 -14.34 -22.52
C PRO A 506 -1.18 -13.02 -23.02
N GLU A 507 -1.94 -12.33 -23.81
CA GLU A 507 -1.69 -11.05 -24.32
C GLU A 507 -1.47 -10.05 -23.21
N THR A 508 -2.42 -10.02 -22.28
CA THR A 508 -2.34 -9.10 -21.15
C THR A 508 -1.12 -9.41 -20.28
N MET A 509 -0.88 -10.69 -20.02
CA MET A 509 0.24 -11.10 -19.19
C MET A 509 1.57 -10.72 -19.82
N PHE A 510 1.75 -10.89 -21.09
CA PHE A 510 2.86 -10.51 -21.85
C PHE A 510 3.06 -9.02 -21.88
N GLU A 511 1.94 -8.30 -21.99
CA GLU A 511 2.00 -6.85 -21.92
C GLU A 511 2.51 -6.39 -20.56
N ALA A 512 2.05 -7.02 -19.49
CA ALA A 512 2.56 -6.70 -18.17
C ALA A 512 4.04 -7.05 -18.04
N TYR A 513 4.51 -8.13 -18.56
CA TYR A 513 5.86 -8.54 -18.62
C TYR A 513 6.72 -7.52 -19.32
N VAL A 514 6.24 -7.09 -20.47
CA VAL A 514 6.94 -6.07 -21.26
C VAL A 514 7.00 -4.76 -20.50
N GLY A 515 5.88 -4.38 -19.87
CA GLY A 515 5.87 -3.15 -19.09
C GLY A 515 6.86 -3.21 -17.95
N LEU A 516 6.93 -4.35 -17.27
CA LEU A 516 7.90 -4.52 -16.18
C LEU A 516 9.32 -4.38 -16.69
N LEU A 517 9.67 -5.01 -17.77
CA LEU A 517 10.95 -4.98 -18.37
C LEU A 517 11.35 -3.59 -18.79
N GLN A 518 10.49 -2.89 -19.45
CA GLN A 518 10.62 -1.53 -19.84
C GLN A 518 10.85 -0.61 -18.68
N ARG A 519 10.11 -0.76 -17.64
CA ARG A 519 10.22 -0.12 -16.39
C ARG A 519 11.59 -0.28 -15.79
N LEU A 520 12.12 -1.45 -15.81
CA LEU A 520 13.44 -1.81 -15.49
C LEU A 520 14.45 -1.06 -16.31
N CYS A 521 14.24 -0.96 -17.58
CA CYS A 521 14.99 -0.20 -18.50
C CYS A 521 15.15 1.22 -18.04
N ASP A 522 14.07 1.87 -17.76
CA ASP A 522 13.87 3.25 -17.51
C ASP A 522 13.78 3.66 -16.06
N SER A 523 13.92 2.79 -15.13
CA SER A 523 13.80 2.96 -13.73
C SER A 523 14.78 2.14 -12.94
N ALA A 524 15.24 2.59 -11.81
CA ALA A 524 16.04 1.91 -10.88
C ALA A 524 15.33 0.70 -10.34
N TRP A 525 16.00 -0.35 -10.00
CA TRP A 525 15.52 -1.59 -9.52
C TRP A 525 15.15 -1.59 -8.07
N GLY A 526 15.37 -0.47 -7.37
CA GLY A 526 14.86 -0.32 -6.03
C GLY A 526 13.34 -0.27 -5.97
N GLN A 527 12.66 -0.12 -7.06
CA GLN A 527 11.27 -0.12 -7.22
C GLN A 527 10.68 -1.47 -6.86
N PRO A 528 9.43 -1.53 -6.39
CA PRO A 528 8.85 -2.80 -6.01
C PRO A 528 8.85 -3.83 -7.09
N ALA A 529 9.11 -5.09 -6.73
CA ALA A 529 8.95 -6.17 -7.70
C ALA A 529 7.48 -6.45 -7.99
N ASP A 530 6.60 -6.13 -7.05
CA ASP A 530 5.16 -6.34 -7.25
C ASP A 530 4.70 -5.55 -8.48
N LEU A 531 4.27 -6.26 -9.52
CA LEU A 531 3.83 -5.59 -10.73
C LEU A 531 2.52 -4.86 -10.48
N PRO A 532 2.31 -3.72 -11.14
CA PRO A 532 0.98 -3.15 -11.22
C PRO A 532 0.04 -4.00 -12.03
N LEU A 533 -1.24 -3.97 -11.69
CA LEU A 533 -2.21 -4.64 -12.52
C LEU A 533 -2.24 -3.98 -13.90
N PRO A 534 -2.51 -4.74 -14.96
CA PRO A 534 -2.75 -4.12 -16.25
C PRO A 534 -3.82 -3.05 -16.10
N TRP A 535 -3.52 -1.83 -16.39
CA TRP A 535 -4.26 -0.68 -16.04
C TRP A 535 -5.71 -0.80 -16.44
N ALA A 536 -5.96 -1.52 -17.52
CA ALA A 536 -7.35 -1.77 -17.90
C ALA A 536 -8.08 -2.53 -16.81
N GLN A 537 -7.45 -3.57 -16.25
CA GLN A 537 -8.07 -4.35 -15.19
C GLN A 537 -8.28 -3.51 -13.95
N GLN A 538 -7.33 -2.75 -13.51
CA GLN A 538 -7.38 -1.89 -12.40
C GLN A 538 -8.48 -0.87 -12.55
N ALA A 539 -8.61 -0.27 -13.68
CA ALA A 539 -9.59 0.67 -14.06
C ALA A 539 -10.97 0.10 -13.96
N ARG A 540 -11.19 -1.04 -14.51
CA ARG A 540 -12.39 -1.79 -14.48
C ARG A 540 -12.83 -2.03 -13.06
N ARG A 541 -11.97 -2.53 -12.25
CA ARG A 541 -12.18 -2.87 -10.90
C ARG A 541 -12.42 -1.66 -10.04
N ALA A 542 -11.83 -0.55 -10.34
CA ALA A 542 -12.04 0.72 -9.76
C ALA A 542 -13.42 1.24 -10.03
N LEU A 543 -13.91 1.09 -11.21
CA LEU A 543 -15.24 1.35 -11.62
C LEU A 543 -16.23 0.54 -10.81
N LEU A 544 -16.00 -0.72 -10.70
CA LEU A 544 -16.76 -1.66 -9.96
C LEU A 544 -16.87 -1.27 -8.52
N ASN A 545 -15.77 -0.98 -7.90
CA ASN A 545 -15.58 -0.65 -6.54
C ASN A 545 -16.11 0.71 -6.16
N GLY A 546 -16.05 1.67 -7.02
CA GLY A 546 -16.38 2.98 -6.85
C GLY A 546 -17.75 3.45 -7.07
N GLN A 547 -18.67 2.59 -7.30
CA GLN A 547 -20.04 2.83 -7.47
C GLN A 547 -20.56 3.63 -6.31
N PRO A 548 -21.16 4.80 -6.47
CA PRO A 548 -21.54 5.61 -5.34
C PRO A 548 -22.50 4.93 -4.41
N ALA A 549 -22.43 5.15 -3.15
CA ALA A 549 -23.26 4.65 -2.14
C ALA A 549 -24.68 5.16 -2.31
N CYS A 550 -25.66 4.34 -2.46
CA CYS A 550 -27.03 4.63 -2.39
C CYS A 550 -27.47 5.04 -0.99
N ALA A 551 -26.68 4.79 -0.01
CA ALA A 551 -26.88 4.99 1.37
C ALA A 551 -27.30 6.40 1.70
N THR A 552 -28.50 6.66 2.10
CA THR A 552 -28.97 7.79 2.82
C THR A 552 -28.63 7.60 4.27
N ALA A 553 -27.40 7.68 4.66
CA ALA A 553 -26.85 7.35 5.92
C ALA A 553 -27.81 7.65 7.03
N ARG A 554 -28.33 6.70 7.74
CA ARG A 554 -29.34 6.77 8.71
C ARG A 554 -29.33 5.59 9.64
N THR A 555 -29.94 5.67 10.78
CA THR A 555 -30.21 4.62 11.67
C THR A 555 -31.05 3.57 11.00
N LEU A 556 -30.78 2.29 11.23
CA LEU A 556 -31.39 1.21 10.46
C LEU A 556 -32.91 1.12 10.65
N HIS A 557 -33.41 1.60 11.80
CA HIS A 557 -34.77 1.60 12.17
C HIS A 557 -35.57 2.75 11.63
N ARG A 558 -34.96 3.78 11.15
CA ARG A 558 -35.53 5.03 10.79
C ARG A 558 -36.68 4.87 9.84
N ASP A 559 -36.46 4.23 8.74
CA ASP A 559 -37.36 4.07 7.66
C ASP A 559 -38.65 3.42 8.08
N PHE A 560 -38.58 2.36 8.88
CA PHE A 560 -39.79 1.65 9.27
C PHE A 560 -40.69 2.55 10.08
N PHE A 561 -40.14 3.29 11.03
CA PHE A 561 -40.83 4.20 11.84
C PHE A 561 -41.44 5.33 11.05
N LEU A 562 -40.77 5.82 10.07
CA LEU A 562 -41.22 6.75 9.11
C LEU A 562 -42.46 6.26 8.41
N ARG A 563 -42.43 5.06 7.91
CA ARG A 563 -43.50 4.37 7.30
C ARG A 563 -44.68 4.24 8.22
N ALA A 564 -44.47 3.82 9.42
CA ALA A 564 -45.42 3.64 10.45
C ALA A 564 -46.17 4.91 10.74
N ALA A 565 -45.49 6.00 10.91
CA ALA A 565 -46.00 7.30 11.07
C ALA A 565 -46.84 7.72 9.88
N GLU A 566 -46.36 7.52 8.70
CA GLU A 566 -46.99 7.80 7.46
C GLU A 566 -48.29 7.06 7.30
N ALA A 567 -48.29 5.79 7.54
CA ALA A 567 -49.33 4.84 7.36
C ALA A 567 -49.39 3.80 8.45
N PRO A 568 -49.79 4.15 9.67
CA PRO A 568 -49.89 3.17 10.73
C PRO A 568 -50.75 1.98 10.43
N ASP A 569 -51.82 2.14 9.71
CA ASP A 569 -52.77 1.18 9.32
C ASP A 569 -52.26 0.17 8.32
N ALA A 570 -51.23 0.46 7.59
CA ALA A 570 -50.62 -0.33 6.61
C ALA A 570 -50.15 -1.65 7.17
N ASP A 571 -50.38 -2.75 6.56
CA ASP A 571 -49.97 -4.06 6.91
C ASP A 571 -48.46 -4.14 6.94
N ALA A 572 -47.83 -4.45 8.02
CA ALA A 572 -46.44 -4.60 8.22
C ALA A 572 -45.96 -6.03 8.22
N LEU A 573 -46.62 -6.87 9.01
CA LEU A 573 -46.31 -8.26 9.15
C LEU A 573 -47.56 -9.08 8.91
N LEU A 574 -47.37 -10.26 8.40
CA LEU A 574 -48.29 -11.30 8.18
C LEU A 574 -47.81 -12.59 8.80
N TYR A 575 -48.57 -13.26 9.61
CA TYR A 575 -48.27 -14.39 10.41
C TYR A 575 -49.09 -15.60 10.05
N ARG A 576 -49.22 -16.59 10.86
CA ARG A 576 -50.04 -17.73 10.67
C ARG A 576 -51.38 -17.35 10.10
N ASP A 577 -52.14 -16.57 10.79
CA ASP A 577 -53.43 -16.07 10.51
C ASP A 577 -53.55 -14.57 10.68
N GLN A 578 -52.97 -14.05 11.71
CA GLN A 578 -52.93 -12.70 12.11
C GLN A 578 -52.04 -11.88 11.22
N ARG A 579 -52.27 -10.62 11.06
CA ARG A 579 -51.53 -9.61 10.43
C ARG A 579 -51.32 -8.40 11.30
N VAL A 580 -50.20 -7.77 11.31
CA VAL A 580 -49.75 -6.69 12.09
C VAL A 580 -49.51 -5.46 11.25
N THR A 581 -50.09 -4.34 11.51
CA THR A 581 -49.95 -3.10 10.87
C THR A 581 -48.64 -2.45 11.19
N ARG A 582 -48.19 -1.50 10.44
CA ARG A 582 -47.09 -0.67 10.70
C ARG A 582 -47.22 0.02 12.02
N GLY A 583 -48.35 0.58 12.31
CA GLY A 583 -48.63 1.18 13.52
C GLY A 583 -48.57 0.32 14.71
N GLU A 584 -49.16 -0.83 14.67
CA GLU A 584 -49.14 -1.83 15.66
C GLU A 584 -47.73 -2.29 15.97
N LEU A 585 -46.99 -2.63 14.97
CA LEU A 585 -45.64 -3.05 15.03
C LEU A 585 -44.76 -2.02 15.67
N ALA A 586 -44.87 -0.80 15.27
CA ALA A 586 -44.18 0.33 15.76
C ALA A 586 -44.45 0.55 17.22
N GLU A 587 -45.67 0.51 17.63
CA GLU A 587 -46.13 0.63 18.96
C GLU A 587 -45.53 -0.43 19.85
N ARG A 588 -45.55 -1.65 19.43
CA ARG A 588 -45.01 -2.78 20.07
C ARG A 588 -43.52 -2.66 20.26
N ALA A 589 -42.81 -2.29 19.26
CA ALA A 589 -41.42 -2.05 19.23
C ALA A 589 -41.01 -0.99 20.20
N LEU A 590 -41.72 0.10 20.26
CA LEU A 590 -41.53 1.20 21.13
C LEU A 590 -41.78 0.84 22.57
N ARG A 591 -42.83 0.04 22.80
CA ARG A 591 -43.06 -0.49 24.13
C ARG A 591 -41.87 -1.34 24.58
N ILE A 592 -41.34 -2.17 23.76
CA ILE A 592 -40.21 -2.98 23.97
C ILE A 592 -39.00 -2.16 24.31
N ALA A 593 -38.76 -1.12 23.56
CA ALA A 593 -37.71 -0.18 23.72
C ALA A 593 -37.77 0.50 25.05
N GLY A 594 -38.98 0.96 25.40
CA GLY A 594 -39.17 1.58 26.69
C GLY A 594 -38.90 0.62 27.84
N GLY A 595 -39.33 -0.63 27.69
CA GLY A 595 -39.00 -1.63 28.69
C GLY A 595 -37.51 -1.88 28.80
N LEU A 596 -36.79 -1.93 27.73
CA LEU A 596 -35.38 -2.09 27.65
C LEU A 596 -34.65 -0.99 28.38
N ARG A 597 -35.02 0.24 28.05
CA ARG A 597 -34.42 1.39 28.73
C ARG A 597 -34.76 1.38 30.21
N GLU A 598 -35.98 0.95 30.54
CA GLU A 598 -36.32 0.70 31.94
C GLU A 598 -35.45 -0.40 32.53
N ALA A 599 -35.11 -1.39 31.71
CA ALA A 599 -34.27 -2.51 32.14
C ALA A 599 -32.78 -2.16 32.14
N GLY A 600 -32.42 -0.89 31.92
CA GLY A 600 -31.04 -0.47 31.95
C GLY A 600 -30.35 -0.45 30.62
N VAL A 601 -30.93 -0.89 29.55
CA VAL A 601 -30.45 -0.85 28.22
C VAL A 601 -30.25 0.58 27.78
N ARG A 602 -29.24 0.84 26.95
CA ARG A 602 -28.92 2.19 26.53
C ARG A 602 -28.19 2.11 25.20
N PRO A 603 -28.09 3.25 24.48
CA PRO A 603 -27.60 3.20 23.10
C PRO A 603 -26.35 2.37 22.88
N GLY A 604 -26.36 1.49 21.93
CA GLY A 604 -25.32 0.69 21.52
C GLY A 604 -24.98 -0.51 22.29
N ASP A 605 -25.63 -0.72 23.38
CA ASP A 605 -25.53 -1.84 24.24
C ASP A 605 -26.14 -3.06 23.64
N ALA A 606 -25.44 -4.15 23.51
CA ALA A 606 -25.82 -5.37 22.92
C ALA A 606 -26.99 -5.99 23.62
N VAL A 607 -28.02 -6.40 22.97
CA VAL A 607 -29.22 -7.04 23.41
C VAL A 607 -29.46 -8.31 22.67
N GLU A 608 -29.59 -9.43 23.27
CA GLU A 608 -29.93 -10.69 22.73
C GLU A 608 -31.40 -10.80 22.43
N VAL A 609 -31.73 -11.34 21.26
CA VAL A 609 -33.11 -11.56 20.85
C VAL A 609 -33.27 -13.01 20.46
N SER A 610 -33.96 -13.75 21.32
CA SER A 610 -34.06 -15.20 21.34
C SER A 610 -35.50 -15.62 21.38
N LEU A 611 -36.23 -15.28 20.32
CA LEU A 611 -37.68 -15.46 20.26
C LEU A 611 -38.06 -16.35 19.09
N PRO A 612 -39.14 -17.13 19.20
CA PRO A 612 -39.68 -17.81 18.05
C PRO A 612 -40.04 -16.86 16.93
N ARG A 613 -39.85 -17.25 15.67
CA ARG A 613 -40.15 -16.42 14.51
C ARG A 613 -41.62 -16.01 14.52
N GLY A 614 -41.86 -14.71 14.46
CA GLY A 614 -43.07 -14.07 14.49
C GLY A 614 -43.14 -12.62 14.72
N PRO A 615 -44.33 -12.04 14.84
CA PRO A 615 -44.43 -10.61 15.09
C PRO A 615 -43.67 -10.11 16.28
N GLN A 616 -43.66 -10.82 17.36
CA GLN A 616 -43.00 -10.52 18.56
C GLN A 616 -41.51 -10.39 18.37
N GLN A 617 -40.92 -11.24 17.54
CA GLN A 617 -39.49 -11.22 17.24
C GLN A 617 -39.10 -9.97 16.47
N VAL A 618 -39.90 -9.60 15.48
CA VAL A 618 -39.69 -8.36 14.73
C VAL A 618 -39.81 -7.15 15.64
N ALA A 619 -40.83 -7.08 16.48
CA ALA A 619 -41.06 -6.08 17.44
C ALA A 619 -39.89 -5.93 18.37
N ALA A 620 -39.35 -7.00 18.84
CA ALA A 620 -38.23 -7.09 19.70
C ALA A 620 -37.01 -6.47 19.10
N VAL A 621 -36.66 -6.83 17.85
CA VAL A 621 -35.48 -6.23 17.20
C VAL A 621 -35.70 -4.76 16.89
N PHE A 622 -36.86 -4.36 16.41
CA PHE A 622 -37.11 -2.94 16.19
C PHE A 622 -37.06 -2.14 17.48
N GLY A 623 -37.46 -2.69 18.62
CA GLY A 623 -37.35 -2.07 19.84
C GLY A 623 -35.98 -1.96 20.39
N VAL A 624 -35.19 -2.96 20.20
CA VAL A 624 -33.81 -3.01 20.46
C VAL A 624 -33.09 -1.90 19.76
N LEU A 625 -33.31 -1.75 18.49
CA LEU A 625 -32.84 -0.71 17.67
C LEU A 625 -33.35 0.64 18.11
N ALA A 626 -34.59 0.74 18.41
CA ALA A 626 -35.29 1.88 18.85
C ALA A 626 -34.82 2.39 20.18
N ALA A 627 -34.48 1.54 21.10
CA ALA A 627 -33.85 1.78 22.32
C ALA A 627 -32.43 2.27 22.18
N GLY A 628 -31.90 2.35 21.01
CA GLY A 628 -30.58 2.60 20.71
C GLY A 628 -29.61 1.49 20.78
N ALA A 629 -30.03 0.32 21.11
CA ALA A 629 -29.30 -0.85 21.34
C ALA A 629 -28.96 -1.57 20.07
N CYS A 630 -28.18 -2.59 20.11
CA CYS A 630 -27.70 -3.48 19.12
C CYS A 630 -28.22 -4.87 19.35
N TYR A 631 -29.07 -5.38 18.46
CA TYR A 631 -29.67 -6.69 18.66
C TYR A 631 -28.72 -7.80 18.29
N VAL A 632 -28.60 -8.78 19.14
CA VAL A 632 -27.86 -9.98 19.01
C VAL A 632 -28.79 -11.14 18.73
N PRO A 633 -29.27 -11.37 17.52
CA PRO A 633 -30.27 -12.38 17.31
C PRO A 633 -29.69 -13.75 17.56
N LEU A 634 -30.50 -14.64 18.12
CA LEU A 634 -30.21 -16.06 18.20
C LEU A 634 -31.49 -16.85 17.98
N ASP A 635 -31.40 -17.99 17.30
CA ASP A 635 -32.54 -18.89 17.25
C ASP A 635 -32.87 -19.38 18.66
N ILE A 636 -34.13 -19.57 18.99
CA ILE A 636 -34.59 -20.23 20.15
C ILE A 636 -34.03 -21.63 20.23
N ASP A 637 -33.78 -22.26 19.13
CA ASP A 637 -33.17 -23.51 18.95
C ASP A 637 -31.73 -23.55 19.38
N GLN A 638 -31.07 -22.40 19.49
CA GLN A 638 -29.65 -22.30 19.84
C GLN A 638 -29.44 -22.93 21.23
N PRO A 639 -28.52 -23.90 21.38
CA PRO A 639 -28.34 -24.67 22.59
C PRO A 639 -27.89 -23.85 23.76
N PRO A 640 -28.15 -24.27 25.00
CA PRO A 640 -27.75 -23.48 26.16
C PRO A 640 -26.30 -23.11 26.24
N ALA A 641 -25.41 -23.99 25.96
CA ALA A 641 -24.00 -23.83 26.05
C ALA A 641 -23.49 -22.83 25.06
N ARG A 642 -23.85 -23.00 23.80
CA ARG A 642 -23.47 -22.07 22.74
C ARG A 642 -24.09 -20.71 22.98
N ARG A 643 -25.29 -20.68 23.52
CA ARG A 643 -26.00 -19.53 23.94
C ARG A 643 -25.21 -18.74 24.95
N ARG A 644 -24.71 -19.37 25.96
CA ARG A 644 -23.89 -18.85 26.98
C ARG A 644 -22.60 -18.30 26.42
N LEU A 645 -21.96 -19.02 25.55
CA LEU A 645 -20.80 -18.65 24.85
C LEU A 645 -20.98 -17.34 24.12
N ILE A 646 -22.01 -17.22 23.37
CA ILE A 646 -22.41 -16.09 22.63
C ILE A 646 -22.64 -14.89 23.52
N GLU A 647 -23.39 -15.07 24.57
CA GLU A 647 -23.72 -14.11 25.55
C GLU A 647 -22.49 -13.51 26.17
N GLU A 648 -21.57 -14.31 26.60
CA GLU A 648 -20.32 -13.97 27.17
C GLU A 648 -19.48 -13.19 26.20
N ALA A 649 -19.28 -13.69 25.03
CA ALA A 649 -18.58 -13.10 23.95
C ALA A 649 -19.16 -11.78 23.56
N ALA A 650 -20.45 -11.70 23.40
CA ALA A 650 -21.20 -10.56 23.06
C ALA A 650 -21.12 -9.46 24.07
N GLY A 651 -20.91 -9.75 25.31
CA GLY A 651 -21.11 -8.89 26.36
C GLY A 651 -22.47 -8.34 26.42
N VAL A 652 -23.46 -9.13 26.16
CA VAL A 652 -24.81 -8.81 25.96
C VAL A 652 -25.38 -8.18 27.21
N CYS A 653 -25.95 -7.02 27.15
CA CYS A 653 -26.58 -6.33 28.20
C CYS A 653 -27.84 -7.02 28.68
N LEU A 654 -28.60 -7.58 27.81
CA LEU A 654 -29.90 -8.11 27.97
C LEU A 654 -30.22 -9.18 26.96
N ALA A 655 -31.13 -10.05 27.24
CA ALA A 655 -31.62 -11.13 26.45
C ALA A 655 -33.12 -11.14 26.35
N ILE A 656 -33.72 -10.74 25.29
CA ILE A 656 -35.10 -10.79 24.97
C ILE A 656 -35.51 -12.20 24.69
N THR A 657 -36.45 -12.77 25.37
CA THR A 657 -36.90 -14.10 25.34
C THR A 657 -38.37 -14.22 25.67
N GLU A 658 -38.95 -15.37 25.59
CA GLU A 658 -40.18 -15.78 26.14
C GLU A 658 -40.11 -16.15 27.59
N GLU A 659 -39.01 -15.97 28.24
CA GLU A 659 -38.64 -16.35 29.55
C GLU A 659 -38.20 -15.18 30.39
N ASP A 660 -38.80 -15.00 31.57
CA ASP A 660 -38.32 -14.00 32.53
C ASP A 660 -37.35 -14.67 33.49
N ASP A 661 -36.07 -14.29 33.41
CA ASP A 661 -35.03 -14.87 34.25
C ASP A 661 -33.92 -13.85 34.43
N PRO A 662 -34.12 -12.87 35.32
CA PRO A 662 -33.04 -11.92 35.61
C PRO A 662 -31.79 -12.57 36.17
N GLN A 663 -31.90 -13.77 36.72
CA GLN A 663 -30.76 -14.46 37.32
C GLN A 663 -29.89 -15.15 36.27
N ALA A 664 -30.30 -15.17 35.01
CA ALA A 664 -29.51 -15.81 33.97
C ALA A 664 -28.18 -15.08 33.80
N LEU A 665 -27.31 -15.56 32.97
CA LEU A 665 -26.04 -15.05 32.68
C LEU A 665 -26.15 -13.60 32.30
N PRO A 666 -26.91 -13.30 31.23
CA PRO A 666 -27.46 -12.00 31.02
C PRO A 666 -28.83 -11.85 31.61
N PRO A 667 -29.26 -10.67 32.03
CA PRO A 667 -30.67 -10.51 32.42
C PRO A 667 -31.59 -10.90 31.28
N ARG A 668 -32.36 -11.92 31.43
CA ARG A 668 -33.29 -12.51 30.55
C ARG A 668 -34.69 -12.02 30.80
N LEU A 669 -35.34 -11.38 29.89
CA LEU A 669 -36.61 -10.75 29.94
C LEU A 669 -37.63 -11.39 29.05
N ASP A 670 -38.86 -11.50 29.44
CA ASP A 670 -39.98 -11.89 28.69
C ASP A 670 -40.37 -10.81 27.72
N VAL A 671 -40.44 -11.05 26.45
CA VAL A 671 -40.85 -10.14 25.44
C VAL A 671 -42.21 -9.58 25.72
N GLN A 672 -43.12 -10.39 26.13
CA GLN A 672 -44.45 -10.09 26.52
C GLN A 672 -44.51 -9.03 27.59
N ARG A 673 -43.74 -9.16 28.62
CA ARG A 673 -43.56 -8.22 29.65
C ARG A 673 -43.08 -6.89 29.13
N LEU A 674 -42.12 -6.90 28.27
CA LEU A 674 -41.60 -5.79 27.56
C LEU A 674 -42.67 -5.08 26.77
N LEU A 675 -43.52 -5.80 26.12
CA LEU A 675 -44.67 -5.36 25.43
C LEU A 675 -45.63 -4.60 26.31
N ARG A 676 -45.60 -4.91 27.61
CA ARG A 676 -46.39 -4.16 28.59
C ARG A 676 -45.72 -2.86 29.01
N GLY A 677 -44.45 -2.65 28.63
CA GLY A 677 -43.72 -1.48 29.03
C GLY A 677 -44.23 -0.22 28.38
N PRO A 678 -43.88 0.94 28.95
CA PRO A 678 -44.34 2.21 28.38
C PRO A 678 -43.68 2.49 27.04
N ALA A 679 -44.49 2.85 26.05
CA ALA A 679 -43.98 3.12 24.72
C ALA A 679 -43.19 4.41 24.71
N LEU A 680 -42.07 4.46 24.08
CA LEU A 680 -41.27 5.58 23.79
C LEU A 680 -41.97 6.54 22.87
N ALA A 681 -41.72 7.84 23.02
CA ALA A 681 -42.28 8.80 22.08
C ALA A 681 -41.75 8.56 20.67
N ALA A 682 -40.47 8.22 20.55
CA ALA A 682 -39.85 7.95 19.26
C ALA A 682 -38.60 7.14 19.51
N PRO A 683 -38.05 6.50 18.47
CA PRO A 683 -36.80 5.78 18.62
C PRO A 683 -35.68 6.62 19.16
N VAL A 684 -34.83 6.12 19.98
CA VAL A 684 -33.69 6.78 20.52
C VAL A 684 -32.84 7.30 19.39
N PRO A 685 -32.44 8.57 19.35
CA PRO A 685 -31.65 9.05 18.21
C PRO A 685 -30.27 8.42 18.16
N LEU A 686 -30.02 7.56 17.22
CA LEU A 686 -28.83 6.87 16.93
C LEU A 686 -28.08 7.47 15.78
N ALA A 687 -26.82 7.72 15.88
CA ALA A 687 -25.94 7.99 14.83
C ALA A 687 -25.86 6.80 13.89
N PRO A 688 -25.85 6.98 12.57
CA PRO A 688 -25.82 5.84 11.68
C PRO A 688 -24.67 4.89 11.89
N GLN A 689 -23.56 5.33 12.37
CA GLN A 689 -22.37 4.63 12.61
C GLN A 689 -22.46 3.64 13.74
N ALA A 690 -23.44 3.72 14.58
CA ALA A 690 -23.67 2.93 15.72
C ALA A 690 -23.92 1.48 15.36
N SER A 691 -23.63 0.57 16.21
CA SER A 691 -23.85 -0.83 16.09
C SER A 691 -25.31 -1.12 15.91
N ALA A 692 -25.71 -1.92 14.97
CA ALA A 692 -27.02 -2.35 14.65
C ALA A 692 -27.35 -3.73 15.18
N TYR A 693 -26.60 -4.71 14.70
CA TYR A 693 -26.73 -6.09 15.13
C TYR A 693 -25.39 -6.77 15.21
N VAL A 694 -25.31 -7.76 16.07
CA VAL A 694 -24.26 -8.69 16.27
C VAL A 694 -24.75 -10.06 15.88
N ILE A 695 -24.65 -10.37 14.60
CA ILE A 695 -25.04 -11.67 14.09
C ILE A 695 -23.89 -12.62 14.32
N TYR A 696 -24.15 -13.64 15.12
CA TYR A 696 -23.15 -14.62 15.49
C TYR A 696 -22.94 -15.65 14.41
N THR A 697 -21.87 -15.44 13.66
CA THR A 697 -21.28 -16.48 12.84
C THR A 697 -20.76 -17.62 13.72
N SER A 698 -20.75 -18.82 13.17
CA SER A 698 -19.88 -19.86 13.67
C SER A 698 -18.41 -19.41 13.74
N GLY A 699 -17.60 -19.98 14.63
CA GLY A 699 -16.24 -19.51 14.91
C GLY A 699 -15.21 -20.62 14.84
N SER A 700 -14.16 -20.46 14.03
CA SER A 700 -13.19 -21.52 13.74
C SER A 700 -12.41 -22.02 14.97
N THR A 701 -12.28 -21.23 16.03
CA THR A 701 -11.66 -21.66 17.29
C THR A 701 -12.60 -22.42 18.23
N GLY A 702 -13.89 -22.51 17.90
CA GLY A 702 -14.93 -23.10 18.75
C GLY A 702 -15.82 -22.06 19.42
N VAL A 703 -15.27 -20.92 19.83
CA VAL A 703 -16.08 -19.82 20.38
C VAL A 703 -16.79 -19.13 19.22
N PRO A 704 -18.14 -19.05 19.20
CA PRO A 704 -18.87 -18.33 18.17
C PRO A 704 -18.45 -16.87 18.12
N LYS A 705 -18.41 -16.28 16.94
CA LYS A 705 -17.92 -15.00 16.62
C LYS A 705 -19.02 -14.03 16.24
N GLY A 706 -19.16 -12.92 16.87
CA GLY A 706 -20.10 -11.94 16.64
C GLY A 706 -19.79 -10.86 15.71
N VAL A 707 -20.50 -10.77 14.59
CA VAL A 707 -20.27 -9.76 13.57
C VAL A 707 -21.08 -8.53 13.89
N GLU A 708 -20.44 -7.50 14.43
CA GLU A 708 -20.97 -6.26 14.84
C GLU A 708 -21.16 -5.36 13.66
N VAL A 709 -22.35 -5.28 13.10
CA VAL A 709 -22.65 -4.49 11.92
C VAL A 709 -23.32 -3.20 12.34
N SER A 710 -22.82 -2.06 11.90
CA SER A 710 -23.30 -0.76 12.09
C SER A 710 -24.61 -0.54 11.38
N HIS A 711 -25.42 0.37 11.80
CA HIS A 711 -26.56 0.86 11.12
C HIS A 711 -26.21 1.35 9.75
N ALA A 712 -25.14 2.06 9.63
CA ALA A 712 -24.63 2.62 8.45
C ALA A 712 -24.40 1.59 7.38
N ALA A 713 -23.74 0.51 7.78
CA ALA A 713 -23.37 -0.59 6.92
C ALA A 713 -24.57 -1.35 6.42
N ALA A 714 -25.42 -1.80 7.34
CA ALA A 714 -26.62 -2.52 6.98
C ALA A 714 -27.49 -1.70 6.05
N ILE A 715 -27.72 -0.42 6.37
CA ILE A 715 -28.53 0.48 5.67
C ILE A 715 -27.99 0.80 4.31
N ASN A 716 -26.70 0.87 4.15
CA ASN A 716 -26.02 1.02 2.93
C ASN A 716 -26.34 -0.10 1.97
N THR A 717 -26.13 -1.33 2.43
CA THR A 717 -26.50 -2.52 1.66
C THR A 717 -27.97 -2.53 1.32
N ILE A 718 -28.81 -2.30 2.31
CA ILE A 718 -30.25 -2.28 2.12
C ILE A 718 -30.63 -1.28 1.05
N ASP A 719 -30.20 -0.04 1.09
CA ASP A 719 -30.43 0.98 0.16
C ASP A 719 -30.00 0.57 -1.22
N ALA A 720 -28.81 0.07 -1.35
CA ALA A 720 -28.22 -0.41 -2.53
C ALA A 720 -29.10 -1.42 -3.23
N LEU A 721 -29.80 -2.23 -2.44
CA LEU A 721 -30.72 -3.22 -2.93
C LEU A 721 -32.18 -2.76 -3.03
N LEU A 722 -32.68 -1.85 -2.21
CA LEU A 722 -34.00 -1.27 -2.33
C LEU A 722 -34.12 -0.47 -3.62
N ASP A 723 -33.13 0.34 -3.97
CA ASP A 723 -33.03 1.14 -5.13
C ASP A 723 -32.95 0.32 -6.38
N LEU A 724 -32.57 -0.95 -6.26
CA LEU A 724 -32.45 -1.90 -7.34
C LEU A 724 -33.72 -2.74 -7.50
N LEU A 725 -34.23 -3.30 -6.41
CA LEU A 725 -35.50 -4.02 -6.37
C LEU A 725 -36.73 -3.10 -6.55
N ARG A 726 -36.57 -1.78 -6.42
CA ARG A 726 -37.68 -0.81 -6.42
C ARG A 726 -38.75 -1.16 -5.40
N VAL A 727 -38.33 -1.62 -4.21
CA VAL A 727 -39.25 -2.10 -3.17
C VAL A 727 -40.19 -0.97 -2.77
N ASN A 728 -41.47 -1.27 -2.67
CA ASN A 728 -42.52 -0.31 -2.37
C ASN A 728 -43.56 -0.95 -1.44
N ALA A 729 -44.60 -0.21 -1.07
CA ALA A 729 -45.61 -0.59 -0.16
C ALA A 729 -46.30 -1.86 -0.56
N SER A 730 -46.68 -2.00 -1.80
CA SER A 730 -47.36 -3.08 -2.38
C SER A 730 -46.63 -4.39 -2.24
N ASP A 731 -45.31 -4.33 -2.18
CA ASP A 731 -44.50 -5.51 -2.01
C ASP A 731 -44.71 -6.17 -0.67
N ARG A 732 -44.48 -7.47 -0.64
CA ARG A 732 -44.51 -8.32 0.48
C ARG A 732 -43.38 -9.32 0.47
N LEU A 733 -42.48 -9.31 1.43
CA LEU A 733 -41.34 -10.24 1.49
C LEU A 733 -41.78 -11.53 2.16
N LEU A 734 -41.06 -12.63 1.98
CA LEU A 734 -41.17 -13.78 2.88
C LEU A 734 -39.89 -13.95 3.69
N ALA A 735 -40.00 -13.85 5.01
CA ALA A 735 -38.87 -13.99 5.94
C ALA A 735 -38.48 -15.45 6.20
N VAL A 736 -38.19 -16.21 5.14
CA VAL A 736 -37.60 -17.55 5.27
C VAL A 736 -36.23 -17.52 5.94
N SER A 737 -35.54 -16.39 5.89
CA SER A 737 -34.28 -16.19 6.59
C SER A 737 -34.50 -16.08 8.10
N ALA A 738 -33.85 -16.95 8.88
CA ALA A 738 -33.85 -16.85 10.33
C ALA A 738 -33.26 -15.52 10.80
N LEU A 739 -33.62 -15.06 11.99
CA LEU A 739 -33.17 -13.77 12.50
C LEU A 739 -31.66 -13.68 12.66
N ASP A 740 -31.01 -14.79 13.02
CA ASP A 740 -29.55 -14.85 13.17
C ASP A 740 -28.81 -15.20 11.88
N PHE A 741 -29.47 -15.08 10.74
CA PHE A 741 -28.89 -15.08 9.41
C PHE A 741 -29.19 -13.71 8.80
N ASP A 742 -28.17 -12.92 8.48
CA ASP A 742 -28.38 -11.48 8.30
C ASP A 742 -29.14 -11.10 7.02
N LEU A 743 -29.47 -12.05 6.14
CA LEU A 743 -30.51 -11.84 5.15
C LEU A 743 -31.80 -11.31 5.76
N SER A 744 -32.13 -11.76 6.98
CA SER A 744 -33.30 -11.28 7.69
C SER A 744 -33.22 -9.79 8.00
N VAL A 745 -32.04 -9.20 8.07
CA VAL A 745 -31.87 -7.76 8.24
C VAL A 745 -32.48 -7.03 7.05
N PHE A 746 -32.36 -7.58 5.85
CA PHE A 746 -33.02 -6.99 4.71
C PHE A 746 -34.53 -7.20 4.78
N ASP A 747 -34.99 -8.36 5.25
CA ASP A 747 -36.42 -8.54 5.48
C ASP A 747 -36.95 -7.45 6.39
N LEU A 748 -36.39 -7.37 7.58
CA LEU A 748 -36.76 -6.42 8.61
C LEU A 748 -36.62 -4.99 8.10
N PHE A 749 -35.40 -4.52 7.91
CA PHE A 749 -35.12 -3.10 7.80
C PHE A 749 -35.11 -2.60 6.37
N GLY A 750 -34.94 -3.50 5.40
CA GLY A 750 -35.22 -3.22 4.00
C GLY A 750 -36.71 -3.22 3.73
N GLY A 751 -37.34 -4.38 3.88
CA GLY A 751 -38.75 -4.57 3.60
C GLY A 751 -39.62 -3.53 4.30
N LEU A 752 -39.58 -3.48 5.64
CA LEU A 752 -40.46 -2.58 6.38
C LEU A 752 -40.11 -1.11 6.20
N GLY A 753 -38.85 -0.76 5.94
CA GLY A 753 -38.45 0.62 5.70
C GLY A 753 -39.05 1.22 4.42
N ALA A 754 -39.12 0.41 3.39
CA ALA A 754 -39.75 0.55 2.13
C ALA A 754 -41.24 0.53 2.21
N GLY A 755 -41.82 0.08 3.29
CA GLY A 755 -43.15 -0.17 3.49
C GLY A 755 -43.71 -1.48 3.12
N ALA A 756 -42.93 -2.35 2.58
CA ALA A 756 -43.23 -3.67 2.22
C ALA A 756 -43.61 -4.50 3.42
N SER A 757 -44.64 -5.27 3.39
CA SER A 757 -45.06 -6.19 4.35
C SER A 757 -44.13 -7.37 4.44
N LEU A 758 -43.97 -8.01 5.59
CA LEU A 758 -43.23 -9.28 5.71
C LEU A 758 -44.23 -10.35 6.02
N VAL A 759 -44.29 -11.36 5.20
CA VAL A 759 -44.84 -12.63 5.60
C VAL A 759 -43.78 -13.31 6.44
N LEU A 760 -44.14 -13.74 7.65
CA LEU A 760 -43.25 -14.42 8.56
C LEU A 760 -43.67 -15.88 8.69
N PRO A 761 -42.78 -16.85 8.45
CA PRO A 761 -43.02 -18.23 8.85
C PRO A 761 -43.08 -18.33 10.37
N ALA A 762 -43.91 -19.22 10.92
CA ALA A 762 -43.90 -19.62 12.27
C ALA A 762 -42.65 -20.40 12.59
N GLN A 763 -42.27 -20.52 13.81
CA GLN A 763 -41.17 -21.27 14.28
C GLN A 763 -41.19 -22.68 13.74
N GLU A 764 -42.31 -23.30 13.72
CA GLU A 764 -42.59 -24.56 13.15
C GLU A 764 -42.46 -24.57 11.65
N GLN A 765 -42.59 -23.46 11.00
CA GLN A 765 -42.47 -23.17 9.63
C GLN A 765 -41.11 -22.72 9.19
N ALA A 766 -40.10 -22.79 10.05
CA ALA A 766 -38.75 -22.29 9.80
C ALA A 766 -38.02 -22.96 8.63
N ARG A 767 -38.42 -24.17 8.23
CA ARG A 767 -37.93 -24.91 7.06
C ARG A 767 -39.03 -25.62 6.27
N ASP A 768 -40.30 -25.35 6.56
CA ASP A 768 -41.45 -25.91 5.94
C ASP A 768 -41.67 -25.27 4.59
N ALA A 769 -41.25 -25.84 3.51
CA ALA A 769 -41.44 -25.39 2.18
C ALA A 769 -42.89 -25.27 1.82
N ALA A 770 -43.69 -26.20 2.21
CA ALA A 770 -45.09 -26.23 2.04
C ALA A 770 -45.76 -25.02 2.64
N ALA A 771 -45.42 -24.69 3.85
CA ALA A 771 -45.83 -23.54 4.55
C ALA A 771 -45.47 -22.27 3.82
N TRP A 772 -44.24 -22.17 3.34
CA TRP A 772 -43.80 -21.00 2.59
C TRP A 772 -44.64 -20.81 1.33
N ALA A 773 -44.89 -21.88 0.59
CA ALA A 773 -45.69 -21.89 -0.58
C ALA A 773 -47.09 -21.42 -0.31
N GLU A 774 -47.71 -21.93 0.69
CA GLU A 774 -49.00 -21.59 1.16
C GLU A 774 -49.09 -20.12 1.48
N ALA A 775 -48.17 -19.61 2.21
CA ALA A 775 -48.04 -18.25 2.61
C ALA A 775 -47.89 -17.34 1.41
N ILE A 776 -47.01 -17.70 0.48
CA ILE A 776 -46.76 -16.94 -0.76
C ILE A 776 -48.04 -16.80 -1.56
N GLN A 777 -48.77 -17.89 -1.75
CA GLN A 777 -50.01 -17.97 -2.42
C GLN A 777 -51.06 -17.12 -1.78
N ARG A 778 -51.19 -17.19 -0.50
CA ARG A 778 -52.13 -16.54 0.33
C ARG A 778 -51.98 -15.03 0.31
N HIS A 779 -50.82 -14.56 0.61
CA HIS A 779 -50.41 -13.21 0.78
C HIS A 779 -49.86 -12.53 -0.45
N ALA A 780 -49.70 -13.21 -1.54
CA ALA A 780 -49.19 -12.70 -2.76
C ALA A 780 -47.80 -12.14 -2.57
N VAL A 781 -46.90 -12.91 -1.94
CA VAL A 781 -45.53 -12.47 -1.68
C VAL A 781 -44.88 -12.09 -2.99
N SER A 782 -44.34 -10.87 -3.05
CA SER A 782 -43.69 -10.33 -4.24
C SER A 782 -42.17 -10.41 -4.15
N LEU A 783 -41.59 -10.56 -2.98
CA LEU A 783 -40.16 -10.62 -2.81
C LEU A 783 -39.75 -11.84 -2.01
N TRP A 784 -38.73 -12.52 -2.46
CA TRP A 784 -38.14 -13.64 -1.73
C TRP A 784 -36.70 -13.32 -1.39
N ASN A 785 -36.21 -13.81 -0.26
CA ASN A 785 -34.89 -13.49 0.21
C ASN A 785 -34.33 -14.63 1.08
N SER A 786 -33.32 -15.34 0.59
CA SER A 786 -32.84 -16.54 1.26
C SER A 786 -31.44 -16.96 0.85
N ALA A 787 -30.91 -17.97 1.54
CA ALA A 787 -29.93 -18.83 0.89
C ALA A 787 -30.62 -19.67 -0.16
N PRO A 788 -29.98 -19.95 -1.31
CA PRO A 788 -30.56 -20.76 -2.36
C PRO A 788 -31.01 -22.13 -1.88
N ALA A 789 -30.37 -22.71 -0.86
CA ALA A 789 -30.81 -23.97 -0.27
C ALA A 789 -32.26 -23.94 0.20
N LEU A 790 -32.78 -22.78 0.58
CA LEU A 790 -34.19 -22.62 0.95
C LEU A 790 -35.07 -22.55 -0.30
N LEU A 791 -34.69 -21.78 -1.32
CA LEU A 791 -35.48 -21.73 -2.55
C LEU A 791 -35.47 -23.07 -3.30
N GLU A 792 -34.36 -23.79 -3.34
CA GLU A 792 -34.31 -25.13 -3.91
C GLU A 792 -35.31 -26.06 -3.20
N MET A 793 -35.42 -25.97 -1.88
CA MET A 793 -36.36 -26.63 -1.08
C MET A 793 -37.77 -26.28 -1.45
N ALA A 794 -38.01 -24.99 -1.65
CA ALA A 794 -39.31 -24.41 -2.02
C ALA A 794 -39.78 -24.85 -3.41
N LEU A 795 -38.88 -24.86 -4.39
CA LEU A 795 -39.01 -25.25 -5.74
C LEU A 795 -39.16 -26.74 -5.93
N SER A 796 -38.72 -27.53 -5.01
CA SER A 796 -38.92 -28.92 -4.94
C SER A 796 -40.38 -29.29 -5.02
N LEU A 797 -41.24 -28.46 -4.56
CA LEU A 797 -42.65 -28.51 -4.62
C LEU A 797 -43.13 -28.30 -6.03
N PRO A 798 -44.00 -29.13 -6.60
CA PRO A 798 -44.54 -28.86 -7.92
C PRO A 798 -45.25 -27.54 -8.02
N ALA A 799 -45.25 -26.91 -9.15
CA ALA A 799 -45.90 -25.69 -9.44
C ALA A 799 -47.34 -25.72 -9.00
N SER A 800 -48.02 -26.82 -9.30
CA SER A 800 -49.42 -26.96 -8.90
C SER A 800 -49.56 -26.91 -7.38
N GLN A 801 -48.73 -27.56 -6.64
CA GLN A 801 -48.65 -27.57 -5.23
C GLN A 801 -48.22 -26.26 -4.63
N ALA A 802 -47.37 -25.53 -5.28
CA ALA A 802 -46.72 -24.33 -4.90
C ALA A 802 -46.75 -23.30 -5.99
N ASP A 803 -47.49 -22.25 -5.90
CA ASP A 803 -47.63 -21.16 -6.78
C ASP A 803 -46.76 -19.99 -6.36
N TYR A 804 -45.76 -19.61 -7.08
CA TYR A 804 -44.86 -18.54 -6.91
C TYR A 804 -45.01 -17.40 -7.88
N ARG A 805 -45.97 -17.40 -8.74
CA ARG A 805 -46.22 -16.49 -9.79
C ARG A 805 -46.40 -15.07 -9.32
N SER A 806 -46.68 -14.83 -8.04
CA SER A 806 -46.73 -13.48 -7.45
C SER A 806 -45.35 -12.86 -7.27
N LEU A 807 -44.29 -13.66 -7.33
CA LEU A 807 -42.99 -13.34 -6.78
C LEU A 807 -42.16 -12.45 -7.72
N ARG A 808 -42.48 -11.17 -7.70
CA ARG A 808 -41.91 -10.08 -8.51
C ARG A 808 -40.39 -10.09 -8.61
N ALA A 809 -39.65 -10.40 -7.54
CA ALA A 809 -38.20 -10.52 -7.60
C ALA A 809 -37.67 -11.42 -6.49
N VAL A 810 -36.46 -11.94 -6.66
CA VAL A 810 -35.90 -12.96 -5.79
C VAL A 810 -34.47 -12.61 -5.46
N LEU A 811 -34.08 -12.71 -4.20
CA LEU A 811 -32.72 -12.54 -3.73
C LEU A 811 -32.22 -13.89 -3.23
N LEU A 812 -31.18 -14.44 -3.83
CA LEU A 812 -30.55 -15.67 -3.38
C LEU A 812 -29.10 -15.40 -3.07
N SER A 813 -28.60 -15.89 -1.96
CA SER A 813 -27.33 -15.38 -1.48
C SER A 813 -26.75 -16.18 -0.35
N GLY A 814 -25.50 -15.95 0.01
CA GLY A 814 -24.97 -16.55 1.21
C GLY A 814 -24.74 -18.04 1.09
N ASP A 815 -24.93 -18.64 -0.07
CA ASP A 815 -24.55 -20.00 -0.44
C ASP A 815 -24.59 -20.11 -1.98
N TRP A 816 -23.97 -21.13 -2.56
CA TRP A 816 -23.95 -21.35 -4.01
C TRP A 816 -25.34 -21.45 -4.62
N VAL A 817 -25.67 -20.52 -5.51
CA VAL A 817 -26.86 -20.61 -6.35
C VAL A 817 -26.52 -21.47 -7.54
N ALA A 818 -27.17 -22.64 -7.67
CA ALA A 818 -26.90 -23.55 -8.78
C ALA A 818 -27.29 -22.95 -10.13
N LEU A 819 -26.59 -23.28 -11.20
CA LEU A 819 -26.81 -22.67 -12.52
C LEU A 819 -28.19 -22.95 -13.11
N ASP A 820 -28.78 -24.09 -12.78
CA ASP A 820 -30.12 -24.47 -13.25
C ASP A 820 -31.24 -23.88 -12.38
N LEU A 821 -30.92 -23.24 -11.26
CA LEU A 821 -31.89 -22.65 -10.33
C LEU A 821 -32.70 -21.50 -10.96
N PRO A 822 -32.11 -20.51 -11.65
CA PRO A 822 -32.88 -19.60 -12.49
C PRO A 822 -33.72 -20.33 -13.54
N GLY A 823 -33.21 -21.41 -14.13
CA GLY A 823 -33.97 -22.24 -15.07
C GLY A 823 -35.25 -22.79 -14.46
N ARG A 824 -35.20 -23.28 -13.21
CA ARG A 824 -36.40 -23.66 -12.45
C ARG A 824 -37.28 -22.47 -12.07
N LEU A 825 -36.67 -21.35 -11.70
CA LEU A 825 -37.36 -20.23 -11.07
C LEU A 825 -38.17 -19.36 -12.04
N ARG A 826 -37.70 -19.06 -13.25
CA ARG A 826 -38.31 -18.26 -14.24
C ARG A 826 -39.73 -18.65 -14.55
N PRO A 827 -39.99 -19.93 -14.85
CA PRO A 827 -41.36 -20.37 -15.07
C PRO A 827 -42.25 -20.35 -13.87
N ARG A 828 -41.74 -20.35 -12.69
CA ARG A 828 -42.38 -20.38 -11.43
C ARG A 828 -42.79 -19.04 -10.89
N CYS A 829 -41.85 -18.10 -10.89
CA CYS A 829 -42.08 -16.74 -10.38
C CYS A 829 -42.83 -15.86 -11.39
N ALA A 830 -42.96 -14.56 -11.09
CA ALA A 830 -43.71 -13.63 -11.91
C ALA A 830 -43.09 -13.41 -13.30
N GLU A 831 -43.88 -12.87 -14.23
CA GLU A 831 -43.35 -12.26 -15.44
C GLU A 831 -42.41 -11.09 -15.07
N GLY A 832 -41.30 -10.90 -15.78
CA GLY A 832 -40.23 -10.02 -15.32
C GLY A 832 -39.56 -10.59 -14.06
N CYS A 833 -39.04 -11.82 -14.17
CA CYS A 833 -38.69 -12.71 -13.07
C CYS A 833 -37.75 -12.15 -12.00
N ARG A 834 -36.76 -11.33 -12.40
CA ARG A 834 -35.82 -10.60 -11.52
C ARG A 834 -35.22 -11.47 -10.41
N LEU A 835 -34.58 -12.58 -10.76
CA LEU A 835 -33.62 -13.19 -9.85
C LEU A 835 -32.38 -12.30 -9.76
N HIS A 836 -31.98 -12.00 -8.54
CA HIS A 836 -30.67 -11.47 -8.21
C HIS A 836 -29.97 -12.45 -7.30
N VAL A 837 -28.73 -12.74 -7.60
CA VAL A 837 -27.86 -13.54 -6.77
C VAL A 837 -26.88 -12.63 -6.11
N LEU A 838 -26.72 -12.73 -4.80
CA LEU A 838 -25.94 -11.77 -4.04
C LEU A 838 -24.85 -12.44 -3.25
N GLY A 839 -23.73 -11.75 -3.18
CA GLY A 839 -22.50 -12.28 -2.64
C GLY A 839 -22.13 -11.64 -1.33
N GLY A 840 -21.01 -12.05 -0.77
CA GLY A 840 -20.39 -11.40 0.37
C GLY A 840 -20.90 -11.92 1.69
N ALA A 841 -20.04 -11.86 2.69
CA ALA A 841 -20.28 -12.56 3.94
C ALA A 841 -21.11 -11.73 4.92
N THR A 842 -21.48 -12.33 6.04
CA THR A 842 -22.06 -11.67 7.20
C THR A 842 -21.34 -10.35 7.54
N GLU A 843 -20.02 -10.35 7.47
CA GLU A 843 -19.12 -9.27 7.81
C GLU A 843 -19.13 -8.06 6.90
N ALA A 844 -19.89 -8.08 5.82
CA ALA A 844 -20.08 -6.95 4.94
C ALA A 844 -21.54 -6.51 4.84
N GLY A 845 -22.17 -6.38 6.00
CA GLY A 845 -23.47 -5.75 6.13
C GLY A 845 -24.53 -6.82 6.05
N ILE A 846 -24.85 -7.22 4.82
CA ILE A 846 -25.65 -8.41 4.54
C ILE A 846 -25.04 -9.05 3.30
N TRP A 847 -24.93 -8.25 2.24
CA TRP A 847 -24.43 -8.61 0.95
C TRP A 847 -23.52 -7.55 0.41
N SER A 848 -22.77 -7.93 -0.60
CA SER A 848 -21.79 -7.05 -1.19
C SER A 848 -21.68 -7.15 -2.68
N ASN A 849 -22.44 -8.03 -3.31
CA ASN A 849 -22.48 -8.20 -4.75
C ASN A 849 -23.88 -8.41 -5.21
N LEU A 850 -24.11 -8.20 -6.48
CA LEU A 850 -25.34 -8.59 -7.11
C LEU A 850 -25.04 -8.98 -8.53
N GLN A 851 -25.29 -10.23 -8.86
CA GLN A 851 -25.44 -10.67 -10.23
C GLN A 851 -26.93 -10.77 -10.50
N SER A 852 -27.49 -9.93 -11.36
CA SER A 852 -28.82 -10.19 -11.88
C SER A 852 -28.76 -11.38 -12.83
N VAL A 853 -29.79 -12.20 -12.86
CA VAL A 853 -29.81 -13.45 -13.62
C VAL A 853 -31.11 -13.57 -14.40
N ASP A 854 -31.22 -12.78 -15.46
CA ASP A 854 -32.30 -12.90 -16.44
C ASP A 854 -32.19 -14.19 -17.26
N THR A 855 -30.96 -14.67 -17.49
CA THR A 855 -30.54 -15.86 -18.12
C THR A 855 -29.15 -16.25 -17.71
N VAL A 856 -28.83 -17.55 -17.71
CA VAL A 856 -27.48 -18.04 -17.41
C VAL A 856 -26.75 -18.28 -18.73
N PRO A 857 -25.73 -17.47 -19.08
CA PRO A 857 -24.91 -17.78 -20.24
C PRO A 857 -24.09 -19.05 -19.98
N PRO A 858 -23.78 -19.85 -21.02
CA PRO A 858 -23.12 -21.13 -20.87
C PRO A 858 -21.78 -21.12 -20.20
N HIS A 859 -21.05 -20.06 -20.23
CA HIS A 859 -19.74 -19.90 -19.73
C HIS A 859 -19.65 -19.83 -18.23
N TRP A 860 -20.76 -19.59 -17.52
CA TRP A 860 -20.77 -19.55 -16.06
C TRP A 860 -20.59 -20.96 -15.51
N ARG A 861 -19.47 -21.23 -14.82
CA ARG A 861 -19.26 -22.48 -14.07
C ARG A 861 -19.96 -22.48 -12.71
N SER A 862 -20.29 -21.31 -12.21
CA SER A 862 -21.11 -21.00 -11.05
C SER A 862 -21.78 -19.65 -11.32
N ILE A 863 -22.89 -19.31 -10.67
CA ILE A 863 -23.40 -17.94 -10.81
C ILE A 863 -22.41 -17.03 -10.10
N PRO A 864 -21.75 -16.09 -10.79
CA PRO A 864 -20.68 -15.32 -10.21
C PRO A 864 -21.22 -14.33 -9.18
N TYR A 865 -20.36 -13.79 -8.34
CA TYR A 865 -20.65 -12.50 -7.76
C TYR A 865 -20.64 -11.48 -8.90
N GLY A 866 -21.66 -10.66 -9.02
CA GLY A 866 -21.67 -9.67 -10.09
C GLY A 866 -20.78 -8.48 -9.76
N ARG A 867 -21.21 -7.32 -10.22
CA ARG A 867 -20.74 -6.05 -9.68
C ARG A 867 -20.84 -6.06 -8.15
N PRO A 868 -19.93 -5.41 -7.41
CA PRO A 868 -20.18 -5.05 -6.03
C PRO A 868 -21.46 -4.22 -5.92
N LEU A 869 -22.20 -4.34 -4.83
CA LEU A 869 -23.34 -3.47 -4.59
C LEU A 869 -22.87 -2.01 -4.43
N PRO A 870 -23.67 -1.01 -4.79
CA PRO A 870 -23.33 0.38 -4.57
C PRO A 870 -22.93 0.69 -3.16
N GLY A 871 -21.89 1.42 -2.92
CA GLY A 871 -21.35 1.73 -1.70
C GLY A 871 -20.35 0.85 -1.07
N GLN A 872 -20.04 -0.23 -1.77
CA GLN A 872 -19.06 -1.23 -1.38
C GLN A 872 -18.39 -1.87 -2.59
N ALA A 873 -17.41 -2.70 -2.32
CA ALA A 873 -16.35 -3.04 -3.25
C ALA A 873 -15.77 -4.39 -2.98
N TYR A 874 -15.06 -4.92 -3.98
CA TYR A 874 -14.32 -6.13 -3.87
C TYR A 874 -12.91 -5.99 -4.37
N ARG A 875 -11.99 -6.59 -3.65
CA ARG A 875 -10.64 -6.83 -3.98
C ARG A 875 -10.28 -8.29 -3.99
N VAL A 876 -9.71 -8.81 -5.01
CA VAL A 876 -9.11 -10.08 -5.19
C VAL A 876 -7.62 -9.95 -5.02
N VAL A 877 -7.01 -10.52 -4.04
CA VAL A 877 -5.69 -10.34 -3.58
C VAL A 877 -4.89 -11.61 -3.47
N ASP A 878 -3.62 -11.58 -3.59
CA ASP A 878 -2.68 -12.58 -3.29
C ASP A 878 -2.60 -12.80 -1.80
N THR A 879 -1.94 -13.81 -1.33
CA THR A 879 -1.67 -14.07 0.03
C THR A 879 -1.00 -12.91 0.72
N HIS A 880 -0.29 -12.10 0.01
CA HIS A 880 0.45 -10.96 0.39
C HIS A 880 -0.34 -9.68 0.45
N GLY A 881 -1.57 -9.67 0.06
CA GLY A 881 -2.43 -8.58 -0.02
C GLY A 881 -2.53 -7.78 -1.24
N ARG A 882 -1.58 -7.97 -2.15
CA ARG A 882 -1.61 -7.27 -3.43
C ARG A 882 -2.74 -7.81 -4.31
N ASP A 883 -3.44 -6.98 -4.99
CA ASP A 883 -4.49 -7.25 -5.88
C ASP A 883 -4.05 -8.18 -6.98
N VAL A 884 -4.74 -9.21 -7.31
CA VAL A 884 -4.51 -10.15 -8.35
C VAL A 884 -5.06 -9.64 -9.65
N PRO A 885 -4.44 -9.93 -10.80
CA PRO A 885 -5.04 -9.61 -12.07
C PRO A 885 -6.35 -10.32 -12.32
N ASP A 886 -7.03 -10.00 -13.37
CA ASP A 886 -8.22 -10.60 -13.83
C ASP A 886 -8.01 -12.07 -14.11
N LEU A 887 -8.96 -12.91 -13.86
CA LEU A 887 -8.94 -14.30 -14.11
C LEU A 887 -8.05 -15.05 -13.15
N VAL A 888 -7.43 -14.38 -12.24
CA VAL A 888 -6.53 -14.85 -11.26
C VAL A 888 -7.24 -15.17 -9.97
N VAL A 889 -7.17 -16.34 -9.44
CA VAL A 889 -7.76 -16.78 -8.23
C VAL A 889 -7.07 -16.16 -7.05
N GLY A 890 -7.73 -15.48 -6.19
CA GLY A 890 -7.31 -14.87 -5.03
C GLY A 890 -8.29 -14.66 -3.95
N GLU A 891 -7.90 -14.28 -2.79
CA GLU A 891 -8.70 -14.00 -1.65
C GLU A 891 -9.62 -12.84 -1.91
N LEU A 892 -10.93 -12.97 -1.69
CA LEU A 892 -11.87 -11.87 -1.86
C LEU A 892 -11.85 -10.98 -0.65
N TRP A 893 -11.64 -9.72 -0.89
CA TRP A 893 -11.59 -8.61 0.00
C TRP A 893 -12.78 -7.72 -0.17
N ILE A 894 -13.76 -7.72 0.72
CA ILE A 894 -14.89 -6.81 0.62
C ILE A 894 -14.54 -5.52 1.31
N GLY A 895 -14.95 -4.37 0.81
CA GLY A 895 -14.68 -3.08 1.43
C GLY A 895 -15.81 -2.12 1.21
N GLY A 896 -15.80 -1.01 1.92
CA GLY A 896 -16.68 0.03 1.80
C GLY A 896 -17.57 0.39 2.93
N ALA A 897 -18.60 1.13 2.73
CA ALA A 897 -19.55 1.56 3.67
C ALA A 897 -20.27 0.43 4.34
N SER A 898 -20.36 -0.73 3.69
CA SER A 898 -21.09 -1.88 4.22
C SER A 898 -20.31 -2.76 5.19
N LEU A 899 -19.04 -2.49 5.47
CA LEU A 899 -18.32 -3.39 6.38
C LEU A 899 -18.89 -3.36 7.78
N ALA A 900 -18.91 -4.52 8.43
CA ALA A 900 -19.12 -4.58 9.85
C ALA A 900 -18.06 -3.75 10.57
N ARG A 901 -18.38 -3.13 11.69
CA ARG A 901 -17.53 -2.47 12.60
C ARG A 901 -16.38 -3.34 13.03
N GLY A 902 -16.52 -4.62 12.94
CA GLY A 902 -15.68 -5.64 13.34
C GLY A 902 -16.31 -6.81 13.98
N TYR A 903 -15.63 -7.55 14.81
CA TYR A 903 -16.24 -8.56 15.66
C TYR A 903 -16.43 -7.97 17.05
N ARG A 904 -17.53 -8.34 17.72
CA ARG A 904 -18.08 -7.77 18.88
C ARG A 904 -17.05 -7.53 19.96
N ASN A 905 -16.38 -8.55 20.38
CA ASN A 905 -15.40 -8.62 21.40
C ASN A 905 -14.19 -9.45 21.05
N ASP A 906 -13.74 -9.41 19.84
CA ASP A 906 -12.60 -10.04 19.26
C ASP A 906 -11.75 -9.09 18.48
N PRO A 907 -11.14 -8.09 19.12
CA PRO A 907 -10.31 -7.15 18.40
C PRO A 907 -9.22 -7.76 17.57
N GLU A 908 -8.59 -8.78 18.03
CA GLU A 908 -7.54 -9.49 17.41
C GLU A 908 -7.96 -10.04 16.07
N LEU A 909 -9.01 -10.77 16.03
CA LEU A 909 -9.61 -11.34 14.88
C LEU A 909 -10.08 -10.28 13.92
N SER A 910 -10.63 -9.22 14.40
CA SER A 910 -11.05 -8.08 13.66
C SER A 910 -9.92 -7.48 12.87
N ALA A 911 -8.80 -7.26 13.49
CA ALA A 911 -7.59 -6.83 12.93
C ALA A 911 -7.08 -7.78 11.87
N ARG A 912 -7.10 -9.05 12.14
CA ARG A 912 -6.72 -10.10 11.27
C ARG A 912 -7.49 -10.08 9.98
N ARG A 913 -8.82 -10.00 10.12
CA ARG A 913 -9.80 -10.02 9.03
C ARG A 913 -9.99 -8.64 8.41
N PHE A 914 -10.56 -7.70 9.12
CA PHE A 914 -10.77 -6.34 8.66
C PHE A 914 -9.46 -5.54 8.56
N VAL A 915 -8.59 -5.94 7.64
CA VAL A 915 -7.32 -5.43 7.29
C VAL A 915 -7.44 -4.08 6.62
N HIS A 916 -6.39 -3.33 6.53
CA HIS A 916 -6.23 -2.06 5.95
C HIS A 916 -5.28 -2.04 4.79
N ASP A 917 -5.30 -1.04 3.98
CA ASP A 917 -4.51 -0.80 2.85
C ASP A 917 -4.59 0.64 2.39
N ALA A 918 -3.75 1.02 1.42
CA ALA A 918 -3.88 2.34 0.84
C ALA A 918 -5.24 2.51 0.16
N GLN A 919 -5.93 1.47 -0.16
CA GLN A 919 -7.24 1.38 -0.69
C GLN A 919 -8.33 1.43 0.34
N GLY A 920 -8.02 1.45 1.58
CA GLY A 920 -8.88 1.48 2.67
C GLY A 920 -9.02 0.30 3.53
N ARG A 921 -10.16 0.02 4.08
CA ARG A 921 -10.54 -1.04 4.92
C ARG A 921 -11.15 -2.19 4.18
N TRP A 922 -10.78 -3.40 4.42
CA TRP A 922 -11.16 -4.60 3.78
C TRP A 922 -11.36 -5.77 4.70
N TYR A 923 -12.42 -6.54 4.51
CA TYR A 923 -12.83 -7.61 5.42
C TYR A 923 -11.98 -8.89 5.34
N ARG A 924 -11.31 -9.20 4.24
CA ARG A 924 -10.49 -10.34 4.08
C ARG A 924 -11.28 -11.61 4.31
N THR A 925 -12.20 -11.93 3.41
CA THR A 925 -13.19 -12.99 3.60
C THR A 925 -12.66 -14.41 3.74
N GLY A 926 -11.53 -14.76 3.12
CA GLY A 926 -11.16 -16.15 2.87
C GLY A 926 -11.97 -16.86 1.78
N ASP A 927 -12.97 -16.21 1.16
CA ASP A 927 -13.52 -16.64 -0.12
C ASP A 927 -12.41 -16.60 -1.15
N ARG A 928 -12.33 -17.61 -2.01
CA ARG A 928 -11.55 -17.54 -3.23
C ARG A 928 -12.43 -17.02 -4.33
N GLY A 929 -11.83 -16.38 -5.31
CA GLY A 929 -12.41 -15.87 -6.44
C GLY A 929 -11.56 -15.12 -7.38
N ARG A 930 -12.05 -14.67 -8.49
CA ARG A 930 -11.40 -14.05 -9.57
C ARG A 930 -12.25 -13.09 -10.33
N TYR A 931 -11.74 -11.99 -10.77
CA TYR A 931 -12.30 -11.07 -11.67
C TYR A 931 -12.24 -11.55 -13.10
N TRP A 932 -13.23 -11.35 -13.89
CA TRP A 932 -13.34 -11.59 -15.28
C TRP A 932 -12.90 -10.41 -16.10
N GLY A 933 -12.60 -10.58 -17.35
CA GLY A 933 -12.29 -9.57 -18.22
C GLY A 933 -13.29 -8.50 -18.42
N ASP A 934 -14.54 -8.79 -18.21
CA ASP A 934 -15.68 -7.96 -18.22
C ASP A 934 -15.95 -7.27 -16.92
N GLY A 935 -15.20 -7.51 -15.89
CA GLY A 935 -15.39 -7.09 -14.59
C GLY A 935 -16.18 -7.90 -13.66
N THR A 936 -16.84 -8.94 -14.13
CA THR A 936 -17.61 -9.84 -13.28
C THR A 936 -16.70 -10.52 -12.27
N LEU A 937 -17.19 -10.91 -11.10
CA LEU A 937 -16.37 -11.49 -10.05
C LEU A 937 -16.77 -12.93 -9.78
N GLU A 938 -16.13 -13.91 -10.40
CA GLU A 938 -16.41 -15.28 -10.06
C GLU A 938 -15.93 -15.58 -8.65
N PHE A 939 -16.87 -15.85 -7.76
CA PHE A 939 -16.61 -16.52 -6.51
C PHE A 939 -16.31 -18.00 -6.80
N LEU A 940 -15.33 -18.56 -6.11
CA LEU A 940 -14.73 -19.88 -6.37
C LEU A 940 -14.73 -20.77 -5.12
N GLY A 941 -15.64 -20.54 -4.19
CA GLY A 941 -15.68 -21.33 -2.97
C GLY A 941 -14.65 -20.86 -1.97
N ARG A 942 -14.20 -21.76 -1.10
CA ARG A 942 -13.33 -21.44 0.02
C ARG A 942 -12.20 -22.45 0.16
N VAL A 943 -11.03 -21.96 0.55
CA VAL A 943 -9.87 -22.82 0.85
C VAL A 943 -9.93 -23.38 2.28
N ASP A 944 -10.68 -22.71 3.17
CA ASP A 944 -10.64 -22.93 4.61
C ASP A 944 -11.84 -23.71 5.16
N GLN A 945 -11.96 -23.74 6.48
CA GLN A 945 -12.97 -24.46 7.25
C GLN A 945 -14.37 -23.85 7.20
N GLN A 946 -14.56 -22.61 6.76
CA GLN A 946 -15.91 -22.05 6.67
C GLN A 946 -16.63 -22.70 5.51
N VAL A 947 -17.74 -23.34 5.80
CA VAL A 947 -18.53 -24.10 4.83
C VAL A 947 -20.01 -23.87 5.06
N LYS A 948 -20.81 -24.28 4.10
CA LYS A 948 -22.25 -24.05 4.09
C LYS A 948 -22.95 -25.37 4.38
N VAL A 949 -23.88 -25.36 5.32
CA VAL A 949 -24.76 -26.50 5.59
C VAL A 949 -26.18 -25.97 5.61
N ARG A 950 -27.08 -26.57 4.83
CA ARG A 950 -28.46 -26.07 4.63
C ARG A 950 -28.51 -24.58 4.23
N GLY A 951 -27.46 -24.11 3.55
CA GLY A 951 -27.22 -22.70 3.20
C GLY A 951 -26.68 -21.83 4.32
N GLN A 952 -26.90 -22.19 5.58
CA GLN A 952 -26.37 -21.50 6.75
C GLN A 952 -24.86 -21.74 6.90
N ARG A 953 -24.20 -20.91 7.70
CA ARG A 953 -22.73 -20.84 7.78
C ARG A 953 -22.24 -21.59 8.98
N ILE A 954 -21.28 -22.47 8.78
CA ILE A 954 -20.66 -23.25 9.84
C ILE A 954 -19.17 -23.17 9.60
N GLU A 955 -18.36 -23.05 10.65
CA GLU A 955 -16.92 -23.19 10.54
C GLU A 955 -16.62 -24.59 11.05
N LEU A 956 -15.95 -25.42 10.26
CA LEU A 956 -15.69 -26.81 10.65
C LEU A 956 -14.84 -26.87 11.92
N GLY A 957 -13.94 -25.91 12.10
CA GLY A 957 -13.22 -25.74 13.36
C GLY A 957 -14.14 -25.54 14.57
N GLU A 958 -15.34 -24.96 14.41
CA GLU A 958 -16.30 -24.94 15.50
C GLU A 958 -16.80 -26.34 15.83
N VAL A 959 -17.24 -27.09 14.83
CA VAL A 959 -17.77 -28.44 15.04
C VAL A 959 -16.68 -29.35 15.63
N GLU A 960 -15.47 -29.26 15.12
CA GLU A 960 -14.30 -29.94 15.67
C GLU A 960 -14.04 -29.54 17.13
N ALA A 961 -14.01 -28.25 17.46
CA ALA A 961 -13.82 -27.82 18.84
C ALA A 961 -14.97 -28.26 19.76
N ALA A 962 -16.21 -28.25 19.27
CA ALA A 962 -17.37 -28.72 20.01
C ALA A 962 -17.34 -30.23 20.26
N LEU A 963 -16.69 -31.01 19.40
CA LEU A 963 -16.37 -32.41 19.65
C LEU A 963 -15.20 -32.56 20.62
N CYS A 964 -14.13 -31.77 20.49
CA CYS A 964 -12.99 -31.80 21.41
C CYS A 964 -13.34 -31.43 22.86
N ALA A 965 -14.37 -30.63 23.07
CA ALA A 965 -14.95 -30.26 24.30
C ALA A 965 -15.58 -31.44 25.01
N GLN A 966 -16.06 -32.41 24.30
CA GLN A 966 -16.60 -33.62 24.76
C GLN A 966 -15.60 -34.40 25.57
N ALA A 967 -15.95 -34.98 26.66
CA ALA A 967 -15.17 -35.84 27.46
C ALA A 967 -14.75 -37.06 26.69
N GLY A 968 -13.52 -37.46 26.72
CA GLY A 968 -12.99 -38.52 26.02
C GLY A 968 -12.56 -38.36 24.62
N VAL A 969 -12.51 -37.18 24.12
CA VAL A 969 -12.11 -36.73 22.84
C VAL A 969 -10.76 -36.05 22.88
N GLU A 970 -9.79 -36.46 22.15
CA GLU A 970 -8.50 -35.90 21.97
C GLU A 970 -8.47 -34.83 20.90
N SER A 971 -8.87 -35.15 19.71
CA SER A 971 -8.94 -34.36 18.55
C SER A 971 -10.06 -34.79 17.64
N ALA A 972 -10.57 -33.87 16.83
CA ALA A 972 -11.65 -34.16 15.92
C ALA A 972 -11.47 -33.40 14.60
N CYS A 973 -12.07 -33.95 13.56
CA CYS A 973 -12.16 -33.46 12.23
C CYS A 973 -13.57 -33.42 11.71
N ALA A 974 -13.99 -32.37 11.04
CA ALA A 974 -15.31 -32.29 10.44
C ALA A 974 -15.21 -31.97 8.96
N ALA A 975 -16.17 -32.43 8.15
CA ALA A 975 -16.27 -32.05 6.75
C ALA A 975 -17.71 -32.16 6.24
N VAL A 976 -18.02 -31.41 5.19
CA VAL A 976 -19.25 -31.66 4.40
C VAL A 976 -18.97 -32.79 3.41
N LEU A 977 -19.83 -33.80 3.43
CA LEU A 977 -19.83 -35.01 2.71
C LEU A 977 -20.52 -34.91 1.37
N GLY A 978 -20.29 -35.80 0.48
CA GLY A 978 -20.89 -35.91 -0.75
C GLY A 978 -22.27 -36.44 -0.78
N GLY A 979 -22.85 -36.66 -1.91
CA GLY A 979 -24.15 -37.05 -2.12
C GLY A 979 -25.18 -36.00 -2.16
N GLY A 980 -26.39 -36.31 -2.51
CA GLY A 980 -27.44 -35.42 -2.55
C GLY A 980 -27.80 -34.72 -1.30
N VAL A 981 -27.67 -35.35 -0.18
CA VAL A 981 -27.89 -34.85 1.12
C VAL A 981 -26.97 -33.70 1.43
N ALA A 982 -25.72 -33.74 0.95
CA ALA A 982 -24.66 -32.79 1.28
C ALA A 982 -24.48 -32.65 2.81
N SER A 983 -24.53 -33.79 3.50
CA SER A 983 -24.50 -33.90 4.96
C SER A 983 -23.20 -33.37 5.56
N LEU A 984 -23.24 -32.79 6.76
CA LEU A 984 -22.04 -32.61 7.57
C LEU A 984 -21.76 -33.85 8.41
N GLY A 985 -20.53 -34.32 8.37
CA GLY A 985 -20.03 -35.41 9.21
C GLY A 985 -18.75 -35.04 9.94
N ALA A 986 -18.34 -35.86 10.89
CA ALA A 986 -17.11 -35.63 11.65
C ALA A 986 -16.45 -36.90 12.16
N VAL A 987 -15.18 -36.82 12.56
CA VAL A 987 -14.30 -37.84 12.99
C VAL A 987 -13.73 -37.55 14.35
N LEU A 988 -13.61 -38.48 15.23
CA LEU A 988 -13.17 -38.42 16.57
C LEU A 988 -11.84 -39.08 16.81
N VAL A 989 -10.98 -38.55 17.60
CA VAL A 989 -9.77 -39.06 18.14
C VAL A 989 -9.88 -39.23 19.64
N PRO A 990 -10.17 -40.42 20.18
CA PRO A 990 -10.31 -40.57 21.61
C PRO A 990 -9.06 -40.28 22.39
N ARG A 991 -9.15 -39.83 23.59
CA ARG A 991 -8.18 -39.73 24.60
C ARG A 991 -8.29 -40.85 25.59
N LEU A 992 -7.23 -41.62 25.80
CA LEU A 992 -7.32 -42.90 26.49
C LEU A 992 -6.89 -42.85 27.95
N ALA A 993 -6.48 -41.69 28.46
CA ALA A 993 -6.04 -41.57 29.84
C ALA A 993 -4.90 -42.56 30.10
N PRO A 994 -3.73 -42.35 29.52
CA PRO A 994 -2.61 -43.28 29.75
C PRO A 994 -2.26 -43.36 31.23
N ARG A 995 -1.86 -44.54 31.67
CA ARG A 995 -1.56 -44.78 33.08
C ARG A 995 -0.56 -45.92 33.18
N ALA A 996 -0.04 -46.11 34.39
CA ALA A 996 0.96 -47.14 34.67
C ALA A 996 0.27 -48.45 35.02
N GLU A 997 -0.03 -49.26 34.00
CA GLU A 997 -0.60 -50.59 34.18
C GLU A 997 0.30 -51.67 33.59
N GLY A 998 1.60 -51.52 33.73
CA GLY A 998 2.55 -52.45 33.12
C GLY A 998 2.80 -53.72 33.90
N SER A 999 2.20 -53.85 35.08
CA SER A 999 2.37 -55.06 35.88
C SER A 999 1.90 -56.28 35.10
N MET A 1000 2.72 -57.34 35.10
CA MET A 1000 2.46 -58.48 34.25
C MET A 1000 2.90 -59.77 34.93
N ASP A 1001 2.10 -60.81 34.74
CA ASP A 1001 2.44 -62.17 35.13
C ASP A 1001 2.11 -63.08 33.95
N LEU A 1002 2.91 -64.12 33.76
CA LEU A 1002 2.87 -64.92 32.53
C LEU A 1002 2.95 -66.41 32.81
N PRO A 1003 1.83 -67.13 32.74
CA PRO A 1003 1.89 -68.60 32.78
C PRO A 1003 2.32 -69.19 31.45
N ALA A 1004 3.62 -69.18 31.17
CA ALA A 1004 4.15 -69.65 29.89
C ALA A 1004 4.48 -71.14 29.89
N ALA A 1005 3.67 -71.96 30.57
CA ALA A 1005 3.98 -73.38 30.69
C ALA A 1005 3.53 -74.21 29.50
N GLN A 1006 2.61 -73.71 28.68
CA GLN A 1006 1.98 -74.56 27.66
C GLN A 1006 2.86 -74.73 26.43
N PRO A 1007 3.39 -73.65 25.84
CA PRO A 1007 4.10 -73.79 24.57
C PRO A 1007 5.36 -74.64 24.71
N PHE A 1008 5.70 -75.32 23.62
CA PHE A 1008 6.92 -76.12 23.56
C PHE A 1008 7.55 -75.95 22.19
N ALA A 1009 8.87 -76.12 22.14
CA ALA A 1009 9.60 -75.95 20.88
C ALA A 1009 9.12 -76.92 19.81
N GLY A 1010 8.49 -78.02 20.20
CA GLY A 1010 7.92 -78.94 19.22
C GLY A 1010 6.93 -78.25 18.31
N LEU A 1011 6.21 -77.25 18.81
CA LEU A 1011 5.30 -76.49 17.95
C LEU A 1011 6.08 -75.71 16.90
N ALA A 1012 7.19 -75.09 17.29
CA ALA A 1012 8.02 -74.38 16.31
C ALA A 1012 8.56 -75.34 15.26
N GLU A 1013 9.04 -76.51 15.69
CA GLU A 1013 9.51 -77.51 14.73
C GLU A 1013 8.39 -77.97 13.81
N ALA A 1014 7.18 -78.11 14.35
CA ALA A 1014 6.04 -78.56 13.55
C ALA A 1014 5.66 -77.52 12.52
N GLU A 1015 5.66 -76.24 12.91
CA GLU A 1015 5.39 -75.19 11.95
C GLU A 1015 6.48 -75.13 10.89
N ALA A 1016 7.73 -75.38 11.27
CA ALA A 1016 8.81 -75.46 10.29
C ALA A 1016 8.57 -76.60 9.30
N VAL A 1017 8.11 -77.75 9.79
CA VAL A 1017 7.84 -78.88 8.92
C VAL A 1017 6.70 -78.57 7.95
N LEU A 1018 5.64 -77.93 8.46
CA LEU A 1018 4.53 -77.54 7.59
C LEU A 1018 4.99 -76.51 6.56
N THR A 1019 5.87 -75.59 6.97
CA THR A 1019 6.47 -74.66 6.02
C THR A 1019 7.26 -75.41 4.96
N ARG A 1020 8.01 -76.44 5.36
CA ARG A 1020 8.72 -77.27 4.40
C ARG A 1020 7.75 -77.86 3.39
N GLU A 1021 6.63 -78.42 3.88
CA GLU A 1021 5.66 -79.05 3.00
C GLU A 1021 5.09 -78.04 2.00
N ILE A 1022 4.68 -76.88 2.48
CA ILE A 1022 4.04 -75.89 1.61
C ILE A 1022 5.06 -75.28 0.64
N LEU A 1023 6.29 -75.04 1.11
CA LEU A 1023 7.34 -74.51 0.24
C LEU A 1023 7.66 -75.51 -0.86
N GLY A 1024 7.71 -76.80 -0.53
CA GLY A 1024 7.90 -77.80 -1.56
C GLY A 1024 6.73 -77.87 -2.51
N ALA A 1025 5.50 -77.73 -1.98
CA ALA A 1025 4.32 -77.77 -2.83
C ALA A 1025 4.33 -76.67 -3.88
N LEU A 1026 4.66 -75.44 -3.47
CA LEU A 1026 4.67 -74.34 -4.42
C LEU A 1026 5.93 -74.30 -5.27
N LEU A 1027 7.09 -74.61 -4.70
CA LEU A 1027 8.35 -74.57 -5.44
C LEU A 1027 8.44 -75.67 -6.49
N GLU A 1028 7.53 -76.65 -6.47
CA GLU A 1028 7.36 -77.56 -7.59
C GLU A 1028 6.67 -76.88 -8.77
N ALA A 1029 6.00 -75.75 -8.53
CA ALA A 1029 5.49 -74.88 -9.58
C ALA A 1029 5.91 -73.46 -9.26
N PRO A 1030 7.22 -73.18 -9.23
CA PRO A 1030 7.70 -71.90 -8.70
C PRO A 1030 7.45 -70.72 -9.62
N LEU A 1031 7.10 -70.95 -10.89
CA LEU A 1031 6.93 -69.84 -11.82
C LEU A 1031 5.72 -68.97 -11.51
N GLU A 1032 4.84 -69.41 -10.60
CA GLU A 1032 3.69 -68.60 -10.23
C GLU A 1032 4.09 -67.40 -9.38
N LEU A 1033 5.17 -67.51 -8.62
CA LEU A 1033 5.69 -66.38 -7.86
C LEU A 1033 6.47 -65.44 -8.77
N ASP A 1034 6.98 -64.37 -8.20
CA ASP A 1034 7.91 -63.50 -8.90
C ASP A 1034 9.35 -63.86 -8.49
N ASP A 1035 10.31 -63.24 -9.17
CA ASP A 1035 11.72 -63.61 -8.95
C ASP A 1035 12.12 -63.35 -7.50
N GLY A 1036 11.72 -62.21 -6.94
CA GLY A 1036 12.04 -61.93 -5.54
C GLY A 1036 11.38 -62.91 -4.60
N LEU A 1037 10.09 -63.20 -4.82
CA LEU A 1037 9.41 -64.19 -3.99
C LEU A 1037 10.02 -65.57 -4.18
N ARG A 1038 10.42 -65.90 -5.41
CA ARG A 1038 11.08 -67.19 -5.64
C ARG A 1038 12.37 -67.29 -4.84
N ARG A 1039 13.19 -66.23 -4.87
CA ARG A 1039 14.43 -66.24 -4.11
C ARG A 1039 14.14 -66.37 -2.62
N ARG A 1040 13.16 -65.61 -2.12
CA ARG A 1040 12.84 -65.66 -0.69
C ARG A 1040 12.37 -67.06 -0.30
N TRP A 1041 11.50 -67.66 -1.10
CA TRP A 1041 10.97 -68.98 -0.78
C TRP A 1041 12.06 -70.04 -0.86
N LEU A 1042 12.97 -69.91 -1.83
CA LEU A 1042 14.08 -70.86 -1.92
C LEU A 1042 14.99 -70.77 -0.70
N ASP A 1043 15.30 -69.55 -0.26
CA ASP A 1043 16.10 -69.38 0.95
C ASP A 1043 15.36 -69.93 2.17
N TRP A 1044 14.06 -69.67 2.25
CA TRP A 1044 13.28 -70.12 3.39
C TRP A 1044 13.18 -71.64 3.46
N LEU A 1045 13.04 -72.31 2.32
CA LEU A 1045 12.96 -73.77 2.30
C LEU A 1045 14.02 -74.38 3.22
N ALA A 1046 15.17 -73.74 3.34
CA ALA A 1046 16.15 -74.16 4.34
C ALA A 1046 15.97 -73.39 5.64
N ASP A 1047 16.08 -72.06 5.58
CA ASP A 1047 16.28 -71.24 6.77
C ASP A 1047 15.12 -71.30 7.76
N SER A 1048 13.92 -71.69 7.33
CA SER A 1048 12.75 -71.70 8.18
C SER A 1048 12.05 -73.05 8.15
N ALA A 1049 12.46 -73.94 7.24
CA ALA A 1049 11.78 -75.21 7.04
C ALA A 1049 12.71 -76.39 7.21
N ALA A 1050 13.84 -76.40 6.50
CA ALA A 1050 14.62 -77.62 6.39
C ALA A 1050 15.87 -77.60 7.26
N SER A 1051 16.75 -76.62 7.06
CA SER A 1051 18.02 -76.57 7.77
C SER A 1051 17.93 -75.88 9.13
N ALA A 1052 16.79 -75.28 9.46
CA ALA A 1052 16.66 -74.60 10.75
C ALA A 1052 16.01 -75.51 11.79
N LEU A 1053 14.81 -76.01 11.52
CA LEU A 1053 14.10 -76.88 12.45
C LEU A 1053 13.53 -78.10 11.73
N PRO A 1054 14.38 -78.98 11.23
CA PRO A 1054 13.88 -80.25 10.68
C PRO A 1054 13.27 -81.11 11.77
N SER A 1055 12.22 -81.84 11.42
CA SER A 1055 11.51 -82.67 12.38
C SER A 1055 10.65 -83.68 11.62
N LEU A 1056 9.85 -84.43 12.39
CA LEU A 1056 9.06 -85.51 11.83
C LEU A 1056 7.75 -85.00 11.24
N ASP A 1057 7.02 -85.91 10.59
CA ASP A 1057 5.69 -85.59 10.11
C ASP A 1057 4.68 -85.46 11.24
N GLU A 1058 5.06 -85.83 12.47
CA GLU A 1058 4.23 -85.56 13.63
C GLU A 1058 3.81 -84.10 13.70
N ALA A 1059 4.55 -83.22 13.02
CA ALA A 1059 4.18 -81.82 12.92
C ALA A 1059 2.70 -81.64 12.65
N LEU A 1060 2.19 -82.31 11.61
CA LEU A 1060 0.79 -82.13 11.24
C LEU A 1060 -0.14 -82.54 12.36
N ARG A 1061 0.17 -83.65 13.04
CA ARG A 1061 -0.67 -84.10 14.14
C ARG A 1061 -0.59 -83.16 15.33
N ARG A 1062 0.44 -82.31 15.41
CA ARG A 1062 0.49 -81.31 16.45
C ARG A 1062 -0.28 -80.06 16.04
N LEU A 1063 -0.12 -79.63 14.79
CA LEU A 1063 -0.79 -78.42 14.32
C LEU A 1063 -2.29 -78.64 14.13
N GLY A 1064 -2.69 -79.82 13.67
CA GLY A 1064 -4.10 -80.13 13.49
C GLY A 1064 -4.48 -80.41 12.05
N TRP A 1065 -3.92 -79.65 11.12
CA TRP A 1065 -4.23 -79.83 9.71
C TRP A 1065 -3.40 -80.99 9.15
N GLN A 1066 -4.08 -81.94 8.52
CA GLN A 1066 -3.46 -83.15 8.02
C GLN A 1066 -3.23 -83.05 6.51
N ALA A 1067 -2.83 -84.17 5.91
CA ALA A 1067 -2.45 -84.17 4.50
C ALA A 1067 -3.54 -83.58 3.62
N ALA A 1068 -4.82 -83.83 3.95
CA ALA A 1068 -5.90 -83.21 3.19
C ALA A 1068 -5.86 -81.69 3.32
N GLY A 1069 -5.63 -81.20 4.54
CA GLY A 1069 -5.51 -79.77 4.75
C GLY A 1069 -4.33 -79.18 4.00
N LEU A 1070 -3.20 -79.90 3.99
CA LEU A 1070 -2.03 -79.42 3.25
C LEU A 1070 -2.30 -79.39 1.76
N THR A 1071 -3.00 -80.40 1.23
CA THR A 1071 -3.36 -80.40 -0.18
C THR A 1071 -4.26 -79.21 -0.50
N ALA A 1072 -5.24 -78.95 0.36
CA ALA A 1072 -6.11 -77.79 0.16
C ALA A 1072 -5.30 -76.50 0.17
N MET A 1073 -4.37 -76.38 1.12
CA MET A 1073 -3.53 -75.18 1.20
C MET A 1073 -2.72 -75.01 -0.07
N GLY A 1074 -2.11 -76.08 -0.56
CA GLY A 1074 -1.29 -75.98 -1.75
C GLY A 1074 -2.10 -75.62 -2.98
N ASN A 1075 -3.25 -76.26 -3.15
CA ASN A 1075 -4.10 -75.96 -4.30
C ASN A 1075 -4.60 -74.52 -4.24
N ALA A 1076 -5.03 -74.07 -3.06
CA ALA A 1076 -5.48 -72.69 -2.93
C ALA A 1076 -4.36 -71.70 -3.21
N LEU A 1077 -3.15 -72.00 -2.73
CA LEU A 1077 -2.01 -71.12 -2.98
C LEU A 1077 -1.70 -71.04 -4.47
N ARG A 1078 -1.70 -72.18 -5.15
CA ARG A 1078 -1.43 -72.20 -6.58
C ARG A 1078 -2.50 -71.43 -7.35
N GLY A 1079 -3.77 -71.62 -6.98
CA GLY A 1079 -4.83 -70.87 -7.64
C GLY A 1079 -4.73 -69.38 -7.38
N LEU A 1080 -4.39 -69.01 -6.14
CA LEU A 1080 -4.24 -67.61 -5.78
C LEU A 1080 -3.16 -66.93 -6.60
N LEU A 1081 -2.01 -67.60 -6.73
CA LEU A 1081 -0.91 -66.99 -7.49
C LEU A 1081 -1.19 -67.01 -8.98
N ALA A 1082 -1.77 -68.09 -9.50
CA ALA A 1082 -2.05 -68.19 -10.92
C ALA A 1082 -3.13 -67.20 -11.34
N GLY A 1083 -4.15 -67.02 -10.51
CA GLY A 1083 -5.28 -66.18 -10.83
C GLY A 1083 -5.06 -64.70 -10.62
N GLU A 1084 -3.88 -64.29 -10.19
CA GLU A 1084 -3.56 -62.88 -9.97
C GLU A 1084 -4.45 -62.26 -8.89
N GLN A 1085 -5.01 -63.09 -8.02
CA GLN A 1085 -5.88 -62.62 -6.95
C GLN A 1085 -5.11 -62.18 -5.71
N ALA A 1086 -3.81 -62.43 -5.66
CA ALA A 1086 -3.02 -61.99 -4.52
C ALA A 1086 -2.88 -60.46 -4.55
N PRO A 1087 -2.66 -59.82 -3.39
CA PRO A 1087 -2.58 -60.40 -2.04
C PRO A 1087 -3.94 -60.48 -1.33
N ALA A 1088 -4.96 -59.84 -1.91
CA ALA A 1088 -6.23 -59.70 -1.22
C ALA A 1088 -6.89 -61.05 -0.97
N ALA A 1089 -6.92 -61.93 -1.98
CA ALA A 1089 -7.63 -63.19 -1.85
C ALA A 1089 -7.00 -64.14 -0.85
N LEU A 1090 -5.76 -63.86 -0.42
CA LEU A 1090 -5.15 -64.68 0.62
C LEU A 1090 -5.97 -64.65 1.90
N LEU A 1091 -6.44 -63.47 2.28
CA LEU A 1091 -7.23 -63.30 3.49
C LEU A 1091 -8.63 -63.87 3.38
N LEU A 1092 -9.07 -64.25 2.17
CA LEU A 1092 -10.36 -64.89 1.98
C LEU A 1092 -10.31 -66.40 2.20
N ASP A 1093 -9.12 -66.97 2.42
CA ASP A 1093 -8.96 -68.41 2.51
C ASP A 1093 -8.71 -68.81 3.97
N PRO A 1094 -9.53 -69.68 4.57
CA PRO A 1094 -9.25 -70.11 5.95
C PRO A 1094 -7.93 -70.82 6.10
N TRP A 1095 -7.42 -71.46 5.05
CA TRP A 1095 -6.22 -72.27 5.14
C TRP A 1095 -4.94 -71.47 4.92
N LEU A 1096 -5.04 -70.21 4.48
CA LEU A 1096 -3.86 -69.43 4.13
C LEU A 1096 -3.78 -68.07 4.80
N ALA A 1097 -4.88 -67.53 5.30
CA ALA A 1097 -4.83 -66.23 5.96
C ALA A 1097 -3.93 -66.31 7.19
N PRO A 1098 -3.00 -65.37 7.38
CA PRO A 1098 -2.08 -65.49 8.53
C PRO A 1098 -2.79 -65.63 9.86
N GLN A 1099 -3.85 -64.86 10.09
CA GLN A 1099 -4.57 -64.98 11.35
C GLN A 1099 -5.39 -66.27 11.41
N ALA A 1100 -5.82 -66.78 10.26
CA ALA A 1100 -6.54 -68.05 10.24
C ALA A 1100 -5.61 -69.22 10.54
N VAL A 1101 -4.43 -69.23 9.93
CA VAL A 1101 -3.48 -70.30 10.20
C VAL A 1101 -2.95 -70.20 11.62
N ALA A 1102 -2.74 -68.96 12.10
CA ALA A 1102 -2.34 -68.79 13.50
C ALA A 1102 -3.44 -69.25 14.45
N ALA A 1103 -4.66 -69.38 13.96
CA ALA A 1103 -5.79 -69.83 14.76
C ALA A 1103 -5.86 -71.35 14.89
N ARG A 1104 -4.96 -72.08 14.22
CA ARG A 1104 -4.97 -73.53 14.28
C ARG A 1104 -3.57 -74.10 14.52
N LEU A 1105 -2.56 -73.47 13.91
CA LEU A 1105 -1.22 -74.05 13.93
C LEU A 1105 -0.60 -74.01 15.33
N PRO A 1106 -0.36 -72.84 15.94
CA PRO A 1106 0.24 -72.81 17.27
C PRO A 1106 -0.77 -73.11 18.38
N ASP A 1107 -1.51 -74.20 18.23
CA ASP A 1107 -2.63 -74.50 19.11
C ASP A 1107 -3.58 -73.30 19.17
N GLY A 1108 -3.70 -72.61 18.03
CA GLY A 1108 -4.49 -71.39 17.98
C GLY A 1108 -5.95 -71.61 18.31
N ARG A 1109 -6.47 -72.82 18.08
CA ARG A 1109 -7.86 -73.09 18.42
C ARG A 1109 -8.07 -73.15 19.94
N GLU A 1110 -7.08 -73.66 20.68
CA GLU A 1110 -7.18 -73.67 22.13
C GLU A 1110 -7.13 -72.25 22.70
N ALA A 1111 -6.22 -71.43 22.17
CA ALA A 1111 -6.18 -70.02 22.56
C ALA A 1111 -7.48 -69.32 22.18
N LEU A 1112 -8.05 -69.68 21.03
CA LEU A 1112 -9.34 -69.12 20.64
C LEU A 1112 -10.44 -69.53 21.62
N ALA A 1113 -10.41 -70.77 22.08
CA ALA A 1113 -11.38 -71.22 23.06
C ALA A 1113 -11.26 -70.46 24.37
N ARG A 1114 -10.03 -70.27 24.85
CA ARG A 1114 -9.86 -69.51 26.09
C ARG A 1114 -10.25 -68.04 25.91
N LEU A 1115 -9.84 -67.43 24.80
CA LEU A 1115 -10.28 -66.06 24.52
C LEU A 1115 -11.78 -65.99 24.35
N LEU A 1116 -12.40 -67.08 23.90
CA LEU A 1116 -13.85 -67.15 23.79
C LEU A 1116 -14.50 -67.20 25.17
N GLU A 1117 -13.77 -67.67 26.17
CA GLU A 1117 -14.21 -67.63 27.55
C GLU A 1117 -14.10 -66.19 28.08
N ALA A 1118 -14.73 -65.96 29.24
CA ALA A 1118 -14.82 -64.64 29.86
C ALA A 1118 -15.86 -63.77 29.17
N LEU A 1119 -16.74 -64.39 28.37
CA LEU A 1119 -17.94 -63.74 27.86
C LEU A 1119 -19.09 -64.15 28.78
N PRO A 1120 -19.43 -63.33 29.78
CA PRO A 1120 -20.28 -63.81 30.88
C PRO A 1120 -21.77 -63.80 30.59
N THR A 1121 -22.18 -63.64 29.34
CA THR A 1121 -23.62 -63.58 29.05
C THR A 1121 -24.38 -64.81 29.53
N PRO A 1122 -23.87 -66.05 29.40
CA PRO A 1122 -24.67 -67.17 29.93
C PRO A 1122 -24.76 -67.17 31.44
N ALA A 1123 -23.65 -66.90 32.13
CA ALA A 1123 -23.69 -66.78 33.59
C ALA A 1123 -24.51 -65.58 34.01
N ALA A 1124 -24.38 -64.46 33.29
CA ALA A 1124 -25.14 -63.27 33.62
C ALA A 1124 -26.62 -63.42 33.28
N GLY A 1125 -26.94 -64.28 32.31
CA GLY A 1125 -28.32 -64.42 31.88
C GLY A 1125 -28.93 -63.15 31.36
N GLU A 1126 -28.17 -62.33 30.64
CA GLU A 1126 -28.64 -61.04 30.18
C GLU A 1126 -27.87 -60.65 28.91
N ARG A 1127 -28.43 -59.70 28.18
CA ARG A 1127 -27.84 -59.27 26.92
C ARG A 1127 -26.41 -58.81 27.11
N LEU A 1128 -25.53 -59.24 26.21
CA LEU A 1128 -24.14 -58.82 26.18
C LEU A 1128 -23.77 -58.45 24.75
N ARG A 1129 -22.95 -57.42 24.59
CA ARG A 1129 -22.50 -56.96 23.29
C ARG A 1129 -21.00 -57.19 23.16
N VAL A 1130 -20.60 -57.88 22.10
CA VAL A 1130 -19.22 -58.27 21.87
C VAL A 1130 -18.83 -57.83 20.47
N ALA A 1131 -17.61 -57.32 20.33
CA ALA A 1131 -17.12 -56.85 19.03
C ALA A 1131 -15.78 -57.49 18.70
N VAL A 1132 -15.51 -57.60 17.41
CA VAL A 1132 -14.27 -58.19 16.90
C VAL A 1132 -13.64 -57.19 15.94
N LEU A 1133 -12.34 -56.94 16.12
CA LEU A 1133 -11.64 -55.98 15.27
C LEU A 1133 -10.92 -56.64 14.10
N ASP A 1134 -10.62 -57.93 14.20
CA ASP A 1134 -9.82 -58.64 13.21
C ASP A 1134 -10.65 -59.71 12.49
N THR A 1135 -11.87 -59.35 12.07
CA THR A 1135 -12.74 -60.32 11.41
C THR A 1135 -12.18 -60.71 10.04
N ARG A 1136 -11.97 -59.73 9.16
CA ARG A 1136 -11.57 -60.00 7.78
C ARG A 1136 -12.60 -60.96 7.20
N ALA A 1137 -12.22 -62.13 6.71
CA ALA A 1137 -13.16 -63.09 6.17
C ALA A 1137 -13.83 -63.95 7.25
N GLY A 1138 -13.63 -63.62 8.53
CA GLY A 1138 -14.24 -64.40 9.59
C GLY A 1138 -13.81 -65.84 9.63
N LEU A 1139 -12.52 -66.12 9.42
CA LEU A 1139 -12.07 -67.50 9.26
C LEU A 1139 -11.91 -68.20 10.60
N TRP A 1140 -11.06 -67.68 11.47
CA TRP A 1140 -10.98 -68.20 12.83
C TRP A 1140 -12.32 -68.12 13.53
N LEU A 1141 -13.08 -67.06 13.25
CA LEU A 1141 -14.46 -67.01 13.72
C LEU A 1141 -15.29 -68.15 13.13
N ASP A 1142 -15.06 -68.46 11.85
CA ASP A 1142 -15.75 -69.60 11.26
C ASP A 1142 -15.39 -70.89 12.00
N GLN A 1143 -14.19 -70.95 12.58
CA GLN A 1143 -13.78 -72.12 13.34
C GLN A 1143 -14.45 -72.19 14.72
N GLY A 1144 -14.61 -71.05 15.38
CA GLY A 1144 -15.10 -71.06 16.76
C GLY A 1144 -16.49 -70.47 16.97
N MET A 1145 -17.24 -70.25 15.90
CA MET A 1145 -18.51 -69.53 16.02
C MET A 1145 -19.53 -70.31 16.83
N ALA A 1146 -19.65 -71.61 16.58
CA ALA A 1146 -20.69 -72.39 17.24
C ALA A 1146 -20.63 -72.25 18.75
N SER A 1147 -19.43 -72.36 19.33
CA SER A 1147 -19.29 -72.13 20.76
C SER A 1147 -19.33 -70.66 21.11
N LEU A 1148 -18.92 -69.78 20.19
CA LEU A 1148 -18.89 -68.36 20.50
C LEU A 1148 -20.29 -67.79 20.70
N LEU A 1149 -21.25 -68.22 19.88
CA LEU A 1149 -22.61 -67.70 19.96
C LEU A 1149 -23.31 -68.20 21.22
N ARG A 1150 -22.98 -67.61 22.36
CA ARG A 1150 -23.63 -67.98 23.61
C ARG A 1150 -25.01 -67.31 23.71
N PRO A 1151 -25.92 -67.87 24.51
CA PRO A 1151 -27.25 -67.27 24.64
C PRO A 1151 -27.15 -65.82 25.11
N GLY A 1152 -27.94 -64.96 24.48
CA GLY A 1152 -27.94 -63.54 24.81
C GLY A 1152 -26.75 -62.77 24.30
N LEU A 1153 -25.89 -63.40 23.51
CA LEU A 1153 -24.69 -62.73 23.01
C LEU A 1153 -25.00 -62.00 21.72
N GLU A 1154 -24.70 -60.70 21.69
CA GLU A 1154 -24.79 -59.90 20.47
C GLU A 1154 -23.38 -59.66 19.96
N LEU A 1155 -23.11 -60.11 18.73
CA LEU A 1155 -21.77 -60.06 18.17
C LEU A 1155 -21.74 -59.09 17.00
N THR A 1156 -20.70 -58.25 16.97
CA THR A 1156 -20.45 -57.35 15.85
C THR A 1156 -19.03 -57.58 15.35
N LEU A 1157 -18.85 -57.49 14.04
CA LEU A 1157 -17.57 -57.78 13.40
C LEU A 1157 -17.07 -56.53 12.70
N PHE A 1158 -15.79 -56.20 12.92
CA PHE A 1158 -15.19 -55.00 12.35
C PHE A 1158 -13.90 -55.37 11.61
N GLU A 1159 -13.59 -54.60 10.58
CA GLU A 1159 -12.34 -54.70 9.86
C GLU A 1159 -12.27 -53.57 8.85
N ARG A 1160 -11.04 -53.19 8.49
CA ARG A 1160 -10.81 -52.10 7.55
C ARG A 1160 -10.95 -52.60 6.11
N SER A 1161 -12.07 -53.23 5.80
CA SER A 1161 -12.31 -53.74 4.45
C SER A 1161 -13.79 -54.10 4.31
N ARG A 1162 -14.38 -53.75 3.18
CA ARG A 1162 -15.78 -54.08 2.94
C ARG A 1162 -15.94 -55.48 2.38
N VAL A 1163 -15.08 -55.86 1.44
CA VAL A 1163 -15.22 -57.15 0.77
C VAL A 1163 -14.91 -58.30 1.73
N LEU A 1164 -13.87 -58.16 2.54
CA LEU A 1164 -13.52 -59.22 3.48
C LEU A 1164 -14.64 -59.44 4.48
N LEU A 1165 -15.25 -58.36 4.99
CA LEU A 1165 -16.37 -58.51 5.89
C LEU A 1165 -17.61 -59.04 5.18
N ASP A 1166 -17.75 -58.76 3.89
CA ASP A 1166 -18.82 -59.41 3.12
C ASP A 1166 -18.65 -60.92 3.12
N ALA A 1167 -17.41 -61.39 2.91
CA ALA A 1167 -17.15 -62.82 2.99
C ALA A 1167 -17.43 -63.36 4.39
N ALA A 1168 -17.01 -62.62 5.42
CA ALA A 1168 -17.27 -63.05 6.80
C ALA A 1168 -18.78 -63.20 7.04
N ALA A 1169 -19.56 -62.22 6.59
CA ALA A 1169 -21.01 -62.32 6.71
C ALA A 1169 -21.54 -63.51 5.91
N THR A 1170 -20.93 -63.79 4.76
CA THR A 1170 -21.37 -64.91 3.94
C THR A 1170 -21.22 -66.23 4.68
N ARG A 1171 -20.08 -66.42 5.37
CA ARG A 1171 -19.82 -67.70 6.02
C ARG A 1171 -20.37 -67.79 7.43
N LEU A 1172 -20.76 -66.66 8.04
CA LEU A 1172 -21.21 -66.67 9.43
C LEU A 1172 -22.72 -66.45 9.50
N PRO A 1173 -23.36 -66.91 10.57
CA PRO A 1173 -24.83 -66.87 10.63
C PRO A 1173 -25.37 -65.45 10.64
N GLU A 1174 -26.70 -65.37 10.64
CA GLU A 1174 -27.39 -64.09 10.48
C GLU A 1174 -27.51 -63.32 11.79
N ARG A 1175 -27.38 -63.99 12.95
CA ARG A 1175 -27.51 -63.30 14.23
C ARG A 1175 -26.29 -62.48 14.58
N ILE A 1176 -25.35 -62.29 13.64
CA ILE A 1176 -24.12 -61.55 13.88
C ILE A 1176 -24.18 -60.25 13.08
N VAL A 1177 -23.93 -59.14 13.75
CA VAL A 1177 -23.88 -57.85 13.09
C VAL A 1177 -22.51 -57.70 12.44
N VAL A 1178 -22.48 -57.03 11.29
CA VAL A 1178 -21.24 -56.76 10.57
C VAL A 1178 -21.19 -55.29 10.21
N GLN A 1179 -20.08 -54.64 10.54
CA GLN A 1179 -19.88 -53.23 10.23
C GLN A 1179 -18.46 -53.04 9.74
N ALA A 1180 -18.29 -52.31 8.64
CA ALA A 1180 -16.97 -52.11 8.09
C ALA A 1180 -16.36 -50.80 8.57
N LEU A 1181 -15.08 -50.87 8.95
CA LEU A 1181 -14.30 -49.67 9.23
C LEU A 1181 -13.91 -49.03 7.90
N ASP A 1182 -14.95 -48.61 7.16
CA ASP A 1182 -14.78 -48.16 5.79
C ASP A 1182 -13.66 -47.13 5.69
N ASP A 1183 -12.64 -47.44 4.90
CA ASP A 1183 -11.47 -46.58 4.80
C ASP A 1183 -10.84 -46.35 6.16
N GLY A 1184 -10.91 -47.39 7.01
CA GLY A 1184 -10.37 -47.32 8.35
C GLY A 1184 -11.18 -46.51 9.33
N LEU A 1185 -12.39 -46.15 9.06
CA LEU A 1185 -13.26 -45.25 9.72
C LEU A 1185 -14.29 -45.96 10.56
N LEU A 1186 -14.38 -45.75 11.83
CA LEU A 1186 -15.28 -46.30 12.78
C LEU A 1186 -16.53 -45.48 12.94
N PRO A 1187 -17.74 -45.99 12.69
CA PRO A 1187 -18.93 -45.27 13.07
C PRO A 1187 -18.99 -44.93 14.52
N ALA A 1188 -19.43 -43.78 14.92
CA ALA A 1188 -19.60 -43.31 16.25
C ALA A 1188 -20.68 -44.04 17.00
N GLU A 1189 -21.60 -44.66 16.34
CA GLU A 1189 -22.67 -45.42 16.86
C GLU A 1189 -22.21 -46.53 17.75
N HIS A 1190 -21.01 -47.04 17.49
CA HIS A 1190 -20.48 -48.19 18.20
C HIS A 1190 -19.58 -47.82 19.37
N LEU A 1191 -19.32 -46.59 19.64
CA LEU A 1191 -18.52 -46.09 20.69
C LEU A 1191 -19.08 -46.46 22.03
N GLY A 1192 -18.30 -47.14 22.88
CA GLY A 1192 -18.75 -47.50 24.21
C GLY A 1192 -19.98 -48.37 24.22
N ARG A 1193 -20.24 -49.05 23.10
CA ARG A 1193 -21.43 -49.87 22.97
C ARG A 1193 -21.19 -51.32 23.34
N TYR A 1194 -19.94 -51.77 23.35
CA TYR A 1194 -19.63 -53.20 23.49
C TYR A 1194 -18.94 -53.45 24.82
N ASP A 1195 -19.46 -54.42 25.57
CA ASP A 1195 -18.84 -54.81 26.83
C ASP A 1195 -17.51 -55.53 26.62
N ARG A 1196 -17.38 -56.25 25.51
CA ARG A 1196 -16.16 -56.97 25.20
C ARG A 1196 -15.73 -56.66 23.78
N VAL A 1197 -14.41 -56.58 23.58
CA VAL A 1197 -13.82 -56.37 22.26
C VAL A 1197 -12.76 -57.44 22.07
N ILE A 1198 -12.69 -57.99 20.86
CA ILE A 1198 -11.85 -59.13 20.54
C ILE A 1198 -10.91 -58.77 19.40
N SER A 1199 -9.62 -59.05 19.59
CA SER A 1199 -8.61 -58.97 18.55
C SER A 1199 -7.88 -60.30 18.48
N PHE A 1200 -7.65 -60.79 17.26
CA PHE A 1200 -7.13 -62.15 17.08
C PHE A 1200 -5.94 -62.13 16.12
N ALA A 1201 -4.75 -62.29 16.68
CA ALA A 1201 -3.53 -62.56 15.90
C ALA A 1201 -3.35 -61.59 14.74
N ALA A 1202 -3.90 -60.38 14.88
CA ALA A 1202 -3.72 -59.38 13.83
C ALA A 1202 -3.42 -57.99 14.35
N LEU A 1203 -3.23 -57.81 15.66
CA LEU A 1203 -2.90 -56.47 16.16
C LEU A 1203 -1.59 -55.98 15.58
N HIS A 1204 -0.65 -56.89 15.29
CA HIS A 1204 0.60 -56.49 14.65
C HIS A 1204 0.36 -55.91 13.27
N ALA A 1205 -0.63 -56.47 12.54
CA ALA A 1205 -0.94 -56.01 11.19
C ALA A 1205 -1.30 -54.53 11.14
N TYR A 1206 -1.83 -53.97 12.21
CA TYR A 1206 -2.06 -52.54 12.27
C TYR A 1206 -0.71 -51.81 12.21
N GLU A 1207 -0.74 -50.62 11.62
CA GLU A 1207 0.49 -49.85 11.46
C GLU A 1207 1.18 -49.58 12.79
N ALA A 1208 0.42 -49.55 13.88
CA ALA A 1208 0.98 -49.44 15.21
C ALA A 1208 0.02 -50.10 16.20
N SER A 1209 0.59 -50.80 17.18
CA SER A 1209 -0.25 -51.41 18.21
C SER A 1209 -1.12 -50.37 18.89
N ARG A 1210 -0.61 -49.14 19.01
CA ARG A 1210 -1.40 -48.05 19.57
C ARG A 1210 -2.68 -47.82 18.78
N GLU A 1211 -2.64 -47.96 17.45
CA GLU A 1211 -3.83 -47.76 16.64
C GLU A 1211 -4.94 -48.72 17.05
N GLY A 1212 -4.68 -50.03 16.96
CA GLY A 1212 -5.69 -51.00 17.30
C GLY A 1212 -6.09 -50.95 18.77
N LEU A 1213 -5.13 -50.68 19.65
CA LEU A 1213 -5.44 -50.60 21.07
C LEU A 1213 -6.38 -49.43 21.36
N ALA A 1214 -6.12 -48.28 20.74
CA ALA A 1214 -7.02 -47.14 20.90
C ALA A 1214 -8.38 -47.42 20.31
N LEU A 1215 -8.41 -48.08 19.15
CA LEU A 1215 -9.70 -48.45 18.55
C LEU A 1215 -10.50 -49.33 19.49
N ALA A 1216 -9.86 -50.34 20.08
CA ALA A 1216 -10.56 -51.23 20.99
C ALA A 1216 -11.01 -50.48 22.24
N ALA A 1217 -10.16 -49.61 22.79
CA ALA A 1217 -10.53 -48.87 23.98
C ALA A 1217 -11.73 -48.00 23.73
N ALA A 1218 -11.77 -47.32 22.58
CA ALA A 1218 -12.95 -46.53 22.24
C ALA A 1218 -14.17 -47.42 22.03
N LEU A 1219 -13.97 -48.58 21.42
CA LEU A 1219 -15.08 -49.48 21.13
C LEU A 1219 -15.60 -50.15 22.39
N LEU A 1220 -14.88 -50.04 23.51
CA LEU A 1220 -15.28 -50.75 24.71
C LEU A 1220 -16.17 -49.89 25.60
N ARG A 1221 -17.27 -50.49 26.05
CA ARG A 1221 -18.11 -49.87 27.06
C ARG A 1221 -17.32 -49.77 28.37
N PRO A 1222 -17.53 -48.71 29.15
CA PRO A 1222 -16.72 -48.55 30.37
C PRO A 1222 -16.79 -49.76 31.28
N GLN A 1223 -15.64 -50.13 31.84
CA GLN A 1223 -15.51 -51.35 32.64
C GLN A 1223 -15.57 -52.58 31.74
N GLY A 1224 -15.67 -52.38 30.43
CA GLY A 1224 -15.57 -53.48 29.50
C GLY A 1224 -14.16 -54.00 29.41
N ARG A 1225 -14.03 -55.22 28.90
CA ARG A 1225 -12.75 -55.93 28.89
C ARG A 1225 -12.36 -56.28 27.46
N LEU A 1226 -11.15 -55.88 27.07
CA LEU A 1226 -10.59 -56.30 25.80
C LEU A 1226 -10.11 -57.74 25.89
N LEU A 1227 -10.25 -58.48 24.79
CA LEU A 1227 -9.70 -59.82 24.64
C LEU A 1227 -8.77 -59.81 23.44
N LEU A 1228 -7.54 -60.27 23.62
CA LEU A 1228 -6.49 -60.07 22.63
C LEU A 1228 -5.55 -61.26 22.63
N VAL A 1229 -5.34 -61.84 21.45
CA VAL A 1229 -4.25 -62.79 21.21
C VAL A 1229 -3.38 -62.23 20.10
N ASP A 1230 -2.08 -62.15 20.34
CA ASP A 1230 -1.15 -61.56 19.39
C ASP A 1230 0.10 -62.41 19.28
N LEU A 1231 0.74 -62.33 18.12
CA LEU A 1231 1.95 -63.10 17.86
C LEU A 1231 3.16 -62.39 18.44
N LEU A 1232 3.86 -63.04 19.36
CA LEU A 1232 5.14 -62.54 19.85
C LEU A 1232 6.31 -63.12 19.07
N CYS A 1233 6.20 -64.37 18.62
CA CYS A 1233 7.23 -65.00 17.81
C CYS A 1233 6.66 -65.37 16.45
N GLU A 1234 7.51 -65.27 15.43
CA GLU A 1234 7.07 -65.53 14.06
C GLU A 1234 6.58 -66.96 13.91
N SER A 1235 5.48 -67.12 13.17
CA SER A 1235 5.01 -68.44 12.78
C SER A 1235 5.53 -68.75 11.38
N PRO A 1236 6.32 -69.82 11.20
CA PRO A 1236 6.91 -70.08 9.88
C PRO A 1236 5.90 -70.13 8.74
N LEU A 1237 4.69 -70.65 8.97
CA LEU A 1237 3.68 -70.65 7.92
C LEU A 1237 3.07 -69.26 7.75
N ALA A 1238 2.89 -68.53 8.86
CA ALA A 1238 2.46 -67.14 8.75
C ALA A 1238 3.50 -66.30 8.01
N LEU A 1239 4.76 -66.74 8.00
CA LEU A 1239 5.75 -66.05 7.19
C LEU A 1239 5.40 -66.16 5.71
N LEU A 1240 5.01 -67.35 5.26
CA LEU A 1240 4.57 -67.50 3.87
C LEU A 1240 3.32 -66.68 3.60
N GLY A 1241 2.38 -66.66 4.54
CA GLY A 1241 1.20 -65.84 4.37
C GLY A 1241 1.53 -64.36 4.20
N ALA A 1242 2.41 -63.85 5.06
CA ALA A 1242 2.81 -62.45 4.95
C ALA A 1242 3.57 -62.18 3.65
N ALA A 1243 4.45 -63.11 3.26
CA ALA A 1243 5.17 -62.95 2.00
C ALA A 1243 4.22 -62.88 0.82
N LEU A 1244 3.15 -63.67 0.85
CA LEU A 1244 2.08 -63.50 -0.13
C LEU A 1244 1.42 -62.14 0.01
N LEU A 1245 1.23 -61.66 1.24
CA LEU A 1245 0.86 -60.27 1.46
C LEU A 1245 2.04 -59.32 1.24
N ASP A 1246 3.26 -59.84 1.27
CA ASP A 1246 4.47 -59.04 1.10
C ASP A 1246 4.56 -57.98 2.20
N ASP A 1247 4.18 -58.37 3.41
CA ASP A 1247 4.25 -57.49 4.57
C ASP A 1247 5.38 -57.94 5.48
N ARG A 1248 5.94 -56.96 6.20
CA ARG A 1248 7.13 -57.22 7.00
C ARG A 1248 6.77 -58.06 8.23
N PRO A 1249 7.57 -59.09 8.56
CA PRO A 1249 7.36 -59.80 9.83
C PRO A 1249 7.87 -59.03 11.04
N LEU A 1250 8.50 -57.87 10.83
CA LEU A 1250 9.07 -57.10 11.93
C LEU A 1250 8.00 -56.46 12.81
N ARG A 1251 6.72 -56.50 12.39
CA ARG A 1251 5.66 -55.92 13.21
C ARG A 1251 5.58 -56.54 14.58
N LEU A 1252 5.98 -57.80 14.71
CA LEU A 1252 5.80 -58.53 15.96
C LEU A 1252 6.72 -57.99 17.05
N ALA A 1253 6.27 -58.12 18.29
CA ALA A 1253 7.06 -57.74 19.45
C ALA A 1253 6.59 -58.57 20.65
N GLU A 1254 7.46 -58.69 21.64
CA GLU A 1254 7.13 -59.48 22.82
C GLU A 1254 6.07 -58.76 23.65
N LEU A 1255 5.39 -59.52 24.50
CA LEU A 1255 4.22 -59.01 25.21
C LEU A 1255 4.55 -57.88 26.20
N PRO A 1256 5.78 -57.75 26.70
CA PRO A 1256 6.06 -56.56 27.53
C PRO A 1256 5.81 -55.25 26.79
N SER A 1257 6.23 -55.16 25.52
CA SER A 1257 5.93 -53.98 24.73
C SER A 1257 4.45 -53.85 24.46
N LEU A 1258 3.77 -54.98 24.21
CA LEU A 1258 2.34 -54.95 23.96
C LEU A 1258 1.60 -54.38 25.16
N LEU A 1259 1.95 -54.83 26.37
CA LEU A 1259 1.30 -54.33 27.57
C LEU A 1259 1.70 -52.89 27.87
N ALA A 1260 2.94 -52.50 27.56
CA ALA A 1260 3.30 -51.10 27.72
C ALA A 1260 2.42 -50.21 26.84
N ASP A 1261 2.26 -50.59 25.57
CA ASP A 1261 1.39 -49.81 24.68
C ASP A 1261 -0.05 -49.84 25.16
N LEU A 1262 -0.52 -51.00 25.61
CA LEU A 1262 -1.91 -51.13 26.05
C LEU A 1262 -2.18 -50.26 27.27
N ALA A 1263 -1.25 -50.24 28.22
CA ALA A 1263 -1.37 -49.31 29.35
C ALA A 1263 -1.31 -47.86 28.87
N ALA A 1264 -0.45 -47.57 27.91
CA ALA A 1264 -0.49 -46.25 27.28
C ALA A 1264 -1.84 -46.00 26.63
N ALA A 1265 -2.57 -47.06 26.30
CA ALA A 1265 -3.93 -46.96 25.80
C ALA A 1265 -4.97 -46.94 26.92
N GLY A 1266 -4.53 -46.89 28.18
CA GLY A 1266 -5.42 -46.72 29.30
C GLY A 1266 -6.03 -47.99 29.84
N LEU A 1267 -5.73 -49.15 29.26
CA LEU A 1267 -6.33 -50.41 29.70
C LEU A 1267 -5.45 -51.07 30.76
N ALA A 1268 -6.07 -51.94 31.56
CA ALA A 1268 -5.39 -52.66 32.63
C ALA A 1268 -5.30 -54.13 32.25
N PRO A 1269 -4.15 -54.63 31.81
CA PRO A 1269 -4.10 -55.96 31.21
C PRO A 1269 -3.82 -57.10 32.19
N ARG A 1270 -4.17 -58.30 31.75
CA ARG A 1270 -3.77 -59.55 32.38
C ARG A 1270 -3.48 -60.56 31.29
N CYS A 1271 -2.29 -61.15 31.33
CA CYS A 1271 -1.90 -62.16 30.36
C CYS A 1271 -2.26 -63.53 30.90
N LEU A 1272 -2.95 -64.33 30.08
CA LEU A 1272 -3.55 -65.56 30.58
C LEU A 1272 -2.64 -66.77 30.39
N TRP A 1273 -2.19 -67.05 29.17
CA TRP A 1273 -1.37 -68.25 28.96
C TRP A 1273 -0.76 -68.21 27.56
N ARG A 1274 0.11 -69.19 27.31
CA ARG A 1274 0.70 -69.51 26.00
C ARG A 1274 1.78 -68.53 25.56
N SER A 1275 1.98 -67.43 26.28
CA SER A 1275 3.19 -66.62 26.18
C SER A 1275 3.72 -66.45 24.76
N GLU A 1276 4.90 -67.03 24.48
CA GLU A 1276 5.70 -66.60 23.34
C GLU A 1276 5.02 -66.86 22.00
N ARG A 1277 4.23 -67.92 21.87
CA ARG A 1277 3.62 -68.23 20.58
C ARG A 1277 2.34 -67.41 20.40
N ILE A 1278 1.39 -67.57 21.30
CA ILE A 1278 0.13 -66.85 21.28
C ILE A 1278 -0.09 -66.28 22.68
N ALA A 1279 0.11 -64.97 22.83
CA ALA A 1279 -0.05 -64.30 24.12
C ALA A 1279 -1.49 -63.83 24.27
N LEU A 1280 -2.25 -64.52 25.11
CA LEU A 1280 -3.66 -64.17 25.33
C LEU A 1280 -3.73 -63.09 26.40
N VAL A 1281 -4.03 -61.88 25.98
CA VAL A 1281 -4.10 -60.72 26.86
C VAL A 1281 -5.53 -60.24 26.95
N GLU A 1282 -5.99 -59.98 28.18
CA GLU A 1282 -7.28 -59.38 28.42
C GLU A 1282 -7.11 -58.19 29.35
N ALA A 1283 -7.72 -57.07 28.98
CA ALA A 1283 -7.55 -55.83 29.72
C ALA A 1283 -8.90 -55.14 29.89
N LEU A 1284 -9.05 -54.44 31.01
CA LEU A 1284 -10.26 -53.68 31.29
C LEU A 1284 -10.13 -52.27 30.74
N ALA A 1285 -11.27 -51.69 30.33
CA ALA A 1285 -11.28 -50.34 29.78
C ALA A 1285 -11.85 -49.36 30.79
N PRO A 1286 -11.16 -48.25 31.09
CA PRO A 1286 -11.70 -47.29 32.05
C PRO A 1286 -12.86 -46.48 31.48
N GLY A 1287 -13.29 -45.44 32.20
CA GLY A 1287 -14.40 -44.63 31.79
C GLY A 1287 -14.03 -43.54 30.80
N LEU A 1288 -13.72 -43.93 29.57
CA LEU A 1288 -13.33 -42.93 28.57
C LEU A 1288 -14.42 -41.87 28.40
N GLY A 1289 -15.68 -42.25 28.63
CA GLY A 1289 -16.79 -41.33 28.53
C GLY A 1289 -17.37 -41.20 27.14
N LEU A 1290 -16.85 -41.81 26.14
CA LEU A 1290 -17.27 -41.83 24.80
C LEU A 1290 -18.48 -42.73 24.60
N ASP A 1291 -19.52 -42.27 24.00
CA ASP A 1291 -20.72 -42.94 23.68
C ASP A 1291 -21.54 -42.21 22.66
N ALA A 1292 -22.20 -42.85 21.75
CA ALA A 1292 -23.06 -42.29 20.79
C ALA A 1292 -24.08 -41.38 21.42
N ALA A 1293 -24.73 -41.83 22.45
CA ALA A 1293 -25.65 -41.12 23.25
C ALA A 1293 -25.01 -39.90 23.87
N ALA A 1294 -23.89 -40.05 24.49
CA ALA A 1294 -23.11 -39.04 25.10
C ALA A 1294 -22.67 -37.98 24.13
N LEU A 1295 -22.16 -38.36 23.01
CA LEU A 1295 -21.76 -37.55 21.93
C LEU A 1295 -22.89 -36.71 21.41
N GLN A 1296 -24.02 -37.30 21.20
CA GLN A 1296 -25.23 -36.71 20.78
C GLN A 1296 -25.67 -35.64 21.73
N ALA A 1297 -25.69 -35.93 23.00
CA ALA A 1297 -26.00 -35.05 24.05
C ALA A 1297 -25.11 -33.83 24.08
N GLY A 1298 -23.83 -34.02 23.98
CA GLY A 1298 -22.91 -33.01 23.91
C GLY A 1298 -23.04 -32.09 22.76
N LEU A 1299 -23.28 -32.64 21.57
CA LEU A 1299 -23.49 -31.84 20.37
C LEU A 1299 -24.80 -31.04 20.43
N GLU A 1300 -25.85 -31.58 21.03
CA GLU A 1300 -27.07 -30.94 21.34
C GLU A 1300 -26.87 -29.79 22.29
N GLN A 1301 -25.98 -29.92 23.22
CA GLN A 1301 -25.59 -28.98 24.20
C GLN A 1301 -24.80 -27.83 23.65
N ARG A 1302 -23.94 -28.09 22.64
CA ARG A 1302 -22.93 -27.15 22.13
C ARG A 1302 -23.08 -26.66 20.69
N LEU A 1303 -23.95 -27.23 19.86
CA LEU A 1303 -24.18 -26.81 18.47
C LEU A 1303 -25.69 -26.75 18.17
N PRO A 1304 -26.18 -25.83 17.32
CA PRO A 1304 -27.54 -25.89 16.82
C PRO A 1304 -27.72 -27.07 15.87
N GLN A 1305 -28.95 -27.54 15.64
CA GLN A 1305 -29.23 -28.68 14.74
C GLN A 1305 -28.79 -28.44 13.29
N ALA A 1306 -28.56 -27.17 12.92
CA ALA A 1306 -27.97 -26.76 11.66
C ALA A 1306 -26.53 -27.25 11.42
N MET A 1307 -25.77 -27.61 12.46
CA MET A 1307 -24.34 -27.97 12.32
C MET A 1307 -23.86 -29.11 13.21
N ARG A 1308 -24.75 -29.84 13.88
CA ARG A 1308 -24.40 -31.12 14.51
C ARG A 1308 -24.05 -32.12 13.42
N PRO A 1309 -22.92 -32.85 13.49
CA PRO A 1309 -22.65 -33.95 12.60
C PRO A 1309 -23.81 -34.94 12.55
N GLU A 1310 -24.37 -35.15 11.37
CA GLU A 1310 -25.54 -35.99 11.19
C GLU A 1310 -25.14 -37.46 11.28
N ARG A 1311 -23.99 -37.79 10.68
CA ARG A 1311 -23.21 -38.97 10.75
C ARG A 1311 -21.90 -38.71 11.45
N LEU A 1312 -21.56 -39.43 12.47
CA LEU A 1312 -20.45 -39.31 13.33
C LEU A 1312 -19.57 -40.53 13.31
N TRP A 1313 -18.28 -40.42 13.20
CA TRP A 1313 -17.28 -41.41 13.09
C TRP A 1313 -16.21 -41.28 14.13
N CYS A 1314 -15.29 -42.17 14.21
CA CYS A 1314 -14.19 -42.28 15.09
C CYS A 1314 -12.95 -42.84 14.47
N LEU A 1315 -11.78 -42.39 14.80
CA LEU A 1315 -10.49 -42.81 14.45
C LEU A 1315 -9.54 -42.90 15.60
N PRO A 1316 -8.61 -43.86 15.63
CA PRO A 1316 -7.53 -43.79 16.64
C PRO A 1316 -6.65 -42.58 16.49
N SER A 1317 -6.41 -42.07 15.31
CA SER A 1317 -5.64 -40.95 14.97
C SER A 1317 -5.99 -40.37 13.63
N LEU A 1318 -5.96 -39.09 13.44
CA LEU A 1318 -6.24 -38.39 12.25
C LEU A 1318 -5.17 -38.61 11.21
N PRO A 1319 -5.47 -38.99 9.98
CA PRO A 1319 -4.50 -38.92 8.91
C PRO A 1319 -4.01 -37.52 8.67
N LEU A 1320 -2.77 -37.30 8.35
CA LEU A 1320 -2.08 -36.09 8.18
C LEU A 1320 -1.70 -35.81 6.75
N ASN A 1321 -1.86 -34.62 6.27
CA ASN A 1321 -1.45 -34.11 5.02
C ASN A 1321 0.06 -34.08 4.91
N GLY A 1322 0.58 -33.94 3.69
CA GLY A 1322 2.02 -33.88 3.51
C GLY A 1322 2.68 -32.78 4.30
N ASN A 1323 2.01 -31.73 4.64
CA ASN A 1323 2.40 -30.63 5.44
C ASN A 1323 2.39 -30.89 6.92
N GLY A 1324 1.86 -32.05 7.32
CA GLY A 1324 1.70 -32.38 8.72
C GLY A 1324 0.39 -31.97 9.33
N LYS A 1325 -0.48 -31.29 8.67
CA LYS A 1325 -1.77 -30.89 9.04
C LYS A 1325 -2.78 -31.99 8.87
N VAL A 1326 -3.93 -31.90 9.45
CA VAL A 1326 -5.02 -32.78 9.33
C VAL A 1326 -5.39 -32.95 7.89
N ASP A 1327 -5.48 -34.12 7.34
CA ASP A 1327 -5.85 -34.49 6.03
C ASP A 1327 -7.35 -34.42 5.88
N ARG A 1328 -7.92 -33.20 5.88
CA ARG A 1328 -9.38 -33.03 5.84
C ARG A 1328 -10.01 -33.59 4.56
N ARG A 1329 -9.34 -33.49 3.41
CA ARG A 1329 -9.77 -34.04 2.17
C ARG A 1329 -9.95 -35.54 2.27
N ARG A 1330 -8.97 -36.22 2.75
CA ARG A 1330 -8.95 -37.62 2.95
C ARG A 1330 -10.07 -38.07 3.86
N LEU A 1331 -10.25 -37.42 4.95
CA LEU A 1331 -11.26 -37.63 5.91
C LEU A 1331 -12.64 -37.45 5.33
N ALA A 1332 -12.84 -36.42 4.57
CA ALA A 1332 -14.03 -36.12 3.87
C ALA A 1332 -14.41 -37.23 2.93
N GLU A 1333 -13.51 -37.69 2.13
CA GLU A 1333 -13.63 -38.76 1.24
C GLU A 1333 -14.00 -40.04 1.94
N SER A 1334 -13.36 -40.34 3.01
CA SER A 1334 -13.56 -41.45 3.86
C SER A 1334 -14.98 -41.49 4.39
N MET A 1335 -15.44 -40.41 4.92
CA MET A 1335 -16.75 -40.20 5.42
C MET A 1335 -17.79 -40.40 4.36
N THR A 1336 -17.61 -39.83 3.20
CA THR A 1336 -18.42 -39.94 2.06
C THR A 1336 -18.62 -41.38 1.66
N ARG A 1337 -17.49 -42.10 1.58
CA ARG A 1337 -17.56 -43.53 1.27
C ARG A 1337 -18.28 -44.29 2.37
N ALA A 1338 -18.09 -43.99 3.61
CA ALA A 1338 -18.70 -44.54 4.76
C ALA A 1338 -20.19 -44.39 4.76
N LEU A 1339 -20.72 -43.36 4.17
CA LEU A 1339 -22.10 -43.11 4.00
C LEU A 1339 -22.80 -44.25 3.32
N GLY A 1340 -22.12 -44.86 2.36
CA GLY A 1340 -22.69 -45.98 1.63
C GLY A 1340 -21.77 -46.56 0.57
N SER B 7 11.66 4.84 53.17
CA SER B 7 11.83 3.55 52.68
C SER B 7 11.04 3.31 51.42
N ARG B 8 11.47 2.48 50.53
CA ARG B 8 10.85 2.17 49.29
C ARG B 8 9.49 1.54 49.48
N THR B 9 9.35 0.63 50.38
CA THR B 9 8.16 -0.07 50.70
C THR B 9 7.11 0.82 51.31
N ALA B 10 7.46 1.64 52.24
CA ALA B 10 6.66 2.64 52.83
C ALA B 10 6.17 3.64 51.81
N LEU B 11 7.00 4.07 50.93
CA LEU B 11 6.73 4.90 49.83
C LEU B 11 5.71 4.28 48.89
N ARG B 12 5.82 3.03 48.62
CA ARG B 12 4.91 2.23 47.88
C ARG B 12 3.55 2.21 48.51
N ASP B 13 3.47 2.05 49.80
CA ASP B 13 2.30 2.13 50.58
C ASP B 13 1.61 3.46 50.43
N TRP B 14 2.39 4.56 50.48
CA TRP B 14 1.86 5.92 50.30
C TRP B 14 1.31 6.12 48.88
N LEU B 15 2.05 5.68 47.85
CA LEU B 15 1.55 5.69 46.48
C LEU B 15 0.28 4.88 46.33
N THR B 16 0.15 3.74 47.02
CA THR B 16 -0.98 2.89 47.07
C THR B 16 -2.18 3.63 47.59
N GLU B 17 -2.04 4.31 48.68
CA GLU B 17 -3.01 5.13 49.29
C GLU B 17 -3.51 6.19 48.35
N GLN B 18 -2.59 6.94 47.73
CA GLN B 18 -2.98 7.99 46.80
C GLN B 18 -3.70 7.42 45.58
N LEU B 19 -3.17 6.39 44.95
CA LEU B 19 -3.82 5.73 43.83
C LEU B 19 -5.20 5.20 44.19
N ALA B 20 -5.42 4.65 45.38
CA ALA B 20 -6.67 4.24 45.89
C ALA B 20 -7.64 5.39 45.94
N ASP B 21 -7.25 6.49 46.49
CA ASP B 21 -7.98 7.69 46.60
C ASP B 21 -8.41 8.21 45.25
N LEU B 22 -7.47 8.22 44.31
CA LEU B 22 -7.61 8.81 42.97
C LEU B 22 -8.39 7.91 42.01
N LEU B 23 -8.07 6.62 41.93
CA LEU B 23 -8.76 5.64 41.09
C LEU B 23 -10.11 5.20 41.66
N GLY B 24 -10.39 5.41 42.95
CA GLY B 24 -11.45 4.89 43.65
C GLY B 24 -11.50 3.43 43.81
N GLU B 25 -10.35 2.85 44.09
CA GLU B 25 -10.11 1.41 44.20
C GLU B 25 -9.72 1.07 45.65
N PRO B 26 -9.88 -0.17 46.13
CA PRO B 26 -9.39 -0.60 47.41
C PRO B 26 -7.91 -0.41 47.59
N LEU B 27 -7.42 -0.04 48.73
CA LEU B 27 -6.06 0.08 49.07
C LEU B 27 -5.30 -1.19 48.83
N ALA B 28 -5.82 -2.29 49.28
CA ALA B 28 -5.30 -3.59 49.16
C ALA B 28 -5.10 -3.98 47.71
N ASP B 29 -6.09 -3.81 46.90
CA ASP B 29 -6.12 -4.07 45.52
C ASP B 29 -5.05 -3.32 44.77
N VAL B 30 -4.93 -2.04 45.01
CA VAL B 30 -3.95 -1.17 44.50
C VAL B 30 -2.57 -1.64 44.85
N ARG B 31 -2.35 -1.98 46.08
CA ARG B 31 -1.15 -2.53 46.60
C ARG B 31 -0.72 -3.75 45.86
N ALA B 32 -1.63 -4.57 45.44
CA ALA B 32 -1.48 -5.75 44.68
C ALA B 32 -0.87 -5.49 43.32
N LEU B 33 -1.09 -4.30 42.75
CA LEU B 33 -0.56 -3.94 41.45
C LEU B 33 0.97 -3.98 41.50
N ALA B 34 1.57 -4.68 40.55
CA ALA B 34 2.94 -4.95 40.38
C ALA B 34 3.73 -3.67 40.16
N ASP B 35 5.00 -3.67 40.42
CA ASP B 35 5.91 -2.62 40.16
C ASP B 35 5.92 -2.23 38.70
N ASP B 36 5.92 -3.18 37.82
CA ASP B 36 5.91 -3.11 36.41
C ASP B 36 4.55 -2.98 35.79
N ASP B 37 3.47 -2.95 36.59
CA ASP B 37 2.09 -2.84 36.09
C ASP B 37 1.77 -1.42 35.63
N ASP B 38 1.36 -1.25 34.37
CA ASP B 38 0.95 0.05 33.84
C ASP B 38 -0.35 0.53 34.51
N LEU B 39 -0.27 1.65 35.19
CA LEU B 39 -1.35 2.26 35.93
C LEU B 39 -2.39 2.94 35.03
N LEU B 40 -2.03 3.40 33.83
CA LEU B 40 -3.02 3.77 32.83
C LEU B 40 -3.77 2.50 32.37
N GLY B 41 -3.09 1.36 32.39
CA GLY B 41 -3.65 0.02 32.40
C GLY B 41 -4.61 -0.24 33.56
N CYS B 42 -4.35 0.31 34.72
CA CYS B 42 -5.17 0.24 35.92
C CYS B 42 -6.21 1.37 36.00
N GLY B 43 -6.53 2.03 34.88
CA GLY B 43 -7.57 3.04 34.79
C GLY B 43 -7.18 4.45 35.23
N LEU B 44 -5.90 4.69 35.53
CA LEU B 44 -5.37 6.03 35.76
C LEU B 44 -5.50 6.88 34.49
N ASP B 45 -5.70 8.19 34.66
CA ASP B 45 -5.74 9.17 33.58
C ASP B 45 -4.86 10.36 33.95
N SER B 46 -4.74 11.34 33.06
CA SER B 46 -3.91 12.50 33.31
C SER B 46 -4.46 13.40 34.40
N ILE B 47 -5.78 13.46 34.58
CA ILE B 47 -6.41 14.29 35.61
C ILE B 47 -6.00 13.76 36.98
N ARG B 48 -6.21 12.47 37.20
CA ARG B 48 -5.71 11.78 38.40
C ARG B 48 -4.21 11.92 38.53
N LEU B 49 -3.46 11.68 37.47
CA LEU B 49 -2.02 11.66 37.59
C LEU B 49 -1.44 13.07 37.82
N MET B 50 -2.08 14.14 37.37
CA MET B 50 -1.71 15.48 37.79
C MET B 50 -2.07 15.73 39.25
N TYR B 51 -3.18 15.20 39.76
CA TYR B 51 -3.43 15.22 41.20
C TYR B 51 -2.36 14.47 41.99
N LEU B 52 -1.93 13.29 41.53
CA LEU B 52 -0.84 12.58 42.18
C LEU B 52 0.45 13.39 42.12
N GLN B 53 0.78 13.99 40.99
CA GLN B 53 1.95 14.85 40.87
C GLN B 53 1.89 16.00 41.89
N GLU B 54 0.73 16.63 42.06
CA GLU B 54 0.53 17.67 43.04
C GLU B 54 0.72 17.16 44.48
N ARG B 55 0.26 15.96 44.80
CA ARG B 55 0.46 15.35 46.12
C ARG B 55 1.91 14.98 46.39
N LEU B 56 2.62 14.47 45.40
CA LEU B 56 4.06 14.25 45.47
C LEU B 56 4.82 15.58 45.64
N ARG B 57 4.38 16.65 44.99
CA ARG B 57 4.96 17.99 45.09
C ARG B 57 4.73 18.66 46.45
N ALA B 58 3.53 18.56 47.04
CA ALA B 58 3.18 18.89 48.37
C ALA B 58 4.05 18.15 49.37
N ARG B 59 4.22 16.89 49.19
CA ARG B 59 5.08 16.02 49.92
C ARG B 59 6.52 16.49 49.89
N GLY B 60 6.93 17.16 48.88
CA GLY B 60 8.21 17.52 48.56
C GLY B 60 9.01 16.74 47.61
N SER B 61 8.56 15.59 47.23
CA SER B 61 9.07 14.71 46.26
C SER B 61 8.72 15.17 44.87
N THR B 62 9.10 16.33 44.45
CA THR B 62 8.79 16.97 43.23
C THR B 62 9.15 16.11 42.05
N LEU B 63 8.28 15.86 41.12
CA LEU B 63 8.43 15.18 39.91
C LEU B 63 7.67 15.81 38.77
N ASP B 64 8.17 15.78 37.58
CA ASP B 64 7.55 16.18 36.38
C ASP B 64 6.49 15.22 35.94
N PHE B 65 5.30 15.64 35.55
CA PHE B 65 4.29 14.76 35.01
C PHE B 65 4.85 13.92 33.86
N ALA B 66 5.77 14.43 33.05
CA ALA B 66 6.46 13.72 32.04
C ALA B 66 7.14 12.49 32.58
N GLN B 67 7.89 12.63 33.63
CA GLN B 67 8.57 11.62 34.35
C GLN B 67 7.61 10.56 34.84
N LEU B 68 6.53 10.97 35.49
CA LEU B 68 5.56 10.02 36.02
C LEU B 68 4.85 9.27 34.91
N ALA B 69 4.46 9.97 33.85
CA ALA B 69 3.55 9.46 32.85
C ALA B 69 4.22 8.78 31.66
N GLN B 70 5.55 8.85 31.51
CA GLN B 70 6.35 8.17 30.57
C GLN B 70 6.59 6.73 30.95
N ARG B 71 6.65 6.42 32.20
CA ARG B 71 6.75 5.16 32.85
C ARG B 71 5.72 5.00 33.92
N PRO B 72 4.43 4.99 33.60
CA PRO B 72 3.34 5.06 34.57
C PRO B 72 3.09 3.72 35.27
N CYS B 73 4.06 3.20 36.01
CA CYS B 73 4.07 2.04 36.80
C CYS B 73 4.66 2.26 38.16
N LEU B 74 4.24 1.59 39.17
CA LEU B 74 4.62 1.75 40.52
C LEU B 74 6.11 1.70 40.72
N GLY B 75 6.78 0.79 40.08
CA GLY B 75 8.15 0.65 40.15
C GLY B 75 8.96 1.79 39.68
N ALA B 76 8.65 2.32 38.54
CA ALA B 76 9.20 3.48 37.96
C ALA B 76 9.04 4.68 38.83
N TRP B 77 7.84 4.91 39.35
CA TRP B 77 7.59 6.03 40.24
C TRP B 77 8.42 5.92 41.50
N LEU B 78 8.50 4.72 42.07
CA LEU B 78 9.26 4.43 43.22
C LEU B 78 10.72 4.78 43.03
N ASP B 79 11.31 4.35 41.97
CA ASP B 79 12.63 4.63 41.55
C ASP B 79 12.87 6.10 41.43
N LEU B 80 12.04 6.79 40.71
CA LEU B 80 12.06 8.18 40.48
C LEU B 80 12.03 8.96 41.76
N LEU B 81 11.16 8.64 42.65
CA LEU B 81 10.96 9.23 43.92
C LEU B 81 12.14 9.03 44.84
N ALA B 82 12.70 7.87 44.87
CA ALA B 82 13.87 7.52 45.56
C ALA B 82 15.03 8.41 45.20
N CYS B 83 15.25 8.62 43.94
CA CYS B 83 16.19 9.51 43.39
C CYS B 83 15.89 10.95 43.73
N ALA B 84 14.66 11.34 43.62
CA ALA B 84 14.16 12.65 43.79
C ALA B 84 14.35 13.18 45.19
N ASP B 85 14.07 12.39 46.18
CA ASP B 85 14.17 12.68 47.56
C ASP B 85 15.50 13.22 47.95
N ARG B 86 16.54 12.90 47.17
CA ARG B 86 17.88 13.42 47.38
C ARG B 86 18.36 14.31 46.23
N LEU B 87 17.67 14.29 45.10
CA LEU B 87 18.07 15.09 43.94
C LEU B 87 17.08 16.19 43.59
N SER B 88 15.90 16.25 44.11
CA SER B 88 14.82 17.12 43.87
C SER B 88 14.55 18.07 45.02
N ALA B 89 14.22 19.29 44.79
CA ALA B 89 13.92 20.32 45.71
C ALA B 89 12.47 20.33 46.15
N PRO B 90 12.15 20.77 47.35
CA PRO B 90 10.78 20.92 47.77
C PRO B 90 10.06 22.07 47.09
N ALA B 91 8.77 22.11 47.11
CA ALA B 91 7.87 23.04 46.56
C ALA B 91 7.08 23.85 47.56
N THR B 92 7.61 24.24 48.66
CA THR B 92 7.03 24.99 49.72
C THR B 92 7.07 26.49 49.49
N VAL B 93 6.62 26.98 48.39
CA VAL B 93 6.55 28.33 48.00
C VAL B 93 5.57 29.08 48.86
N ALA B 94 5.97 30.20 49.46
CA ALA B 94 5.07 30.99 50.29
C ALA B 94 4.13 31.79 49.41
N LEU B 95 2.88 31.48 49.38
CA LEU B 95 1.85 32.12 48.67
C LEU B 95 1.63 33.53 49.15
N PRO B 96 1.20 34.46 48.30
CA PRO B 96 0.68 35.73 48.82
C PRO B 96 -0.51 35.46 49.72
N THR B 97 -0.59 36.21 50.82
CA THR B 97 -1.58 35.90 51.85
C THR B 97 -3.00 35.97 51.30
N ALA B 98 -3.30 37.02 50.52
CA ALA B 98 -4.63 37.14 49.94
C ALA B 98 -4.64 38.30 48.96
N GLN B 99 -5.36 38.10 47.86
CA GLN B 99 -5.70 39.17 46.94
C GLN B 99 -7.10 39.67 47.26
N ASP B 100 -7.25 40.98 47.37
CA ASP B 100 -8.52 41.56 47.77
C ASP B 100 -9.66 40.94 46.97
N ARG B 101 -10.56 40.26 47.68
CA ARG B 101 -11.59 39.43 47.06
C ARG B 101 -12.68 40.22 46.36
N ASP B 102 -12.55 41.55 46.26
CA ASP B 102 -13.51 42.37 45.54
C ASP B 102 -12.86 43.28 44.51
N GLN B 103 -11.53 43.27 44.40
CA GLN B 103 -10.85 44.12 43.45
C GLN B 103 -10.63 43.38 42.13
N PRO B 104 -10.50 44.12 41.02
CA PRO B 104 -10.20 43.47 39.74
C PRO B 104 -8.83 42.81 39.75
N PHE B 105 -8.81 41.48 39.63
CA PHE B 105 -7.56 40.75 39.65
C PHE B 105 -7.26 40.20 38.26
N GLU B 106 -6.03 39.72 38.11
CA GLU B 106 -5.52 39.35 36.79
C GLU B 106 -6.26 38.13 36.23
N LEU B 107 -6.35 38.01 34.95
CA LEU B 107 -6.85 36.93 34.20
C LEU B 107 -5.88 35.79 34.14
N SER B 108 -6.32 34.58 34.11
CA SER B 108 -5.60 33.41 33.76
C SER B 108 -5.20 33.46 32.31
N SER B 109 -4.13 32.84 31.91
CA SER B 109 -3.64 32.77 30.59
C SER B 109 -4.73 32.36 29.62
N VAL B 110 -5.41 31.29 29.90
CA VAL B 110 -6.53 30.80 29.19
C VAL B 110 -7.65 31.81 29.19
N GLN B 111 -7.90 32.42 30.31
CA GLN B 111 -8.82 33.48 30.50
C GLN B 111 -8.49 34.65 29.62
N GLN B 112 -7.26 35.03 29.53
CA GLN B 112 -6.73 36.02 28.68
C GLN B 112 -7.03 35.73 27.23
N ALA B 113 -6.77 34.55 26.80
CA ALA B 113 -6.99 34.04 25.50
C ALA B 113 -8.44 34.16 25.10
N TYR B 114 -9.32 33.70 25.97
CA TYR B 114 -10.77 33.75 25.78
C TYR B 114 -11.31 35.18 25.75
N TRP B 115 -10.73 36.10 26.53
CA TRP B 115 -11.01 37.48 26.62
C TRP B 115 -10.64 38.21 25.36
N LEU B 116 -9.45 38.04 24.89
CA LEU B 116 -8.93 38.57 23.69
C LEU B 116 -9.77 38.21 22.50
N GLY B 117 -10.37 37.05 22.51
CA GLY B 117 -11.19 36.59 21.53
C GLY B 117 -12.48 37.27 21.31
N ARG B 118 -13.01 37.89 22.30
CA ARG B 118 -14.17 38.69 22.29
C ARG B 118 -14.05 39.87 21.36
N GLY B 119 -12.89 40.37 21.13
CA GLY B 119 -12.64 41.42 20.28
C GLY B 119 -13.10 41.23 18.89
N ALA B 120 -13.83 42.13 18.32
CA ALA B 120 -14.34 42.09 17.00
C ALA B 120 -13.25 41.98 15.97
N GLY B 121 -12.14 42.68 16.21
CA GLY B 121 -11.03 42.68 15.29
C GLY B 121 -10.10 41.49 15.43
N GLU B 122 -10.24 40.65 16.40
CA GLU B 122 -9.52 39.47 16.64
C GLU B 122 -9.78 38.43 15.57
N VAL B 123 -8.83 37.65 15.18
CA VAL B 123 -8.91 36.62 14.22
C VAL B 123 -9.95 35.62 14.63
N LEU B 124 -11.02 35.45 13.95
CA LEU B 124 -12.05 34.53 14.24
C LEU B 124 -12.57 34.68 15.65
N GLY B 125 -12.58 35.85 16.19
CA GLY B 125 -13.06 36.19 17.43
C GLY B 125 -14.46 36.62 17.54
N ASN B 126 -14.80 37.63 18.24
CA ASN B 126 -16.08 38.20 18.34
C ASN B 126 -17.08 37.26 18.97
N VAL B 127 -16.70 36.30 19.73
CA VAL B 127 -17.44 35.28 20.37
C VAL B 127 -17.11 35.13 21.83
N SER B 128 -17.98 34.59 22.63
CA SER B 128 -17.94 34.50 24.04
C SER B 128 -16.92 33.53 24.56
N CYS B 129 -16.65 32.39 23.91
CA CYS B 129 -16.08 31.22 24.58
C CYS B 129 -17.04 30.55 25.56
N HIS B 130 -18.35 30.72 25.40
CA HIS B 130 -19.29 30.10 26.29
C HIS B 130 -19.66 28.69 25.84
N ALA B 131 -19.88 27.81 26.80
CA ALA B 131 -20.69 26.63 26.61
C ALA B 131 -22.15 27.02 26.65
N PHE B 132 -22.93 26.57 25.68
CA PHE B 132 -24.37 26.44 25.78
C PHE B 132 -24.70 24.98 25.98
N LEU B 133 -25.36 24.59 27.06
CA LEU B 133 -25.93 23.35 27.41
C LEU B 133 -27.42 23.32 27.19
N GLU B 134 -27.99 22.23 26.81
CA GLU B 134 -29.35 21.94 26.59
C GLU B 134 -29.80 20.69 27.29
N PHE B 135 -30.84 20.69 28.05
CA PHE B 135 -31.44 19.64 28.77
C PHE B 135 -32.92 19.55 28.54
N ARG B 136 -33.52 18.42 28.61
CA ARG B 136 -34.87 18.08 28.42
C ARG B 136 -35.52 17.48 29.64
N THR B 137 -36.61 18.07 30.11
CA THR B 137 -37.36 17.52 31.24
C THR B 137 -38.83 17.85 31.04
N ARG B 138 -39.69 16.98 31.58
CA ARG B 138 -41.12 17.10 31.33
C ARG B 138 -41.68 18.37 31.96
N ASP B 139 -41.32 18.65 33.21
CA ASP B 139 -41.86 19.82 33.91
C ASP B 139 -40.99 20.10 35.11
N VAL B 140 -40.52 21.34 35.23
CA VAL B 140 -39.72 21.79 36.37
C VAL B 140 -40.18 23.18 36.77
N ASP B 141 -40.20 23.44 38.06
CA ASP B 141 -40.72 24.71 38.57
C ASP B 141 -39.77 25.85 38.18
N PRO B 142 -40.24 26.86 37.44
CA PRO B 142 -39.36 28.00 37.13
C PRO B 142 -38.87 28.73 38.36
N GLN B 143 -39.70 28.83 39.40
CA GLN B 143 -39.28 29.52 40.62
C GLN B 143 -38.11 28.81 41.28
N ARG B 144 -38.17 27.48 41.34
CA ARG B 144 -37.05 26.72 41.89
C ARG B 144 -35.79 26.96 41.08
N LEU B 145 -35.91 27.00 39.75
CA LEU B 145 -34.74 27.21 38.92
C LEU B 145 -34.14 28.59 39.14
N ALA B 146 -34.99 29.61 39.23
CA ALA B 146 -34.48 30.96 39.46
C ALA B 146 -33.80 31.05 40.82
N ALA B 147 -34.42 30.46 41.85
CA ALA B 147 -33.81 30.46 43.17
C ALA B 147 -32.47 29.73 43.15
N ALA B 148 -32.40 28.59 42.46
CA ALA B 148 -31.16 27.83 42.39
C ALA B 148 -30.07 28.63 41.66
N ALA B 149 -30.46 29.30 40.57
CA ALA B 149 -29.49 30.09 39.82
C ALA B 149 -28.91 31.21 40.67
N GLU B 150 -29.78 31.94 41.37
CA GLU B 150 -29.29 33.02 42.21
C GLU B 150 -28.46 32.48 43.37
N CYS B 151 -28.86 31.32 43.93
CA CYS B 151 -28.10 30.73 45.02
C CYS B 151 -26.71 30.32 44.58
N VAL B 152 -26.60 29.73 43.38
CA VAL B 152 -25.28 29.35 42.89
C VAL B 152 -24.44 30.58 42.58
N ARG B 153 -25.06 31.64 42.05
CA ARG B 153 -24.32 32.87 41.81
C ARG B 153 -23.75 33.42 43.13
N GLN B 154 -24.57 33.44 44.17
CA GLN B 154 -24.11 33.97 45.45
C GLN B 154 -23.09 33.06 46.10
N ARG B 155 -23.26 31.74 45.96
CA ARG B 155 -22.35 30.80 46.60
C ARG B 155 -20.96 30.86 45.98
N HIS B 156 -20.82 30.83 44.70
CA HIS B 156 -19.65 30.75 43.92
C HIS B 156 -19.19 32.11 43.47
N PRO B 157 -18.08 32.66 43.97
CA PRO B 157 -17.72 34.03 43.59
C PRO B 157 -17.58 34.24 42.10
N MET B 158 -17.05 33.31 41.35
CA MET B 158 -16.71 33.41 39.99
C MET B 158 -17.89 33.50 39.06
N LEU B 159 -18.99 32.90 39.39
CA LEU B 159 -20.22 32.93 38.70
C LEU B 159 -20.79 34.32 38.55
N ARG B 160 -20.35 35.23 39.41
CA ARG B 160 -20.76 36.62 39.36
C ARG B 160 -19.56 37.53 39.10
N ALA B 161 -18.66 37.10 38.21
CA ALA B 161 -17.42 37.81 37.98
C ALA B 161 -17.54 38.72 36.77
N ARG B 162 -17.17 39.98 36.95
CA ARG B 162 -17.13 40.94 35.85
C ARG B 162 -15.74 40.96 35.23
N PHE B 163 -15.64 41.08 33.95
CA PHE B 163 -14.49 41.10 33.12
C PHE B 163 -14.30 42.43 32.44
N LEU B 164 -13.17 43.10 32.67
CA LEU B 164 -12.91 44.40 32.07
C LEU B 164 -11.40 44.61 31.96
N ASP B 165 -10.99 45.33 30.91
CA ASP B 165 -9.61 45.76 30.73
C ASP B 165 -8.62 44.63 30.92
N GLY B 166 -8.95 43.43 30.44
CA GLY B 166 -8.06 42.30 30.60
C GLY B 166 -7.91 41.82 32.02
N ARG B 167 -8.85 42.17 32.90
CA ARG B 167 -8.82 41.74 34.29
C ARG B 167 -10.26 41.46 34.73
N GLN B 168 -10.45 40.66 35.73
CA GLN B 168 -11.63 40.12 36.24
C GLN B 168 -11.93 40.58 37.64
N GLN B 169 -13.18 40.93 37.92
CA GLN B 169 -13.61 41.40 39.24
C GLN B 169 -14.87 40.66 39.62
N ILE B 170 -14.96 40.26 40.88
CA ILE B 170 -16.12 39.51 41.37
C ILE B 170 -17.08 40.48 42.04
N LEU B 171 -18.29 40.59 41.50
CA LEU B 171 -19.28 41.52 42.02
C LEU B 171 -20.00 40.92 43.23
N PRO B 172 -20.55 41.77 44.11
CA PRO B 172 -21.42 41.24 45.16
C PRO B 172 -22.66 40.58 44.60
N THR B 173 -23.28 41.20 43.59
CA THR B 173 -24.43 40.65 42.92
C THR B 173 -24.48 41.31 41.54
N PRO B 174 -24.44 40.56 40.46
CA PRO B 174 -24.42 41.18 39.13
C PRO B 174 -25.69 41.97 38.89
N PRO B 175 -25.62 43.07 38.14
CA PRO B 175 -26.82 43.87 37.88
C PRO B 175 -27.74 43.27 36.83
N LEU B 176 -27.32 42.22 36.13
CA LEU B 176 -28.05 41.68 35.00
C LEU B 176 -28.73 40.37 35.40
N SER B 177 -29.80 40.03 34.70
CA SER B 177 -30.61 38.86 35.05
C SER B 177 -29.79 37.60 34.94
N CYS B 178 -30.08 36.63 35.82
CA CYS B 178 -29.37 35.36 35.81
C CYS B 178 -30.17 34.27 35.14
N PHE B 179 -31.49 34.30 35.25
CA PHE B 179 -32.36 33.23 34.75
C PHE B 179 -33.29 33.80 33.69
N ASP B 180 -33.32 33.24 32.53
CA ASP B 180 -34.09 33.55 31.39
C ASP B 180 -35.25 32.61 31.25
N LEU B 181 -36.42 32.98 31.77
CA LEU B 181 -37.60 32.13 31.68
C LEU B 181 -38.42 32.49 30.45
N GLN B 182 -38.76 31.48 29.64
CA GLN B 182 -39.59 31.65 28.45
C GLN B 182 -40.72 30.64 28.52
N ASP B 183 -41.81 31.02 29.19
CA ASP B 183 -42.96 30.15 29.34
C ASP B 183 -43.78 30.19 28.05
N TRP B 184 -43.57 29.22 27.17
CA TRP B 184 -44.26 29.15 25.89
C TRP B 184 -45.33 28.07 25.87
N ARG B 185 -45.88 27.72 27.04
CA ARG B 185 -46.97 26.76 27.10
C ARG B 185 -48.20 27.25 26.34
N THR B 186 -48.31 28.56 26.10
CA THR B 186 -49.44 29.14 25.40
C THR B 186 -49.27 29.14 23.89
N LEU B 187 -48.09 28.78 23.37
CA LEU B 187 -47.84 28.82 21.95
C LEU B 187 -48.17 27.46 21.31
N GLN B 188 -48.28 27.47 19.99
CA GLN B 188 -48.45 26.23 19.24
C GLN B 188 -47.15 25.44 19.24
N VAL B 189 -47.27 24.13 19.01
CA VAL B 189 -46.11 23.25 19.03
C VAL B 189 -45.11 23.68 17.94
N ASP B 190 -45.62 23.91 16.73
CA ASP B 190 -44.73 24.35 15.65
C ASP B 190 -44.17 25.73 15.91
N GLU B 191 -45.02 26.67 16.34
CA GLU B 191 -44.54 28.02 16.65
C GLU B 191 -43.54 27.98 17.80
N ALA B 192 -43.84 27.21 18.84
CA ALA B 192 -42.93 27.11 19.97
C ALA B 192 -41.60 26.51 19.55
N GLU B 193 -41.63 25.47 18.71
CA GLU B 193 -40.39 24.86 18.26
C GLU B 193 -39.56 25.82 17.42
N ARG B 194 -40.22 26.58 16.54
CA ARG B 194 -39.49 27.54 15.72
C ARG B 194 -38.88 28.64 16.58
N ASP B 195 -39.64 29.14 17.56
CA ASP B 195 -39.12 30.16 18.45
C ASP B 195 -37.96 29.61 19.28
N TRP B 196 -37.99 28.40 19.72
CA TRP B 196 -36.96 27.72 20.41
C TRP B 196 -35.71 27.57 19.58
N GLN B 197 -35.86 27.26 18.34
CA GLN B 197 -34.82 27.18 17.38
C GLN B 197 -34.11 28.49 17.24
N ALA B 198 -34.82 29.56 17.13
CA ALA B 198 -34.35 30.89 17.11
C ALA B 198 -33.57 31.22 18.36
N LEU B 199 -34.09 30.90 19.50
CA LEU B 199 -33.51 31.06 20.78
C LEU B 199 -32.19 30.35 20.90
N ARG B 200 -32.12 29.14 20.43
CA ARG B 200 -31.00 28.29 20.35
C ARG B 200 -29.90 28.89 19.51
N ASP B 201 -30.24 29.37 18.36
CA ASP B 201 -29.41 29.97 17.37
C ASP B 201 -28.99 31.37 17.72
N TRP B 202 -29.53 31.95 18.74
CA TRP B 202 -29.22 33.19 19.34
C TRP B 202 -28.30 33.06 20.52
N ARG B 203 -28.70 32.36 21.53
CA ARG B 203 -28.10 32.23 22.80
C ARG B 203 -27.00 31.20 22.88
N ALA B 204 -26.92 30.29 21.98
CA ALA B 204 -25.88 29.36 21.79
C ALA B 204 -24.62 29.99 21.26
N HIS B 205 -24.73 31.09 20.58
CA HIS B 205 -23.73 31.95 20.07
C HIS B 205 -23.65 33.30 20.71
N GLU B 206 -24.41 33.59 21.72
CA GLU B 206 -24.53 34.82 22.39
C GLU B 206 -23.22 35.28 22.95
N CYS B 207 -22.85 36.52 22.83
CA CYS B 207 -21.78 37.19 23.46
C CYS B 207 -22.17 37.56 24.87
N LEU B 208 -22.03 36.72 25.84
CA LEU B 208 -22.42 36.90 27.19
C LEU B 208 -21.86 38.19 27.74
N ALA B 209 -22.62 38.98 28.42
CA ALA B 209 -22.31 40.22 29.02
C ALA B 209 -21.38 40.05 30.21
N VAL B 210 -20.23 39.52 30.03
CA VAL B 210 -19.19 39.37 30.97
C VAL B 210 -18.76 40.70 31.53
N GLU B 211 -18.85 41.72 30.68
CA GLU B 211 -18.50 43.07 31.12
C GLU B 211 -19.42 43.57 32.23
N ARG B 212 -20.59 42.94 32.40
CA ARG B 212 -21.51 43.28 33.47
C ARG B 212 -21.74 42.11 34.42
N GLY B 213 -20.79 41.16 34.47
CA GLY B 213 -20.89 40.04 35.37
C GLY B 213 -21.78 38.91 34.92
N GLN B 214 -22.32 38.92 33.75
CA GLN B 214 -23.18 37.97 33.14
C GLN B 214 -22.45 36.80 32.54
N VAL B 215 -21.51 36.22 33.21
CA VAL B 215 -20.75 35.08 32.85
C VAL B 215 -21.59 33.84 32.77
N PHE B 216 -22.55 33.69 33.62
CA PHE B 216 -23.43 32.61 33.85
C PHE B 216 -24.86 33.00 33.66
N LEU B 217 -25.61 32.39 32.80
CA LEU B 217 -26.97 32.65 32.48
C LEU B 217 -27.75 31.37 32.27
N LEU B 218 -28.43 30.84 33.24
CA LEU B 218 -29.36 29.79 33.19
C LEU B 218 -30.62 30.23 32.47
N GLY B 219 -31.35 29.36 31.88
CA GLY B 219 -32.55 29.54 31.23
C GLY B 219 -33.43 28.41 30.97
N LEU B 220 -34.70 28.58 30.91
CA LEU B 220 -35.75 27.64 30.74
C LEU B 220 -36.75 28.05 29.71
N VAL B 221 -37.21 27.20 28.86
CA VAL B 221 -38.29 27.29 27.94
C VAL B 221 -39.34 26.25 28.22
N ARG B 222 -40.59 26.64 28.42
CA ARG B 222 -41.67 25.70 28.70
C ARG B 222 -42.44 25.47 27.40
N MET B 223 -42.12 24.36 26.73
CA MET B 223 -42.75 24.08 25.44
C MET B 223 -44.19 23.65 25.65
N PRO B 224 -45.09 23.97 24.72
CA PRO B 224 -46.51 23.60 24.88
C PRO B 224 -46.75 22.10 24.93
N GLY B 225 -45.82 21.28 24.44
CA GLY B 225 -45.99 19.85 24.44
C GLY B 225 -45.66 19.22 25.77
N GLY B 226 -45.80 19.97 26.86
CA GLY B 226 -45.49 19.46 28.18
C GLY B 226 -44.03 19.13 28.36
N GLU B 227 -43.15 19.91 27.74
CA GLU B 227 -41.71 19.68 27.81
C GLU B 227 -41.01 20.96 28.26
N ASP B 228 -40.14 20.82 29.25
CA ASP B 228 -39.31 21.92 29.73
C ASP B 228 -37.88 21.65 29.29
N ARG B 229 -37.27 22.52 28.55
CA ARG B 229 -36.00 22.47 27.93
C ARG B 229 -35.01 23.34 28.66
N LEU B 230 -34.41 22.92 29.71
CA LEU B 230 -33.40 23.57 30.44
C LEU B 230 -32.20 23.85 29.57
N TRP B 231 -31.67 25.02 29.53
CA TRP B 231 -30.51 25.43 28.86
C TRP B 231 -29.62 26.30 29.71
N LEU B 232 -28.35 26.29 29.53
CA LEU B 232 -27.32 26.87 30.30
C LEU B 232 -26.25 27.51 29.45
N SER B 233 -26.17 28.80 29.37
CA SER B 233 -25.19 29.61 28.73
C SER B 233 -24.13 30.04 29.71
N LEU B 234 -23.01 29.40 29.80
CA LEU B 234 -21.91 29.59 30.68
C LEU B 234 -20.69 30.08 29.95
N ASP B 235 -20.14 31.21 30.25
CA ASP B 235 -18.95 31.76 29.75
C ASP B 235 -17.75 31.10 30.37
N LEU B 236 -16.94 30.40 29.57
CA LEU B 236 -15.85 29.68 30.16
C LEU B 236 -14.75 30.60 30.68
N LEU B 237 -14.76 31.91 30.41
CA LEU B 237 -14.02 32.91 31.07
C LEU B 237 -14.10 32.73 32.55
N ALA B 238 -15.24 32.39 33.06
CA ALA B 238 -15.59 32.19 34.40
C ALA B 238 -15.30 30.80 34.91
N ALA B 239 -15.65 29.79 34.18
CA ALA B 239 -15.74 28.43 34.55
C ALA B 239 -15.04 27.47 33.61
N ASP B 240 -14.18 26.60 34.11
CA ASP B 240 -13.65 25.45 33.38
C ASP B 240 -14.84 24.52 33.07
N VAL B 241 -14.81 23.62 32.09
CA VAL B 241 -15.94 22.69 31.95
C VAL B 241 -16.04 21.70 33.10
N GLU B 242 -14.96 21.44 33.84
CA GLU B 242 -15.14 20.69 35.08
C GLU B 242 -15.92 21.55 36.10
N SER B 243 -15.69 22.84 36.10
CA SER B 243 -16.41 23.84 36.79
C SER B 243 -17.83 23.92 36.32
N LEU B 244 -18.10 23.74 35.03
CA LEU B 244 -19.45 23.74 34.49
C LEU B 244 -20.25 22.60 35.07
N ARG B 245 -19.69 21.39 35.15
CA ARG B 245 -20.30 20.26 35.74
C ARG B 245 -20.51 20.41 37.22
N LEU B 246 -19.63 21.05 37.92
CA LEU B 246 -19.77 21.46 39.26
C LEU B 246 -20.97 22.35 39.44
N LEU B 247 -21.13 23.32 38.59
CA LEU B 247 -22.23 24.19 38.48
C LEU B 247 -23.51 23.43 38.29
N LEU B 248 -23.51 22.46 37.44
CA LEU B 248 -24.57 21.56 37.19
C LEU B 248 -25.02 20.86 38.44
N ALA B 249 -24.12 20.30 39.18
CA ALA B 249 -24.30 19.66 40.42
C ALA B 249 -24.96 20.57 41.42
N GLU B 250 -24.45 21.75 41.56
CA GLU B 250 -24.89 22.78 42.42
C GLU B 250 -26.32 23.18 42.12
N LEU B 251 -26.64 23.38 40.89
CA LEU B 251 -27.93 23.66 40.37
C LEU B 251 -28.91 22.57 40.69
N GLY B 252 -28.49 21.33 40.44
CA GLY B 252 -29.35 20.20 40.74
C GLY B 252 -29.69 20.13 42.21
N VAL B 253 -28.70 20.33 43.07
CA VAL B 253 -28.95 20.30 44.51
C VAL B 253 -29.87 21.44 44.90
N ALA B 254 -29.59 22.66 44.41
CA ALA B 254 -30.39 23.82 44.78
C ALA B 254 -31.82 23.70 44.28
N TYR B 255 -32.05 23.01 43.16
CA TYR B 255 -33.40 22.80 42.68
C TYR B 255 -34.11 21.73 43.49
N LEU B 256 -33.47 20.57 43.67
CA LEU B 256 -34.08 19.49 44.43
C LEU B 256 -34.17 19.84 45.91
N ALA B 257 -33.07 20.33 46.49
CA ALA B 257 -33.03 20.61 47.91
C ALA B 257 -31.89 21.58 48.23
N PRO B 258 -32.12 22.89 48.18
CA PRO B 258 -31.03 23.83 48.50
C PRO B 258 -30.53 23.69 49.92
N GLU B 259 -31.33 23.10 50.82
CA GLU B 259 -30.86 22.86 52.18
C GLU B 259 -29.61 21.98 52.19
N ARG B 260 -29.47 21.09 51.20
CA ARG B 260 -28.35 20.17 51.15
C ARG B 260 -27.11 20.78 50.50
N LEU B 261 -27.17 22.02 50.06
CA LEU B 261 -25.97 22.72 49.60
C LEU B 261 -25.00 22.83 50.79
N ALA B 262 -23.86 22.16 50.67
CA ALA B 262 -22.97 22.00 51.83
C ALA B 262 -22.39 23.33 52.27
N GLU B 263 -21.59 23.97 51.41
CA GLU B 263 -20.86 25.16 51.80
C GLU B 263 -20.42 25.94 50.57
N PRO B 264 -20.41 27.27 50.63
CA PRO B 264 -19.76 28.06 49.59
C PRO B 264 -18.26 27.96 49.72
N PRO B 265 -17.56 27.38 48.74
CA PRO B 265 -16.12 27.23 48.85
C PRO B 265 -15.41 28.51 49.19
N ALA B 266 -14.53 28.52 50.13
CA ALA B 266 -13.81 29.63 50.63
C ALA B 266 -12.64 30.05 49.78
N LEU B 267 -12.14 29.20 48.93
CA LEU B 267 -11.00 29.33 48.11
C LEU B 267 -11.28 30.29 46.97
N HIS B 268 -11.25 31.56 47.21
CA HIS B 268 -11.47 32.62 46.31
C HIS B 268 -10.55 32.50 45.12
N PHE B 269 -11.00 32.69 43.92
CA PHE B 269 -10.32 32.47 42.70
C PHE B 269 -9.09 33.35 42.54
N ALA B 270 -9.20 34.59 43.00
CA ALA B 270 -8.04 35.48 42.94
C ALA B 270 -6.90 34.94 43.78
N ASP B 271 -7.14 34.46 44.96
CA ASP B 271 -6.23 33.81 45.82
C ASP B 271 -5.61 32.61 45.15
N TYR B 272 -6.39 31.80 44.51
CA TYR B 272 -6.01 30.67 43.77
C TYR B 272 -5.01 31.03 42.69
N LEU B 273 -5.30 32.02 41.91
CA LEU B 273 -4.50 32.52 40.87
C LEU B 273 -3.15 32.97 41.35
N ALA B 274 -3.18 33.78 42.41
CA ALA B 274 -1.93 34.26 42.99
C ALA B 274 -1.06 33.10 43.47
N HIS B 275 -1.59 32.18 44.21
CA HIS B 275 -0.96 31.02 44.73
C HIS B 275 -0.37 30.17 43.64
N ARG B 276 -1.12 29.90 42.63
CA ARG B 276 -0.80 29.10 41.51
C ARG B 276 0.35 29.67 40.71
N ALA B 277 0.32 30.94 40.45
CA ALA B 277 1.33 31.68 39.81
C ALA B 277 2.65 31.57 40.54
N ALA B 278 2.65 31.83 41.80
CA ALA B 278 3.75 31.71 42.68
C ALA B 278 4.32 30.31 42.69
N GLN B 279 3.48 29.32 42.64
CA GLN B 279 3.77 27.93 42.65
C GLN B 279 4.43 27.46 41.39
N ARG B 280 3.96 27.87 40.26
CA ARG B 280 4.36 27.53 38.94
C ARG B 280 5.48 28.38 38.38
N ALA B 281 5.90 29.41 39.05
CA ALA B 281 6.90 30.32 38.63
C ALA B 281 8.11 29.61 38.07
N GLU B 282 8.66 28.68 38.79
CA GLU B 282 9.76 27.86 38.44
C GLU B 282 9.48 27.06 37.19
N ALA B 283 8.45 26.27 37.20
CA ALA B 283 7.96 25.51 36.12
C ALA B 283 7.64 26.39 34.93
N ALA B 284 7.08 27.54 35.16
CA ALA B 284 6.78 28.54 34.22
C ALA B 284 8.00 28.95 33.44
N ALA B 285 9.06 29.29 34.18
CA ALA B 285 10.29 29.72 33.55
C ALA B 285 10.93 28.59 32.76
N ARG B 286 10.95 27.39 33.26
CA ARG B 286 11.44 26.23 32.62
C ARG B 286 10.75 25.99 31.30
N ALA B 287 9.45 26.02 31.28
CA ALA B 287 8.61 25.88 30.17
C ALA B 287 8.84 26.98 29.16
N ARG B 288 9.04 28.20 29.67
CA ARG B 288 9.33 29.31 28.79
C ARG B 288 10.63 29.08 28.03
N ASP B 289 11.66 28.60 28.72
CA ASP B 289 12.90 28.27 28.05
C ASP B 289 12.68 27.18 27.01
N TYR B 290 11.92 26.16 27.31
CA TYR B 290 11.55 25.10 26.46
C TYR B 290 10.94 25.59 25.17
N TRP B 291 9.89 26.35 25.26
CA TRP B 291 9.15 26.93 24.20
C TRP B 291 10.00 27.83 23.34
N LEU B 292 10.79 28.68 24.01
CA LEU B 292 11.70 29.56 23.28
C LEU B 292 12.68 28.76 22.45
N GLU B 293 13.19 27.66 23.01
CA GLU B 293 14.05 26.76 22.24
C GLU B 293 13.30 26.10 21.09
N ARG B 294 11.97 26.04 21.16
CA ARG B 294 11.18 25.38 20.13
C ARG B 294 10.28 26.32 19.33
N LEU B 295 10.21 27.60 19.66
CA LEU B 295 9.32 28.50 18.93
C LEU B 295 9.59 28.54 17.44
N PRO B 296 10.83 28.72 16.96
CA PRO B 296 11.06 28.71 15.51
C PRO B 296 10.67 27.40 14.84
N ARG B 297 10.71 26.29 15.58
CA ARG B 297 10.42 24.98 15.01
C ARG B 297 9.00 24.50 15.32
N LEU B 298 8.14 25.37 15.84
CA LEU B 298 6.76 24.99 16.05
C LEU B 298 6.07 24.74 14.71
N PRO B 299 5.19 23.75 14.62
CA PRO B 299 4.35 23.62 13.43
C PRO B 299 3.24 24.65 13.44
N ASP B 300 2.71 24.93 12.26
CA ASP B 300 1.65 25.92 12.12
C ASP B 300 0.33 25.26 12.52
N ALA B 301 -0.77 25.99 12.37
CA ALA B 301 -2.09 25.45 12.65
C ALA B 301 -2.38 24.31 11.68
N PRO B 302 -3.25 23.37 12.03
CA PRO B 302 -3.61 22.31 11.10
C PRO B 302 -4.01 22.83 9.75
N ALA B 303 -3.38 22.44 8.69
CA ALA B 303 -3.58 22.86 7.36
C ALA B 303 -4.85 22.31 6.78
N LEU B 304 -5.96 22.48 7.41
CA LEU B 304 -7.24 22.02 7.06
C LEU B 304 -7.80 22.78 5.89
N PRO B 305 -8.67 22.18 5.07
CA PRO B 305 -9.38 22.92 4.05
C PRO B 305 -10.28 23.98 4.61
N LEU B 306 -10.18 25.21 4.23
CA LEU B 306 -10.90 26.36 4.63
C LEU B 306 -11.60 27.01 3.47
N ALA B 307 -12.88 26.92 3.34
CA ALA B 307 -13.68 27.57 2.38
C ALA B 307 -13.55 29.07 2.47
N CYS B 308 -13.54 29.61 3.63
CA CYS B 308 -13.43 30.96 4.02
C CYS B 308 -12.27 31.21 4.94
N ALA B 309 -11.47 32.19 4.74
CA ALA B 309 -10.39 32.58 5.56
C ALA B 309 -10.86 32.87 6.96
N PRO B 310 -10.24 32.36 8.02
CA PRO B 310 -10.74 32.67 9.37
C PRO B 310 -10.75 34.14 9.67
N GLU B 311 -9.82 34.92 9.10
CA GLU B 311 -9.84 36.36 9.31
C GLU B 311 -11.04 37.02 8.66
N SER B 312 -11.72 36.41 7.75
CA SER B 312 -12.83 36.84 6.98
C SER B 312 -14.18 36.56 7.58
N ILE B 313 -14.27 35.91 8.70
CA ILE B 313 -15.40 35.55 9.45
C ILE B 313 -15.62 36.54 10.56
N ARG B 314 -16.60 37.45 10.42
CA ARG B 314 -16.82 38.46 11.44
C ARG B 314 -17.54 37.91 12.66
N GLN B 315 -18.50 37.06 12.52
CA GLN B 315 -19.36 36.49 13.49
C GLN B 315 -19.42 34.99 13.41
N PRO B 316 -18.39 34.27 13.86
CA PRO B 316 -18.35 32.83 13.68
C PRO B 316 -19.43 32.07 14.38
N ARG B 317 -20.37 31.47 13.72
CA ARG B 317 -21.38 30.62 14.19
C ARG B 317 -20.88 29.22 14.38
N THR B 318 -21.08 28.57 15.48
CA THR B 318 -20.65 27.27 15.83
C THR B 318 -21.67 26.21 15.51
N ARG B 319 -21.31 25.12 14.90
CA ARG B 319 -22.04 23.95 14.58
C ARG B 319 -21.46 22.75 15.26
N ARG B 320 -22.22 22.08 16.14
CA ARG B 320 -21.78 20.85 16.78
C ARG B 320 -22.05 19.64 15.89
N LEU B 321 -21.06 18.78 15.79
CA LEU B 321 -21.07 17.47 15.27
C LEU B 321 -20.94 16.46 16.38
N ALA B 322 -21.95 15.79 16.80
CA ALA B 322 -22.11 14.97 17.93
C ALA B 322 -22.18 13.50 17.60
N PHE B 323 -21.47 12.65 18.28
CA PHE B 323 -21.50 11.24 18.24
C PHE B 323 -21.42 10.65 19.62
N GLN B 324 -22.44 10.11 20.17
CA GLN B 324 -22.55 9.47 21.43
C GLN B 324 -21.96 8.09 21.36
N LEU B 325 -20.72 7.87 21.62
CA LEU B 325 -20.09 6.62 21.77
C LEU B 325 -20.84 5.78 22.76
N SER B 326 -21.22 4.56 22.39
CA SER B 326 -22.02 3.74 23.27
C SER B 326 -21.23 3.32 24.50
N ALA B 327 -21.96 2.85 25.51
CA ALA B 327 -21.31 2.36 26.71
C ALA B 327 -20.36 1.21 26.39
N GLY B 328 -20.79 0.29 25.52
CA GLY B 328 -19.90 -0.79 25.12
C GLY B 328 -18.68 -0.29 24.37
N GLU B 329 -18.80 0.66 23.49
CA GLU B 329 -17.77 1.29 22.78
C GLU B 329 -16.78 1.94 23.71
N SER B 330 -17.23 2.67 24.67
CA SER B 330 -16.49 3.30 25.70
C SER B 330 -15.68 2.29 26.48
N ARG B 331 -16.28 1.24 26.91
CA ARG B 331 -15.71 0.15 27.61
C ARG B 331 -14.57 -0.45 26.84
N ARG B 332 -14.76 -0.73 25.60
CA ARG B 332 -13.83 -1.29 24.71
C ARG B 332 -12.62 -0.41 24.52
N LEU B 333 -12.81 0.85 24.31
CA LEU B 333 -11.82 1.85 24.23
C LEU B 333 -10.96 1.89 25.45
N GLU B 334 -11.56 1.91 26.60
CA GLU B 334 -10.95 1.88 27.88
C GLU B 334 -10.06 0.68 28.04
N ARG B 335 -10.56 -0.48 27.75
CA ARG B 335 -9.92 -1.74 27.81
C ARG B 335 -8.69 -1.78 26.94
N LEU B 336 -8.79 -1.37 25.73
CA LEU B 336 -7.77 -1.34 24.75
C LEU B 336 -6.68 -0.37 25.10
N ALA B 337 -7.10 0.81 25.58
CA ALA B 337 -6.22 1.86 26.06
C ALA B 337 -5.40 1.33 27.22
N ALA B 338 -6.07 0.71 28.19
CA ALA B 338 -5.41 0.01 29.26
C ALA B 338 -4.43 -1.05 28.75
N GLN B 339 -4.81 -1.89 27.80
CA GLN B 339 -3.96 -2.97 27.27
C GLN B 339 -2.69 -2.45 26.59
N HIS B 340 -2.79 -1.35 25.86
CA HIS B 340 -1.80 -0.57 25.21
C HIS B 340 -1.14 0.45 26.09
N GLY B 341 -1.46 0.51 27.39
CA GLY B 341 -0.74 1.34 28.34
C GLY B 341 -0.90 2.83 28.07
N VAL B 342 -2.09 3.25 27.63
CA VAL B 342 -2.38 4.65 27.33
C VAL B 342 -3.64 5.16 27.99
N THR B 343 -3.68 6.45 28.28
CA THR B 343 -4.88 7.13 28.78
C THR B 343 -5.92 7.19 27.71
N LEU B 344 -7.18 7.06 28.11
CA LEU B 344 -8.29 7.17 27.18
C LEU B 344 -8.29 8.53 26.45
N SER B 345 -7.94 9.60 27.14
CA SER B 345 -7.82 10.91 26.52
C SER B 345 -6.74 10.93 25.44
N SER B 346 -5.56 10.35 25.68
CA SER B 346 -4.58 10.19 24.61
C SER B 346 -5.11 9.39 23.45
N VAL B 347 -6.00 8.41 23.64
CA VAL B 347 -6.61 7.69 22.59
C VAL B 347 -7.37 8.61 21.68
N PHE B 348 -8.28 9.35 22.21
CA PHE B 348 -9.12 10.26 21.55
C PHE B 348 -8.33 11.36 20.88
N GLY B 349 -7.37 11.91 21.54
CA GLY B 349 -6.51 12.85 21.02
C GLY B 349 -5.67 12.44 19.88
N CYS B 350 -5.13 11.27 19.93
CA CYS B 350 -4.42 10.62 18.90
C CYS B 350 -5.26 10.46 17.66
N ALA B 351 -6.45 9.98 17.80
CA ALA B 351 -7.42 9.82 16.79
C ALA B 351 -7.74 11.13 16.10
N PHE B 352 -7.98 12.15 16.86
CA PHE B 352 -8.23 13.48 16.45
C PHE B 352 -7.10 14.04 15.64
N ALA B 353 -5.91 13.89 16.09
CA ALA B 353 -4.69 14.27 15.48
C ALA B 353 -4.48 13.59 14.15
N LEU B 354 -4.74 12.33 14.07
CA LEU B 354 -4.70 11.53 12.91
C LEU B 354 -5.64 12.05 11.86
N VAL B 355 -6.87 12.32 12.29
CA VAL B 355 -7.87 12.87 11.36
C VAL B 355 -7.41 14.22 10.83
N LEU B 356 -6.93 15.10 11.64
CA LEU B 356 -6.40 16.36 11.32
C LEU B 356 -5.30 16.26 10.29
N ALA B 357 -4.34 15.42 10.53
CA ALA B 357 -3.22 15.14 9.72
C ALA B 357 -3.63 14.69 8.34
N ARG B 358 -4.52 13.77 8.26
CA ARG B 358 -5.09 13.24 7.09
C ARG B 358 -5.75 14.32 6.26
N TRP B 359 -6.48 15.19 6.87
CA TRP B 359 -7.12 16.34 6.36
C TRP B 359 -6.26 17.57 6.29
N SER B 360 -5.13 17.59 6.91
CA SER B 360 -4.14 18.60 6.94
C SER B 360 -3.07 18.41 5.92
N GLU B 361 -2.70 19.39 5.16
CA GLU B 361 -1.63 19.39 4.25
C GLU B 361 -0.32 19.02 4.91
N SER B 362 -0.15 19.32 6.15
CA SER B 362 0.93 19.06 7.02
C SER B 362 0.55 18.13 8.15
N ALA B 363 1.17 17.02 8.33
CA ALA B 363 0.99 16.07 9.37
C ALA B 363 1.36 16.60 10.72
N GLU B 364 2.16 17.66 10.77
CA GLU B 364 2.61 18.28 12.00
C GLU B 364 1.84 19.58 12.20
N PHE B 365 1.26 19.80 13.32
CA PHE B 365 0.37 20.84 13.65
C PHE B 365 0.22 21.05 15.13
N LEU B 366 -0.30 22.16 15.56
CA LEU B 366 -0.68 22.52 16.86
C LEU B 366 -2.14 22.29 17.13
N LEU B 367 -2.54 21.91 18.29
CA LEU B 367 -3.84 21.80 18.80
C LEU B 367 -3.94 22.16 20.25
N ASN B 368 -4.72 23.12 20.65
CA ASN B 368 -4.93 23.59 21.96
C ASN B 368 -5.56 22.53 22.82
N VAL B 369 -4.81 21.94 23.73
CA VAL B 369 -5.36 20.99 24.67
C VAL B 369 -5.58 21.73 25.96
N PRO B 370 -6.79 22.17 26.30
CA PRO B 370 -7.03 22.62 27.65
C PRO B 370 -6.71 21.49 28.63
N LEU B 371 -5.81 21.76 29.56
CA LEU B 371 -5.51 20.90 30.69
C LEU B 371 -6.43 21.25 31.85
N PHE B 372 -6.86 20.20 32.54
CA PHE B 372 -7.29 20.33 33.91
C PHE B 372 -6.10 20.83 34.72
N ASP B 373 -6.21 22.00 35.32
CA ASP B 373 -5.20 22.52 36.25
C ASP B 373 -5.86 23.07 37.49
N ARG B 374 -6.46 22.18 38.29
CA ARG B 374 -7.17 22.48 39.53
C ARG B 374 -6.26 22.50 40.76
N HIS B 375 -4.95 22.45 40.59
CA HIS B 375 -4.04 22.01 41.63
C HIS B 375 -3.78 23.09 42.70
N ALA B 376 -4.41 22.91 43.86
CA ALA B 376 -4.14 23.67 45.08
C ALA B 376 -4.14 22.76 46.31
N ASP B 377 -3.68 23.29 47.43
CA ASP B 377 -3.52 22.64 48.68
C ASP B 377 -4.83 22.20 49.27
N ASP B 378 -5.83 23.02 49.26
CA ASP B 378 -7.13 22.84 49.77
C ASP B 378 -7.92 21.89 48.93
N PRO B 379 -8.38 20.72 49.41
CA PRO B 379 -9.26 19.88 48.62
C PRO B 379 -10.51 20.54 48.13
N ARG B 380 -11.03 21.51 48.82
CA ARG B 380 -12.15 22.30 48.50
C ARG B 380 -12.05 22.94 47.13
N ILE B 381 -10.86 23.04 46.55
CA ILE B 381 -10.64 23.56 45.20
C ILE B 381 -11.47 22.82 44.15
N GLY B 382 -11.70 21.53 44.36
CA GLY B 382 -12.55 20.69 43.54
C GLY B 382 -14.04 21.01 43.67
N GLU B 383 -14.43 22.05 44.39
CA GLU B 383 -15.72 22.62 44.51
C GLU B 383 -15.90 24.00 43.93
N VAL B 384 -14.87 24.70 43.58
CA VAL B 384 -14.83 26.00 43.03
C VAL B 384 -15.29 25.99 41.59
N ILE B 385 -15.93 27.00 41.11
CA ILE B 385 -16.52 27.18 39.83
C ILE B 385 -15.74 28.06 38.89
N ALA B 386 -14.51 28.35 39.14
CA ALA B 386 -13.65 29.20 38.41
C ALA B 386 -13.08 28.53 37.18
N ASP B 387 -12.49 29.24 36.28
CA ASP B 387 -11.81 28.84 35.10
C ASP B 387 -10.42 28.32 35.43
N PHE B 388 -10.30 27.15 35.97
CA PHE B 388 -9.13 26.48 36.37
C PHE B 388 -8.38 25.82 35.24
N THR B 389 -8.77 26.07 34.01
CA THR B 389 -8.11 25.53 32.85
C THR B 389 -6.76 26.21 32.69
N THR B 390 -5.79 25.52 32.10
CA THR B 390 -4.57 25.96 31.55
C THR B 390 -4.33 25.39 30.18
N LEU B 391 -4.05 26.16 29.19
CA LEU B 391 -4.00 25.89 27.80
C LEU B 391 -2.67 25.31 27.40
N LEU B 392 -2.64 24.08 26.90
CA LEU B 392 -1.43 23.43 26.41
C LEU B 392 -1.38 23.54 24.89
N LEU B 393 -0.27 24.06 24.37
CA LEU B 393 0.10 24.20 23.01
C LEU B 393 0.76 22.95 22.51
N LEU B 394 0.05 21.88 22.37
CA LEU B 394 0.48 20.56 22.05
C LEU B 394 1.04 20.50 20.66
N GLU B 395 2.30 20.30 20.46
CA GLU B 395 2.93 19.96 19.24
C GLU B 395 2.74 18.50 18.93
N CYS B 396 2.04 18.11 17.92
CA CYS B 396 1.79 16.80 17.47
C CYS B 396 2.29 16.56 16.07
N ARG B 397 3.11 15.59 15.83
CA ARG B 397 3.78 15.20 14.65
C ARG B 397 3.41 13.77 14.28
N MET B 398 2.28 13.51 13.71
CA MET B 398 1.70 12.25 13.46
C MET B 398 2.49 11.48 12.46
N GLN B 399 3.16 10.41 12.87
CA GLN B 399 3.90 9.56 11.94
C GLN B 399 2.93 8.73 11.12
N ALA B 400 3.17 8.63 9.82
CA ALA B 400 2.32 7.88 8.93
C ALA B 400 2.86 6.45 8.75
N GLY B 401 1.95 5.52 8.51
CA GLY B 401 2.29 4.14 8.30
C GLY B 401 2.45 3.31 9.56
N VAL B 402 2.32 3.92 10.74
CA VAL B 402 2.48 3.18 11.98
C VAL B 402 1.12 2.66 12.44
N SER B 403 1.15 1.58 13.23
CA SER B 403 -0.06 1.09 13.84
C SER B 403 -0.59 2.12 14.83
N PHE B 404 -1.86 2.16 15.06
CA PHE B 404 -2.52 3.03 15.95
C PHE B 404 -1.99 2.89 17.35
N ALA B 405 -1.50 1.77 17.73
CA ALA B 405 -0.82 1.51 18.94
C ALA B 405 0.40 2.37 19.09
N GLU B 406 1.28 2.34 18.14
CA GLU B 406 2.43 3.13 18.02
C GLU B 406 2.10 4.60 18.01
N ALA B 407 1.16 5.00 17.23
CA ALA B 407 0.68 6.32 17.07
C ALA B 407 0.19 6.91 18.36
N VAL B 408 -0.64 6.22 19.06
CA VAL B 408 -1.23 6.56 20.30
C VAL B 408 -0.19 6.68 21.39
N LYS B 409 0.72 5.77 21.47
CA LYS B 409 1.81 5.76 22.36
C LYS B 409 2.67 6.99 22.19
N SER B 410 3.04 7.32 20.99
CA SER B 410 3.77 8.46 20.61
C SER B 410 3.08 9.73 21.00
N PHE B 411 1.83 9.85 20.70
CA PHE B 411 0.97 10.93 20.99
C PHE B 411 0.88 11.18 22.47
N GLN B 412 0.66 10.11 23.22
CA GLN B 412 0.60 10.18 24.65
C GLN B 412 1.90 10.74 25.20
N ARG B 413 3.04 10.18 24.81
CA ARG B 413 4.35 10.58 25.19
C ARG B 413 4.55 12.06 24.98
N ASN B 414 4.24 12.55 23.83
CA ASN B 414 4.29 13.91 23.44
C ASN B 414 3.46 14.78 24.34
N LEU B 415 2.19 14.41 24.50
CA LEU B 415 1.22 15.12 25.32
C LEU B 415 1.72 15.20 26.77
N HIS B 416 2.09 14.07 27.35
CA HIS B 416 2.59 13.99 28.70
C HIS B 416 3.84 14.84 28.92
N GLY B 417 4.77 14.87 27.98
CA GLY B 417 5.87 15.69 27.96
C GLY B 417 5.63 17.14 27.93
N ALA B 418 4.68 17.56 27.16
CA ALA B 418 4.20 18.88 27.00
C ALA B 418 3.37 19.40 28.15
N ILE B 419 2.75 18.51 28.93
CA ILE B 419 1.89 18.88 30.07
C ILE B 419 2.66 19.68 31.09
N ASP B 420 3.89 19.30 31.40
CA ASP B 420 4.82 20.01 32.19
C ASP B 420 5.18 21.32 31.58
N HIS B 421 5.43 21.35 30.31
CA HIS B 421 5.73 22.47 29.50
C HIS B 421 4.57 23.42 29.36
N ALA B 422 3.38 23.02 29.70
CA ALA B 422 2.20 23.79 29.77
C ALA B 422 2.23 24.84 30.84
N ALA B 423 3.10 24.76 31.80
CA ALA B 423 3.33 25.71 32.81
C ALA B 423 3.47 27.09 32.24
N PHE B 424 4.17 27.23 31.16
CA PHE B 424 4.26 28.33 30.29
C PHE B 424 3.07 28.31 29.38
N PRO B 425 2.08 29.19 29.50
CA PRO B 425 0.82 29.01 28.80
C PRO B 425 0.89 29.08 27.31
N ALA B 426 -0.01 28.47 26.60
CA ALA B 426 -0.17 28.48 25.20
C ALA B 426 -0.29 29.88 24.66
N LEU B 427 -1.07 30.69 25.28
CA LEU B 427 -1.31 32.04 24.96
C LEU B 427 -0.02 32.83 24.89
N GLU B 428 0.81 32.67 25.92
CA GLU B 428 2.07 33.38 25.94
C GLU B 428 3.03 32.84 24.88
N VAL B 429 3.02 31.59 24.56
CA VAL B 429 3.75 30.97 23.52
C VAL B 429 3.43 31.62 22.20
N LEU B 430 2.18 31.76 21.88
CA LEU B 430 1.66 32.37 20.72
C LEU B 430 2.00 33.83 20.64
N ARG B 431 1.88 34.51 21.79
CA ARG B 431 2.26 35.91 21.86
C ARG B 431 3.73 36.08 21.49
N GLU B 432 4.60 35.23 22.03
CA GLU B 432 6.01 35.28 21.67
C GLU B 432 6.21 34.96 20.20
N ALA B 433 5.44 34.01 19.67
CA ALA B 433 5.52 33.69 18.25
C ALA B 433 5.25 34.92 17.40
N ARG B 434 4.19 35.66 17.73
CA ARG B 434 3.91 36.90 17.02
C ARG B 434 5.02 37.92 17.24
N ARG B 435 5.52 38.01 18.47
CA ARG B 435 6.63 38.92 18.76
C ARG B 435 7.89 38.53 17.98
N GLN B 436 8.07 37.25 17.70
CA GLN B 436 9.21 36.77 16.94
C GLN B 436 8.92 36.70 15.44
N GLY B 437 7.76 37.17 15.00
CA GLY B 437 7.41 37.15 13.60
C GLY B 437 6.77 35.84 13.15
N GLN B 438 6.52 34.92 14.08
CA GLN B 438 5.86 33.66 13.77
C GLN B 438 4.35 33.81 13.89
N PRO B 439 3.59 33.71 12.79
CA PRO B 439 2.14 33.88 12.89
C PRO B 439 1.42 32.61 13.33
N ARG B 440 2.16 31.66 13.88
CA ARG B 440 1.59 30.36 14.21
C ARG B 440 0.53 30.48 15.29
N SER B 441 -0.46 29.59 15.22
CA SER B 441 -1.57 29.58 16.16
C SER B 441 -2.06 28.15 16.35
N ALA B 442 -2.95 27.92 17.25
CA ALA B 442 -3.59 26.72 17.66
C ALA B 442 -5.09 26.81 17.61
N PRO B 443 -5.70 26.96 16.43
CA PRO B 443 -7.12 27.11 16.29
C PRO B 443 -7.96 25.85 16.39
N VAL B 444 -7.40 24.73 16.69
CA VAL B 444 -7.97 23.45 16.87
C VAL B 444 -7.85 23.00 18.30
N VAL B 445 -8.96 22.82 19.00
CA VAL B 445 -8.95 22.48 20.42
C VAL B 445 -9.26 21.01 20.62
N PHE B 446 -8.63 20.38 21.59
CA PHE B 446 -8.98 19.05 22.05
C PHE B 446 -9.23 19.04 23.56
N ALA B 447 -10.48 18.91 23.99
CA ALA B 447 -10.92 19.00 25.37
C ALA B 447 -11.51 17.68 25.85
N SER B 448 -10.74 16.87 26.55
CA SER B 448 -11.14 15.53 26.96
C SER B 448 -11.69 15.47 28.39
N ASN B 449 -12.97 15.73 28.56
CA ASN B 449 -13.60 15.83 29.88
C ASN B 449 -14.09 14.45 30.35
N LEU B 450 -13.15 13.53 30.55
CA LEU B 450 -13.38 12.08 30.61
C LEU B 450 -13.43 11.41 32.00
N GLY B 451 -13.45 12.18 33.11
CA GLY B 451 -13.67 11.68 34.46
C GLY B 451 -15.01 10.95 34.63
N GLU B 452 -14.99 9.70 35.11
CA GLU B 452 -16.09 8.73 34.98
C GLU B 452 -17.35 9.03 35.79
N GLU B 453 -17.36 10.09 36.60
CA GLU B 453 -18.54 10.54 37.33
C GLU B 453 -19.70 10.97 36.38
N GLY B 454 -19.43 11.09 35.08
CA GLY B 454 -20.24 11.67 34.13
C GLY B 454 -20.23 13.14 34.01
N PHE B 455 -20.24 13.70 32.85
CA PHE B 455 -20.21 15.09 32.58
C PHE B 455 -21.31 15.81 33.32
N VAL B 456 -22.51 15.38 33.16
CA VAL B 456 -23.69 15.78 33.84
C VAL B 456 -23.75 15.07 35.17
N PRO B 457 -23.58 15.73 36.30
CA PRO B 457 -23.59 15.06 37.58
C PRO B 457 -24.90 14.42 37.94
N ALA B 458 -24.92 13.38 38.70
CA ALA B 458 -26.04 12.69 39.18
C ALA B 458 -27.04 13.63 39.79
N ALA B 459 -26.59 14.57 40.55
CA ALA B 459 -27.35 15.59 41.17
C ALA B 459 -28.18 16.36 40.18
N PHE B 460 -27.68 16.60 39.02
CA PHE B 460 -28.27 17.25 37.91
C PHE B 460 -29.13 16.34 37.07
N ARG B 461 -28.69 15.16 36.80
CA ARG B 461 -29.37 14.13 36.11
C ARG B 461 -30.68 13.77 36.75
N ASP B 462 -30.68 13.71 38.08
CA ASP B 462 -31.90 13.40 38.81
C ASP B 462 -32.97 14.47 38.60
N ALA B 463 -32.58 15.73 38.67
CA ALA B 463 -33.54 16.82 38.50
C ALA B 463 -33.92 17.02 37.04
N PHE B 464 -32.97 16.88 36.13
CA PHE B 464 -33.19 17.13 34.72
C PHE B 464 -32.55 16.03 33.90
N GLY B 465 -33.01 15.89 32.67
CA GLY B 465 -32.46 14.86 31.80
C GLY B 465 -31.00 15.13 31.46
N ASP B 466 -30.27 14.13 31.11
CA ASP B 466 -28.93 14.16 30.68
C ASP B 466 -28.74 15.15 29.56
N LEU B 467 -27.57 15.62 29.30
CA LEU B 467 -27.20 16.51 28.28
C LEU B 467 -27.85 16.15 26.98
N HIS B 468 -28.78 16.88 26.47
CA HIS B 468 -29.45 16.74 25.23
C HIS B 468 -28.64 17.21 24.06
N ASP B 469 -28.18 18.42 24.10
CA ASP B 469 -27.40 19.10 23.17
C ASP B 469 -26.51 20.13 23.80
N MET B 470 -25.40 20.54 23.21
CA MET B 470 -24.51 21.58 23.68
C MET B 470 -23.81 22.30 22.52
N LEU B 471 -23.23 23.46 22.77
CA LEU B 471 -22.37 24.15 21.84
C LEU B 471 -21.25 24.90 22.55
N SER B 472 -20.03 24.79 22.09
CA SER B 472 -18.93 25.67 22.42
C SER B 472 -18.96 26.93 21.57
N GLN B 473 -18.41 28.01 22.10
CA GLN B 473 -18.10 29.19 21.33
C GLN B 473 -16.65 29.62 21.46
N THR B 474 -15.66 28.73 21.62
CA THR B 474 -14.26 29.17 21.78
C THR B 474 -13.81 30.07 20.63
N PRO B 475 -13.36 31.31 20.88
CA PRO B 475 -12.83 32.18 19.85
C PRO B 475 -11.46 31.69 19.35
N GLN B 476 -10.99 32.19 18.21
CA GLN B 476 -9.77 31.89 17.59
C GLN B 476 -9.60 30.42 17.30
N VAL B 477 -10.61 29.64 17.36
CA VAL B 477 -10.70 28.22 17.30
C VAL B 477 -11.52 27.76 16.14
N TRP B 478 -11.01 27.13 15.15
CA TRP B 478 -11.68 26.56 14.04
C TRP B 478 -12.62 25.46 14.46
N LEU B 479 -12.15 24.54 15.24
CA LEU B 479 -12.67 23.25 15.53
C LEU B 479 -12.44 22.87 16.97
N ASP B 480 -13.43 23.12 17.81
CA ASP B 480 -13.37 22.81 19.22
C ASP B 480 -13.87 21.40 19.48
N HIS B 481 -12.95 20.44 19.53
CA HIS B 481 -13.18 19.08 19.79
C HIS B 481 -13.35 18.84 21.27
N GLN B 482 -14.48 18.32 21.70
CA GLN B 482 -14.69 18.01 23.10
C GLN B 482 -15.19 16.60 23.24
N LEU B 483 -15.00 16.07 24.43
CA LEU B 483 -15.39 14.80 24.92
C LEU B 483 -16.07 14.86 26.25
N TYR B 484 -17.19 14.19 26.39
CA TYR B 484 -17.98 14.21 27.59
C TYR B 484 -18.47 12.83 27.90
N ARG B 485 -18.48 12.42 29.15
CA ARG B 485 -19.06 11.26 29.68
C ARG B 485 -20.56 11.39 29.73
N VAL B 486 -21.30 11.00 28.74
CA VAL B 486 -22.70 11.03 28.57
C VAL B 486 -23.28 9.68 28.88
N GLY B 487 -24.18 9.53 29.79
CA GLY B 487 -24.48 8.32 30.36
C GLY B 487 -23.33 7.67 30.98
N ASP B 488 -22.94 6.50 30.58
CA ASP B 488 -21.71 5.85 30.77
C ASP B 488 -20.84 5.78 29.53
N GLY B 489 -21.28 6.28 28.43
CA GLY B 489 -20.61 6.42 27.24
C GLY B 489 -19.78 7.64 27.08
N ILE B 490 -19.42 8.02 25.91
CA ILE B 490 -18.62 9.11 25.51
C ILE B 490 -19.28 9.93 24.43
N LEU B 491 -19.42 11.21 24.56
CA LEU B 491 -19.97 12.16 23.65
C LEU B 491 -18.88 12.82 22.84
N LEU B 492 -18.61 12.43 21.65
CA LEU B 492 -17.74 13.02 20.70
C LEU B 492 -18.33 14.27 20.13
N ALA B 493 -17.80 15.43 20.34
CA ALA B 493 -18.23 16.71 19.96
C ALA B 493 -17.23 17.46 19.12
N TRP B 494 -17.54 17.89 17.95
CA TRP B 494 -16.83 18.73 17.05
C TRP B 494 -17.54 20.05 16.90
N ASP B 495 -17.20 21.03 17.72
CA ASP B 495 -17.81 22.34 17.65
C ASP B 495 -17.05 23.20 16.65
N SER B 496 -17.27 22.91 15.38
CA SER B 496 -16.75 23.56 14.24
C SER B 496 -17.40 24.90 14.01
N VAL B 497 -16.81 25.78 13.29
CA VAL B 497 -17.24 27.06 12.87
C VAL B 497 -18.01 26.97 11.59
N VAL B 498 -19.21 27.43 11.49
CA VAL B 498 -20.04 27.46 10.36
C VAL B 498 -19.40 28.24 9.26
N GLY B 499 -19.38 27.71 8.03
CA GLY B 499 -18.86 28.42 6.89
C GLY B 499 -17.35 28.49 6.80
N LEU B 500 -16.61 28.30 7.84
CA LEU B 500 -15.20 28.26 7.88
C LEU B 500 -14.65 27.19 6.98
N PHE B 501 -15.03 25.99 7.18
CA PHE B 501 -14.77 24.83 6.43
C PHE B 501 -15.66 24.73 5.23
N PRO B 502 -15.31 23.93 4.22
CA PRO B 502 -16.27 23.57 3.20
C PRO B 502 -17.56 23.04 3.76
N GLU B 503 -18.68 23.37 3.14
CA GLU B 503 -19.99 23.10 3.75
C GLU B 503 -20.20 21.63 4.04
N GLY B 504 -19.52 20.73 3.42
CA GLY B 504 -19.51 19.37 3.65
C GLY B 504 -18.36 18.71 4.29
N LEU B 505 -17.33 19.44 4.56
CA LEU B 505 -16.11 18.99 5.14
C LEU B 505 -16.28 18.50 6.55
N PRO B 506 -16.63 19.38 7.49
CA PRO B 506 -16.65 18.97 8.89
C PRO B 506 -17.41 17.71 9.18
N GLU B 507 -18.52 17.51 8.57
CA GLU B 507 -19.34 16.36 8.66
C GLU B 507 -18.59 15.12 8.27
N THR B 508 -17.96 15.11 7.15
CA THR B 508 -17.15 14.09 6.62
C THR B 508 -16.00 13.74 7.52
N MET B 509 -15.32 14.79 7.97
CA MET B 509 -14.15 14.62 8.82
C MET B 509 -14.53 14.00 10.16
N PHE B 510 -15.61 14.39 10.76
CA PHE B 510 -16.17 13.86 11.95
C PHE B 510 -16.62 12.45 11.79
N GLU B 511 -17.20 12.16 10.62
CA GLU B 511 -17.58 10.78 10.32
C GLU B 511 -16.36 9.88 10.25
N ALA B 512 -15.27 10.37 9.64
CA ALA B 512 -14.03 9.60 9.62
C ALA B 512 -13.47 9.42 11.01
N TYR B 513 -13.50 10.39 11.86
CA TYR B 513 -13.10 10.37 13.22
C TYR B 513 -13.85 9.31 13.99
N VAL B 514 -15.17 9.34 13.82
CA VAL B 514 -16.05 8.37 14.47
C VAL B 514 -15.74 6.96 13.98
N GLY B 515 -15.55 6.82 12.66
CA GLY B 515 -15.22 5.51 12.12
C GLY B 515 -13.92 4.99 12.68
N LEU B 516 -12.92 5.85 12.80
CA LEU B 516 -11.64 5.46 13.38
C LEU B 516 -11.81 5.00 14.82
N LEU B 517 -12.53 5.72 15.64
CA LEU B 517 -12.79 5.43 16.99
C LEU B 517 -13.51 4.13 17.16
N GLN B 518 -14.53 3.89 16.41
CA GLN B 518 -15.29 2.71 16.35
C GLN B 518 -14.45 1.51 15.98
N ARG B 519 -13.63 1.63 15.00
CA ARG B 519 -12.66 0.73 14.56
C ARG B 519 -11.73 0.30 15.67
N LEU B 520 -11.26 1.23 16.44
CA LEU B 520 -10.53 1.06 17.63
C LEU B 520 -11.28 0.25 18.64
N CYS B 521 -12.53 0.51 18.83
CA CYS B 521 -13.45 -0.20 19.65
C CYS B 521 -13.43 -1.67 19.30
N ASP B 522 -13.62 -2.00 18.07
CA ASP B 522 -13.88 -3.26 17.49
C ASP B 522 -12.70 -3.94 16.85
N SER B 523 -11.53 -3.40 16.89
CA SER B 523 -10.33 -3.85 16.29
C SER B 523 -9.10 -3.59 17.13
N ALA B 524 -8.11 -4.40 17.09
CA ALA B 524 -6.85 -4.26 17.69
C ALA B 524 -6.15 -3.04 17.16
N TRP B 525 -5.34 -2.37 17.90
CA TRP B 525 -4.62 -1.19 17.61
C TRP B 525 -3.37 -1.41 16.80
N GLY B 526 -3.03 -2.67 16.54
CA GLY B 526 -1.96 -2.95 15.60
C GLY B 526 -2.28 -2.54 14.18
N GLN B 527 -3.49 -2.21 13.86
CA GLN B 527 -3.98 -1.74 12.63
C GLN B 527 -3.35 -0.40 12.29
N PRO B 528 -3.20 -0.06 11.02
CA PRO B 528 -2.59 1.20 10.65
C PRO B 528 -3.26 2.40 11.23
N ALA B 529 -2.48 3.40 11.64
CA ALA B 529 -3.06 4.67 12.07
C ALA B 529 -3.59 5.46 10.88
N ASP B 530 -3.04 5.23 9.69
CA ASP B 530 -3.50 5.90 8.48
C ASP B 530 -4.97 5.62 8.25
N LEU B 531 -5.81 6.65 8.36
CA LEU B 531 -7.23 6.45 8.18
C LEU B 531 -7.55 6.12 6.72
N PRO B 532 -8.56 5.30 6.47
CA PRO B 532 -9.13 5.21 5.14
C PRO B 532 -9.83 6.47 4.73
N LEU B 533 -9.87 6.81 3.48
CA LEU B 533 -10.63 7.84 2.93
C LEU B 533 -12.10 7.61 3.22
N PRO B 534 -12.89 8.64 3.48
CA PRO B 534 -14.34 8.44 3.51
C PRO B 534 -14.79 7.75 2.23
N TRP B 535 -15.37 6.61 2.32
CA TRP B 535 -15.58 5.70 1.26
C TRP B 535 -16.25 6.35 0.08
N ALA B 536 -17.07 7.33 0.29
CA ALA B 536 -17.65 8.14 -0.69
C ALA B 536 -16.61 8.78 -1.58
N GLN B 537 -15.63 9.41 -1.00
CA GLN B 537 -14.53 10.03 -1.61
C GLN B 537 -13.72 9.08 -2.44
N GLN B 538 -13.32 7.98 -1.87
CA GLN B 538 -12.59 6.95 -2.48
C GLN B 538 -13.30 6.39 -3.67
N ALA B 539 -14.56 6.15 -3.57
CA ALA B 539 -15.43 5.66 -4.58
C ALA B 539 -15.50 6.60 -5.75
N ARG B 540 -15.70 7.86 -5.51
CA ARG B 540 -15.71 8.90 -6.45
C ARG B 540 -14.44 8.94 -7.25
N ARG B 541 -13.33 8.95 -6.60
CA ARG B 541 -12.03 9.00 -7.13
C ARG B 541 -11.68 7.77 -7.91
N ALA B 542 -12.16 6.64 -7.53
CA ALA B 542 -12.08 5.39 -8.20
C ALA B 542 -12.81 5.41 -9.51
N LEU B 543 -13.97 5.97 -9.56
CA LEU B 543 -14.74 6.24 -10.70
C LEU B 543 -13.98 7.11 -11.68
N LEU B 544 -13.41 8.20 -11.18
CA LEU B 544 -12.65 9.15 -11.99
C LEU B 544 -11.40 8.51 -12.60
N ASN B 545 -10.71 7.68 -11.83
CA ASN B 545 -9.52 7.00 -12.16
C ASN B 545 -9.73 5.84 -13.08
N GLY B 546 -10.80 5.13 -12.97
CA GLY B 546 -11.13 3.99 -13.64
C GLY B 546 -11.81 4.04 -14.95
N GLN B 547 -11.96 5.18 -15.51
CA GLN B 547 -12.52 5.43 -16.78
C GLN B 547 -11.81 4.58 -17.81
N PRO B 548 -12.48 3.74 -18.58
CA PRO B 548 -11.79 2.84 -19.48
C PRO B 548 -10.95 3.55 -20.50
N ALA B 549 -9.82 3.03 -20.87
CA ALA B 549 -8.94 3.52 -21.86
C ALA B 549 -9.60 3.53 -23.21
N CYS B 550 -9.71 4.63 -23.88
CA CYS B 550 -10.05 4.78 -25.24
C CYS B 550 -9.01 4.22 -26.16
N ALA B 551 -7.83 3.97 -25.70
CA ALA B 551 -6.67 3.53 -26.37
C ALA B 551 -6.91 2.29 -27.18
N THR B 552 -6.91 2.32 -28.47
CA THR B 552 -6.71 1.26 -29.39
C THR B 552 -5.23 1.00 -29.49
N ALA B 553 -4.62 0.44 -28.50
CA ALA B 553 -3.23 0.29 -28.31
C ALA B 553 -2.52 0.05 -29.62
N ARG B 554 -1.70 0.92 -30.10
CA ARG B 554 -1.06 0.95 -31.35
C ARG B 554 0.17 1.82 -31.37
N THR B 555 1.04 1.67 -32.31
CA THR B 555 2.12 2.52 -32.58
C THR B 555 1.64 3.91 -32.89
N LEU B 556 2.31 4.95 -32.42
CA LEU B 556 1.81 6.32 -32.49
C LEU B 556 1.67 6.84 -33.93
N HIS B 557 2.43 6.28 -34.86
CA HIS B 557 2.46 6.61 -36.24
C HIS B 557 1.42 5.92 -37.06
N ARG B 558 0.79 4.90 -36.59
CA ARG B 558 -0.06 4.01 -37.29
C ARG B 558 -1.16 4.74 -38.02
N ASP B 559 -1.93 5.51 -37.33
CA ASP B 559 -3.08 6.20 -37.77
C ASP B 559 -2.80 7.11 -38.93
N PHE B 560 -1.76 7.88 -38.89
CA PHE B 560 -1.33 8.77 -39.88
C PHE B 560 -1.11 8.08 -41.21
N PHE B 561 -0.39 7.00 -41.21
CA PHE B 561 -0.09 6.19 -42.32
C PHE B 561 -1.32 5.52 -42.89
N LEU B 562 -2.21 5.09 -42.07
CA LEU B 562 -3.49 4.60 -42.40
C LEU B 562 -4.27 5.60 -43.21
N ARG B 563 -4.36 6.82 -42.75
CA ARG B 563 -4.95 7.93 -43.37
C ARG B 563 -4.35 8.20 -44.72
N ALA B 564 -3.01 8.23 -44.75
CA ALA B 564 -2.31 8.52 -45.98
C ALA B 564 -2.59 7.47 -47.05
N ALA B 565 -2.60 6.20 -46.66
CA ALA B 565 -2.97 5.15 -47.60
C ALA B 565 -4.41 5.29 -48.05
N GLU B 566 -5.31 5.61 -47.12
CA GLU B 566 -6.72 5.79 -47.46
C GLU B 566 -6.93 6.96 -48.41
N ALA B 567 -6.26 8.09 -48.13
CA ALA B 567 -6.44 9.30 -48.92
C ALA B 567 -5.11 10.04 -49.01
N PRO B 568 -4.19 9.55 -49.85
CA PRO B 568 -2.90 10.24 -49.99
C PRO B 568 -3.04 11.68 -50.47
N ASP B 569 -4.06 11.99 -51.27
CA ASP B 569 -4.23 13.33 -51.80
C ASP B 569 -4.77 14.31 -50.76
N ALA B 570 -5.29 13.81 -49.64
CA ALA B 570 -5.85 14.70 -48.63
C ALA B 570 -4.76 15.59 -48.04
N ASP B 571 -5.03 16.82 -47.80
CA ASP B 571 -4.20 17.81 -47.22
C ASP B 571 -3.80 17.41 -45.84
N ALA B 572 -2.55 17.24 -45.51
CA ALA B 572 -2.00 16.90 -44.27
C ALA B 572 -1.44 18.07 -43.49
N LEU B 573 -0.61 18.85 -44.11
CA LEU B 573 0.10 19.97 -43.63
C LEU B 573 -0.13 21.21 -44.43
N LEU B 574 -0.28 22.36 -43.85
CA LEU B 574 -0.36 23.66 -44.39
C LEU B 574 0.72 24.56 -43.85
N TYR B 575 1.47 25.22 -44.71
CA TYR B 575 2.66 25.98 -44.29
C TYR B 575 2.50 27.43 -44.72
N ARG B 576 3.61 28.17 -44.85
CA ARG B 576 3.50 29.57 -45.24
C ARG B 576 2.56 29.75 -46.43
N ASP B 577 2.83 29.06 -47.53
CA ASP B 577 2.00 29.13 -48.73
C ASP B 577 1.71 27.74 -49.26
N GLN B 578 2.69 26.85 -49.13
CA GLN B 578 2.55 25.49 -49.63
C GLN B 578 1.71 24.66 -48.67
N ARG B 579 1.14 23.58 -49.20
CA ARG B 579 0.41 22.59 -48.42
C ARG B 579 0.87 21.21 -48.84
N VAL B 580 0.93 20.30 -47.89
CA VAL B 580 1.45 18.95 -48.10
C VAL B 580 0.35 17.95 -47.84
N THR B 581 0.14 17.04 -48.79
CA THR B 581 -0.90 16.03 -48.65
C THR B 581 -0.45 14.92 -47.73
N ARG B 582 -1.34 14.08 -47.31
CA ARG B 582 -1.10 12.90 -46.56
C ARG B 582 -0.12 12.01 -47.26
N GLY B 583 -0.36 11.81 -48.56
CA GLY B 583 0.53 10.97 -49.34
C GLY B 583 1.93 11.53 -49.42
N GLU B 584 2.06 12.82 -49.70
CA GLU B 584 3.38 13.44 -49.78
C GLU B 584 4.10 13.37 -48.45
N LEU B 585 3.40 13.71 -47.37
CA LEU B 585 4.02 13.67 -46.04
C LEU B 585 4.44 12.26 -45.67
N ALA B 586 3.60 11.28 -45.97
CA ALA B 586 3.94 9.89 -45.67
C ALA B 586 5.15 9.43 -46.48
N GLU B 587 5.19 9.80 -47.76
CA GLU B 587 6.33 9.43 -48.60
C GLU B 587 7.61 10.07 -48.07
N ARG B 588 7.54 11.34 -47.68
CA ARG B 588 8.72 12.02 -47.16
C ARG B 588 9.17 11.40 -45.84
N ALA B 589 8.22 11.07 -44.97
CA ALA B 589 8.55 10.45 -43.70
C ALA B 589 9.18 9.07 -43.91
N LEU B 590 8.67 8.31 -44.87
CA LEU B 590 9.23 6.99 -45.13
C LEU B 590 10.60 7.09 -45.78
N ARG B 591 10.82 8.10 -46.63
CA ARG B 591 12.16 8.36 -47.14
C ARG B 591 13.11 8.66 -46.00
N ILE B 592 12.68 9.48 -45.06
CA ILE B 592 13.52 9.81 -43.91
C ILE B 592 13.79 8.57 -43.07
N ALA B 593 12.77 7.72 -42.89
CA ALA B 593 12.97 6.50 -42.12
C ALA B 593 13.94 5.56 -42.80
N GLY B 594 13.83 5.44 -44.12
CA GLY B 594 14.78 4.63 -44.86
C GLY B 594 16.20 5.16 -44.75
N GLY B 595 16.36 6.48 -44.80
CA GLY B 595 17.66 7.07 -44.58
C GLY B 595 18.20 6.80 -43.18
N LEU B 596 17.34 6.89 -42.17
CA LEU B 596 17.76 6.63 -40.81
C LEU B 596 18.21 5.19 -40.64
N ARG B 597 17.43 4.23 -41.16
CA ARG B 597 17.84 2.84 -41.08
C ARG B 597 19.13 2.61 -41.87
N GLU B 598 19.28 3.31 -42.99
CA GLU B 598 20.56 3.33 -43.69
C GLU B 598 21.65 3.93 -42.82
N ALA B 599 21.29 4.92 -42.01
CA ALA B 599 22.23 5.59 -41.11
C ALA B 599 22.47 4.81 -39.82
N GLY B 600 21.96 3.58 -39.73
CA GLY B 600 22.18 2.75 -38.57
C GLY B 600 21.11 2.81 -37.51
N VAL B 601 20.12 3.70 -37.65
CA VAL B 601 19.04 3.78 -36.69
C VAL B 601 18.21 2.50 -36.75
N ARG B 602 17.60 2.14 -35.63
CA ARG B 602 16.87 0.89 -35.52
C ARG B 602 15.84 1.03 -34.41
N PRO B 603 14.85 0.13 -34.36
CA PRO B 603 13.70 0.34 -33.46
C PRO B 603 14.06 0.77 -32.05
N GLY B 604 13.46 1.81 -31.56
CA GLY B 604 13.57 2.31 -30.28
C GLY B 604 14.74 3.13 -29.93
N ASP B 605 15.65 3.28 -30.82
CA ASP B 605 16.82 4.07 -30.74
C ASP B 605 16.50 5.54 -30.82
N ALA B 606 16.89 6.34 -29.89
CA ALA B 606 16.63 7.72 -29.76
C ALA B 606 17.21 8.50 -30.92
N VAL B 607 16.49 9.34 -31.57
CA VAL B 607 16.81 10.20 -32.65
C VAL B 607 16.46 11.63 -32.35
N GLU B 608 17.35 12.56 -32.40
CA GLU B 608 17.16 13.95 -32.24
C GLU B 608 16.56 14.57 -33.47
N VAL B 609 15.62 15.45 -33.35
CA VAL B 609 14.92 16.20 -34.34
C VAL B 609 15.08 17.67 -34.11
N SER B 610 16.05 18.33 -34.64
CA SER B 610 16.40 19.70 -34.56
C SER B 610 16.17 20.41 -35.88
N LEU B 611 14.98 20.76 -36.22
CA LEU B 611 14.53 21.36 -37.42
C LEU B 611 13.68 22.58 -37.22
N PRO B 612 13.74 23.58 -38.09
CA PRO B 612 12.77 24.68 -38.02
C PRO B 612 11.37 24.16 -38.27
N ARG B 613 10.38 24.69 -37.63
CA ARG B 613 9.03 24.34 -37.72
C ARG B 613 8.57 24.35 -39.15
N GLY B 614 7.97 23.25 -39.62
CA GLY B 614 7.52 23.16 -40.98
C GLY B 614 7.28 21.73 -41.41
N PRO B 615 6.92 21.54 -42.69
CA PRO B 615 6.63 20.18 -43.16
C PRO B 615 7.79 19.23 -42.98
N GLN B 616 9.03 19.70 -43.16
CA GLN B 616 10.17 18.81 -43.01
C GLN B 616 10.32 18.31 -41.59
N GLN B 617 10.01 19.07 -40.59
CA GLN B 617 9.98 18.72 -39.22
C GLN B 617 9.02 17.59 -38.95
N VAL B 618 7.82 17.70 -39.40
CA VAL B 618 6.78 16.74 -39.33
C VAL B 618 7.19 15.45 -39.95
N ALA B 619 7.71 15.56 -41.17
CA ALA B 619 8.17 14.39 -41.90
C ALA B 619 9.31 13.70 -41.15
N ALA B 620 10.20 14.49 -40.54
CA ALA B 620 11.32 13.91 -39.80
C ALA B 620 10.83 13.12 -38.59
N VAL B 621 9.93 13.63 -37.81
CA VAL B 621 9.36 13.00 -36.68
C VAL B 621 8.66 11.72 -37.07
N PHE B 622 7.85 11.76 -38.08
CA PHE B 622 7.11 10.68 -38.61
C PHE B 622 7.99 9.59 -39.16
N GLY B 623 9.11 9.98 -39.75
CA GLY B 623 10.06 8.99 -40.24
C GLY B 623 10.85 8.36 -39.11
N VAL B 624 11.17 9.07 -38.08
CA VAL B 624 11.75 8.62 -36.88
C VAL B 624 10.93 7.54 -36.26
N LEU B 625 9.67 7.77 -36.10
CA LEU B 625 8.69 6.85 -35.64
C LEU B 625 8.55 5.68 -36.57
N ALA B 626 8.50 5.89 -37.85
CA ALA B 626 8.40 4.96 -38.89
C ALA B 626 9.57 4.03 -38.99
N ALA B 627 10.76 4.57 -38.76
CA ALA B 627 11.97 3.76 -38.67
C ALA B 627 12.01 2.93 -37.40
N GLY B 628 10.97 3.00 -36.57
CA GLY B 628 10.96 2.32 -35.29
C GLY B 628 11.62 3.09 -34.18
N ALA B 629 12.21 4.22 -34.40
CA ALA B 629 12.96 5.02 -33.53
C ALA B 629 12.08 5.87 -32.63
N CYS B 630 12.64 6.55 -31.69
CA CYS B 630 12.10 7.46 -30.74
C CYS B 630 12.63 8.84 -30.97
N TYR B 631 11.87 9.81 -31.34
CA TYR B 631 12.25 11.11 -31.70
C TYR B 631 12.45 12.01 -30.51
N VAL B 632 13.58 12.61 -30.33
CA VAL B 632 14.01 13.52 -29.34
C VAL B 632 13.89 14.94 -29.83
N PRO B 633 12.74 15.60 -29.74
CA PRO B 633 12.59 16.91 -30.32
C PRO B 633 13.35 18.00 -29.61
N LEU B 634 14.04 18.85 -30.28
CA LEU B 634 14.76 19.99 -29.86
C LEU B 634 14.59 21.16 -30.78
N ASP B 635 14.16 22.30 -30.34
CA ASP B 635 14.06 23.49 -31.07
C ASP B 635 15.41 23.88 -31.64
N ILE B 636 15.51 24.31 -32.85
CA ILE B 636 16.68 24.79 -33.48
C ILE B 636 17.31 25.88 -32.67
N ASP B 637 16.55 26.64 -31.95
CA ASP B 637 16.93 27.66 -31.03
C ASP B 637 17.68 27.14 -29.84
N GLN B 638 17.65 25.88 -29.56
CA GLN B 638 18.27 25.22 -28.48
C GLN B 638 19.76 25.49 -28.50
N PRO B 639 20.38 25.98 -27.44
CA PRO B 639 21.77 26.35 -27.47
C PRO B 639 22.71 25.18 -27.62
N PRO B 640 23.92 25.36 -28.16
CA PRO B 640 24.82 24.25 -28.33
C PRO B 640 25.13 23.43 -27.12
N ALA B 641 25.36 24.02 -26.00
CA ALA B 641 25.73 23.41 -24.77
C ALA B 641 24.62 22.56 -24.21
N ARG B 642 23.43 23.12 -24.10
CA ARG B 642 22.26 22.38 -23.63
C ARG B 642 21.90 21.28 -24.60
N ARG B 643 22.11 21.51 -25.90
CA ARG B 643 21.97 20.56 -26.94
C ARG B 643 22.83 19.36 -26.72
N ARG B 644 24.08 19.55 -26.44
CA ARG B 644 25.05 18.57 -26.12
C ARG B 644 24.67 17.79 -24.89
N LEU B 645 24.25 18.45 -23.86
CA LEU B 645 23.76 17.91 -22.65
C LEU B 645 22.64 16.94 -22.89
N ILE B 646 21.66 17.32 -23.64
CA ILE B 646 20.53 16.58 -24.04
C ILE B 646 20.92 15.36 -24.82
N GLU B 647 21.76 15.51 -25.78
CA GLU B 647 22.29 14.50 -26.62
C GLU B 647 22.96 13.41 -25.83
N GLU B 648 23.83 13.76 -24.93
CA GLU B 648 24.54 12.93 -24.04
C GLU B 648 23.60 12.16 -23.14
N ALA B 649 22.72 12.84 -22.47
CA ALA B 649 21.71 12.33 -21.63
C ALA B 649 20.80 11.38 -22.35
N ALA B 650 20.34 11.75 -23.49
CA ALA B 650 19.48 11.02 -24.35
C ALA B 650 20.09 9.74 -24.85
N GLY B 651 21.37 9.66 -24.97
CA GLY B 651 22.01 8.68 -25.69
C GLY B 651 21.57 8.58 -27.10
N VAL B 652 21.36 9.68 -27.73
CA VAL B 652 20.76 9.86 -28.99
C VAL B 652 21.56 9.17 -30.06
N CYS B 653 20.95 8.28 -30.83
CA CYS B 653 21.67 7.59 -31.89
C CYS B 653 21.99 8.53 -33.05
N LEU B 654 21.11 9.51 -33.30
CA LEU B 654 21.24 10.35 -34.48
C LEU B 654 20.51 11.66 -34.20
N ALA B 655 20.87 12.69 -34.97
CA ALA B 655 20.28 14.02 -34.84
C ALA B 655 19.88 14.52 -36.22
N ILE B 656 18.57 14.56 -36.48
CA ILE B 656 18.07 15.12 -37.73
C ILE B 656 18.12 16.64 -37.64
N THR B 657 18.73 17.26 -38.64
CA THR B 657 18.93 18.70 -38.65
C THR B 657 18.98 19.16 -40.11
N GLU B 658 19.11 20.47 -40.29
CA GLU B 658 19.44 21.02 -41.60
C GLU B 658 20.93 21.04 -41.86
N GLU B 659 21.71 20.34 -41.04
CA GLU B 659 23.17 20.33 -41.13
C GLU B 659 23.67 18.89 -41.22
N ASP B 660 24.55 18.63 -42.18
CA ASP B 660 25.23 17.36 -42.28
C ASP B 660 26.55 17.44 -41.53
N ASP B 661 26.66 16.70 -40.42
CA ASP B 661 27.86 16.72 -39.58
C ASP B 661 27.97 15.40 -38.87
N PRO B 662 28.43 14.35 -39.56
CA PRO B 662 28.65 13.06 -38.88
C PRO B 662 29.67 13.13 -37.76
N GLN B 663 30.53 14.15 -37.75
CA GLN B 663 31.56 14.29 -36.73
C GLN B 663 31.02 14.90 -35.44
N ALA B 664 29.77 15.34 -35.42
CA ALA B 664 29.20 15.91 -34.21
C ALA B 664 29.13 14.86 -33.11
N LEU B 665 28.73 15.23 -31.93
CA LEU B 665 28.60 14.42 -30.78
C LEU B 665 27.76 13.21 -31.11
N PRO B 666 26.51 13.43 -31.53
CA PRO B 666 25.79 12.39 -32.27
C PRO B 666 25.95 12.60 -33.76
N PRO B 667 25.86 11.55 -34.57
CA PRO B 667 25.84 11.75 -36.02
C PRO B 667 24.70 12.67 -36.42
N ARG B 668 25.05 13.84 -36.95
CA ARG B 668 24.08 14.85 -37.34
C ARG B 668 23.87 14.79 -38.85
N LEU B 669 22.62 14.62 -39.27
CA LEU B 669 22.29 14.43 -40.68
C LEU B 669 21.37 15.54 -41.16
N ASP B 670 21.54 15.91 -42.42
CA ASP B 670 20.63 16.87 -43.05
C ASP B 670 19.32 16.17 -43.39
N VAL B 671 18.21 16.77 -42.96
CA VAL B 671 16.90 16.18 -43.24
C VAL B 671 16.66 16.09 -44.74
N GLN B 672 17.12 17.09 -45.49
CA GLN B 672 16.96 17.06 -46.94
C GLN B 672 17.67 15.87 -47.57
N ARG B 673 18.88 15.54 -47.11
CA ARG B 673 19.54 14.34 -47.61
C ARG B 673 18.76 13.09 -47.23
N LEU B 674 18.19 13.05 -46.02
CA LEU B 674 17.34 11.93 -45.64
C LEU B 674 16.12 11.84 -46.54
N LEU B 675 15.56 12.99 -46.93
CA LEU B 675 14.45 13.00 -47.87
C LEU B 675 14.84 12.43 -49.23
N ARG B 676 16.13 12.40 -49.55
CA ARG B 676 16.61 11.74 -50.75
C ARG B 676 16.76 10.23 -50.57
N GLY B 677 16.64 9.74 -49.34
CA GLY B 677 16.82 8.33 -49.07
C GLY B 677 15.70 7.48 -49.63
N PRO B 678 15.95 6.17 -49.75
CA PRO B 678 14.92 5.28 -50.30
C PRO B 678 13.75 5.12 -49.33
N ALA B 679 12.54 5.29 -49.84
CA ALA B 679 11.35 5.18 -49.01
C ALA B 679 11.12 3.74 -48.59
N LEU B 680 10.78 3.55 -47.31
CA LEU B 680 10.41 2.24 -46.82
C LEU B 680 9.05 1.84 -47.39
N ALA B 681 8.84 0.53 -47.50
CA ALA B 681 7.54 0.04 -47.94
C ALA B 681 6.45 0.41 -46.96
N ALA B 682 6.75 0.35 -45.67
CA ALA B 682 5.79 0.71 -44.63
C ALA B 682 6.57 1.01 -43.36
N PRO B 683 5.95 1.66 -42.39
CA PRO B 683 6.64 1.93 -41.12
C PRO B 683 7.10 0.65 -40.45
N VAL B 684 8.25 0.71 -39.80
CA VAL B 684 8.78 -0.48 -39.12
C VAL B 684 7.77 -0.93 -38.07
N PRO B 685 7.43 -2.22 -37.98
CA PRO B 685 6.41 -2.63 -37.00
C PRO B 685 6.89 -2.47 -35.58
N LEU B 686 6.37 -1.54 -34.86
CA LEU B 686 6.59 -1.21 -33.50
C LEU B 686 5.52 -1.73 -32.59
N ALA B 687 5.82 -2.38 -31.53
CA ALA B 687 4.98 -2.66 -30.44
C ALA B 687 4.52 -1.38 -29.80
N PRO B 688 3.24 -1.24 -29.41
CA PRO B 688 2.79 0.02 -28.83
C PRO B 688 3.55 0.49 -27.63
N GLN B 689 4.11 -0.39 -26.86
CA GLN B 689 4.84 -0.17 -25.67
C GLN B 689 6.17 0.50 -25.89
N ALA B 690 6.68 0.54 -27.06
CA ALA B 690 7.93 1.07 -27.45
C ALA B 690 7.99 2.56 -27.23
N SER B 691 9.13 3.13 -27.02
CA SER B 691 9.40 4.51 -26.86
C SER B 691 8.99 5.29 -28.08
N ALA B 692 8.27 6.36 -27.97
CA ALA B 692 7.80 7.25 -28.96
C ALA B 692 8.63 8.49 -29.11
N TYR B 693 8.71 9.27 -28.04
CA TYR B 693 9.49 10.48 -27.98
C TYR B 693 10.08 10.68 -26.60
N VAL B 694 11.21 11.36 -26.57
CA VAL B 694 11.93 11.83 -25.46
C VAL B 694 11.89 13.34 -25.46
N ILE B 695 10.82 13.89 -24.89
CA ILE B 695 10.68 15.31 -24.76
C ILE B 695 11.47 15.76 -23.57
N TYR B 696 12.49 16.57 -23.83
CA TYR B 696 13.36 17.09 -22.80
C TYR B 696 12.68 18.20 -22.03
N THR B 697 12.17 17.83 -20.87
CA THR B 697 11.89 18.80 -19.83
C THR B 697 13.18 19.46 -19.38
N SER B 698 13.09 20.70 -18.94
CA SER B 698 14.08 21.27 -18.03
C SER B 698 14.30 20.37 -16.81
N GLY B 699 15.49 20.40 -16.21
CA GLY B 699 15.88 19.46 -15.16
C GLY B 699 16.51 20.15 -13.96
N SER B 700 16.00 19.90 -12.77
CA SER B 700 16.32 20.68 -11.56
C SER B 700 17.80 20.71 -11.17
N THR B 701 18.58 19.68 -11.49
CA THR B 701 20.03 19.65 -11.18
C THR B 701 20.87 20.47 -12.16
N GLY B 702 20.28 20.97 -13.24
CA GLY B 702 20.98 21.62 -14.34
C GLY B 702 21.04 20.76 -15.59
N VAL B 703 21.14 19.44 -15.46
CA VAL B 703 21.10 18.53 -16.61
C VAL B 703 19.66 18.40 -17.07
N PRO B 704 19.31 18.77 -18.31
CA PRO B 704 17.96 18.57 -18.83
C PRO B 704 17.57 17.11 -18.78
N LYS B 705 16.30 16.83 -18.51
CA LYS B 705 15.73 15.57 -18.27
C LYS B 705 14.82 15.11 -19.38
N GLY B 706 15.01 13.98 -19.97
CA GLY B 706 14.27 13.44 -21.00
C GLY B 706 13.15 12.55 -20.66
N VAL B 707 11.93 12.95 -20.97
CA VAL B 707 10.72 12.19 -20.67
C VAL B 707 10.43 11.24 -21.80
N GLU B 708 10.77 9.98 -21.64
CA GLU B 708 10.63 8.89 -22.54
C GLU B 708 9.22 8.40 -22.56
N VAL B 709 8.38 8.85 -23.48
CA VAL B 709 6.98 8.47 -23.57
C VAL B 709 6.81 7.40 -24.62
N SER B 710 6.17 6.29 -24.29
CA SER B 710 5.83 5.20 -25.11
C SER B 710 4.80 5.57 -26.14
N HIS B 711 4.71 4.89 -27.24
CA HIS B 711 3.66 4.97 -28.18
C HIS B 711 2.33 4.71 -27.54
N ALA B 712 2.24 3.76 -26.67
CA ALA B 712 1.10 3.35 -25.97
C ALA B 712 0.50 4.48 -25.17
N ALA B 713 1.37 5.17 -24.44
CA ALA B 713 1.01 6.26 -23.56
C ALA B 713 0.52 7.48 -24.32
N ALA B 714 1.29 7.93 -25.30
CA ALA B 714 0.90 9.06 -26.11
C ALA B 714 -0.43 8.78 -26.83
N ILE B 715 -0.58 7.61 -27.45
CA ILE B 715 -1.70 7.19 -28.19
C ILE B 715 -2.91 7.04 -27.33
N ASN B 716 -2.79 6.62 -26.11
CA ASN B 716 -3.80 6.54 -25.12
C ASN B 716 -4.40 7.89 -24.87
N THR B 717 -3.55 8.87 -24.53
CA THR B 717 -3.97 10.27 -24.34
C THR B 717 -4.65 10.80 -25.58
N ILE B 718 -4.02 10.62 -26.73
CA ILE B 718 -4.54 11.13 -27.99
C ILE B 718 -5.92 10.56 -28.28
N ASP B 719 -6.14 9.26 -28.16
CA ASP B 719 -7.38 8.61 -28.30
C ASP B 719 -8.42 9.17 -27.37
N ALA B 720 -8.10 9.29 -26.13
CA ALA B 720 -8.90 9.83 -25.10
C ALA B 720 -9.42 11.20 -25.45
N LEU B 721 -8.59 12.00 -26.11
CA LEU B 721 -8.95 13.34 -26.48
C LEU B 721 -9.62 13.44 -27.85
N LEU B 722 -9.31 12.56 -28.78
CA LEU B 722 -9.87 12.46 -30.08
C LEU B 722 -11.30 12.04 -30.06
N ASP B 723 -11.61 11.01 -29.34
CA ASP B 723 -12.90 10.51 -29.06
C ASP B 723 -13.79 11.53 -28.41
N LEU B 724 -13.19 12.54 -27.78
CA LEU B 724 -13.87 13.63 -27.09
C LEU B 724 -14.05 14.87 -27.99
N LEU B 725 -13.00 15.30 -28.66
CA LEU B 725 -13.01 16.36 -29.66
C LEU B 725 -13.75 16.00 -30.94
N ARG B 726 -14.01 14.70 -31.18
CA ARG B 726 -14.61 14.17 -32.42
C ARG B 726 -13.82 14.57 -33.67
N VAL B 727 -12.50 14.61 -33.56
CA VAL B 727 -11.64 15.07 -34.65
C VAL B 727 -11.80 14.19 -35.89
N ASN B 728 -11.87 14.82 -37.04
CA ASN B 728 -12.14 14.17 -38.31
C ASN B 728 -11.33 14.86 -39.42
N ALA B 729 -11.48 14.44 -40.66
CA ALA B 729 -10.77 14.89 -41.80
C ALA B 729 -10.90 16.37 -42.01
N SER B 730 -12.08 16.91 -41.94
CA SER B 730 -12.44 18.26 -42.13
C SER B 730 -11.73 19.20 -41.20
N ASP B 731 -11.38 18.72 -40.01
CA ASP B 731 -10.67 19.52 -39.03
C ASP B 731 -9.27 19.86 -39.50
N ARG B 732 -8.79 20.99 -39.01
CA ARG B 732 -7.50 21.51 -39.18
C ARG B 732 -6.92 22.08 -37.91
N LEU B 733 -5.81 21.59 -37.41
CA LEU B 733 -5.15 22.12 -36.23
C LEU B 733 -4.19 23.23 -36.63
N LEU B 734 -3.68 23.96 -35.67
CA LEU B 734 -2.64 24.93 -35.64
C LEU B 734 -1.52 24.50 -34.74
N ALA B 735 -0.37 24.18 -35.22
CA ALA B 735 0.78 23.67 -34.55
C ALA B 735 1.61 24.77 -33.91
N VAL B 736 1.02 25.65 -33.17
CA VAL B 736 1.63 26.65 -32.38
C VAL B 736 2.61 26.05 -31.41
N SER B 737 2.32 24.92 -30.86
CA SER B 737 3.11 24.17 -29.96
C SER B 737 4.45 23.86 -30.55
N ALA B 738 5.53 24.19 -29.85
CA ALA B 738 6.86 23.77 -30.27
C ALA B 738 6.93 22.24 -30.32
N LEU B 739 7.82 21.70 -31.14
CA LEU B 739 8.11 20.33 -31.27
C LEU B 739 8.54 19.73 -29.96
N ASP B 740 9.43 20.43 -29.26
CA ASP B 740 9.93 20.01 -27.95
C ASP B 740 8.97 20.30 -26.80
N PHE B 741 7.70 20.58 -27.10
CA PHE B 741 6.60 20.69 -26.16
C PHE B 741 5.55 19.65 -26.55
N ASP B 742 5.18 18.75 -25.64
CA ASP B 742 4.46 17.54 -26.05
C ASP B 742 3.02 17.76 -26.50
N LEU B 743 2.47 18.96 -26.36
CA LEU B 743 1.24 19.32 -27.04
C LEU B 743 1.32 19.05 -28.55
N SER B 744 2.50 19.24 -29.15
CA SER B 744 2.71 18.97 -30.55
C SER B 744 2.55 17.50 -30.90
N VAL B 745 2.68 16.59 -29.93
CA VAL B 745 2.43 15.17 -30.12
C VAL B 745 0.96 14.97 -30.45
N PHE B 746 0.05 15.66 -29.76
CA PHE B 746 -1.34 15.62 -30.17
C PHE B 746 -1.53 16.28 -31.51
N ASP B 747 -0.86 17.39 -31.77
CA ASP B 747 -0.97 18.06 -33.07
C ASP B 747 -0.65 17.06 -34.17
N LEU B 748 0.60 16.61 -34.24
CA LEU B 748 1.16 15.75 -35.20
C LEU B 748 0.34 14.51 -35.38
N PHE B 749 0.41 13.63 -34.44
CA PHE B 749 -0.08 12.32 -34.42
C PHE B 749 -1.58 12.23 -34.32
N GLY B 750 -2.17 12.88 -33.38
CA GLY B 750 -3.54 13.02 -33.27
C GLY B 750 -4.23 13.55 -34.45
N GLY B 751 -3.95 14.75 -34.87
CA GLY B 751 -4.51 15.35 -35.96
C GLY B 751 -4.38 14.65 -37.26
N LEU B 752 -3.23 14.16 -37.57
CA LEU B 752 -2.89 13.43 -38.73
C LEU B 752 -3.47 12.04 -38.77
N GLY B 753 -3.52 11.35 -37.68
CA GLY B 753 -4.15 10.13 -37.56
C GLY B 753 -5.62 10.14 -37.71
N ALA B 754 -6.28 11.11 -37.19
CA ALA B 754 -7.62 11.48 -37.39
C ALA B 754 -7.89 11.95 -38.79
N GLY B 755 -6.91 12.28 -39.55
CA GLY B 755 -6.96 12.89 -40.78
C GLY B 755 -7.02 14.35 -40.89
N ALA B 756 -7.06 15.04 -39.79
CA ALA B 756 -7.05 16.44 -39.65
C ALA B 756 -5.78 17.04 -40.17
N SER B 757 -5.80 18.07 -40.93
CA SER B 757 -4.73 18.83 -41.41
C SER B 757 -4.05 19.61 -40.30
N LEU B 758 -2.82 19.93 -40.40
CA LEU B 758 -2.00 20.72 -39.56
C LEU B 758 -1.61 22.01 -40.20
N VAL B 759 -1.90 23.14 -39.65
CA VAL B 759 -1.41 24.43 -39.96
C VAL B 759 -0.11 24.67 -39.24
N LEU B 760 1.01 24.74 -39.86
CA LEU B 760 2.31 24.83 -39.35
C LEU B 760 2.86 26.23 -39.37
N PRO B 761 2.92 26.96 -38.26
CA PRO B 761 3.65 28.21 -38.24
C PRO B 761 5.09 28.05 -38.63
N ALA B 762 5.67 28.93 -39.38
CA ALA B 762 7.03 29.00 -39.70
C ALA B 762 7.86 29.24 -38.47
N GLN B 763 9.12 28.95 -38.48
CA GLN B 763 10.04 29.18 -37.43
C GLN B 763 9.98 30.61 -36.96
N GLU B 764 9.90 31.54 -37.84
CA GLU B 764 9.70 32.92 -37.61
C GLU B 764 8.35 33.24 -37.03
N GLN B 765 7.38 32.40 -37.20
CA GLN B 765 6.05 32.41 -36.73
C GLN B 765 5.82 31.68 -35.43
N ALA B 766 6.82 31.16 -34.81
CA ALA B 766 6.80 30.38 -33.64
C ALA B 766 6.08 31.06 -32.49
N ARG B 767 6.06 32.39 -32.45
CA ARG B 767 5.42 33.20 -31.40
C ARG B 767 4.61 34.38 -31.94
N ASP B 768 4.43 34.46 -33.25
CA ASP B 768 3.76 35.48 -33.98
C ASP B 768 2.26 35.27 -33.90
N ALA B 769 1.54 35.92 -33.05
CA ALA B 769 0.15 35.87 -32.90
C ALA B 769 -0.57 36.30 -34.16
N ALA B 770 -0.11 37.33 -34.79
CA ALA B 770 -0.59 37.83 -36.02
C ALA B 770 -0.58 36.78 -37.10
N ALA B 771 0.51 36.09 -37.25
CA ALA B 771 0.71 35.00 -38.13
C ALA B 771 -0.28 33.90 -37.87
N TRP B 772 -0.48 33.54 -36.64
CA TRP B 772 -1.40 32.58 -36.16
C TRP B 772 -2.80 32.90 -36.61
N ALA B 773 -3.24 34.10 -36.40
CA ALA B 773 -4.50 34.62 -36.76
C ALA B 773 -4.73 34.57 -38.25
N GLU B 774 -3.79 35.00 -39.02
CA GLU B 774 -3.78 34.98 -40.42
C GLU B 774 -3.96 33.59 -40.95
N ALA B 775 -3.23 32.65 -40.46
CA ALA B 775 -3.26 31.27 -40.78
C ALA B 775 -4.61 30.66 -40.48
N ILE B 776 -5.16 30.93 -39.35
CA ILE B 776 -6.43 30.50 -38.90
C ILE B 776 -7.52 30.94 -39.83
N GLN B 777 -7.55 32.19 -40.17
CA GLN B 777 -8.44 32.81 -41.06
C GLN B 777 -8.36 32.20 -42.44
N ARG B 778 -7.20 32.00 -42.95
CA ARG B 778 -6.87 31.51 -44.23
C ARG B 778 -7.31 30.08 -44.43
N HIS B 779 -6.92 29.21 -43.57
CA HIS B 779 -7.08 27.80 -43.56
C HIS B 779 -8.29 27.30 -42.83
N ALA B 780 -9.05 28.12 -42.18
CA ALA B 780 -10.20 27.77 -41.44
C ALA B 780 -9.88 26.77 -40.35
N VAL B 781 -8.84 27.06 -39.55
CA VAL B 781 -8.42 26.17 -38.46
C VAL B 781 -9.60 25.94 -37.54
N SER B 782 -9.89 24.67 -37.27
CA SER B 782 -11.00 24.27 -36.43
C SER B 782 -10.55 23.83 -35.04
N LEU B 783 -9.27 23.52 -34.85
CA LEU B 783 -8.77 23.05 -33.58
C LEU B 783 -7.55 23.85 -33.18
N TRP B 784 -7.52 24.26 -31.94
CA TRP B 784 -6.38 24.95 -31.38
C TRP B 784 -5.79 24.10 -30.28
N ASN B 785 -4.48 24.14 -30.12
CA ASN B 785 -3.83 23.39 -29.06
C ASN B 785 -2.57 24.11 -28.59
N SER B 786 -2.56 24.55 -27.34
CA SER B 786 -1.42 25.30 -26.81
C SER B 786 -1.35 25.35 -25.30
N ALA B 787 -0.26 25.91 -24.77
CA ALA B 787 -0.36 26.54 -23.47
C ALA B 787 -1.27 27.77 -23.56
N PRO B 788 -2.10 28.07 -22.56
CA PRO B 788 -2.93 29.27 -22.56
C PRO B 788 -2.15 30.54 -22.81
N ALA B 789 -0.88 30.62 -22.40
CA ALA B 789 -0.02 31.76 -22.71
C ALA B 789 -0.01 32.12 -24.20
N LEU B 790 -0.10 31.12 -25.07
CA LEU B 790 -0.12 31.33 -26.51
C LEU B 790 -1.50 31.81 -26.98
N LEU B 791 -2.59 31.29 -26.43
CA LEU B 791 -3.92 31.78 -26.79
C LEU B 791 -4.19 33.17 -26.22
N GLU B 792 -3.75 33.48 -25.00
CA GLU B 792 -3.81 34.84 -24.45
C GLU B 792 -3.15 35.83 -25.40
N MET B 793 -2.00 35.45 -25.96
CA MET B 793 -1.27 36.19 -26.92
C MET B 793 -2.07 36.39 -28.18
N ALA B 794 -2.70 35.37 -28.67
CA ALA B 794 -3.54 35.34 -29.80
C ALA B 794 -4.73 36.26 -29.64
N LEU B 795 -5.47 36.11 -28.60
CA LEU B 795 -6.62 36.83 -28.20
C LEU B 795 -6.36 38.28 -27.94
N SER B 796 -5.17 38.66 -27.64
CA SER B 796 -4.71 40.00 -27.52
C SER B 796 -5.02 40.80 -28.75
N LEU B 797 -5.06 40.20 -29.88
CA LEU B 797 -5.43 40.70 -31.15
C LEU B 797 -6.91 41.00 -31.19
N PRO B 798 -7.37 42.17 -31.62
CA PRO B 798 -8.80 42.39 -31.76
C PRO B 798 -9.48 41.43 -32.68
N ALA B 799 -10.72 41.11 -32.48
CA ALA B 799 -11.52 40.26 -33.28
C ALA B 799 -11.45 40.63 -34.73
N SER B 800 -11.53 41.93 -35.00
CA SER B 800 -11.45 42.40 -36.38
C SER B 800 -10.11 42.05 -37.00
N GLN B 801 -9.02 42.23 -36.25
CA GLN B 801 -7.70 41.89 -36.76
C GLN B 801 -7.46 40.39 -36.79
N ALA B 802 -8.08 39.60 -35.97
CA ALA B 802 -7.95 38.20 -35.78
C ALA B 802 -9.29 37.52 -35.70
N ASP B 803 -9.70 36.75 -36.65
CA ASP B 803 -10.89 36.00 -36.76
C ASP B 803 -10.66 34.56 -36.36
N TYR B 804 -11.21 34.05 -35.31
CA TYR B 804 -11.17 32.74 -34.78
C TYR B 804 -12.46 31.97 -34.88
N ARG B 805 -13.47 32.48 -35.50
CA ARG B 805 -14.78 31.96 -35.60
C ARG B 805 -14.85 30.61 -36.25
N SER B 806 -13.81 30.19 -36.98
CA SER B 806 -13.70 28.84 -37.53
C SER B 806 -13.37 27.79 -36.48
N LEU B 807 -12.88 28.22 -35.32
CA LEU B 807 -12.24 27.40 -34.32
C LEU B 807 -13.28 26.62 -33.50
N ARG B 808 -13.56 25.41 -33.96
CA ARG B 808 -14.57 24.48 -33.48
C ARG B 808 -14.35 24.04 -32.03
N ALA B 809 -13.11 23.82 -31.62
CA ALA B 809 -12.77 23.46 -30.26
C ALA B 809 -11.35 23.87 -29.92
N VAL B 810 -11.05 24.02 -28.64
CA VAL B 810 -9.79 24.59 -28.18
C VAL B 810 -9.24 23.74 -27.06
N LEU B 811 -7.97 23.37 -27.12
CA LEU B 811 -7.26 22.69 -26.06
C LEU B 811 -6.27 23.67 -25.45
N LEU B 812 -6.41 23.98 -24.17
CA LEU B 812 -5.44 24.80 -23.44
C LEU B 812 -4.89 24.01 -22.28
N SER B 813 -3.59 24.05 -22.06
CA SER B 813 -3.00 23.06 -21.19
C SER B 813 -1.58 23.37 -20.79
N GLY B 814 -1.03 22.66 -19.82
CA GLY B 814 0.41 22.77 -19.56
C GLY B 814 0.82 24.11 -18.98
N ASP B 815 -0.12 24.97 -18.61
CA ASP B 815 0.05 26.20 -17.85
C ASP B 815 -1.33 26.67 -17.38
N TRP B 816 -1.40 27.56 -16.39
CA TRP B 816 -2.64 28.09 -15.85
C TRP B 816 -3.53 28.75 -16.90
N VAL B 817 -4.72 28.20 -17.11
CA VAL B 817 -5.72 28.85 -17.95
C VAL B 817 -6.47 29.87 -17.11
N ALA B 818 -6.31 31.16 -17.39
CA ALA B 818 -6.95 32.22 -16.62
C ALA B 818 -8.48 32.13 -16.71
N LEU B 819 -9.18 32.41 -15.61
CA LEU B 819 -10.64 32.25 -15.52
C LEU B 819 -11.43 33.10 -16.51
N ASP B 820 -10.90 34.26 -16.89
CA ASP B 820 -11.53 35.14 -17.87
C ASP B 820 -11.20 34.74 -19.32
N LEU B 821 -10.31 33.78 -19.55
CA LEU B 821 -9.91 33.35 -20.89
C LEU B 821 -11.05 32.68 -21.67
N PRO B 822 -11.83 31.73 -21.14
CA PRO B 822 -13.09 31.33 -21.75
C PRO B 822 -14.02 32.51 -22.00
N GLY B 823 -14.08 33.48 -21.09
CA GLY B 823 -14.86 34.70 -21.28
C GLY B 823 -14.46 35.49 -22.52
N ARG B 824 -13.16 35.62 -22.81
CA ARG B 824 -12.65 36.18 -24.07
C ARG B 824 -12.88 35.25 -25.25
N LEU B 825 -12.75 33.95 -25.06
CA LEU B 825 -12.71 32.97 -26.14
C LEU B 825 -14.07 32.65 -26.74
N ARG B 826 -15.13 32.44 -25.95
CA ARG B 826 -16.45 32.07 -26.48
C ARG B 826 -16.99 33.00 -27.58
N PRO B 827 -16.91 34.35 -27.48
CA PRO B 827 -17.28 35.24 -28.56
C PRO B 827 -16.40 35.23 -29.77
N ARG B 828 -15.19 34.78 -29.68
CA ARG B 828 -14.17 34.73 -30.65
C ARG B 828 -14.20 33.48 -31.51
N CYS B 829 -14.24 32.33 -30.85
CA CYS B 829 -14.24 31.03 -31.52
C CYS B 829 -15.62 30.65 -32.07
N ALA B 830 -15.76 29.44 -32.63
CA ALA B 830 -17.00 29.02 -33.28
C ALA B 830 -18.18 28.97 -32.32
N GLU B 831 -19.41 29.08 -32.85
CA GLU B 831 -20.60 28.79 -32.07
C GLU B 831 -20.58 27.31 -31.64
N GLY B 832 -20.84 27.02 -30.36
CA GLY B 832 -20.43 25.76 -29.75
C GLY B 832 -18.92 25.73 -29.50
N CYS B 833 -18.46 26.57 -28.58
CA CYS B 833 -17.07 26.98 -28.39
C CYS B 833 -16.07 25.85 -28.08
N ARG B 834 -16.49 24.87 -27.27
CA ARG B 834 -15.72 23.68 -26.84
C ARG B 834 -14.28 24.00 -26.40
N LEU B 835 -14.10 24.93 -25.46
CA LEU B 835 -12.84 25.00 -24.73
C LEU B 835 -12.72 23.80 -23.81
N HIS B 836 -11.61 23.11 -23.90
CA HIS B 836 -11.16 22.11 -22.95
C HIS B 836 -9.85 22.56 -22.36
N VAL B 837 -9.76 22.52 -21.04
CA VAL B 837 -8.54 22.81 -20.31
C VAL B 837 -7.97 21.51 -19.79
N LEU B 838 -6.73 21.22 -20.11
CA LEU B 838 -6.15 19.91 -19.86
C LEU B 838 -4.95 19.98 -18.95
N GLY B 839 -4.85 18.99 -18.09
CA GLY B 839 -3.93 18.96 -16.98
C GLY B 839 -2.81 17.95 -17.17
N GLY B 840 -1.89 17.90 -16.22
CA GLY B 840 -0.91 16.83 -16.11
C GLY B 840 0.36 17.09 -16.90
N ALA B 841 1.47 16.56 -16.41
CA ALA B 841 2.77 16.98 -16.87
C ALA B 841 3.21 16.26 -18.14
N THR B 842 4.34 16.66 -18.69
CA THR B 842 5.03 15.99 -19.78
C THR B 842 5.09 14.48 -19.59
N GLU B 843 5.34 14.05 -18.36
CA GLU B 843 5.55 12.69 -17.92
C GLU B 843 4.31 11.82 -17.93
N ALA B 844 3.14 12.36 -18.25
CA ALA B 844 1.94 11.58 -18.41
C ALA B 844 1.40 11.65 -19.83
N GLY B 845 2.29 11.51 -20.79
CA GLY B 845 1.91 11.30 -22.18
C GLY B 845 1.89 12.64 -22.88
N ILE B 846 0.77 13.35 -22.73
CA ILE B 846 0.68 14.76 -23.08
C ILE B 846 -0.12 15.43 -21.98
N TRP B 847 -1.33 14.92 -21.76
CA TRP B 847 -2.27 15.40 -20.77
C TRP B 847 -2.87 14.26 -20.02
N SER B 848 -3.45 14.60 -18.89
CA SER B 848 -4.06 13.63 -18.02
C SER B 848 -5.38 14.04 -17.47
N ASN B 849 -5.85 15.25 -17.76
CA ASN B 849 -7.13 15.75 -17.30
C ASN B 849 -7.81 16.50 -18.40
N LEU B 850 -9.11 16.67 -18.25
CA LEU B 850 -9.87 17.55 -19.10
C LEU B 850 -10.97 18.15 -18.25
N GLN B 851 -10.91 19.46 -18.07
CA GLN B 851 -12.06 20.25 -17.69
C GLN B 851 -12.63 20.84 -18.97
N SER B 852 -13.81 20.42 -19.40
CA SER B 852 -14.53 21.20 -20.40
C SER B 852 -15.00 22.50 -19.77
N VAL B 853 -15.01 23.59 -20.52
CA VAL B 853 -15.36 24.92 -20.02
C VAL B 853 -16.37 25.57 -20.95
N ASP B 854 -17.59 25.06 -20.93
CA ASP B 854 -18.75 25.71 -21.57
C ASP B 854 -19.11 27.01 -20.87
N THR B 855 -18.86 27.11 -19.55
CA THR B 855 -18.83 28.35 -18.78
C THR B 855 -17.99 28.17 -17.51
N VAL B 856 -17.47 29.26 -16.96
CA VAL B 856 -16.77 29.24 -15.66
C VAL B 856 -17.76 29.59 -14.55
N PRO B 857 -18.14 28.65 -13.66
CA PRO B 857 -18.94 28.97 -12.48
C PRO B 857 -18.12 29.82 -11.50
N PRO B 858 -18.76 30.62 -10.64
CA PRO B 858 -18.07 31.57 -9.79
C PRO B 858 -17.15 30.98 -8.76
N HIS B 859 -17.36 29.74 -8.33
CA HIS B 859 -16.59 29.13 -7.24
C HIS B 859 -15.21 28.62 -7.67
N TRP B 860 -14.91 28.57 -8.97
CA TRP B 860 -13.57 28.22 -9.44
C TRP B 860 -12.58 29.35 -9.12
N ARG B 861 -11.61 29.09 -8.22
CA ARG B 861 -10.49 30.02 -7.95
C ARG B 861 -9.44 29.99 -9.05
N SER B 862 -9.46 28.95 -9.87
CA SER B 862 -8.70 28.72 -11.09
C SER B 862 -9.45 27.68 -11.91
N ILE B 863 -9.22 27.54 -13.21
CA ILE B 863 -9.86 26.46 -13.97
C ILE B 863 -9.25 25.14 -13.51
N PRO B 864 -10.03 24.22 -12.91
CA PRO B 864 -9.49 23.02 -12.30
C PRO B 864 -8.97 22.06 -13.35
N TYR B 865 -8.17 21.09 -12.94
CA TYR B 865 -8.10 19.85 -13.69
C TYR B 865 -9.47 19.18 -13.55
N GLY B 866 -10.10 18.77 -14.63
CA GLY B 866 -11.38 18.09 -14.52
C GLY B 866 -11.23 16.65 -14.10
N ARG B 867 -12.13 15.82 -14.60
CA ARG B 867 -11.93 14.37 -14.64
C ARG B 867 -10.54 14.06 -15.22
N PRO B 868 -9.85 13.01 -14.76
CA PRO B 868 -8.78 12.41 -15.51
C PRO B 868 -9.25 12.03 -16.91
N LEU B 869 -8.38 12.09 -17.91
CA LEU B 869 -8.70 11.59 -19.23
C LEU B 869 -8.87 10.07 -19.20
N PRO B 870 -9.71 9.48 -20.06
CA PRO B 870 -9.86 8.04 -20.15
C PRO B 870 -8.56 7.30 -20.29
N GLY B 871 -8.33 6.25 -19.58
CA GLY B 871 -7.18 5.50 -19.54
C GLY B 871 -6.09 5.87 -18.62
N GLN B 872 -6.31 6.93 -17.86
CA GLN B 872 -5.39 7.46 -16.88
C GLN B 872 -6.12 8.12 -15.72
N ALA B 873 -5.39 8.50 -14.70
CA ALA B 873 -5.91 8.69 -13.37
C ALA B 873 -5.10 9.67 -12.57
N TYR B 874 -5.70 10.15 -11.49
CA TYR B 874 -5.07 11.02 -10.54
C TYR B 874 -5.22 10.53 -9.13
N ARG B 875 -4.15 10.68 -8.37
CA ARG B 875 -4.07 10.56 -6.98
C ARG B 875 -3.53 11.79 -6.30
N VAL B 876 -4.26 12.33 -5.34
CA VAL B 876 -3.75 13.37 -4.49
C VAL B 876 -3.34 12.68 -3.20
N VAL B 877 -2.11 12.83 -2.75
CA VAL B 877 -1.43 12.14 -1.73
C VAL B 877 -0.74 13.04 -0.73
N ASP B 878 -0.56 12.64 0.47
CA ASP B 878 0.25 13.19 1.47
C ASP B 878 1.71 13.02 1.12
N THR B 879 2.62 13.63 1.82
CA THR B 879 4.02 13.48 1.70
C THR B 879 4.43 12.04 1.83
N HIS B 880 3.70 11.24 2.52
CA HIS B 880 3.87 9.86 2.81
C HIS B 880 3.34 8.93 1.76
N GLY B 881 2.67 9.39 0.75
CA GLY B 881 2.08 8.67 -0.26
C GLY B 881 0.67 8.25 -0.15
N ARG B 882 0.08 8.32 0.99
CA ARG B 882 -1.27 8.05 1.28
C ARG B 882 -2.19 9.05 0.63
N ASP B 883 -3.25 8.67 0.01
CA ASP B 883 -4.23 9.46 -0.62
C ASP B 883 -4.84 10.43 0.35
N VAL B 884 -4.99 11.67 0.06
CA VAL B 884 -5.59 12.71 0.81
C VAL B 884 -7.08 12.72 0.60
N PRO B 885 -7.91 13.05 1.60
CA PRO B 885 -9.32 13.24 1.38
C PRO B 885 -9.64 14.36 0.43
N ASP B 886 -10.85 14.53 0.05
CA ASP B 886 -11.38 15.56 -0.75
C ASP B 886 -11.13 16.92 -0.14
N LEU B 887 -10.85 17.93 -0.89
CA LEU B 887 -10.64 19.25 -0.47
C LEU B 887 -9.32 19.44 0.22
N VAL B 888 -8.54 18.42 0.35
CA VAL B 888 -7.28 18.35 0.99
C VAL B 888 -6.17 18.55 0.00
N VAL B 889 -5.32 19.55 0.20
CA VAL B 889 -4.19 19.78 -0.70
C VAL B 889 -3.15 18.69 -0.50
N GLY B 890 -2.73 18.08 -1.58
CA GLY B 890 -1.63 17.15 -1.60
C GLY B 890 -1.01 17.09 -2.97
N GLU B 891 0.01 16.27 -3.10
CA GLU B 891 0.78 16.02 -4.25
C GLU B 891 -0.04 15.29 -5.28
N LEU B 892 -0.10 15.78 -6.52
CA LEU B 892 -0.82 15.10 -7.59
C LEU B 892 0.03 13.98 -8.14
N TRP B 893 -0.55 12.81 -8.19
CA TRP B 893 -0.07 11.58 -8.68
C TRP B 893 -0.79 11.16 -9.94
N ILE B 894 -0.17 11.25 -11.11
CA ILE B 894 -0.81 10.80 -12.34
C ILE B 894 -0.50 9.34 -12.54
N GLY B 895 -1.43 8.54 -13.02
CA GLY B 895 -1.20 7.12 -13.27
C GLY B 895 -1.95 6.66 -14.49
N GLY B 896 -1.68 5.45 -14.94
CA GLY B 896 -2.32 4.79 -15.96
C GLY B 896 -1.60 4.48 -17.21
N ALA B 897 -2.27 4.16 -18.27
CA ALA B 897 -1.77 3.85 -19.54
C ALA B 897 -0.96 4.96 -20.15
N SER B 898 -1.21 6.21 -19.75
CA SER B 898 -0.53 7.38 -20.32
C SER B 898 0.80 7.74 -19.70
N LEU B 899 1.31 7.03 -18.71
CA LEU B 899 2.60 7.43 -18.13
C LEU B 899 3.74 7.24 -19.10
N ALA B 900 4.69 8.15 -19.06
CA ALA B 900 5.98 7.95 -19.67
C ALA B 900 6.62 6.68 -19.11
N ARG B 901 7.37 5.93 -19.91
CA ARG B 901 8.20 4.85 -19.57
C ARG B 901 9.13 5.19 -18.44
N GLY B 902 9.41 6.48 -18.26
CA GLY B 902 10.27 7.07 -17.25
C GLY B 902 11.00 8.25 -17.86
N TYR B 903 12.16 8.56 -17.30
CA TYR B 903 13.16 9.39 -17.95
C TYR B 903 14.17 8.53 -18.71
N ARG B 904 14.75 9.06 -19.80
CA ARG B 904 15.50 8.44 -20.81
C ARG B 904 16.67 7.65 -20.26
N ASN B 905 17.53 8.27 -19.53
CA ASN B 905 18.73 7.80 -18.95
C ASN B 905 18.93 8.26 -17.53
N ASP B 906 17.92 8.36 -16.73
CA ASP B 906 17.86 8.73 -15.37
C ASP B 906 17.04 7.76 -14.56
N PRO B 907 17.46 6.51 -14.44
CA PRO B 907 16.70 5.55 -13.66
C PRO B 907 16.38 5.95 -12.26
N GLU B 908 17.28 6.59 -11.58
CA GLU B 908 17.18 7.06 -10.25
C GLU B 908 16.01 8.00 -10.08
N LEU B 909 15.96 9.03 -10.87
CA LEU B 909 14.94 10.00 -10.93
C LEU B 909 13.61 9.40 -11.30
N SER B 910 13.59 8.48 -12.21
CA SER B 910 12.46 7.73 -12.63
C SER B 910 11.82 7.01 -11.48
N ALA B 911 12.58 6.32 -10.70
CA ALA B 911 12.21 5.67 -9.49
C ALA B 911 11.66 6.63 -8.48
N ARG B 912 12.29 7.74 -8.29
CA ARG B 912 11.92 8.78 -7.42
C ARG B 912 10.55 9.32 -7.73
N ARG B 913 10.33 9.63 -9.01
CA ARG B 913 9.10 10.21 -9.55
C ARG B 913 8.06 9.15 -9.85
N PHE B 914 8.30 8.29 -10.81
CA PHE B 914 7.39 7.22 -11.19
C PHE B 914 7.34 6.09 -10.15
N VAL B 915 6.83 6.39 -8.97
CA VAL B 915 6.65 5.60 -7.81
C VAL B 915 5.59 4.56 -8.02
N HIS B 916 5.51 3.55 -7.21
CA HIS B 916 4.62 2.47 -7.17
C HIS B 916 3.77 2.42 -5.93
N ASP B 917 2.72 1.70 -5.92
CA ASP B 917 1.77 1.49 -4.90
C ASP B 917 0.90 0.30 -5.16
N ALA B 918 0.08 -0.08 -4.17
CA ALA B 918 -0.90 -1.12 -4.42
C ALA B 918 -1.90 -0.69 -5.49
N GLN B 919 -2.03 0.55 -5.79
CA GLN B 919 -2.81 1.16 -6.80
C GLN B 919 -2.13 1.23 -8.14
N GLY B 920 -0.92 0.82 -8.25
CA GLY B 920 -0.14 0.81 -9.40
C GLY B 920 0.99 1.74 -9.53
N ARG B 921 1.31 2.23 -10.68
CA ARG B 921 2.34 3.12 -11.05
C ARG B 921 1.87 4.54 -11.10
N TRP B 922 2.56 5.49 -10.56
CA TRP B 922 2.25 6.86 -10.42
C TRP B 922 3.42 7.79 -10.64
N TYR B 923 3.24 8.89 -11.36
CA TYR B 923 4.32 9.78 -11.77
C TYR B 923 4.84 10.71 -10.68
N ARG B 924 4.07 11.03 -9.64
CA ARG B 924 4.49 11.86 -8.57
C ARG B 924 4.91 13.23 -9.06
N THR B 925 3.96 14.03 -9.54
CA THR B 925 4.25 15.27 -10.26
C THR B 925 4.98 16.35 -9.48
N GLY B 926 4.81 16.47 -8.17
CA GLY B 926 5.12 17.70 -7.43
C GLY B 926 4.15 18.87 -7.68
N ASP B 927 3.15 18.71 -8.54
CA ASP B 927 1.98 19.59 -8.56
C ASP B 927 1.27 19.42 -7.24
N ARG B 928 0.80 20.53 -6.67
CA ARG B 928 -0.16 20.50 -5.57
C ARG B 928 -1.55 20.54 -6.16
N GLY B 929 -2.51 20.02 -5.44
CA GLY B 929 -3.90 20.10 -5.85
C GLY B 929 -4.75 19.31 -4.90
N ARG B 930 -6.05 19.31 -5.13
CA ARG B 930 -7.02 18.66 -4.26
C ARG B 930 -8.21 18.21 -5.04
N TYR B 931 -8.78 17.08 -4.69
CA TYR B 931 -10.11 16.77 -5.20
C TYR B 931 -11.13 17.71 -4.57
N TRP B 932 -12.28 17.89 -5.18
CA TRP B 932 -13.44 18.55 -4.60
C TRP B 932 -14.51 17.51 -4.28
N GLY B 933 -15.55 17.90 -3.55
CA GLY B 933 -16.65 16.99 -3.22
C GLY B 933 -17.39 16.42 -4.43
N ASP B 934 -17.34 17.09 -5.58
CA ASP B 934 -17.91 16.60 -6.85
C ASP B 934 -16.91 15.79 -7.69
N GLY B 935 -15.75 15.45 -7.14
CA GLY B 935 -14.70 14.74 -7.84
C GLY B 935 -13.87 15.58 -8.82
N THR B 936 -14.16 16.85 -9.05
CA THR B 936 -13.26 17.73 -9.80
C THR B 936 -11.92 17.82 -9.09
N LEU B 937 -10.83 18.10 -9.80
CA LEU B 937 -9.49 18.10 -9.23
C LEU B 937 -8.88 19.49 -9.37
N GLU B 938 -8.92 20.32 -8.35
CA GLU B 938 -8.27 21.60 -8.43
C GLU B 938 -6.76 21.42 -8.41
N PHE B 939 -6.08 21.79 -9.49
CA PHE B 939 -4.65 22.01 -9.45
C PHE B 939 -4.37 23.31 -8.71
N LEU B 940 -3.36 23.33 -7.85
CA LEU B 940 -3.05 24.41 -6.92
C LEU B 940 -1.63 24.92 -7.08
N GLY B 941 -1.08 24.85 -8.28
CA GLY B 941 0.29 25.29 -8.51
C GLY B 941 1.28 24.27 -8.00
N ARG B 942 2.46 24.75 -7.64
CA ARG B 942 3.59 23.90 -7.26
C ARG B 942 4.26 24.41 -6.01
N VAL B 943 4.73 23.49 -5.18
CA VAL B 943 5.51 23.80 -3.97
C VAL B 943 6.99 24.07 -4.31
N ASP B 944 7.43 23.72 -5.52
CA ASP B 944 8.83 23.56 -5.87
C ASP B 944 9.32 24.51 -6.98
N GLN B 945 10.47 24.19 -7.53
CA GLN B 945 11.19 24.98 -8.52
C GLN B 945 10.66 24.85 -9.95
N GLN B 946 9.80 23.89 -10.30
CA GLN B 946 9.25 23.85 -11.65
C GLN B 946 8.26 24.99 -11.82
N VAL B 947 8.49 25.86 -12.78
CA VAL B 947 7.67 27.03 -13.02
C VAL B 947 7.42 27.19 -14.50
N LYS B 948 6.44 28.01 -14.82
CA LYS B 948 5.99 28.23 -16.19
C LYS B 948 6.47 29.60 -16.64
N VAL B 949 7.21 29.64 -17.74
CA VAL B 949 7.66 30.89 -18.38
C VAL B 949 7.17 30.88 -19.81
N ARG B 950 6.41 31.89 -20.23
CA ARG B 950 5.79 31.93 -21.57
C ARG B 950 4.95 30.67 -21.87
N GLY B 951 4.41 30.03 -20.84
CA GLY B 951 3.74 28.73 -20.87
C GLY B 951 4.66 27.51 -20.93
N GLN B 952 5.91 27.68 -21.35
CA GLN B 952 6.93 26.62 -21.39
C GLN B 952 7.32 26.21 -19.98
N ARG B 953 7.90 25.02 -19.84
CA ARG B 953 8.28 24.45 -18.54
C ARG B 953 9.75 24.69 -18.27
N ILE B 954 10.05 25.30 -17.14
CA ILE B 954 11.42 25.56 -16.74
C ILE B 954 11.56 25.16 -15.28
N GLU B 955 12.62 24.43 -14.92
CA GLU B 955 12.93 24.14 -13.54
C GLU B 955 13.91 25.22 -13.09
N LEU B 956 13.59 25.98 -12.05
CA LEU B 956 14.45 27.09 -11.64
C LEU B 956 15.83 26.59 -11.22
N GLY B 957 15.94 25.38 -10.70
CA GLY B 957 17.22 24.74 -10.46
C GLY B 957 18.06 24.57 -11.72
N GLU B 958 17.46 24.46 -12.91
CA GLU B 958 18.21 24.50 -14.15
C GLU B 958 18.81 25.87 -14.41
N VAL B 959 18.02 26.93 -14.30
CA VAL B 959 18.52 28.28 -14.51
C VAL B 959 19.59 28.64 -13.49
N GLU B 960 19.39 28.28 -12.22
CA GLU B 960 20.38 28.39 -11.17
C GLU B 960 21.66 27.62 -11.52
N ALA B 961 21.57 26.37 -11.96
CA ALA B 961 22.75 25.59 -12.34
C ALA B 961 23.46 26.16 -13.58
N ALA B 962 22.70 26.69 -14.54
CA ALA B 962 23.25 27.35 -15.72
C ALA B 962 23.98 28.64 -15.37
N LEU B 963 23.56 29.33 -14.30
CA LEU B 963 24.30 30.44 -13.72
C LEU B 963 25.53 29.95 -12.93
N CYS B 964 25.42 28.91 -12.10
CA CYS B 964 26.54 28.39 -11.32
C CYS B 964 27.67 27.79 -12.16
N ALA B 965 27.39 27.34 -13.38
CA ALA B 965 28.27 26.91 -14.39
C ALA B 965 29.14 28.02 -14.92
N GLN B 966 28.68 29.22 -14.90
CA GLN B 966 29.35 30.41 -15.26
C GLN B 966 30.57 30.62 -14.42
N ALA B 967 31.68 31.00 -14.95
CA ALA B 967 32.87 31.37 -14.29
C ALA B 967 32.63 32.54 -13.37
N GLY B 968 33.07 32.52 -12.15
CA GLY B 968 32.90 33.49 -11.20
C GLY B 968 31.66 33.53 -10.39
N VAL B 969 30.83 32.54 -10.47
CA VAL B 969 29.61 32.30 -9.80
C VAL B 969 29.76 31.25 -8.74
N GLU B 970 29.45 31.49 -7.51
CA GLU B 970 29.40 30.61 -6.40
C GLU B 970 28.09 29.87 -6.29
N SER B 971 27.02 30.56 -6.20
CA SER B 971 25.67 30.13 -6.09
C SER B 971 24.71 31.09 -6.73
N ALA B 972 23.56 30.59 -7.17
CA ALA B 972 22.55 31.40 -7.81
C ALA B 972 21.15 30.96 -7.41
N CYS B 973 20.21 31.89 -7.48
CA CYS B 973 18.83 31.78 -7.26
C CYS B 973 18.01 32.30 -8.41
N ALA B 974 16.96 31.62 -8.84
CA ALA B 974 16.10 32.10 -9.90
C ALA B 974 14.63 32.12 -9.44
N ALA B 975 13.83 33.00 -10.01
CA ALA B 975 12.40 33.07 -9.71
C ALA B 975 11.61 33.66 -10.87
N VAL B 976 10.30 33.41 -10.90
CA VAL B 976 9.38 34.17 -11.74
C VAL B 976 8.84 35.35 -10.93
N LEU B 977 9.01 36.55 -11.47
CA LEU B 977 8.74 37.83 -10.95
C LEU B 977 7.32 38.26 -11.19
N GLY B 978 6.82 39.23 -10.49
CA GLY B 978 5.59 39.80 -10.63
C GLY B 978 5.40 40.72 -11.76
N GLY B 979 4.29 41.36 -11.89
CA GLY B 979 3.92 42.18 -12.92
C GLY B 979 3.30 41.56 -14.10
N GLY B 980 2.80 42.29 -15.04
CA GLY B 980 2.23 41.81 -16.20
C GLY B 980 3.07 40.98 -17.07
N VAL B 981 4.32 41.28 -17.16
CA VAL B 981 5.32 40.58 -17.89
C VAL B 981 5.46 39.17 -17.42
N ALA B 982 5.38 38.93 -16.10
CA ALA B 982 5.66 37.63 -15.46
C ALA B 982 7.04 37.06 -15.85
N SER B 983 8.06 37.92 -15.87
CA SER B 983 9.42 37.59 -16.28
C SER B 983 10.08 36.57 -15.37
N LEU B 984 10.94 35.73 -15.92
CA LEU B 984 11.96 35.08 -15.10
C LEU B 984 13.09 36.06 -14.78
N GLY B 985 13.58 36.02 -13.55
CA GLY B 985 14.77 36.76 -13.10
C GLY B 985 15.65 35.88 -12.22
N ALA B 986 16.89 36.30 -11.96
CA ALA B 986 17.80 35.50 -11.13
C ALA B 986 18.84 36.33 -10.39
N VAL B 987 19.46 35.74 -9.37
CA VAL B 987 20.39 36.30 -8.45
C VAL B 987 21.68 35.54 -8.42
N LEU B 988 22.82 36.16 -8.38
CA LEU B 988 24.13 35.66 -8.41
C LEU B 988 24.87 35.79 -7.10
N VAL B 989 25.64 34.85 -6.69
CA VAL B 989 26.58 34.81 -5.63
C VAL B 989 27.98 34.66 -6.17
N PRO B 990 28.78 35.71 -6.32
CA PRO B 990 30.11 35.56 -6.86
C PRO B 990 31.03 34.72 -6.03
N ARG B 991 31.98 34.06 -6.59
CA ARG B 991 33.11 33.42 -6.04
C ARG B 991 34.35 34.26 -6.21
N LEU B 992 35.03 34.59 -5.11
CA LEU B 992 36.04 35.64 -5.10
C LEU B 992 37.47 35.11 -5.18
N ALA B 993 37.66 33.80 -5.25
CA ALA B 993 39.00 33.23 -5.29
C ALA B 993 39.82 33.72 -4.11
N PRO B 994 39.50 33.30 -2.89
CA PRO B 994 40.26 33.75 -1.72
C PRO B 994 41.74 33.37 -1.85
N ARG B 995 42.61 34.23 -1.34
CA ARG B 995 44.04 34.03 -1.45
C ARG B 995 44.74 34.74 -0.29
N ALA B 996 46.03 34.47 -0.16
CA ALA B 996 46.85 35.04 0.91
C ALA B 996 47.42 36.38 0.48
N GLU B 997 46.67 37.45 0.72
CA GLU B 997 47.10 38.81 0.44
C GLU B 997 47.11 39.66 1.70
N GLY B 998 47.51 39.08 2.83
CA GLY B 998 47.45 39.78 4.11
C GLY B 998 48.63 40.69 4.38
N SER B 999 49.62 40.73 3.49
CA SER B 999 50.77 41.60 3.68
C SER B 999 50.33 43.05 3.78
N MET B 1000 50.84 43.77 4.78
CA MET B 1000 50.35 45.11 5.08
C MET B 1000 51.49 45.99 5.57
N ASP B 1001 51.46 47.25 5.13
CA ASP B 1001 52.32 48.31 5.65
C ASP B 1001 51.44 49.52 5.93
N LEU B 1002 51.79 50.27 6.97
CA LEU B 1002 50.89 51.30 7.50
C LEU B 1002 51.63 52.58 7.84
N PRO B 1003 51.53 53.62 6.99
CA PRO B 1003 52.04 54.94 7.38
C PRO B 1003 51.10 55.66 8.34
N ALA B 1004 51.15 55.30 9.62
CA ALA B 1004 50.25 55.86 10.62
C ALA B 1004 50.79 57.14 11.27
N ALA B 1005 51.48 57.99 10.50
CA ALA B 1005 52.11 59.17 11.08
C ALA B 1005 51.18 60.36 11.23
N GLN B 1006 50.04 60.38 10.53
CA GLN B 1006 49.22 61.58 10.47
C GLN B 1006 48.34 61.76 11.70
N PRO B 1007 47.60 60.74 12.12
CA PRO B 1007 46.63 60.94 13.23
C PRO B 1007 47.33 61.29 14.53
N PHE B 1008 46.62 62.07 15.35
CA PHE B 1008 47.11 62.43 16.68
C PHE B 1008 45.94 62.39 17.65
N ALA B 1009 46.25 62.15 18.92
CA ALA B 1009 45.21 62.06 19.94
C ALA B 1009 44.42 63.35 20.07
N GLY B 1010 44.98 64.47 19.62
CA GLY B 1010 44.22 65.71 19.62
C GLY B 1010 42.94 65.61 18.84
N LEU B 1011 42.92 64.80 17.78
CA LEU B 1011 41.68 64.58 17.04
C LEU B 1011 40.65 63.86 17.90
N ALA B 1012 41.08 62.86 18.66
CA ALA B 1012 40.16 62.17 19.56
C ALA B 1012 39.61 63.13 20.62
N GLU B 1013 40.48 63.96 21.19
CA GLU B 1013 40.03 64.95 22.17
C GLU B 1013 39.05 65.94 21.53
N ALA B 1014 39.31 66.32 20.28
CA ALA B 1014 38.46 67.29 19.60
C ALA B 1014 37.08 66.68 19.33
N GLU B 1015 37.05 65.42 18.91
CA GLU B 1015 35.76 64.75 18.71
C GLU B 1015 35.02 64.60 20.03
N ALA B 1016 35.76 64.36 21.12
CA ALA B 1016 35.13 64.32 22.44
C ALA B 1016 34.53 65.67 22.81
N VAL B 1017 35.23 66.76 22.49
CA VAL B 1017 34.71 68.09 22.79
C VAL B 1017 33.45 68.37 21.97
N LEU B 1018 33.48 68.01 20.69
CA LEU B 1018 32.29 68.20 19.85
C LEU B 1018 31.13 67.35 20.35
N THR B 1019 31.42 66.13 20.82
CA THR B 1019 30.40 65.32 21.46
C THR B 1019 29.85 66.00 22.69
N ARG B 1020 30.72 66.62 23.49
CA ARG B 1020 30.26 67.38 24.64
C ARG B 1020 29.28 68.46 24.21
N GLU B 1021 29.66 69.21 23.16
CA GLU B 1021 28.80 70.31 22.70
C GLU B 1021 27.44 69.79 22.24
N ILE B 1022 27.42 68.73 21.44
CA ILE B 1022 26.15 68.23 20.91
C ILE B 1022 25.31 67.58 22.01
N LEU B 1023 25.96 66.85 22.92
CA LEU B 1023 25.25 66.25 24.04
C LEU B 1023 24.62 67.31 24.92
N GLY B 1024 25.33 68.41 25.16
CA GLY B 1024 24.75 69.52 25.90
C GLY B 1024 23.62 70.17 25.13
N ALA B 1025 23.77 70.29 23.82
CA ALA B 1025 22.73 70.91 23.00
C ALA B 1025 21.43 70.13 23.09
N LEU B 1026 21.49 68.80 22.97
CA LEU B 1026 20.27 68.01 23.02
C LEU B 1026 19.78 67.77 24.44
N LEU B 1027 20.67 67.57 25.40
CA LEU B 1027 20.27 67.30 26.78
C LEU B 1027 19.67 68.53 27.45
N GLU B 1028 19.79 69.71 26.85
CA GLU B 1028 19.00 70.86 27.25
C GLU B 1028 17.54 70.73 26.83
N ALA B 1029 17.25 69.84 25.88
CA ALA B 1029 15.88 69.45 25.53
C ALA B 1029 15.85 67.92 25.49
N PRO B 1030 16.08 67.26 26.62
CA PRO B 1030 16.28 65.81 26.59
C PRO B 1030 15.00 65.01 26.37
N LEU B 1031 13.84 65.63 26.49
CA LEU B 1031 12.59 64.88 26.39
C LEU B 1031 12.33 64.39 24.97
N GLU B 1032 13.09 64.86 23.98
CA GLU B 1032 12.91 64.38 22.61
C GLU B 1032 13.40 62.96 22.43
N LEU B 1033 14.39 62.53 23.21
CA LEU B 1033 14.86 61.16 23.18
C LEU B 1033 13.91 60.27 23.97
N ASP B 1034 14.22 58.98 24.00
CA ASP B 1034 13.53 58.05 24.89
C ASP B 1034 14.35 57.84 26.15
N ASP B 1035 13.76 57.13 27.12
CA ASP B 1035 14.41 56.96 28.42
C ASP B 1035 15.75 56.26 28.27
N GLY B 1036 15.83 55.21 27.47
CA GLY B 1036 17.09 54.53 27.25
C GLY B 1036 18.12 55.43 26.58
N LEU B 1037 17.70 56.14 25.53
CA LEU B 1037 18.61 57.08 24.87
C LEU B 1037 19.01 58.20 25.81
N ARG B 1038 18.08 58.66 26.66
CA ARG B 1038 18.42 59.70 27.62
C ARG B 1038 19.50 59.20 28.59
N ARG B 1039 19.34 57.97 29.10
CA ARG B 1039 20.34 57.41 30.00
C ARG B 1039 21.68 57.28 29.30
N ARG B 1040 21.67 56.77 28.06
CA ARG B 1040 22.92 56.59 27.33
C ARG B 1040 23.61 57.92 27.10
N TRP B 1041 22.84 58.94 26.69
CA TRP B 1041 23.44 60.25 26.41
C TRP B 1041 23.95 60.90 27.69
N LEU B 1042 23.24 60.72 28.80
CA LEU B 1042 23.71 61.27 30.08
C LEU B 1042 25.01 60.60 30.50
N ASP B 1043 25.11 59.29 30.36
CA ASP B 1043 26.36 58.60 30.68
C ASP B 1043 27.48 59.06 29.74
N TRP B 1044 27.17 59.21 28.45
CA TRP B 1044 28.18 59.60 27.48
C TRP B 1044 28.68 61.02 27.72
N LEU B 1045 27.81 61.95 28.11
CA LEU B 1045 28.24 63.31 28.40
C LEU B 1045 29.52 63.34 29.21
N ALA B 1046 29.71 62.36 30.09
CA ALA B 1046 30.99 62.20 30.77
C ALA B 1046 31.90 61.25 30.01
N ASP B 1047 31.46 60.00 29.82
CA ASP B 1047 32.34 58.91 29.44
C ASP B 1047 32.99 59.09 28.08
N SER B 1048 32.43 59.93 27.21
CA SER B 1048 32.95 60.11 25.86
C SER B 1048 33.17 61.58 25.54
N ALA B 1049 32.72 62.48 26.41
CA ALA B 1049 32.75 63.91 26.14
C ALA B 1049 33.51 64.66 27.22
N ALA B 1050 33.12 64.49 28.48
CA ALA B 1050 33.60 65.40 29.52
C ALA B 1050 34.68 64.78 30.40
N SER B 1051 34.40 63.65 31.04
CA SER B 1051 35.34 63.04 31.97
C SER B 1051 36.34 62.11 31.30
N ALA B 1052 36.20 61.84 30.00
CA ALA B 1052 37.14 60.96 29.32
C ALA B 1052 38.23 61.75 28.61
N LEU B 1053 37.85 62.66 27.71
CA LEU B 1053 38.82 63.46 26.97
C LEU B 1053 38.40 64.92 26.95
N PRO B 1054 38.41 65.58 28.10
CA PRO B 1054 38.19 67.04 28.11
C PRO B 1054 39.32 67.77 27.39
N SER B 1055 38.98 68.85 26.71
CA SER B 1055 39.96 69.62 25.95
C SER B 1055 39.37 71.00 25.64
N LEU B 1056 40.11 71.75 24.84
CA LEU B 1056 39.76 73.14 24.54
C LEU B 1056 38.75 73.21 23.40
N ASP B 1057 38.26 74.43 23.15
CA ASP B 1057 37.40 74.67 22.00
C ASP B 1057 38.17 74.60 20.68
N GLU B 1058 39.50 74.54 20.73
CA GLU B 1058 40.29 74.28 19.54
C GLU B 1058 39.79 73.05 18.79
N ALA B 1059 39.07 72.16 19.49
CA ALA B 1059 38.45 71.01 18.85
C ALA B 1059 37.80 71.37 17.52
N LEU B 1060 36.93 72.39 17.54
CA LEU B 1060 36.19 72.75 16.34
C LEU B 1060 37.14 73.17 15.21
N ARG B 1061 38.18 73.93 15.55
CA ARG B 1061 39.14 74.35 14.54
C ARG B 1061 39.96 73.18 14.01
N ARG B 1062 40.00 72.06 14.74
CA ARG B 1062 40.67 70.87 14.22
C ARG B 1062 39.72 70.06 13.35
N LEU B 1063 38.47 69.92 13.79
CA LEU B 1063 37.50 69.12 13.04
C LEU B 1063 37.04 69.83 11.77
N GLY B 1064 36.89 71.16 11.82
CA GLY B 1064 36.50 71.92 10.66
C GLY B 1064 35.18 72.64 10.83
N TRP B 1065 34.20 71.97 11.45
CA TRP B 1065 32.89 72.57 11.66
C TRP B 1065 32.93 73.50 12.87
N GLN B 1066 32.49 74.74 12.66
CA GLN B 1066 32.55 75.78 13.68
C GLN B 1066 31.20 75.96 14.34
N ALA B 1067 31.08 77.00 15.15
CA ALA B 1067 29.87 77.21 15.95
C ALA B 1067 28.62 77.22 15.09
N ALA B 1068 28.70 77.77 13.88
CA ALA B 1068 27.55 77.71 12.97
C ALA B 1068 27.21 76.28 12.61
N GLY B 1069 28.23 75.47 12.32
CA GLY B 1069 28.00 74.07 12.03
C GLY B 1069 27.40 73.33 13.22
N LEU B 1070 27.89 73.63 14.42
CA LEU B 1070 27.34 73.00 15.62
C LEU B 1070 25.89 73.41 15.84
N THR B 1071 25.56 74.67 15.60
CA THR B 1071 24.18 75.11 15.71
C THR B 1071 23.29 74.38 14.71
N ALA B 1072 23.77 74.25 13.47
CA ALA B 1072 23.02 73.50 12.47
C ALA B 1072 22.82 72.05 12.90
N MET B 1073 23.87 71.43 13.42
CA MET B 1073 23.78 70.06 13.90
C MET B 1073 22.73 69.92 15.00
N GLY B 1074 22.78 70.84 15.98
CA GLY B 1074 21.83 70.76 17.09
C GLY B 1074 20.40 70.97 16.63
N ASN B 1075 20.17 71.97 15.79
CA ASN B 1075 18.82 72.22 15.30
C ASN B 1075 18.31 71.04 14.48
N ALA B 1076 19.15 70.48 13.61
CA ALA B 1076 18.72 69.32 12.83
C ALA B 1076 18.43 68.13 13.71
N LEU B 1077 19.24 67.91 14.75
CA LEU B 1077 19.00 66.80 15.66
C LEU B 1077 17.69 66.98 16.40
N ARG B 1078 17.42 68.20 16.88
CA ARG B 1078 16.17 68.45 17.60
C ARG B 1078 14.97 68.26 16.67
N GLY B 1079 15.07 68.74 15.43
CA GLY B 1079 13.98 68.54 14.49
C GLY B 1079 13.79 67.08 14.14
N LEU B 1080 14.88 66.34 13.99
CA LEU B 1080 14.81 64.92 13.67
C LEU B 1080 14.10 64.15 14.78
N LEU B 1081 14.45 64.43 16.03
CA LEU B 1081 13.84 63.71 17.14
C LEU B 1081 12.40 64.16 17.35
N ALA B 1082 12.13 65.46 17.24
CA ALA B 1082 10.78 65.97 17.46
C ALA B 1082 9.82 65.49 16.36
N GLY B 1083 10.30 65.45 15.12
CA GLY B 1083 9.48 65.11 13.98
C GLY B 1083 9.25 63.62 13.77
N GLU B 1084 9.80 62.77 14.64
CA GLU B 1084 9.64 61.33 14.53
C GLU B 1084 10.22 60.79 13.22
N GLN B 1085 11.16 61.53 12.63
CA GLN B 1085 11.78 61.12 11.38
C GLN B 1085 12.96 60.18 11.58
N ALA B 1086 13.41 59.99 12.82
CA ALA B 1086 14.50 59.08 13.08
C ALA B 1086 14.04 57.64 12.87
N PRO B 1087 14.95 56.71 12.56
CA PRO B 1087 16.39 56.91 12.34
C PRO B 1087 16.74 57.22 10.88
N ALA B 1088 15.77 57.09 9.99
CA ALA B 1088 16.06 57.21 8.56
C ALA B 1088 16.55 58.60 8.19
N ALA B 1089 15.90 59.64 8.70
CA ALA B 1089 16.24 61.00 8.28
C ALA B 1089 17.61 61.44 8.79
N LEU B 1090 18.21 60.70 9.72
CA LEU B 1090 19.56 61.03 10.15
C LEU B 1090 20.54 60.96 8.98
N LEU B 1091 20.41 59.93 8.14
CA LEU B 1091 21.29 59.73 7.00
C LEU B 1091 21.02 60.72 5.88
N LEU B 1092 19.95 61.49 5.95
CA LEU B 1092 19.66 62.53 4.97
C LEU B 1092 20.34 63.85 5.30
N ASP B 1093 20.99 63.95 6.45
CA ASP B 1093 21.58 65.21 6.90
C ASP B 1093 23.10 65.16 6.77
N PRO B 1094 23.72 66.08 6.04
CA PRO B 1094 25.20 66.06 5.95
C PRO B 1094 25.87 66.27 7.29
N TRP B 1095 25.23 66.95 8.23
CA TRP B 1095 25.85 67.29 9.51
C TRP B 1095 25.70 66.20 10.57
N LEU B 1096 24.88 65.18 10.33
CA LEU B 1096 24.59 64.17 11.33
C LEU B 1096 24.80 62.74 10.88
N ALA B 1097 24.83 62.47 9.58
CA ALA B 1097 25.04 61.10 9.11
C ALA B 1097 26.40 60.61 9.57
N PRO B 1098 26.51 59.41 10.14
CA PRO B 1098 27.82 58.96 10.66
C PRO B 1098 28.92 59.00 9.62
N GLN B 1099 28.64 58.58 8.38
CA GLN B 1099 29.67 58.62 7.35
C GLN B 1099 29.94 60.05 6.89
N ALA B 1100 28.94 60.92 6.98
CA ALA B 1100 29.15 62.32 6.61
C ALA B 1100 30.00 63.04 7.65
N VAL B 1101 29.72 62.82 8.93
CA VAL B 1101 30.53 63.45 9.98
C VAL B 1101 31.93 62.84 9.99
N ALA B 1102 32.05 61.54 9.74
CA ALA B 1102 33.37 60.93 9.62
C ALA B 1102 34.12 61.48 8.42
N ALA B 1103 33.42 62.09 7.48
CA ALA B 1103 34.04 62.67 6.29
C ALA B 1103 34.62 64.06 6.55
N ARG B 1104 34.44 64.61 7.74
CA ARG B 1104 34.95 65.93 8.06
C ARG B 1104 35.67 65.95 9.41
N LEU B 1105 35.16 65.22 10.38
CA LEU B 1105 35.67 65.32 11.75
C LEU B 1105 37.09 64.77 11.88
N PRO B 1106 37.34 63.47 11.62
CA PRO B 1106 38.71 62.94 11.74
C PRO B 1106 39.58 63.27 10.53
N ASP B 1107 39.61 64.55 10.15
CA ASP B 1107 40.24 64.97 8.91
C ASP B 1107 39.70 64.14 7.74
N GLY B 1108 38.41 63.82 7.83
CA GLY B 1108 37.80 62.96 6.84
C GLY B 1108 37.83 63.53 5.43
N ARG B 1109 37.87 64.86 5.31
CA ARG B 1109 37.94 65.47 3.99
C ARG B 1109 39.30 65.24 3.34
N GLU B 1110 40.37 65.23 4.14
CA GLU B 1110 41.69 64.93 3.58
C GLU B 1110 41.77 63.47 3.13
N ALA B 1111 41.24 62.55 3.93
CA ALA B 1111 41.18 61.15 3.52
C ALA B 1111 40.30 61.00 2.28
N LEU B 1112 39.23 61.78 2.20
CA LEU B 1112 38.39 61.76 1.01
C LEU B 1112 39.15 62.25 -0.21
N ALA B 1113 39.98 63.29 -0.04
CA ALA B 1113 40.78 63.78 -1.15
C ALA B 1113 41.78 62.74 -1.62
N ARG B 1114 42.46 62.06 -0.69
CA ARG B 1114 43.40 61.02 -1.10
C ARG B 1114 42.69 59.83 -1.74
N LEU B 1115 41.56 59.40 -1.17
CA LEU B 1115 40.77 58.34 -1.79
C LEU B 1115 40.23 58.78 -3.14
N LEU B 1116 40.02 60.08 -3.32
CA LEU B 1116 39.60 60.63 -4.61
C LEU B 1116 40.74 60.56 -5.62
N GLU B 1117 41.98 60.54 -5.15
CA GLU B 1117 43.13 60.31 -6.00
C GLU B 1117 43.19 58.84 -6.41
N ALA B 1118 44.03 58.55 -7.40
CA ALA B 1118 44.16 57.22 -7.98
C ALA B 1118 43.01 56.90 -8.92
N LEU B 1119 42.27 57.93 -9.35
CA LEU B 1119 41.31 57.83 -10.44
C LEU B 1119 42.01 58.35 -11.69
N PRO B 1120 42.60 57.47 -12.51
CA PRO B 1120 43.56 57.92 -13.53
C PRO B 1120 42.93 58.44 -14.80
N THR B 1121 41.63 58.73 -14.83
CA THR B 1121 41.02 59.18 -16.08
C THR B 1121 41.66 60.45 -16.64
N PRO B 1122 42.06 61.45 -15.84
CA PRO B 1122 42.70 62.62 -16.48
C PRO B 1122 44.07 62.30 -17.03
N ALA B 1123 44.88 61.54 -16.30
CA ALA B 1123 46.17 61.10 -16.82
C ALA B 1123 46.00 60.15 -17.99
N ALA B 1124 45.01 59.25 -17.91
CA ALA B 1124 44.76 58.31 -18.99
C ALA B 1124 44.15 59.00 -20.20
N GLY B 1125 43.44 60.12 -19.99
CA GLY B 1125 42.77 60.78 -21.09
C GLY B 1125 41.75 59.92 -21.79
N GLU B 1126 41.01 59.09 -21.05
CA GLU B 1126 40.07 58.16 -21.64
C GLU B 1126 38.98 57.86 -20.63
N ARG B 1127 37.87 57.32 -21.13
CA ARG B 1127 36.71 57.05 -20.29
C ARG B 1127 37.08 56.12 -19.14
N LEU B 1128 36.59 56.45 -17.94
CA LEU B 1128 36.76 55.64 -16.76
C LEU B 1128 35.41 55.51 -16.06
N ARG B 1129 35.15 54.34 -15.49
CA ARG B 1129 33.91 54.08 -14.77
C ARG B 1129 34.22 53.86 -13.30
N VAL B 1130 33.55 54.61 -12.44
CA VAL B 1130 33.79 54.59 -10.99
C VAL B 1130 32.45 54.38 -10.30
N ALA B 1131 32.46 53.57 -9.25
CA ALA B 1131 31.24 53.27 -8.51
C ALA B 1131 31.45 53.53 -7.03
N VAL B 1132 30.35 53.86 -6.34
CA VAL B 1132 30.36 54.13 -4.91
C VAL B 1132 29.31 53.23 -4.26
N LEU B 1133 29.70 52.54 -3.18
CA LEU B 1133 28.79 51.64 -2.49
C LEU B 1133 28.09 52.30 -1.31
N ASP B 1134 28.66 53.36 -0.75
CA ASP B 1134 28.15 54.00 0.46
C ASP B 1134 27.64 55.40 0.18
N THR B 1135 26.85 55.55 -0.89
CA THR B 1135 26.33 56.87 -1.26
C THR B 1135 25.33 57.38 -0.23
N ARG B 1136 24.27 56.61 0.02
CA ARG B 1136 23.18 57.06 0.88
C ARG B 1136 22.70 58.40 0.34
N ALA B 1137 22.72 59.48 1.13
CA ALA B 1137 22.28 60.79 0.65
C ALA B 1137 23.38 61.52 -0.10
N GLY B 1138 24.51 60.87 -0.40
CA GLY B 1138 25.59 61.52 -1.11
C GLY B 1138 26.18 62.72 -0.39
N LEU B 1139 26.37 62.61 0.92
CA LEU B 1139 26.75 63.78 1.71
C LEU B 1139 28.25 64.06 1.59
N TRP B 1140 29.09 63.10 1.99
CA TRP B 1140 30.53 63.26 1.75
C TRP B 1140 30.83 63.43 0.28
N LEU B 1141 30.06 62.77 -0.59
CA LEU B 1141 30.15 63.04 -2.02
C LEU B 1141 29.77 64.48 -2.32
N ASP B 1142 28.74 64.99 -1.64
CA ASP B 1142 28.39 66.40 -1.81
C ASP B 1142 29.56 67.29 -1.42
N GLN B 1143 30.39 66.84 -0.48
CA GLN B 1143 31.56 67.62 -0.07
C GLN B 1143 32.68 67.57 -1.11
N GLY B 1144 32.90 66.42 -1.73
CA GLY B 1144 34.06 66.26 -2.62
C GLY B 1144 33.75 66.11 -4.10
N MET B 1145 32.50 66.38 -4.50
CA MET B 1145 32.10 66.10 -5.87
C MET B 1145 32.84 66.94 -6.88
N ALA B 1146 33.00 68.24 -6.61
CA ALA B 1146 33.60 69.13 -7.60
C ALA B 1146 34.96 68.63 -8.05
N SER B 1147 35.81 68.21 -7.10
CA SER B 1147 37.09 67.64 -7.47
C SER B 1147 36.95 66.21 -7.97
N LEU B 1148 35.92 65.49 -7.51
CA LEU B 1148 35.76 64.09 -7.91
C LEU B 1148 35.43 63.96 -9.39
N LEU B 1149 34.59 64.85 -9.92
CA LEU B 1149 34.19 64.78 -11.31
C LEU B 1149 35.33 65.17 -12.24
N ARG B 1150 36.27 64.25 -12.45
CA ARG B 1150 37.38 64.50 -13.34
C ARG B 1150 36.94 64.30 -14.79
N PRO B 1151 37.63 64.91 -15.74
CA PRO B 1151 37.25 64.74 -17.16
C PRO B 1151 37.26 63.28 -17.55
N GLY B 1152 36.23 62.87 -18.29
CA GLY B 1152 36.09 61.50 -18.73
C GLY B 1152 35.65 60.53 -17.65
N LEU B 1153 35.33 61.02 -16.46
CA LEU B 1153 34.94 60.15 -15.36
C LEU B 1153 33.44 59.87 -15.40
N GLU B 1154 33.09 58.59 -15.42
CA GLU B 1154 31.70 58.17 -15.30
C GLU B 1154 31.48 57.62 -13.90
N LEU B 1155 30.57 58.23 -13.17
CA LEU B 1155 30.34 57.90 -11.77
C LEU B 1155 28.97 57.27 -11.59
N THR B 1156 28.92 56.18 -10.82
CA THR B 1156 27.67 55.54 -10.45
C THR B 1156 27.62 55.42 -8.94
N LEU B 1157 26.43 55.58 -8.37
CA LEU B 1157 26.22 55.60 -6.93
C LEU B 1157 25.31 54.44 -6.53
N PHE B 1158 25.71 53.69 -5.51
CA PHE B 1158 24.96 52.54 -5.05
C PHE B 1158 24.70 52.64 -3.55
N GLU B 1159 23.58 52.07 -3.13
CA GLU B 1159 23.24 51.94 -1.72
C GLU B 1159 21.98 51.11 -1.60
N ARG B 1160 21.82 50.46 -0.44
CA ARG B 1160 20.66 49.61 -0.19
C ARG B 1160 19.47 50.44 0.25
N SER B 1161 19.11 51.45 -0.54
CA SER B 1161 17.97 52.30 -0.21
C SER B 1161 17.62 53.13 -1.44
N ARG B 1162 16.32 53.25 -1.71
CA ARG B 1162 15.87 54.05 -2.85
C ARG B 1162 15.76 55.53 -2.48
N VAL B 1163 15.21 55.82 -1.30
CA VAL B 1163 14.97 57.22 -0.92
C VAL B 1163 16.28 57.95 -0.68
N LEU B 1164 17.23 57.31 0.00
CA LEU B 1164 18.52 57.96 0.26
C LEU B 1164 19.24 58.29 -1.04
N LEU B 1165 19.22 57.36 -1.99
CA LEU B 1165 19.84 57.63 -3.29
C LEU B 1165 19.05 58.67 -4.08
N ASP B 1166 17.74 58.77 -3.86
CA ASP B 1166 16.99 59.88 -4.45
C ASP B 1166 17.50 61.21 -3.94
N ALA B 1167 17.74 61.30 -2.63
CA ALA B 1167 18.33 62.52 -2.08
C ALA B 1167 19.73 62.78 -2.65
N ALA B 1168 20.54 61.72 -2.77
CA ALA B 1168 21.88 61.89 -3.34
C ALA B 1168 21.80 62.44 -4.76
N ALA B 1169 20.89 61.89 -5.57
CA ALA B 1169 20.69 62.41 -6.92
C ALA B 1169 20.19 63.85 -6.88
N THR B 1170 19.37 64.18 -5.89
CA THR B 1170 18.86 65.56 -5.77
C THR B 1170 20.00 66.54 -5.54
N ARG B 1171 20.96 66.20 -4.69
CA ARG B 1171 22.01 67.15 -4.35
C ARG B 1171 23.21 67.07 -5.29
N LEU B 1172 23.33 66.01 -6.09
CA LEU B 1172 24.50 65.84 -6.94
C LEU B 1172 24.15 66.09 -8.41
N PRO B 1173 25.12 66.48 -9.23
CA PRO B 1173 24.81 66.89 -10.60
C PRO B 1173 24.25 65.75 -11.44
N GLU B 1174 23.91 66.09 -12.69
CA GLU B 1174 23.21 65.17 -13.56
C GLU B 1174 24.14 64.19 -14.27
N ARG B 1175 25.44 64.49 -14.35
CA ARG B 1175 26.37 63.60 -15.04
C ARG B 1175 26.72 62.38 -14.22
N ILE B 1176 26.04 62.13 -13.10
CA ILE B 1176 26.32 61.01 -12.23
C ILE B 1176 25.15 60.02 -12.33
N VAL B 1177 25.47 58.76 -12.56
CA VAL B 1177 24.47 57.70 -12.61
C VAL B 1177 24.15 57.29 -11.18
N VAL B 1178 22.89 56.93 -10.95
CA VAL B 1178 22.44 56.46 -9.64
C VAL B 1178 21.66 55.17 -9.84
N GLN B 1179 22.02 54.16 -9.05
CA GLN B 1179 21.35 52.86 -9.12
C GLN B 1179 21.18 52.36 -7.70
N ALA B 1180 19.98 51.89 -7.37
CA ALA B 1180 19.71 51.42 -6.02
C ALA B 1180 19.90 49.92 -5.92
N LEU B 1181 20.56 49.48 -4.85
CA LEU B 1181 20.63 48.06 -4.51
C LEU B 1181 19.30 47.66 -3.87
N ASP B 1182 18.24 47.77 -4.69
CA ASP B 1182 16.88 47.64 -4.20
C ASP B 1182 16.73 46.36 -3.39
N ASP B 1183 16.34 46.50 -2.13
CA ASP B 1183 16.25 45.37 -1.22
C ASP B 1183 17.58 44.64 -1.12
N GLY B 1184 18.67 45.42 -1.22
CA GLY B 1184 20.01 44.88 -1.15
C GLY B 1184 20.47 44.16 -2.40
N LEU B 1185 19.82 44.27 -3.51
CA LEU B 1185 19.95 43.56 -4.73
C LEU B 1185 20.70 44.34 -5.78
N LEU B 1186 21.78 43.88 -6.31
CA LEU B 1186 22.60 44.46 -7.31
C LEU B 1186 22.21 44.05 -8.69
N PRO B 1187 21.86 44.95 -9.62
CA PRO B 1187 21.69 44.58 -11.00
C PRO B 1187 22.91 43.94 -11.60
N ALA B 1188 22.80 42.93 -12.39
CA ALA B 1188 23.84 42.25 -13.07
C ALA B 1188 24.51 43.08 -14.13
N GLU B 1189 23.88 44.09 -14.62
CA GLU B 1189 24.34 45.00 -15.60
C GLU B 1189 25.62 45.68 -15.20
N HIS B 1190 25.82 45.84 -13.88
CA HIS B 1190 26.96 46.57 -13.36
C HIS B 1190 28.14 45.67 -12.99
N LEU B 1191 28.06 44.39 -13.13
CA LEU B 1191 29.06 43.43 -12.84
C LEU B 1191 30.28 43.64 -13.68
N GLY B 1192 31.46 43.82 -13.08
CA GLY B 1192 32.68 43.98 -13.82
C GLY B 1192 32.67 45.17 -14.76
N ARG B 1193 31.79 46.13 -14.49
CA ARG B 1193 31.64 47.29 -15.35
C ARG B 1193 32.50 48.48 -14.91
N TYR B 1194 32.95 48.50 -13.65
CA TYR B 1194 33.60 49.66 -13.07
C TYR B 1194 35.06 49.38 -12.80
N ASP B 1195 35.93 50.26 -13.29
CA ASP B 1195 37.37 50.14 -13.04
C ASP B 1195 37.71 50.43 -11.58
N ARG B 1196 36.94 51.30 -10.94
CA ARG B 1196 37.16 51.66 -9.54
C ARG B 1196 35.86 51.57 -8.77
N VAL B 1197 35.96 51.13 -7.52
CA VAL B 1197 34.84 51.06 -6.60
C VAL B 1197 35.23 51.76 -5.31
N ILE B 1198 34.31 52.52 -4.74
CA ILE B 1198 34.58 53.38 -3.61
C ILE B 1198 33.64 53.02 -2.47
N SER B 1199 34.20 52.84 -1.28
CA SER B 1199 33.45 52.68 -0.03
C SER B 1199 33.98 53.69 0.97
N PHE B 1200 33.07 54.36 1.68
CA PHE B 1200 33.46 55.48 2.53
C PHE B 1200 32.85 55.32 3.92
N ALA B 1201 33.68 54.96 4.89
CA ALA B 1201 33.35 55.01 6.31
C ALA B 1201 32.01 54.33 6.61
N ALA B 1202 31.63 53.36 5.79
CA ALA B 1202 30.39 52.63 6.05
C ALA B 1202 30.52 51.13 5.84
N LEU B 1203 31.70 50.59 5.56
CA LEU B 1203 31.83 49.15 5.39
C LEU B 1203 31.45 48.42 6.67
N HIS B 1204 31.69 49.03 7.83
CA HIS B 1204 31.27 48.41 9.09
C HIS B 1204 29.76 48.29 9.17
N ALA B 1205 29.04 49.27 8.62
CA ALA B 1205 27.58 49.26 8.65
C ALA B 1205 26.97 48.03 8.00
N TYR B 1206 27.66 47.42 7.03
CA TYR B 1206 27.21 46.17 6.48
C TYR B 1206 27.25 45.09 7.56
N GLU B 1207 26.32 44.14 7.45
CA GLU B 1207 26.23 43.08 8.45
C GLU B 1207 27.52 42.30 8.58
N ALA B 1208 28.35 42.27 7.54
CA ALA B 1208 29.68 41.67 7.60
C ALA B 1208 30.56 42.35 6.57
N SER B 1209 31.82 42.59 6.95
CA SER B 1209 32.76 43.18 6.00
C SER B 1209 32.85 42.33 4.74
N ARG B 1210 32.69 41.02 4.88
CA ARG B 1210 32.68 40.13 3.72
C ARG B 1210 31.58 40.50 2.74
N GLU B 1211 30.42 40.93 3.24
CA GLU B 1211 29.32 41.31 2.35
C GLU B 1211 29.74 42.44 1.42
N GLY B 1212 30.12 43.58 1.99
CA GLY B 1212 30.51 44.71 1.18
C GLY B 1212 31.74 44.45 0.34
N LEU B 1213 32.70 43.71 0.88
CA LEU B 1213 33.90 43.38 0.13
C LEU B 1213 33.57 42.54 -1.10
N ALA B 1214 32.71 41.54 -0.94
CA ALA B 1214 32.30 40.73 -2.08
C ALA B 1214 31.52 41.57 -3.08
N LEU B 1215 30.65 42.45 -2.59
CA LEU B 1215 29.91 43.33 -3.49
C LEU B 1215 30.86 44.18 -4.32
N ALA B 1216 31.87 44.76 -3.68
CA ALA B 1216 32.82 45.59 -4.40
C ALA B 1216 33.63 44.76 -5.40
N ALA B 1217 34.06 43.56 -4.98
CA ALA B 1217 34.85 42.72 -5.87
C ALA B 1217 34.05 42.35 -7.11
N ALA B 1218 32.78 42.00 -6.94
CA ALA B 1218 31.93 41.73 -8.10
C ALA B 1218 31.74 42.98 -8.94
N LEU B 1219 31.59 44.13 -8.29
CA LEU B 1219 31.34 45.37 -9.02
C LEU B 1219 32.59 45.87 -9.74
N LEU B 1220 33.74 45.28 -9.46
CA LEU B 1220 34.99 45.76 -10.03
C LEU B 1220 35.32 45.05 -11.33
N ARG B 1221 35.66 45.85 -12.34
CA ARG B 1221 36.20 45.30 -13.58
C ARG B 1221 37.56 44.66 -13.30
N PRO B 1222 37.90 43.57 -13.97
CA PRO B 1222 39.16 42.88 -13.65
C PRO B 1222 40.35 43.80 -13.73
N GLN B 1223 41.26 43.66 -12.77
CA GLN B 1223 42.40 44.55 -12.61
C GLN B 1223 41.95 45.91 -12.10
N GLY B 1224 40.66 46.06 -11.81
CA GLY B 1224 40.17 47.26 -11.18
C GLY B 1224 40.59 47.32 -9.72
N ARG B 1225 40.53 48.53 -9.16
CA ARG B 1225 41.04 48.77 -7.82
C ARG B 1225 39.92 49.31 -6.93
N LEU B 1226 39.73 48.66 -5.78
CA LEU B 1226 38.82 49.15 -4.77
C LEU B 1226 39.46 50.31 -4.02
N LEU B 1227 38.65 51.28 -3.62
CA LEU B 1227 39.07 52.38 -2.77
C LEU B 1227 38.18 52.37 -1.53
N LEU B 1228 38.79 52.36 -0.35
CA LEU B 1228 38.06 52.07 0.88
C LEU B 1228 38.65 52.87 2.03
N VAL B 1229 37.80 53.62 2.73
CA VAL B 1229 38.13 54.21 4.02
C VAL B 1229 37.13 53.68 5.05
N ASP B 1230 37.65 53.15 6.15
CA ASP B 1230 36.80 52.53 7.17
C ASP B 1230 37.26 52.96 8.55
N LEU B 1231 36.32 52.94 9.49
CA LEU B 1231 36.61 53.33 10.86
C LEU B 1231 37.20 52.15 11.62
N LEU B 1232 38.41 52.33 12.14
CA LEU B 1232 39.02 51.35 13.03
C LEU B 1232 38.76 51.70 14.49
N CYS B 1233 38.71 52.99 14.82
CA CYS B 1233 38.41 53.44 16.17
C CYS B 1233 37.13 54.27 16.16
N GLU B 1234 36.36 54.15 17.24
CA GLU B 1234 35.09 54.84 17.34
C GLU B 1234 35.28 56.35 17.27
N SER B 1235 34.39 57.01 16.52
CA SER B 1235 34.33 58.46 16.53
C SER B 1235 33.27 58.92 17.52
N PRO B 1236 33.62 59.69 18.55
CA PRO B 1236 32.62 60.05 19.57
C PRO B 1236 31.35 60.69 19.01
N LEU B 1237 31.44 61.50 17.95
CA LEU B 1237 30.23 62.05 17.35
C LEU B 1237 29.51 60.99 16.52
N ALA B 1238 30.25 60.13 15.84
CA ALA B 1238 29.62 59.01 15.15
C ALA B 1238 28.92 58.09 16.14
N LEU B 1239 29.35 58.09 17.40
CA LEU B 1239 28.62 57.34 18.43
C LEU B 1239 27.21 57.89 18.59
N LEU B 1240 27.06 59.22 18.64
CA LEU B 1240 25.73 59.82 18.72
C LEU B 1240 24.93 59.50 17.46
N GLY B 1241 25.58 59.56 16.30
CA GLY B 1241 24.88 59.23 15.06
C GLY B 1241 24.34 57.81 15.08
N ALA B 1242 25.18 56.85 15.49
CA ALA B 1242 24.73 55.47 15.57
C ALA B 1242 23.64 55.28 16.62
N ALA B 1243 23.76 55.95 17.76
CA ALA B 1243 22.73 55.87 18.79
C ALA B 1243 21.41 56.37 18.27
N LEU B 1244 21.42 57.44 17.47
CA LEU B 1244 20.22 57.84 16.75
C LEU B 1244 19.76 56.76 15.79
N LEU B 1245 20.70 56.09 15.11
CA LEU B 1245 20.38 54.88 14.38
C LEU B 1245 20.16 53.70 15.31
N ASP B 1246 20.64 53.78 16.54
CA ASP B 1246 20.53 52.69 17.51
C ASP B 1246 21.22 51.44 17.01
N ASP B 1247 22.37 51.64 16.36
CA ASP B 1247 23.18 50.54 15.85
C ASP B 1247 24.41 50.37 16.72
N ARG B 1248 24.91 49.15 16.78
CA ARG B 1248 26.01 48.82 17.68
C ARG B 1248 27.31 49.42 17.16
N PRO B 1249 28.12 50.04 18.03
CA PRO B 1249 29.47 50.45 17.60
C PRO B 1249 30.45 49.31 17.51
N LEU B 1250 30.05 48.09 17.87
CA LEU B 1250 30.95 46.95 17.87
C LEU B 1250 31.31 46.49 16.46
N ARG B 1251 30.65 47.02 15.44
CA ARG B 1251 30.95 46.63 14.07
C ARG B 1251 32.40 46.91 13.70
N LEU B 1252 33.01 47.92 14.31
CA LEU B 1252 34.34 48.35 13.93
C LEU B 1252 35.39 47.32 14.31
N ALA B 1253 36.47 47.29 13.54
CA ALA B 1253 37.61 46.42 13.81
C ALA B 1253 38.85 47.05 13.19
N GLU B 1254 40.02 46.66 13.70
CA GLU B 1254 41.26 47.22 13.21
C GLU B 1254 41.55 46.69 11.80
N LEU B 1255 42.41 47.42 11.09
CA LEU B 1255 42.63 47.14 9.67
C LEU B 1255 43.26 45.77 9.40
N PRO B 1256 43.97 45.15 10.34
CA PRO B 1256 44.42 43.77 10.06
C PRO B 1256 43.27 42.82 9.76
N SER B 1257 42.19 42.89 10.52
CA SER B 1257 41.02 42.08 10.22
C SER B 1257 40.37 42.50 8.91
N LEU B 1258 40.34 43.80 8.65
CA LEU B 1258 39.76 44.28 7.39
C LEU B 1258 40.52 43.71 6.19
N LEU B 1259 41.84 43.74 6.25
CA LEU B 1259 42.65 43.20 5.16
C LEU B 1259 42.57 41.68 5.08
N ALA B 1260 42.45 41.00 6.23
CA ALA B 1260 42.24 39.56 6.19
C ALA B 1260 40.94 39.22 5.45
N ASP B 1261 39.86 39.92 5.78
CA ASP B 1261 38.60 39.69 5.10
C ASP B 1261 38.70 40.05 3.62
N LEU B 1262 39.37 41.17 3.32
CA LEU B 1262 39.49 41.62 1.94
C LEU B 1262 40.28 40.62 1.09
N ALA B 1263 41.36 40.08 1.64
CA ALA B 1263 42.08 39.00 0.96
C ALA B 1263 41.21 37.77 0.82
N ALA B 1264 40.42 37.45 1.85
CA ALA B 1264 39.42 36.39 1.71
C ALA B 1264 38.42 36.74 0.61
N ALA B 1265 38.28 38.02 0.30
CA ALA B 1265 37.47 38.47 -0.83
C ALA B 1265 38.26 38.52 -2.14
N GLY B 1266 39.49 38.03 -2.14
CA GLY B 1266 40.27 37.90 -3.36
C GLY B 1266 41.02 39.15 -3.79
N LEU B 1267 40.91 40.25 -3.06
CA LEU B 1267 41.57 41.49 -3.45
C LEU B 1267 42.96 41.57 -2.83
N ALA B 1268 43.82 42.38 -3.46
CA ALA B 1268 45.19 42.59 -3.00
C ALA B 1268 45.33 44.00 -2.45
N PRO B 1269 45.35 44.20 -1.12
CA PRO B 1269 45.23 45.54 -0.58
C PRO B 1269 46.55 46.28 -0.37
N ARG B 1270 46.44 47.60 -0.28
CA ARG B 1270 47.51 48.48 0.18
C ARG B 1270 46.89 49.58 1.04
N CYS B 1271 47.39 49.73 2.25
CA CYS B 1271 46.90 50.76 3.15
C CYS B 1271 47.75 52.02 2.97
N LEU B 1272 47.09 53.16 2.78
CA LEU B 1272 47.78 54.37 2.36
C LEU B 1272 48.21 55.23 3.55
N TRP B 1273 47.28 55.64 4.41
CA TRP B 1273 47.65 56.53 5.50
C TRP B 1273 46.49 56.62 6.49
N ARG B 1274 46.76 57.31 7.61
CA ARG B 1274 45.80 57.73 8.63
C ARG B 1274 45.35 56.59 9.54
N SER B 1275 45.72 55.34 9.24
CA SER B 1275 45.66 54.24 10.20
C SER B 1275 44.42 54.25 11.10
N GLU B 1276 44.63 54.48 12.40
CA GLU B 1276 43.64 54.11 13.40
C GLU B 1276 42.33 54.86 13.26
N ARG B 1277 42.34 56.12 12.82
CA ARG B 1277 41.10 56.89 12.74
C ARG B 1277 40.38 56.59 11.43
N ILE B 1278 41.05 56.82 10.30
CA ILE B 1278 40.49 56.55 8.98
C ILE B 1278 41.56 55.77 8.20
N ALA B 1279 41.33 54.47 8.04
CA ALA B 1279 42.28 53.61 7.33
C ALA B 1279 41.93 53.59 5.85
N LEU B 1280 42.73 54.28 5.04
CA LEU B 1280 42.50 54.34 3.61
C LEU B 1280 43.13 53.12 2.94
N VAL B 1281 42.28 52.19 2.51
CA VAL B 1281 42.72 50.94 1.91
C VAL B 1281 42.32 50.93 0.44
N GLU B 1282 43.26 50.54 -0.42
CA GLU B 1282 42.98 50.34 -1.84
C GLU B 1282 43.51 48.98 -2.24
N ALA B 1283 42.68 48.22 -2.95
CA ALA B 1283 43.00 46.86 -3.32
C ALA B 1283 42.63 46.60 -4.78
N LEU B 1284 43.40 45.74 -5.43
CA LEU B 1284 43.14 45.36 -6.81
C LEU B 1284 42.22 44.16 -6.85
N ALA B 1285 41.39 44.07 -7.90
CA ALA B 1285 40.46 42.96 -8.05
C ALA B 1285 40.95 42.00 -9.13
N PRO B 1286 41.04 40.69 -8.84
CA PRO B 1286 41.49 39.75 -9.87
C PRO B 1286 40.44 39.51 -10.94
N GLY B 1287 40.68 38.52 -11.80
CA GLY B 1287 39.79 38.21 -12.89
C GLY B 1287 38.62 37.32 -12.49
N LEU B 1288 37.68 37.87 -11.72
CA LEU B 1288 36.54 37.06 -11.30
C LEU B 1288 35.80 36.47 -12.48
N GLY B 1289 35.82 37.15 -13.63
CA GLY B 1289 35.18 36.68 -14.83
C GLY B 1289 33.72 37.06 -14.95
N LEU B 1290 33.13 37.70 -14.02
CA LEU B 1290 31.79 38.17 -13.98
C LEU B 1290 31.61 39.41 -14.81
N ASP B 1291 30.67 39.47 -15.69
CA ASP B 1291 30.30 40.53 -16.54
C ASP B 1291 28.94 40.35 -17.14
N ALA B 1292 28.15 41.35 -17.30
CA ALA B 1292 26.89 41.34 -17.93
C ALA B 1292 26.94 40.68 -19.28
N ALA B 1293 27.87 41.05 -20.10
CA ALA B 1293 28.17 40.49 -21.36
C ALA B 1293 28.51 39.02 -21.25
N ALA B 1294 29.39 38.67 -20.38
CA ALA B 1294 29.83 37.36 -20.09
C ALA B 1294 28.70 36.48 -19.64
N LEU B 1295 27.91 36.92 -18.71
CA LEU B 1295 26.76 36.29 -18.20
C LEU B 1295 25.75 36.00 -19.27
N GLN B 1296 25.47 36.95 -20.10
CA GLN B 1296 24.61 36.88 -21.22
C GLN B 1296 25.06 35.82 -22.18
N ALA B 1297 26.31 35.79 -22.52
CA ALA B 1297 26.93 34.84 -23.36
C ALA B 1297 26.78 33.43 -22.83
N GLY B 1298 27.05 33.23 -21.58
CA GLY B 1298 26.88 32.02 -20.94
C GLY B 1298 25.51 31.48 -20.91
N LEU B 1299 24.54 32.33 -20.63
CA LEU B 1299 23.13 31.94 -20.62
C LEU B 1299 22.64 31.62 -22.03
N GLU B 1300 23.10 32.30 -23.08
CA GLU B 1300 22.89 32.01 -24.44
C GLU B 1300 23.46 30.67 -24.82
N GLN B 1301 24.56 30.30 -24.27
CA GLN B 1301 25.26 29.08 -24.45
C GLN B 1301 24.58 27.90 -23.80
N ARG B 1302 23.93 28.11 -22.65
CA ARG B 1302 23.40 27.04 -21.78
C ARG B 1302 21.88 27.00 -21.57
N LEU B 1303 21.10 28.01 -21.96
CA LEU B 1303 19.64 28.03 -21.85
C LEU B 1303 18.98 28.52 -23.15
N PRO B 1304 17.80 28.03 -23.53
CA PRO B 1304 17.03 28.62 -24.62
C PRO B 1304 16.47 29.98 -24.19
N GLN B 1305 16.17 30.86 -25.12
CA GLN B 1305 15.71 32.23 -24.82
C GLN B 1305 14.42 32.27 -23.99
N ALA B 1306 13.66 31.17 -23.96
CA ALA B 1306 12.47 31.01 -23.15
C ALA B 1306 12.73 30.94 -21.63
N MET B 1307 13.94 30.63 -21.18
CA MET B 1307 14.26 30.51 -19.75
C MET B 1307 15.54 31.19 -19.30
N ARG B 1308 16.18 31.99 -20.16
CA ARG B 1308 17.21 32.93 -19.70
C ARG B 1308 16.55 33.97 -18.80
N PRO B 1309 17.13 34.33 -17.66
CA PRO B 1309 16.68 35.47 -16.88
C PRO B 1309 16.70 36.73 -17.74
N GLU B 1310 15.57 37.41 -17.89
CA GLU B 1310 15.52 38.62 -18.71
C GLU B 1310 16.16 39.78 -17.96
N ARG B 1311 15.96 39.83 -16.65
CA ARG B 1311 16.57 40.65 -15.67
C ARG B 1311 17.45 39.86 -14.76
N LEU B 1312 18.69 40.17 -14.59
CA LEU B 1312 19.70 39.52 -13.86
C LEU B 1312 20.28 40.37 -12.77
N TRP B 1313 20.45 39.88 -11.57
CA TRP B 1313 20.89 40.50 -10.39
C TRP B 1313 22.06 39.80 -9.76
N CYS B 1314 22.63 40.33 -8.73
CA CYS B 1314 23.73 39.87 -7.98
C CYS B 1314 23.63 40.15 -6.51
N LEU B 1315 24.07 39.29 -5.65
CA LEU B 1315 24.19 39.35 -4.24
C LEU B 1315 25.50 38.87 -3.72
N PRO B 1316 26.04 39.45 -2.64
CA PRO B 1316 27.20 38.82 -1.99
C PRO B 1316 26.89 37.46 -1.41
N SER B 1317 25.72 37.18 -0.95
CA SER B 1317 25.22 35.99 -0.38
C SER B 1317 23.73 35.88 -0.43
N LEU B 1318 23.16 34.74 -0.62
CA LEU B 1318 21.78 34.46 -0.67
C LEU B 1318 21.15 34.56 0.69
N PRO B 1319 20.06 35.30 0.90
CA PRO B 1319 19.29 35.17 2.11
C PRO B 1319 18.75 33.78 2.30
N LEU B 1320 18.67 33.27 3.49
CA LEU B 1320 18.30 31.98 3.91
C LEU B 1320 16.99 31.93 4.63
N ASN B 1321 16.13 31.00 4.37
CA ASN B 1321 14.93 30.69 5.02
C ASN B 1321 15.17 30.22 6.43
N GLY B 1322 14.12 30.21 7.25
CA GLY B 1322 14.28 29.75 8.63
C GLY B 1322 14.82 28.34 8.72
N ASN B 1323 14.65 27.51 7.76
CA ASN B 1323 15.12 26.19 7.61
C ASN B 1323 16.57 26.10 7.19
N GLY B 1324 17.18 27.23 6.85
CA GLY B 1324 18.53 27.25 6.35
C GLY B 1324 18.66 27.14 4.85
N LYS B 1325 17.62 26.94 4.10
CA LYS B 1325 17.54 26.90 2.69
C LYS B 1325 17.49 28.26 2.08
N VAL B 1326 17.72 28.41 0.81
CA VAL B 1326 17.63 29.59 0.06
C VAL B 1326 16.26 30.20 0.21
N ASP B 1327 16.12 31.43 0.57
CA ASP B 1327 14.93 32.20 0.73
C ASP B 1327 14.41 32.62 -0.62
N ARG B 1328 13.88 31.69 -1.42
CA ARG B 1328 13.45 32.00 -2.79
C ARG B 1328 12.30 32.98 -2.85
N ARG B 1329 11.38 32.98 -1.89
CA ARG B 1329 10.32 33.90 -1.76
C ARG B 1329 10.83 35.31 -1.60
N ARG B 1330 11.72 35.53 -0.69
CA ARG B 1330 12.35 36.76 -0.41
C ARG B 1330 13.06 37.31 -1.62
N LEU B 1331 13.82 36.51 -2.29
CA LEU B 1331 14.53 36.80 -3.48
C LEU B 1331 13.62 37.20 -4.60
N ALA B 1332 12.55 36.51 -4.79
CA ALA B 1332 11.52 36.75 -5.72
C ALA B 1332 10.92 38.11 -5.52
N GLU B 1333 10.54 38.44 -4.33
CA GLU B 1333 10.02 39.68 -3.90
C GLU B 1333 10.98 40.81 -4.18
N SER B 1334 12.22 40.63 -3.85
CA SER B 1334 13.30 41.53 -4.05
C SER B 1334 13.46 41.88 -5.50
N MET B 1335 13.49 40.90 -6.35
CA MET B 1335 13.58 41.00 -7.76
C MET B 1335 12.42 41.76 -8.34
N THR B 1336 11.23 41.46 -7.93
CA THR B 1336 10.02 42.08 -8.30
C THR B 1336 10.05 43.56 -8.01
N ARG B 1337 10.47 43.88 -6.79
CA ARG B 1337 10.62 45.29 -6.42
C ARG B 1337 11.70 45.97 -7.24
N ALA B 1338 12.79 45.34 -7.53
CA ALA B 1338 13.87 45.77 -8.33
C ALA B 1338 13.47 46.09 -9.74
N LEU B 1339 12.49 45.45 -10.29
CA LEU B 1339 11.92 45.69 -11.56
C LEU B 1339 11.49 47.12 -11.72
N GLY B 1340 10.95 47.69 -10.64
CA GLY B 1340 10.50 49.07 -10.68
C GLY B 1340 9.92 49.56 -9.37
#